data_5CNT
#
_entry.id   5CNT
#
_cell.length_a   274.621
_cell.length_b   157.340
_cell.length_c   165.200
_cell.angle_alpha   90.00
_cell.angle_beta   119.30
_cell.angle_gamma   90.00
#
_symmetry.space_group_name_H-M   'C 1 2 1'
#
loop_
_entity.id
_entity.type
_entity.pdbx_description
1 polymer 'Ribonucleoside-diphosphate reductase 1 subunit alpha'
2 polymer 'Ribonucleoside-diphosphate reductase 1 subunit beta'
3 non-polymer "URIDINE-5'-DIPHOSPHATE"
4 non-polymer "2'-DEOXYADENOSINE 5'-TRIPHOSPHATE"
5 non-polymer 'MAGNESIUM ION'
6 non-polymer MU-OXO-DIIRON
7 water water
#
loop_
_entity_poly.entity_id
_entity_poly.type
_entity_poly.pdbx_seq_one_letter_code
_entity_poly.pdbx_strand_id
1 'polypeptide(L)'
;MNQNLLVTKRDGSTERINLDKIHRVLDWAAEGLHNVSISQVELRSHIQFYDGIKTSDIHETIIKAAADLISRDAPDYQYL
AARLAIFHLRKKAYGQFEPPALYDHVVKMVEMGKYDNHLLEDYTEEEFKQMDTFIDHDRDMTFSYAAVKQLEGKYLVQNR
VTGEIYESAQFLYILVAACLFSNYPRETRLQYVKRFYDAVSTFKISLPTPIMSGVRTPTRQFSSCVLIECGDSLDSINAT
SSAIVKYVSQRAGIGINAGRIRALGSPIRGGEAFHTGCIPFYKHFQTAVKSCSQGGVRGGAATLFYPMWHLEVESLLVLK
NNRGVEGNRVRHMDYGVQINKLMYTRLLKGEDITLFSPSDVPGLYDAFFADQEEFERLYTKYEKDDSIRKQRVKAVELFS
LMMQERASTGRIYIQNVDHCNTHSPFDPAIAPVRQSNLCLEIALPTKPLNDVNDENGEIALCTLSAFNLGAINNLDELEE
LAILAVRALDALLDYQDYPIPAAKRGAMGRRTLGIGVINFAYYLAKHGKRYSDGSANNLTHKTFEAIQYYLLKASNELAK
EQGACPWFNETTYAKGILPIDTYKKDLDTIANEPLHYDWEALRESIKTHGLRNSTLSALMPSETSSQISNATNGIEPPRG
YVSIKASKDGILRQVVPDYEHLHDAYELLWEMPGNDGYLQLVGIMQKFIDQSISANTNYDPSRFPSGKVPMQQLLKDLLT
AYKFGVKTLYYQNTRDGAEDAQDDLVPSIQDDGCESGACKI
;
A,B,C,D
2 'polypeptide(L)'
;AYTTFSQTKNDQLKEPMFFGQPVNVARYDQQKYDIFEKLIEKQLSFFWRPEEVDVSRDRIDYQALPEHEKHIFISNLKYQ
TLLDSIQGRSPNVALLPLISIPELETWVETWAFSETIHSRSYTHIIRNIVNDPSVVFDDIVTNEQIQKRAEGISSYYDEL
IEMTSYWHLLGEGTHTVNGKTVTVSLRELKKKLYLCLMSVNALEAIRFYVSFACSFAFAERELMEGNAKIIRLIARDEAL
HLTGTQHMLNLLRSGADDPEMAEIAEECKQECYDLFVQAAQQEKDWADYLFRDGSMIGLNKDILCQYVEYITNIRMQAVG
LDLPFQTRSNPIPWINTWLVSDNVQVAPQEVEVSSYLVGQIDSEVDTDDLSNFQL
;
E,F,G,H
#
loop_
_chem_comp.id
_chem_comp.type
_chem_comp.name
_chem_comp.formula
DTP non-polymer '2'-DEOXYADENOSINE 5'-TRIPHOSPHATE' 'C10 H16 N5 O12 P3'
FEO non-polymer MU-OXO-DIIRON 'Fe2 O'
MG non-polymer 'MAGNESIUM ION' 'Mg 2'
UDP RNA linking URIDINE-5'-DIPHOSPHATE 'C9 H14 N2 O12 P2'
#
# COMPACT_ATOMS: atom_id res chain seq x y z
N ASN A 4 40.24 13.80 -53.73
CA ASN A 4 40.65 15.19 -53.86
C ASN A 4 41.19 15.77 -52.55
N LEU A 5 41.13 14.98 -51.47
CA LEU A 5 41.61 15.42 -50.18
C LEU A 5 43.12 15.23 -50.08
N LEU A 6 43.72 15.86 -49.06
CA LEU A 6 45.16 15.91 -48.89
C LEU A 6 45.58 15.29 -47.58
N VAL A 7 46.72 14.58 -47.62
CA VAL A 7 47.37 14.03 -46.44
C VAL A 7 48.60 14.88 -46.18
N THR A 8 48.97 15.01 -44.91
CA THR A 8 50.13 15.80 -44.52
C THR A 8 51.31 14.85 -44.30
N LYS A 9 52.33 14.98 -45.15
CA LYS A 9 53.50 14.12 -45.08
C LYS A 9 54.30 14.40 -43.81
N ARG A 10 55.39 13.64 -43.64
CA ARG A 10 56.23 13.81 -42.45
C ARG A 10 56.98 15.13 -42.48
N ASP A 11 57.35 15.62 -43.66
CA ASP A 11 58.10 16.86 -43.79
C ASP A 11 57.21 18.09 -43.84
N GLY A 12 55.92 17.94 -43.55
CA GLY A 12 54.98 19.04 -43.52
C GLY A 12 54.23 19.28 -44.82
N SER A 13 54.81 18.89 -45.96
CA SER A 13 54.13 19.08 -47.24
C SER A 13 52.93 18.15 -47.37
N THR A 14 52.11 18.41 -48.39
CA THR A 14 50.88 17.66 -48.62
C THR A 14 50.83 17.14 -50.05
N GLU A 15 50.09 16.05 -50.25
CA GLU A 15 49.81 15.54 -51.57
C GLU A 15 48.48 14.77 -51.52
N ARG A 16 47.95 14.48 -52.72
CA ARG A 16 46.66 13.82 -52.82
C ARG A 16 46.70 12.44 -52.18
N ILE A 17 45.62 12.08 -51.50
CA ILE A 17 45.55 10.80 -50.80
C ILE A 17 45.60 9.66 -51.81
N ASN A 18 46.53 8.72 -51.58
CA ASN A 18 46.73 7.57 -52.46
C ASN A 18 46.80 6.30 -51.62
N LEU A 19 45.74 5.49 -51.67
CA LEU A 19 45.72 4.25 -50.90
C LEU A 19 46.76 3.25 -51.37
N ASP A 20 47.30 3.41 -52.58
CA ASP A 20 48.35 2.52 -53.04
C ASP A 20 49.59 2.62 -52.18
N LYS A 21 49.82 3.80 -51.57
CA LYS A 21 50.94 3.93 -50.63
C LYS A 21 50.75 3.01 -49.44
N ILE A 22 49.52 2.90 -48.95
CA ILE A 22 49.23 2.01 -47.82
C ILE A 22 49.34 0.56 -48.24
N HIS A 23 48.83 0.21 -49.43
CA HIS A 23 48.95 -1.16 -49.91
C HIS A 23 50.41 -1.59 -50.03
N ARG A 24 51.27 -0.67 -50.50
CA ARG A 24 52.69 -1.01 -50.66
C ARG A 24 53.34 -1.30 -49.31
N VAL A 25 53.05 -0.47 -48.30
CA VAL A 25 53.65 -0.66 -46.98
C VAL A 25 53.25 -2.02 -46.42
N LEU A 26 51.97 -2.33 -46.46
CA LEU A 26 51.47 -3.56 -45.85
C LEU A 26 51.95 -4.79 -46.61
N ASP A 27 51.96 -4.73 -47.95
CA ASP A 27 52.49 -5.85 -48.72
C ASP A 27 53.95 -6.11 -48.37
N TRP A 28 54.71 -5.06 -48.09
CA TRP A 28 56.08 -5.23 -47.65
C TRP A 28 56.14 -5.88 -46.27
N ALA A 29 55.31 -5.41 -45.35
CA ALA A 29 55.34 -5.93 -43.99
C ALA A 29 54.80 -7.34 -43.91
N ALA A 30 53.95 -7.74 -44.85
CA ALA A 30 53.41 -9.10 -44.87
C ALA A 30 54.21 -10.02 -45.76
N GLU A 31 55.29 -9.53 -46.37
CA GLU A 31 56.08 -10.33 -47.29
C GLU A 31 56.69 -11.53 -46.56
N GLY A 32 56.48 -12.72 -47.12
CA GLY A 32 57.03 -13.93 -46.55
C GLY A 32 56.27 -14.49 -45.37
N LEU A 33 55.31 -13.75 -44.84
CA LEU A 33 54.55 -14.22 -43.69
C LEU A 33 53.40 -15.11 -44.14
N HIS A 34 52.99 -16.00 -43.24
CA HIS A 34 51.92 -16.94 -43.53
C HIS A 34 50.65 -16.52 -42.81
N ASN A 35 49.51 -16.64 -43.51
CA ASN A 35 48.17 -16.47 -42.94
C ASN A 35 47.93 -15.07 -42.40
N VAL A 36 48.48 -14.05 -43.04
CA VAL A 36 48.16 -12.67 -42.73
C VAL A 36 47.30 -12.11 -43.87
N SER A 37 46.73 -10.92 -43.64
CA SER A 37 45.81 -10.33 -44.60
C SER A 37 45.98 -8.81 -44.63
N ILE A 38 46.43 -8.29 -45.77
CA ILE A 38 46.50 -6.85 -45.98
C ILE A 38 45.11 -6.23 -45.76
N SER A 39 44.08 -6.87 -46.34
CA SER A 39 42.73 -6.35 -46.23
C SER A 39 42.28 -6.27 -44.78
N GLN A 40 42.62 -7.28 -43.97
CA GLN A 40 42.25 -7.27 -42.56
C GLN A 40 42.85 -6.06 -41.85
N VAL A 41 44.13 -5.79 -42.07
CA VAL A 41 44.80 -4.69 -41.37
C VAL A 41 44.17 -3.35 -41.73
N GLU A 42 43.86 -3.15 -43.02
CA GLU A 42 43.26 -1.88 -43.44
C GLU A 42 41.87 -1.71 -42.85
N LEU A 43 41.05 -2.77 -42.88
CA LEU A 43 39.68 -2.67 -42.42
C LEU A 43 39.61 -2.60 -40.89
N ARG A 44 40.49 -3.34 -40.21
CA ARG A 44 40.50 -3.26 -38.74
C ARG A 44 41.06 -1.95 -38.25
N SER A 45 41.74 -1.19 -39.12
CA SER A 45 42.24 0.12 -38.72
C SER A 45 41.10 1.10 -38.49
N HIS A 46 39.96 0.92 -39.18
CA HIS A 46 38.84 1.86 -39.09
C HIS A 46 39.34 3.30 -39.24
N ILE A 47 40.29 3.48 -40.14
CA ILE A 47 41.01 4.74 -40.29
C ILE A 47 40.07 5.83 -40.76
N GLN A 48 39.93 6.89 -39.95
CA GLN A 48 39.02 8.00 -40.23
C GLN A 48 39.77 9.08 -41.00
N PHE A 49 39.59 9.13 -42.32
CA PHE A 49 40.26 10.13 -43.13
C PHE A 49 39.60 11.50 -43.01
N TYR A 50 40.44 12.53 -43.08
CA TYR A 50 39.99 13.91 -43.14
C TYR A 50 41.03 14.72 -43.88
N ASP A 51 40.61 15.84 -44.46
CA ASP A 51 41.50 16.66 -45.26
C ASP A 51 42.61 17.24 -44.38
N GLY A 52 43.85 16.87 -44.70
CA GLY A 52 44.98 17.28 -43.91
C GLY A 52 45.41 16.29 -42.84
N ILE A 53 45.01 15.03 -42.97
CA ILE A 53 45.33 14.02 -41.97
C ILE A 53 46.83 13.74 -41.99
N LYS A 54 47.44 13.72 -40.80
CA LYS A 54 48.88 13.47 -40.71
C LYS A 54 49.20 12.05 -41.15
N THR A 55 50.27 11.92 -41.95
CA THR A 55 50.68 10.60 -42.41
C THR A 55 51.33 9.78 -41.29
N SER A 56 51.87 10.43 -40.26
CA SER A 56 52.44 9.69 -39.14
C SER A 56 51.36 9.10 -38.25
N ASP A 57 50.22 9.78 -38.11
CA ASP A 57 49.10 9.21 -37.37
C ASP A 57 48.46 8.06 -38.13
N ILE A 58 48.41 8.15 -39.46
CA ILE A 58 47.88 7.06 -40.28
C ILE A 58 48.68 5.78 -40.04
N HIS A 59 50.00 5.88 -40.02
CA HIS A 59 50.83 4.69 -39.88
C HIS A 59 50.65 4.08 -38.49
N GLU A 60 50.59 4.91 -37.45
CA GLU A 60 50.40 4.40 -36.09
C GLU A 60 49.08 3.65 -35.95
N THR A 61 48.07 4.02 -36.75
CA THR A 61 46.79 3.33 -36.69
C THR A 61 46.90 1.91 -37.23
N ILE A 62 47.56 1.73 -38.38
CA ILE A 62 47.64 0.39 -38.94
C ILE A 62 48.58 -0.50 -38.14
N ILE A 63 49.51 0.09 -37.39
CA ILE A 63 50.33 -0.71 -36.48
C ILE A 63 49.47 -1.29 -35.37
N LYS A 64 48.65 -0.43 -34.75
CA LYS A 64 47.72 -0.91 -33.72
C LYS A 64 46.80 -1.98 -34.28
N ALA A 65 46.29 -1.79 -35.49
CA ALA A 65 45.36 -2.76 -36.06
C ALA A 65 46.04 -4.10 -36.29
N ALA A 66 47.23 -4.09 -36.88
CA ALA A 66 47.94 -5.34 -37.12
C ALA A 66 48.37 -6.00 -35.83
N ALA A 67 48.66 -5.20 -34.79
CA ALA A 67 49.09 -5.76 -33.52
C ALA A 67 47.97 -6.51 -32.83
N ASP A 68 46.74 -6.01 -32.92
CA ASP A 68 45.61 -6.65 -32.26
C ASP A 68 45.10 -7.87 -33.01
N LEU A 69 45.61 -8.14 -34.21
CA LEU A 69 45.24 -9.33 -34.95
C LEU A 69 46.10 -10.53 -34.60
N ILE A 70 47.06 -10.37 -33.69
CA ILE A 70 47.87 -11.48 -33.24
C ILE A 70 46.96 -12.52 -32.58
N SER A 71 46.97 -13.74 -33.12
CA SER A 71 46.09 -14.79 -32.63
C SER A 71 46.79 -16.12 -32.75
N ARG A 72 46.14 -17.16 -32.23
CA ARG A 72 46.66 -18.51 -32.40
C ARG A 72 46.59 -18.94 -33.85
N ASP A 73 45.51 -18.57 -34.54
CA ASP A 73 45.33 -18.96 -35.93
C ASP A 73 46.19 -18.13 -36.87
N ALA A 74 46.64 -16.95 -36.44
CA ALA A 74 47.48 -16.08 -37.25
C ALA A 74 48.61 -15.54 -36.38
N PRO A 75 49.56 -16.38 -36.00
CA PRO A 75 50.65 -15.92 -35.13
C PRO A 75 51.63 -15.00 -35.82
N ASP A 76 51.72 -15.04 -37.15
CA ASP A 76 52.71 -14.23 -37.86
C ASP A 76 52.39 -12.74 -37.84
N TYR A 77 51.24 -12.32 -37.34
CA TYR A 77 51.00 -10.90 -37.17
C TYR A 77 51.98 -10.26 -36.20
N GLN A 78 52.63 -11.08 -35.35
CA GLN A 78 53.64 -10.54 -34.46
C GLN A 78 54.82 -9.96 -35.24
N TYR A 79 55.06 -10.48 -36.45
CA TYR A 79 56.15 -9.98 -37.28
C TYR A 79 55.68 -8.90 -38.24
N LEU A 80 54.44 -8.96 -38.72
CA LEU A 80 53.92 -7.91 -39.56
C LEU A 80 53.84 -6.59 -38.79
N ALA A 81 53.30 -6.65 -37.57
CA ALA A 81 53.21 -5.44 -36.76
C ALA A 81 54.57 -4.95 -36.32
N ALA A 82 55.52 -5.87 -36.14
CA ALA A 82 56.87 -5.46 -35.75
C ALA A 82 57.57 -4.73 -36.89
N ARG A 83 57.48 -5.28 -38.11
CA ARG A 83 58.10 -4.63 -39.25
C ARG A 83 57.47 -3.26 -39.50
N LEU A 84 56.17 -3.15 -39.30
CA LEU A 84 55.50 -1.85 -39.41
C LEU A 84 55.99 -0.89 -38.33
N ALA A 85 56.26 -1.41 -37.13
CA ALA A 85 56.66 -0.56 -36.01
C ALA A 85 58.11 -0.12 -36.14
N ILE A 86 58.99 -1.00 -36.63
CA ILE A 86 60.37 -0.62 -36.88
C ILE A 86 60.43 0.49 -37.93
N PHE A 87 59.67 0.33 -39.01
CA PHE A 87 59.59 1.35 -40.05
C PHE A 87 59.19 2.70 -39.48
N HIS A 88 58.14 2.72 -38.64
CA HIS A 88 57.71 3.98 -38.03
C HIS A 88 58.78 4.53 -37.10
N LEU A 89 59.50 3.67 -36.40
CA LEU A 89 60.53 4.12 -35.46
C LEU A 89 61.77 4.64 -36.18
N ARG A 90 62.07 4.10 -37.36
CA ARG A 90 63.17 4.66 -38.15
C ARG A 90 62.90 6.11 -38.53
N LYS A 91 61.67 6.39 -38.96
CA LYS A 91 61.30 7.74 -39.37
C LYS A 91 61.32 8.70 -38.18
N LYS A 92 60.87 8.23 -37.01
CA LYS A 92 60.77 9.11 -35.84
C LYS A 92 62.12 9.64 -35.40
N ALA A 93 63.18 8.84 -35.52
CA ALA A 93 64.49 9.24 -35.05
C ALA A 93 65.37 9.81 -36.15
N TYR A 94 65.18 9.38 -37.40
CA TYR A 94 66.06 9.76 -38.49
C TYR A 94 65.37 10.52 -39.61
N GLY A 95 64.03 10.50 -39.68
CA GLY A 95 63.34 11.10 -40.80
C GLY A 95 63.38 10.27 -42.07
N GLN A 96 64.06 9.13 -42.05
CA GLN A 96 64.20 8.25 -43.20
C GLN A 96 64.23 6.81 -42.72
N PHE A 97 64.50 5.87 -43.63
CA PHE A 97 64.60 4.46 -43.27
C PHE A 97 66.01 4.09 -42.85
N GLU A 98 66.99 4.43 -43.68
CA GLU A 98 68.38 4.05 -43.41
C GLU A 98 68.93 4.85 -42.23
N PRO A 99 69.50 4.19 -41.23
CA PRO A 99 70.11 4.92 -40.11
C PRO A 99 71.39 5.60 -40.55
N PRO A 100 71.81 6.66 -39.87
CA PRO A 100 73.07 7.31 -40.24
C PRO A 100 74.27 6.47 -39.85
N ALA A 101 75.47 6.98 -40.10
CA ALA A 101 76.67 6.29 -39.65
C ALA A 101 76.75 6.32 -38.13
N LEU A 102 77.40 5.30 -37.57
CA LEU A 102 77.51 5.23 -36.11
C LEU A 102 78.22 6.45 -35.56
N TYR A 103 79.25 6.94 -36.26
CA TYR A 103 79.98 8.11 -35.79
C TYR A 103 79.11 9.37 -35.89
N ASP A 104 78.51 9.60 -37.06
CA ASP A 104 77.68 10.79 -37.25
C ASP A 104 76.57 10.86 -36.20
N HIS A 105 76.01 9.71 -35.83
CA HIS A 105 74.95 9.69 -34.83
C HIS A 105 75.50 10.05 -33.44
N VAL A 106 76.57 9.36 -33.01
CA VAL A 106 77.14 9.61 -31.69
C VAL A 106 77.60 11.06 -31.57
N VAL A 107 78.14 11.62 -32.64
CA VAL A 107 78.56 13.02 -32.62
C VAL A 107 77.38 13.92 -32.30
N LYS A 108 76.29 13.79 -33.07
CA LYS A 108 75.12 14.64 -32.85
C LYS A 108 74.52 14.40 -31.47
N MET A 109 74.53 13.15 -31.00
CA MET A 109 73.87 12.84 -29.74
C MET A 109 74.68 13.31 -28.55
N VAL A 110 76.01 13.13 -28.57
CA VAL A 110 76.84 13.65 -27.49
C VAL A 110 76.78 15.16 -27.49
N GLU A 111 76.65 15.77 -28.67
CA GLU A 111 76.51 17.22 -28.78
C GLU A 111 75.21 17.70 -28.16
N MET A 112 74.14 16.93 -28.28
CA MET A 112 72.84 17.28 -27.71
C MET A 112 72.72 16.94 -26.22
N GLY A 113 73.73 16.32 -25.62
CA GLY A 113 73.65 15.91 -24.23
C GLY A 113 72.80 14.67 -23.98
N LYS A 114 72.42 13.95 -25.03
CA LYS A 114 71.63 12.74 -24.87
C LYS A 114 72.49 11.50 -24.66
N TYR A 115 73.72 11.49 -25.18
CA TYR A 115 74.68 10.43 -24.94
C TYR A 115 75.74 10.90 -23.94
N ASP A 116 76.45 9.93 -23.38
CA ASP A 116 77.55 10.25 -22.48
C ASP A 116 78.74 10.82 -23.25
N ASN A 117 79.46 11.74 -22.61
CA ASN A 117 80.57 12.43 -23.25
C ASN A 117 81.73 11.49 -23.59
N HIS A 118 81.90 10.41 -22.83
CA HIS A 118 83.09 9.57 -22.94
C HIS A 118 83.15 8.80 -24.25
N LEU A 119 82.02 8.66 -24.95
CA LEU A 119 81.99 7.86 -26.17
C LEU A 119 82.97 8.42 -27.20
N LEU A 120 83.06 9.74 -27.29
CA LEU A 120 83.99 10.35 -28.25
C LEU A 120 85.43 10.32 -27.76
N GLU A 121 85.64 10.34 -26.44
CA GLU A 121 87.00 10.37 -25.90
C GLU A 121 87.66 8.99 -25.94
N ASP A 122 86.90 7.92 -25.70
CA ASP A 122 87.47 6.58 -25.61
C ASP A 122 87.57 5.87 -26.94
N TYR A 123 86.81 6.32 -27.95
CA TYR A 123 86.86 5.72 -29.29
C TYR A 123 87.15 6.79 -30.32
N THR A 124 88.01 6.45 -31.26
CA THR A 124 88.37 7.32 -32.37
C THR A 124 87.41 7.10 -33.53
N GLU A 125 87.40 8.05 -34.46
CA GLU A 125 86.52 7.93 -35.63
C GLU A 125 86.85 6.68 -36.44
N GLU A 126 88.14 6.32 -36.52
CA GLU A 126 88.51 5.08 -37.20
C GLU A 126 87.99 3.86 -36.46
N GLU A 127 87.89 3.93 -35.14
CA GLU A 127 87.34 2.82 -34.37
C GLU A 127 85.82 2.76 -34.49
N PHE A 128 85.15 3.91 -34.51
CA PHE A 128 83.70 3.93 -34.67
C PHE A 128 83.28 3.36 -36.02
N LYS A 129 83.98 3.72 -37.09
CA LYS A 129 83.65 3.18 -38.40
C LYS A 129 83.89 1.67 -38.46
N GLN A 130 84.82 1.16 -37.64
CA GLN A 130 85.05 -0.27 -37.64
C GLN A 130 83.91 -1.03 -36.96
N MET A 131 83.30 -0.43 -35.94
CA MET A 131 82.14 -1.05 -35.30
C MET A 131 80.89 -0.90 -36.13
N ASP A 132 80.81 0.12 -37.00
CA ASP A 132 79.68 0.24 -37.91
C ASP A 132 79.63 -0.93 -38.87
N THR A 133 80.78 -1.55 -39.15
CA THR A 133 80.80 -2.76 -39.96
C THR A 133 80.29 -3.98 -39.21
N PHE A 134 80.35 -3.96 -37.87
CA PHE A 134 79.75 -5.04 -37.09
C PHE A 134 78.24 -5.02 -37.17
N ILE A 135 77.64 -3.83 -37.23
CA ILE A 135 76.19 -3.70 -37.15
C ILE A 135 75.52 -4.37 -38.33
N ASP A 136 74.42 -5.06 -38.05
CA ASP A 136 73.54 -5.66 -39.04
C ASP A 136 72.16 -5.09 -38.77
N HIS A 137 71.82 -3.98 -39.43
CA HIS A 137 70.53 -3.34 -39.21
C HIS A 137 69.35 -4.19 -39.68
N ASP A 138 69.60 -5.27 -40.41
CA ASP A 138 68.54 -6.19 -40.78
C ASP A 138 68.09 -7.08 -39.63
N ARG A 139 68.83 -7.08 -38.52
CA ARG A 139 68.41 -7.81 -37.34
C ARG A 139 67.23 -7.15 -36.64
N ASP A 140 66.90 -5.90 -37.00
CA ASP A 140 65.66 -5.32 -36.53
C ASP A 140 64.44 -6.02 -37.12
N MET A 141 64.63 -6.83 -38.16
CA MET A 141 63.55 -7.58 -38.78
C MET A 141 63.31 -8.93 -38.13
N THR A 142 64.03 -9.23 -37.04
CA THR A 142 63.83 -10.46 -36.30
C THR A 142 63.12 -10.24 -34.97
N PHE A 143 62.76 -9.00 -34.66
CA PHE A 143 62.01 -8.70 -33.46
C PHE A 143 60.53 -9.08 -33.63
N SER A 144 59.86 -9.28 -32.51
CA SER A 144 58.41 -9.39 -32.47
C SER A 144 57.82 -8.05 -32.06
N TYR A 145 56.49 -7.91 -32.23
CA TYR A 145 55.85 -6.63 -31.94
C TYR A 145 55.97 -6.26 -30.46
N ALA A 146 55.82 -7.23 -29.56
CA ALA A 146 55.98 -6.95 -28.15
C ALA A 146 57.38 -6.43 -27.85
N ALA A 147 58.39 -6.98 -28.54
CA ALA A 147 59.76 -6.50 -28.35
C ALA A 147 59.91 -5.06 -28.78
N VAL A 148 59.35 -4.71 -29.95
CA VAL A 148 59.51 -3.37 -30.50
C VAL A 148 58.80 -2.33 -29.63
N LYS A 149 57.62 -2.67 -29.09
CA LYS A 149 56.92 -1.71 -28.25
C LYS A 149 57.69 -1.46 -26.96
N GLN A 150 58.31 -2.50 -26.40
CA GLN A 150 59.16 -2.30 -25.23
C GLN A 150 60.40 -1.50 -25.60
N LEU A 151 60.89 -1.62 -26.83
CA LEU A 151 62.02 -0.81 -27.26
C LEU A 151 61.65 0.68 -27.28
N GLU A 152 60.64 1.04 -28.08
CA GLU A 152 60.28 2.45 -28.17
C GLU A 152 59.65 2.97 -26.87
N GLY A 153 59.13 2.09 -26.03
CA GLY A 153 58.45 2.52 -24.83
C GLY A 153 59.38 2.73 -23.65
N LYS A 154 60.41 1.91 -23.55
CA LYS A 154 61.24 1.91 -22.35
C LYS A 154 62.73 2.02 -22.64
N TYR A 155 63.23 1.43 -23.72
CA TYR A 155 64.66 1.21 -23.88
C TYR A 155 65.35 2.25 -24.75
N LEU A 156 64.80 2.53 -25.93
CA LEU A 156 65.42 3.50 -26.83
C LEU A 156 65.53 4.86 -26.14
N VAL A 157 66.68 5.52 -26.32
CA VAL A 157 66.89 6.84 -25.74
C VAL A 157 65.84 7.80 -26.27
N GLN A 158 65.13 8.45 -25.36
CA GLN A 158 64.00 9.28 -25.75
C GLN A 158 63.82 10.40 -24.73
N ASN A 159 63.00 11.37 -25.11
CA ASN A 159 62.66 12.50 -24.25
C ASN A 159 61.39 12.17 -23.48
N ARG A 160 61.46 12.21 -22.15
CA ARG A 160 60.33 11.83 -21.30
C ARG A 160 59.32 12.96 -21.12
N VAL A 161 59.49 14.10 -21.79
CA VAL A 161 58.51 15.16 -21.82
C VAL A 161 57.99 15.40 -23.23
N THR A 162 58.88 15.30 -24.23
CA THR A 162 58.54 15.44 -25.64
C THR A 162 58.03 14.14 -26.26
N GLY A 163 58.57 13.01 -25.82
CA GLY A 163 58.30 11.75 -26.48
C GLY A 163 59.14 11.52 -27.71
N GLU A 164 60.18 12.33 -27.91
CA GLU A 164 60.97 12.29 -29.12
C GLU A 164 61.92 11.10 -29.10
N ILE A 165 61.82 10.23 -30.09
CA ILE A 165 62.69 9.07 -30.21
C ILE A 165 63.95 9.47 -30.97
N TYR A 166 65.11 9.12 -30.42
CA TYR A 166 66.39 9.58 -30.93
C TYR A 166 67.22 8.54 -31.66
N GLU A 167 67.11 7.26 -31.29
CA GLU A 167 67.98 6.22 -31.83
C GLU A 167 67.14 5.06 -32.38
N SER A 168 67.83 4.03 -32.87
CA SER A 168 67.21 2.79 -33.31
C SER A 168 67.73 1.65 -32.45
N ALA A 169 67.33 0.42 -32.81
CA ALA A 169 67.62 -0.74 -31.98
C ALA A 169 69.09 -1.15 -32.05
N GLN A 170 69.64 -1.28 -33.26
CA GLN A 170 71.00 -1.79 -33.40
C GLN A 170 72.04 -0.83 -32.86
N PHE A 171 71.73 0.47 -32.82
CA PHE A 171 72.64 1.41 -32.18
C PHE A 171 72.69 1.19 -30.68
N LEU A 172 71.55 0.90 -30.05
CA LEU A 172 71.51 0.58 -28.63
C LEU A 172 72.44 -0.58 -28.31
N TYR A 173 72.37 -1.66 -29.10
CA TYR A 173 73.21 -2.83 -28.85
C TYR A 173 74.68 -2.50 -28.96
N ILE A 174 75.10 -1.93 -30.09
CA ILE A 174 76.52 -1.73 -30.35
C ILE A 174 77.14 -0.74 -29.37
N LEU A 175 76.35 0.21 -28.87
CA LEU A 175 76.89 1.19 -27.94
C LEU A 175 76.91 0.67 -26.51
N VAL A 176 75.93 -0.16 -26.13
CA VAL A 176 76.01 -0.85 -24.84
C VAL A 176 77.24 -1.75 -24.81
N ALA A 177 77.54 -2.40 -25.93
CA ALA A 177 78.78 -3.18 -26.01
C ALA A 177 79.99 -2.26 -25.97
N ALA A 178 79.94 -1.14 -26.69
CA ALA A 178 81.07 -0.22 -26.74
C ALA A 178 81.40 0.35 -25.37
N CYS A 179 80.38 0.86 -24.67
CA CYS A 179 80.62 1.53 -23.40
C CYS A 179 81.17 0.56 -22.34
N LEU A 180 80.63 -0.65 -22.28
CA LEU A 180 81.04 -1.58 -21.24
C LEU A 180 82.47 -2.04 -21.43
N PHE A 181 82.86 -2.35 -22.66
CA PHE A 181 84.24 -2.75 -22.95
C PHE A 181 85.11 -1.58 -23.38
N SER A 182 84.64 -0.34 -23.15
CA SER A 182 85.40 0.83 -23.57
C SER A 182 86.71 0.94 -22.82
N ASN A 183 86.77 0.39 -21.62
CA ASN A 183 87.93 0.47 -20.76
C ASN A 183 88.84 -0.75 -20.90
N TYR A 184 88.58 -1.61 -21.89
CA TYR A 184 89.38 -2.79 -22.17
C TYR A 184 90.64 -2.47 -22.96
N PRO A 185 91.66 -3.33 -22.89
CA PRO A 185 92.86 -3.14 -23.72
C PRO A 185 92.57 -3.20 -25.21
N ARG A 186 93.23 -2.32 -25.96
CA ARG A 186 92.95 -2.17 -27.39
C ARG A 186 93.34 -3.38 -28.24
N GLU A 187 94.19 -4.28 -27.74
CA GLU A 187 94.52 -5.46 -28.54
C GLU A 187 93.36 -6.44 -28.61
N THR A 188 92.48 -6.43 -27.61
CA THR A 188 91.33 -7.32 -27.57
C THR A 188 90.00 -6.59 -27.40
N ARG A 189 89.99 -5.26 -27.38
CA ARG A 189 88.77 -4.53 -27.10
C ARG A 189 87.71 -4.78 -28.17
N LEU A 190 87.99 -4.42 -29.42
CA LEU A 190 87.02 -4.62 -30.48
C LEU A 190 86.72 -6.08 -30.73
N GLN A 191 87.62 -6.98 -30.32
CA GLN A 191 87.32 -8.41 -30.37
C GLN A 191 86.12 -8.72 -29.48
N TYR A 192 86.12 -8.20 -28.26
CA TYR A 192 84.97 -8.42 -27.37
C TYR A 192 83.75 -7.63 -27.82
N VAL A 193 83.93 -6.38 -28.25
CA VAL A 193 82.79 -5.53 -28.60
C VAL A 193 81.96 -6.16 -29.71
N LYS A 194 82.61 -6.73 -30.72
CA LYS A 194 81.86 -7.43 -31.75
C LYS A 194 81.17 -8.67 -31.20
N ARG A 195 81.91 -9.46 -30.41
CA ARG A 195 81.36 -10.71 -29.88
C ARG A 195 80.16 -10.47 -28.97
N PHE A 196 80.24 -9.47 -28.09
CA PHE A 196 79.14 -9.19 -27.18
C PHE A 196 77.95 -8.59 -27.90
N TYR A 197 78.20 -7.77 -28.92
CA TYR A 197 77.11 -7.25 -29.75
C TYR A 197 76.37 -8.39 -30.43
N ASP A 198 77.12 -9.31 -31.04
CA ASP A 198 76.49 -10.46 -31.69
C ASP A 198 75.69 -11.28 -30.69
N ALA A 199 76.18 -11.39 -29.45
CA ALA A 199 75.49 -12.22 -28.46
C ALA A 199 74.15 -11.62 -28.08
N VAL A 200 74.07 -10.30 -27.94
CA VAL A 200 72.83 -9.68 -27.49
C VAL A 200 71.91 -9.34 -28.66
N SER A 201 72.45 -9.08 -29.85
CA SER A 201 71.60 -8.77 -30.99
C SER A 201 71.02 -10.02 -31.64
N THR A 202 71.60 -11.19 -31.37
CA THR A 202 71.03 -12.47 -31.78
C THR A 202 70.40 -13.22 -30.62
N PHE A 203 70.14 -12.51 -29.51
CA PHE A 203 69.34 -13.01 -28.39
C PHE A 203 69.97 -14.21 -27.69
N LYS A 204 71.30 -14.28 -27.62
CA LYS A 204 71.94 -15.28 -26.78
C LYS A 204 71.95 -14.83 -25.32
N ILE A 205 72.15 -13.54 -25.08
CA ILE A 205 72.18 -12.96 -23.75
C ILE A 205 71.12 -11.86 -23.70
N SER A 206 70.38 -11.81 -22.58
CA SER A 206 69.35 -10.80 -22.37
C SER A 206 69.86 -9.75 -21.38
N LEU A 207 69.66 -8.49 -21.72
CA LEU A 207 70.13 -7.44 -20.84
C LEU A 207 68.96 -6.83 -20.08
N PRO A 208 69.18 -6.41 -18.84
CA PRO A 208 68.07 -5.89 -18.01
C PRO A 208 67.67 -4.49 -18.46
N THR A 209 66.55 -4.03 -17.89
CA THR A 209 66.00 -2.72 -18.27
C THR A 209 66.99 -1.57 -18.09
N PRO A 210 67.66 -1.39 -16.93
CA PRO A 210 68.53 -0.22 -16.80
C PRO A 210 69.73 -0.26 -17.72
N ILE A 211 70.24 -1.44 -18.06
CA ILE A 211 71.33 -1.50 -19.03
C ILE A 211 70.82 -1.14 -20.41
N MET A 212 69.62 -1.61 -20.77
CA MET A 212 69.05 -1.34 -22.08
C MET A 212 68.76 0.15 -22.25
N SER A 213 68.16 0.76 -21.24
CA SER A 213 67.77 2.16 -21.34
C SER A 213 68.86 3.12 -20.88
N GLY A 214 69.94 2.61 -20.29
CA GLY A 214 70.94 3.49 -19.71
C GLY A 214 72.28 3.56 -20.40
N VAL A 215 72.93 2.40 -20.59
CA VAL A 215 74.33 2.35 -20.98
C VAL A 215 74.56 3.04 -22.32
N ARG A 216 74.82 4.35 -22.26
CA ARG A 216 75.24 5.26 -23.33
C ARG A 216 74.72 6.66 -23.01
N THR A 217 74.00 6.79 -21.90
CA THR A 217 73.42 8.05 -21.48
C THR A 217 74.30 8.71 -20.42
N PRO A 218 74.23 10.04 -20.28
CA PRO A 218 75.07 10.71 -19.28
C PRO A 218 74.91 10.15 -17.87
N THR A 219 73.68 10.02 -17.40
CA THR A 219 73.45 9.52 -16.06
C THR A 219 73.74 8.02 -16.00
N ARG A 220 74.68 7.63 -15.16
CA ARG A 220 75.21 6.27 -15.13
C ARG A 220 74.73 5.56 -13.87
N GLN A 221 73.59 4.88 -13.99
CA GLN A 221 73.14 3.95 -12.96
C GLN A 221 72.40 2.82 -13.65
N PHE A 222 72.91 1.60 -13.51
CA PHE A 222 72.44 0.46 -14.26
C PHE A 222 72.22 -0.78 -13.41
N SER A 223 72.23 -0.64 -12.08
CA SER A 223 71.94 -1.76 -11.19
C SER A 223 70.44 -1.82 -10.94
N SER A 224 69.84 -2.97 -11.22
CA SER A 224 68.40 -3.12 -11.08
C SER A 224 67.97 -3.14 -9.61
N CYS A 225 68.78 -3.76 -8.76
CA CYS A 225 68.40 -4.06 -7.39
C CYS A 225 69.27 -3.27 -6.42
N VAL A 226 68.63 -2.63 -5.44
CA VAL A 226 69.30 -1.90 -4.37
C VAL A 226 68.75 -2.39 -3.04
N LEU A 227 69.62 -2.88 -2.17
CA LEU A 227 69.23 -3.45 -0.89
C LEU A 227 69.77 -2.58 0.24
N ILE A 228 68.88 -1.98 1.01
CA ILE A 228 69.23 -1.06 2.09
C ILE A 228 68.79 -1.67 3.41
N GLU A 229 69.68 -1.68 4.39
CA GLU A 229 69.38 -2.15 5.73
C GLU A 229 69.22 -0.95 6.66
N CYS A 230 68.17 -0.98 7.49
CA CYS A 230 67.83 0.12 8.36
C CYS A 230 68.04 -0.27 9.81
N GLY A 231 68.83 0.55 10.52
CA GLY A 231 69.05 0.34 11.94
C GLY A 231 67.96 0.97 12.79
N ASP A 232 68.01 0.70 14.09
CA ASP A 232 66.97 1.14 15.02
C ASP A 232 67.32 2.52 15.60
N SER A 233 67.50 3.48 14.70
CA SER A 233 67.80 4.85 15.10
C SER A 233 67.23 5.79 14.06
N LEU A 234 66.99 7.04 14.48
CA LEU A 234 66.50 8.04 13.54
C LEU A 234 67.54 8.35 12.47
N ASP A 235 68.82 8.36 12.84
CA ASP A 235 69.86 8.65 11.85
C ASP A 235 69.88 7.59 10.75
N SER A 236 69.60 6.34 11.09
CA SER A 236 69.54 5.29 10.08
C SER A 236 68.26 5.40 9.26
N ILE A 237 67.14 5.70 9.91
CA ILE A 237 65.89 5.89 9.20
C ILE A 237 66.00 7.04 8.22
N ASN A 238 66.60 8.16 8.67
CA ASN A 238 66.82 9.29 7.77
C ASN A 238 67.76 8.90 6.64
N ALA A 239 68.82 8.16 6.95
CA ALA A 239 69.76 7.72 5.92
C ALA A 239 69.08 6.77 4.94
N THR A 240 68.30 5.82 5.45
CA THR A 240 67.58 4.89 4.58
C THR A 240 66.66 5.64 3.64
N SER A 241 65.89 6.59 4.16
CA SER A 241 64.97 7.34 3.32
C SER A 241 65.70 8.09 2.21
N SER A 242 66.82 8.75 2.54
CA SER A 242 67.56 9.50 1.53
C SER A 242 68.10 8.59 0.44
N ALA A 243 68.61 7.42 0.81
CA ALA A 243 69.15 6.49 -0.18
C ALA A 243 68.07 6.01 -1.12
N ILE A 244 66.89 5.69 -0.58
CA ILE A 244 65.77 5.25 -1.41
C ILE A 244 65.44 6.30 -2.46
N VAL A 245 65.26 7.55 -2.01
CA VAL A 245 64.89 8.63 -2.93
C VAL A 245 65.90 8.72 -4.07
N LYS A 246 67.19 8.66 -3.75
CA LYS A 246 68.23 8.78 -4.77
C LYS A 246 68.18 7.63 -5.75
N TYR A 247 67.97 6.40 -5.26
CA TYR A 247 68.07 5.24 -6.14
C TYR A 247 66.80 4.99 -6.94
N VAL A 248 65.62 5.28 -6.37
CA VAL A 248 64.41 5.13 -7.18
C VAL A 248 64.44 6.12 -8.34
N SER A 249 65.04 7.30 -8.12
CA SER A 249 65.16 8.28 -9.18
C SER A 249 66.15 7.85 -10.26
N GLN A 250 66.92 6.79 -10.03
CA GLN A 250 67.91 6.31 -10.98
C GLN A 250 67.69 4.84 -11.30
N ARG A 251 66.45 4.49 -11.67
CA ARG A 251 66.13 3.18 -12.26
C ARG A 251 66.46 2.02 -11.31
N ALA A 252 65.93 2.07 -10.09
CA ALA A 252 66.25 1.02 -9.12
C ALA A 252 65.02 0.58 -8.36
N GLY A 253 64.98 -0.72 -8.03
CA GLY A 253 63.96 -1.29 -7.18
C GLY A 253 64.57 -1.65 -5.84
N ILE A 254 63.94 -1.19 -4.77
CA ILE A 254 64.55 -1.17 -3.45
C ILE A 254 64.11 -2.38 -2.65
N GLY A 255 65.02 -2.90 -1.83
CA GLY A 255 64.68 -3.87 -0.80
C GLY A 255 65.07 -3.30 0.55
N ILE A 256 64.08 -3.09 1.42
CA ILE A 256 64.29 -2.43 2.70
C ILE A 256 64.17 -3.44 3.83
N ASN A 257 65.09 -3.36 4.78
CA ASN A 257 65.10 -4.24 5.96
C ASN A 257 64.83 -3.36 7.18
N ALA A 258 63.53 -3.12 7.44
CA ALA A 258 63.11 -2.35 8.60
C ALA A 258 62.70 -3.24 9.76
N GLY A 259 63.26 -4.45 9.84
CA GLY A 259 62.98 -5.34 10.95
C GLY A 259 63.66 -4.97 12.24
N ARG A 260 64.73 -4.18 12.16
CA ARG A 260 65.48 -3.78 13.34
C ARG A 260 64.76 -2.72 14.16
N ILE A 261 63.80 -2.01 13.57
CA ILE A 261 63.06 -0.97 14.28
C ILE A 261 62.27 -1.59 15.42
N ARG A 262 62.40 -1.00 16.60
CA ARG A 262 61.75 -1.53 17.80
C ARG A 262 60.23 -1.36 17.69
N ALA A 263 59.52 -2.10 18.55
CA ALA A 263 58.07 -2.20 18.43
C ALA A 263 57.36 -1.01 19.05
N LEU A 264 56.10 -0.86 18.66
CA LEU A 264 55.24 0.19 19.21
C LEU A 264 55.14 0.08 20.72
N GLY A 265 55.34 1.21 21.40
CA GLY A 265 55.24 1.24 22.84
C GLY A 265 56.56 1.09 23.57
N SER A 266 57.62 0.73 22.86
CA SER A 266 58.92 0.56 23.49
C SER A 266 59.43 1.90 24.03
N PRO A 267 60.19 1.87 25.12
CA PRO A 267 60.77 3.11 25.63
C PRO A 267 61.86 3.65 24.71
N ILE A 268 61.99 4.98 24.70
CA ILE A 268 62.99 5.70 23.95
C ILE A 268 63.75 6.59 24.90
N ARG A 269 65.08 6.49 24.92
CA ARG A 269 65.91 7.20 25.88
C ARG A 269 65.46 6.88 27.30
N GLY A 270 65.19 5.60 27.54
CA GLY A 270 64.80 5.14 28.87
C GLY A 270 63.46 5.65 29.34
N GLY A 271 62.57 6.00 28.43
CA GLY A 271 61.26 6.47 28.78
C GLY A 271 61.03 7.95 28.56
N GLU A 272 61.99 8.66 27.97
CA GLU A 272 61.77 10.06 27.66
C GLU A 272 60.70 10.22 26.58
N ALA A 273 60.49 9.19 25.77
CA ALA A 273 59.50 9.21 24.70
C ALA A 273 58.88 7.83 24.56
N PHE A 274 57.66 7.83 24.02
CA PHE A 274 56.90 6.62 23.73
C PHE A 274 57.02 6.33 22.24
N HIS A 275 57.51 5.14 21.90
CA HIS A 275 57.76 4.79 20.50
C HIS A 275 56.45 4.70 19.72
N THR A 276 56.30 5.57 18.72
CA THR A 276 55.06 5.64 17.95
C THR A 276 54.80 4.37 17.15
N GLY A 277 55.83 3.60 16.83
CA GLY A 277 55.66 2.32 16.16
C GLY A 277 56.39 2.26 14.83
N CYS A 278 56.36 1.05 14.24
CA CYS A 278 57.02 0.83 12.96
C CYS A 278 56.25 1.48 11.82
N ILE A 279 54.93 1.34 11.82
CA ILE A 279 54.07 1.77 10.71
C ILE A 279 54.26 3.24 10.34
N PRO A 280 54.37 4.17 11.29
CA PRO A 280 54.66 5.56 10.88
C PRO A 280 55.96 5.70 10.11
N PHE A 281 56.96 4.87 10.40
CA PHE A 281 58.20 4.92 9.61
C PHE A 281 58.04 4.19 8.28
N TYR A 282 57.27 3.10 8.27
CA TYR A 282 56.96 2.43 7.01
C TYR A 282 56.28 3.39 6.04
N LYS A 283 55.38 4.21 6.55
CA LYS A 283 54.74 5.22 5.70
C LYS A 283 55.76 6.18 5.13
N HIS A 284 56.80 6.51 5.90
CA HIS A 284 57.86 7.38 5.40
C HIS A 284 58.67 6.72 4.30
N PHE A 285 58.93 5.41 4.44
CA PHE A 285 59.61 4.68 3.39
C PHE A 285 58.79 4.62 2.12
N GLN A 286 57.46 4.57 2.25
CA GLN A 286 56.61 4.51 1.06
C GLN A 286 56.70 5.81 0.26
N THR A 287 56.59 6.95 0.94
CA THR A 287 56.67 8.22 0.22
C THR A 287 58.05 8.43 -0.39
N ALA A 288 59.09 7.85 0.21
CA ALA A 288 60.41 7.91 -0.41
C ALA A 288 60.42 7.17 -1.74
N VAL A 289 59.80 5.99 -1.79
CA VAL A 289 59.76 5.21 -3.02
C VAL A 289 58.86 5.88 -4.05
N LYS A 290 57.70 6.38 -3.62
CA LYS A 290 56.73 6.93 -4.57
C LYS A 290 57.01 8.38 -4.95
N SER A 291 58.02 9.02 -4.36
CA SER A 291 58.28 10.43 -4.68
C SER A 291 58.74 10.60 -6.12
N CYS A 292 59.41 9.60 -6.68
CA CYS A 292 60.01 9.70 -8.01
C CYS A 292 59.56 8.57 -8.92
N SER A 293 60.20 8.50 -10.09
CA SER A 293 60.05 7.40 -11.04
C SER A 293 61.44 6.83 -11.32
N GLN A 294 61.47 5.58 -11.81
CA GLN A 294 62.72 4.87 -12.04
C GLN A 294 63.37 5.39 -13.33
N GLY A 295 63.95 6.58 -13.21
CA GLY A 295 64.59 7.21 -14.36
C GLY A 295 63.66 7.59 -15.47
N GLY A 296 62.37 7.75 -15.17
CA GLY A 296 61.39 8.01 -16.20
C GLY A 296 60.95 6.81 -17.00
N VAL A 297 61.48 5.62 -16.69
CA VAL A 297 61.14 4.40 -17.43
C VAL A 297 59.90 3.74 -16.86
N ARG A 298 59.88 3.49 -15.56
CA ARG A 298 58.73 2.90 -14.88
C ARG A 298 58.60 3.55 -13.51
N GLY A 299 57.61 3.09 -12.73
CA GLY A 299 57.38 3.65 -11.41
C GLY A 299 58.23 3.02 -10.33
N GLY A 300 58.33 3.74 -9.20
CA GLY A 300 59.11 3.25 -8.09
C GLY A 300 58.38 2.18 -7.30
N ALA A 301 59.11 1.13 -6.93
CA ALA A 301 58.57 0.02 -6.16
C ALA A 301 59.62 -0.45 -5.16
N ALA A 302 59.13 -1.03 -4.07
CA ALA A 302 60.04 -1.54 -3.05
C ALA A 302 59.33 -2.63 -2.25
N THR A 303 60.13 -3.53 -1.70
CA THR A 303 59.64 -4.60 -0.84
C THR A 303 60.33 -4.49 0.52
N LEU A 304 59.55 -4.51 1.59
CA LEU A 304 60.05 -4.35 2.95
C LEU A 304 60.06 -5.69 3.66
N PHE A 305 61.09 -5.94 4.45
CA PHE A 305 61.29 -7.21 5.12
C PHE A 305 61.29 -7.01 6.63
N TYR A 306 60.74 -7.98 7.35
CA TYR A 306 60.73 -8.01 8.80
C TYR A 306 60.63 -9.46 9.25
N PRO A 307 61.19 -9.80 10.41
CA PRO A 307 61.07 -11.18 10.90
C PRO A 307 59.65 -11.52 11.32
N MET A 308 59.30 -12.81 11.18
CA MET A 308 57.97 -13.27 11.54
C MET A 308 57.70 -13.09 13.04
N TRP A 309 58.75 -13.14 13.86
CA TRP A 309 58.61 -13.05 15.30
C TRP A 309 58.61 -11.61 15.81
N HIS A 310 58.52 -10.62 14.92
CA HIS A 310 58.44 -9.24 15.39
C HIS A 310 57.15 -9.04 16.17
N LEU A 311 57.19 -8.08 17.11
CA LEU A 311 56.05 -7.87 17.98
C LEU A 311 54.85 -7.33 17.22
N GLU A 312 55.09 -6.44 16.25
CA GLU A 312 54.02 -5.87 15.45
C GLU A 312 53.64 -6.73 14.26
N VAL A 313 54.06 -8.00 14.23
CA VAL A 313 53.96 -8.80 13.00
C VAL A 313 52.51 -8.93 12.54
N GLU A 314 51.56 -8.97 13.47
CA GLU A 314 50.15 -9.08 13.06
C GLU A 314 49.64 -7.78 12.43
N SER A 315 50.24 -6.65 12.80
CA SER A 315 49.85 -5.38 12.19
C SER A 315 50.54 -5.16 10.85
N LEU A 316 51.75 -5.71 10.69
CA LEU A 316 52.50 -5.54 9.45
C LEU A 316 52.01 -6.49 8.35
N LEU A 317 51.47 -7.65 8.72
CA LEU A 317 51.00 -8.60 7.71
C LEU A 317 49.80 -8.09 6.94
N VAL A 318 49.06 -7.12 7.49
CA VAL A 318 47.84 -6.63 6.88
C VAL A 318 48.02 -5.24 6.29
N LEU A 319 49.27 -4.81 6.05
CA LEU A 319 49.51 -3.44 5.65
C LEU A 319 48.98 -3.12 4.25
N LYS A 320 48.74 -4.13 3.42
CA LYS A 320 48.17 -3.95 2.10
C LYS A 320 46.68 -4.21 2.07
N ASN A 321 46.17 -4.88 3.10
CA ASN A 321 44.75 -5.16 3.30
C ASN A 321 43.91 -3.88 3.30
N ASN A 322 42.98 -3.77 2.33
CA ASN A 322 42.20 -2.53 2.20
C ASN A 322 41.17 -2.34 3.29
N ARG A 323 40.93 -3.35 4.13
CA ARG A 323 39.83 -3.34 5.11
C ARG A 323 40.19 -2.63 6.40
N GLY A 324 40.94 -1.54 6.33
CA GLY A 324 41.37 -0.83 7.52
C GLY A 324 41.57 0.65 7.22
N VAL A 325 41.70 1.44 8.29
CA VAL A 325 41.89 2.87 8.11
C VAL A 325 43.29 3.17 7.62
N GLU A 326 43.46 4.34 7.01
CA GLU A 326 44.74 4.70 6.42
C GLU A 326 45.85 4.84 7.44
N GLY A 327 45.52 5.03 8.72
CA GLY A 327 46.55 5.25 9.71
C GLY A 327 47.47 4.05 9.86
N ASN A 328 46.90 2.84 9.76
CA ASN A 328 47.66 1.61 9.92
C ASN A 328 47.63 0.78 8.64
N ARG A 329 47.72 1.46 7.50
CA ARG A 329 47.80 0.82 6.20
C ARG A 329 48.91 1.46 5.39
N VAL A 330 49.81 0.63 4.84
CA VAL A 330 50.84 1.06 3.92
C VAL A 330 50.74 0.19 2.68
N ARG A 331 49.82 0.53 1.78
CA ARG A 331 49.37 -0.42 0.77
C ARG A 331 50.35 -0.54 -0.39
N HIS A 332 51.02 0.55 -0.75
CA HIS A 332 51.76 0.63 -2.01
C HIS A 332 53.19 0.14 -1.90
N MET A 333 53.49 -0.74 -0.94
CA MET A 333 54.76 -1.44 -0.88
C MET A 333 54.48 -2.92 -0.64
N ASP A 334 55.35 -3.76 -1.19
CA ASP A 334 55.26 -5.18 -0.91
C ASP A 334 56.08 -5.54 0.32
N TYR A 335 55.80 -6.71 0.88
CA TYR A 335 56.43 -7.13 2.12
C TYR A 335 56.90 -8.58 2.01
N GLY A 336 57.99 -8.87 2.71
CA GLY A 336 58.50 -10.22 2.78
C GLY A 336 58.68 -10.68 4.21
N VAL A 337 57.93 -11.70 4.61
CA VAL A 337 58.02 -12.24 5.97
C VAL A 337 59.19 -13.21 6.04
N GLN A 338 60.07 -13.01 7.01
CA GLN A 338 61.25 -13.84 7.17
C GLN A 338 60.96 -14.95 8.17
N ILE A 339 61.23 -16.19 7.77
CA ILE A 339 60.89 -17.38 8.54
C ILE A 339 62.09 -18.30 8.58
N ASN A 340 62.24 -19.06 9.66
CA ASN A 340 63.29 -20.05 9.75
C ASN A 340 62.69 -21.38 10.23
N LYS A 341 63.57 -22.37 10.39
CA LYS A 341 63.13 -23.72 10.68
C LYS A 341 62.32 -23.79 11.97
N LEU A 342 62.73 -23.04 12.99
CA LEU A 342 62.03 -23.08 14.28
C LEU A 342 60.60 -22.58 14.15
N MET A 343 60.38 -21.53 13.34
CA MET A 343 59.03 -21.02 13.13
C MET A 343 58.15 -22.06 12.46
N TYR A 344 58.68 -22.76 11.45
CA TYR A 344 57.92 -23.82 10.80
C TYR A 344 57.65 -24.97 11.77
N THR A 345 58.60 -25.24 12.66
CA THR A 345 58.42 -26.33 13.62
C THR A 345 57.26 -26.03 14.57
N ARG A 346 57.14 -24.78 15.02
CA ARG A 346 56.04 -24.42 15.90
C ARG A 346 54.69 -24.65 15.23
N LEU A 347 54.63 -24.52 13.90
CA LEU A 347 53.40 -24.80 13.18
C LEU A 347 53.11 -26.29 13.13
N LEU A 348 54.12 -27.09 12.77
CA LEU A 348 53.93 -28.53 12.62
C LEU A 348 53.51 -29.18 13.94
N LYS A 349 53.99 -28.66 15.06
CA LYS A 349 53.65 -29.21 16.37
C LYS A 349 52.43 -28.55 16.97
N GLY A 350 51.79 -27.64 16.24
CA GLY A 350 50.62 -26.95 16.74
C GLY A 350 50.89 -26.13 17.98
N GLU A 351 52.13 -25.70 18.20
CA GLU A 351 52.49 -24.94 19.37
C GLU A 351 52.29 -23.45 19.08
N ASP A 352 52.80 -22.59 19.95
CA ASP A 352 52.67 -21.15 19.81
C ASP A 352 53.95 -20.57 19.25
N ILE A 353 53.89 -19.28 18.91
CA ILE A 353 55.06 -18.52 18.50
C ILE A 353 55.10 -17.25 19.33
N THR A 354 56.21 -17.01 20.02
CA THR A 354 56.35 -15.82 20.85
C THR A 354 56.89 -14.68 20.01
N LEU A 355 56.32 -13.50 20.19
CA LEU A 355 56.70 -12.30 19.45
C LEU A 355 57.49 -11.39 20.37
N PHE A 356 58.61 -10.86 19.87
CA PHE A 356 59.45 -9.95 20.63
C PHE A 356 59.72 -8.70 19.83
N SER A 357 59.97 -7.60 20.55
CA SER A 357 60.62 -6.47 19.91
C SER A 357 62.12 -6.73 19.82
N PRO A 358 62.76 -6.45 18.68
CA PRO A 358 64.19 -6.72 18.57
C PRO A 358 65.02 -5.96 19.59
N SER A 359 64.46 -4.94 20.24
CA SER A 359 65.19 -4.18 21.24
C SER A 359 65.15 -4.84 22.62
N ASP A 360 64.33 -5.87 22.81
CA ASP A 360 64.19 -6.53 24.10
C ASP A 360 64.79 -7.93 24.10
N VAL A 361 65.51 -8.30 23.05
CA VAL A 361 66.06 -9.65 22.94
C VAL A 361 67.49 -9.53 22.40
N PRO A 362 68.47 -9.30 23.28
CA PRO A 362 69.84 -9.05 22.81
C PRO A 362 70.40 -10.23 22.03
N GLY A 363 70.86 -9.95 20.81
CA GLY A 363 71.49 -10.94 19.97
C GLY A 363 70.53 -11.90 19.27
N LEU A 364 69.23 -11.79 19.55
CA LEU A 364 68.25 -12.68 18.94
C LEU A 364 68.07 -12.39 17.47
N TYR A 365 68.17 -11.10 17.09
CA TYR A 365 68.02 -10.73 15.69
C TYR A 365 69.17 -11.27 14.84
N ASP A 366 70.41 -10.98 15.24
CA ASP A 366 71.55 -11.41 14.43
C ASP A 366 71.65 -12.93 14.37
N ALA A 367 71.28 -13.62 15.46
CA ALA A 367 71.28 -15.07 15.44
C ALA A 367 70.23 -15.62 14.49
N PHE A 368 69.12 -14.89 14.31
CA PHE A 368 68.04 -15.35 13.44
C PHE A 368 68.53 -15.62 12.01
N PHE A 369 69.59 -14.95 11.59
CA PHE A 369 70.16 -15.12 10.26
C PHE A 369 71.45 -15.93 10.28
N ALA A 370 72.42 -15.54 11.12
CA ALA A 370 73.76 -16.08 10.99
C ALA A 370 73.94 -17.43 11.69
N ASP A 371 73.35 -17.59 12.88
CA ASP A 371 73.60 -18.76 13.72
C ASP A 371 72.26 -19.35 14.13
N GLN A 372 71.84 -20.43 13.47
CA GLN A 372 70.53 -21.01 13.76
C GLN A 372 70.49 -21.64 15.14
N GLU A 373 71.59 -22.25 15.58
CA GLU A 373 71.63 -22.82 16.92
C GLU A 373 71.54 -21.73 17.99
N GLU A 374 72.33 -20.66 17.81
CA GLU A 374 72.31 -19.56 18.79
C GLU A 374 70.92 -18.93 18.89
N PHE A 375 70.17 -18.93 17.79
CA PHE A 375 68.81 -18.39 17.82
C PHE A 375 67.90 -19.24 18.70
N GLU A 376 67.88 -20.56 18.48
CA GLU A 376 67.05 -21.44 19.28
C GLU A 376 67.39 -21.33 20.76
N ARG A 377 68.67 -21.16 21.08
CA ARG A 377 69.08 -20.99 22.47
C ARG A 377 68.47 -19.72 23.04
N LEU A 378 68.71 -18.58 22.39
CA LEU A 378 68.20 -17.30 22.89
C LEU A 378 66.69 -17.25 22.84
N TYR A 379 66.08 -17.84 21.82
CA TYR A 379 64.62 -17.78 21.68
C TYR A 379 63.94 -18.50 22.84
N THR A 380 64.29 -19.77 23.06
CA THR A 380 63.69 -20.50 24.18
C THR A 380 64.06 -19.87 25.52
N LYS A 381 65.25 -19.26 25.60
CA LYS A 381 65.64 -18.57 26.83
C LYS A 381 64.75 -17.37 27.10
N TYR A 382 64.65 -16.47 26.12
CA TYR A 382 63.84 -15.27 26.29
C TYR A 382 62.35 -15.59 26.37
N GLU A 383 61.91 -16.73 25.82
CA GLU A 383 60.51 -17.12 25.96
C GLU A 383 60.15 -17.39 27.41
N LYS A 384 61.12 -17.86 28.20
CA LYS A 384 60.90 -18.19 29.60
C LYS A 384 61.07 -16.99 30.52
N ASP A 385 61.87 -16.02 30.10
CA ASP A 385 62.08 -14.80 30.89
C ASP A 385 60.77 -14.03 31.01
N ASP A 386 60.35 -13.78 32.25
CA ASP A 386 59.11 -13.07 32.49
C ASP A 386 59.28 -11.56 32.49
N SER A 387 60.52 -11.06 32.52
CA SER A 387 60.75 -9.62 32.47
C SER A 387 60.68 -9.06 31.06
N ILE A 388 60.88 -9.89 30.03
CA ILE A 388 60.91 -9.42 28.65
C ILE A 388 59.49 -9.29 28.12
N ARG A 389 59.22 -8.16 27.46
CA ARG A 389 57.93 -7.97 26.80
C ARG A 389 57.80 -8.96 25.66
N LYS A 390 56.72 -9.74 25.68
CA LYS A 390 56.50 -10.76 24.66
C LYS A 390 55.01 -10.87 24.39
N GLN A 391 54.67 -11.71 23.42
CA GLN A 391 53.27 -11.93 23.03
C GLN A 391 53.21 -13.26 22.30
N ARG A 392 52.46 -14.21 22.84
CA ARG A 392 52.36 -15.52 22.23
C ARG A 392 51.15 -15.59 21.32
N VAL A 393 51.32 -16.18 20.14
CA VAL A 393 50.26 -16.40 19.18
C VAL A 393 50.35 -17.85 18.72
N LYS A 394 49.20 -18.47 18.50
CA LYS A 394 49.17 -19.82 17.94
C LYS A 394 49.81 -19.79 16.56
N ALA A 395 50.83 -20.65 16.38
CA ALA A 395 51.52 -20.68 15.09
C ALA A 395 50.56 -20.97 13.95
N VAL A 396 49.49 -21.72 14.22
CA VAL A 396 48.51 -22.02 13.18
C VAL A 396 47.77 -20.74 12.78
N GLU A 397 47.52 -19.86 13.75
CA GLU A 397 46.83 -18.61 13.45
C GLU A 397 47.75 -17.61 12.75
N LEU A 398 48.99 -17.48 13.21
CA LEU A 398 49.91 -16.54 12.59
C LEU A 398 50.19 -16.92 11.13
N PHE A 399 50.43 -18.20 10.88
CA PHE A 399 50.65 -18.66 9.51
C PHE A 399 49.41 -18.47 8.64
N SER A 400 48.23 -18.71 9.21
CA SER A 400 47.00 -18.55 8.43
C SER A 400 46.79 -17.09 8.04
N LEU A 401 47.09 -16.16 8.94
CA LEU A 401 46.97 -14.74 8.60
C LEU A 401 47.95 -14.38 7.49
N MET A 402 49.18 -14.87 7.57
CA MET A 402 50.19 -14.53 6.58
C MET A 402 49.79 -15.03 5.19
N MET A 403 49.45 -16.31 5.07
CA MET A 403 49.08 -16.88 3.78
C MET A 403 47.78 -16.28 3.25
N GLN A 404 46.86 -15.91 4.16
CA GLN A 404 45.62 -15.25 3.75
C GLN A 404 45.89 -13.89 3.13
N GLU A 405 46.78 -13.10 3.76
CA GLU A 405 47.15 -11.82 3.18
C GLU A 405 48.01 -12.01 1.94
N ARG A 406 48.79 -13.09 1.89
CA ARG A 406 49.52 -13.41 0.68
C ARG A 406 48.57 -13.75 -0.46
N ALA A 407 47.47 -14.45 -0.16
CA ALA A 407 46.56 -14.88 -1.21
C ALA A 407 45.77 -13.72 -1.78
N SER A 408 45.29 -12.81 -0.93
CA SER A 408 44.41 -11.74 -1.39
C SER A 408 45.17 -10.66 -2.15
N THR A 409 46.36 -10.28 -1.67
CA THR A 409 47.15 -9.25 -2.34
C THR A 409 48.09 -9.82 -3.38
N GLY A 410 48.59 -11.04 -3.18
CA GLY A 410 49.58 -11.60 -4.06
C GLY A 410 50.98 -11.06 -3.85
N ARG A 411 51.18 -10.17 -2.87
CA ARG A 411 52.45 -9.48 -2.70
C ARG A 411 53.01 -9.61 -1.28
N ILE A 412 52.62 -10.64 -0.53
CA ILE A 412 53.21 -10.95 0.77
C ILE A 412 54.17 -12.11 0.53
N TYR A 413 55.46 -11.81 0.52
CA TYR A 413 56.50 -12.75 0.11
C TYR A 413 57.10 -13.45 1.32
N ILE A 414 57.82 -14.53 1.06
CA ILE A 414 58.45 -15.36 2.09
C ILE A 414 59.94 -15.46 1.78
N GLN A 415 60.76 -15.30 2.82
CA GLN A 415 62.21 -15.53 2.72
C GLN A 415 62.65 -16.43 3.87
N ASN A 416 63.09 -17.64 3.54
CA ASN A 416 63.60 -18.58 4.54
C ASN A 416 65.04 -18.18 4.86
N VAL A 417 65.23 -17.48 5.97
CA VAL A 417 66.52 -16.85 6.25
C VAL A 417 67.60 -17.89 6.55
N ASP A 418 67.22 -19.04 7.10
CA ASP A 418 68.24 -20.05 7.38
C ASP A 418 68.84 -20.61 6.10
N HIS A 419 68.00 -20.90 5.11
CA HIS A 419 68.51 -21.37 3.83
C HIS A 419 69.38 -20.33 3.16
N CYS A 420 69.07 -19.04 3.34
CA CYS A 420 69.85 -17.98 2.71
C CYS A 420 71.24 -17.83 3.31
N ASN A 421 71.55 -18.56 4.38
CA ASN A 421 72.85 -18.43 5.02
C ASN A 421 73.55 -19.79 5.14
N THR A 422 72.77 -20.85 5.34
CA THR A 422 73.36 -22.19 5.37
C THR A 422 73.73 -22.68 3.97
N HIS A 423 73.10 -22.14 2.92
CA HIS A 423 73.40 -22.50 1.54
C HIS A 423 73.54 -21.21 0.73
N SER A 424 74.63 -20.49 0.96
CA SER A 424 74.88 -19.22 0.31
C SER A 424 76.36 -19.09 0.02
N PRO A 425 76.74 -18.17 -0.87
CA PRO A 425 78.16 -17.90 -1.11
C PRO A 425 78.84 -17.07 -0.03
N PHE A 426 78.17 -16.75 1.06
CA PHE A 426 78.73 -15.89 2.08
C PHE A 426 78.83 -16.61 3.42
N ASP A 427 79.87 -16.23 4.18
CA ASP A 427 80.07 -16.75 5.52
C ASP A 427 79.12 -16.02 6.47
N PRO A 428 78.16 -16.72 7.07
CA PRO A 428 77.18 -16.04 7.93
C PRO A 428 77.81 -15.32 9.10
N ALA A 429 78.96 -15.78 9.59
CA ALA A 429 79.62 -15.14 10.72
C ALA A 429 80.35 -13.87 10.31
N ILE A 430 80.67 -13.72 9.03
CA ILE A 430 81.40 -12.55 8.54
C ILE A 430 80.48 -11.58 7.81
N ALA A 431 79.59 -12.08 6.97
CA ALA A 431 78.68 -11.24 6.19
C ALA A 431 77.40 -12.01 5.90
N PRO A 432 76.48 -12.04 6.86
CA PRO A 432 75.25 -12.81 6.67
C PRO A 432 74.29 -12.11 5.73
N VAL A 433 73.35 -12.88 5.21
CA VAL A 433 72.26 -12.35 4.39
C VAL A 433 71.07 -12.12 5.31
N ARG A 434 70.62 -10.87 5.40
CA ARG A 434 69.56 -10.50 6.32
C ARG A 434 68.29 -10.02 5.64
N GLN A 435 68.24 -10.03 4.31
CA GLN A 435 67.07 -9.53 3.59
C GLN A 435 67.12 -10.04 2.16
N SER A 436 66.21 -9.53 1.34
CA SER A 436 66.18 -9.82 -0.09
C SER A 436 65.79 -8.52 -0.80
N ASN A 437 65.29 -8.64 -2.03
CA ASN A 437 64.98 -7.43 -2.80
C ASN A 437 63.52 -7.36 -3.23
N LEU A 438 63.23 -6.54 -4.25
CA LEU A 438 61.85 -6.30 -4.67
C LEU A 438 61.18 -7.58 -5.16
N CYS A 439 61.92 -8.43 -5.87
CA CYS A 439 61.34 -9.63 -6.47
C CYS A 439 61.88 -10.91 -5.85
N LEU A 440 62.60 -10.81 -4.73
CA LEU A 440 62.96 -11.96 -3.91
C LEU A 440 63.92 -12.91 -4.64
N GLU A 441 64.73 -12.39 -5.56
CA GLU A 441 65.74 -13.19 -6.24
C GLU A 441 67.16 -12.80 -5.86
N ILE A 442 67.35 -11.73 -5.09
CA ILE A 442 68.67 -11.24 -4.72
C ILE A 442 68.85 -11.47 -3.23
N ALA A 443 70.02 -12.00 -2.85
CA ALA A 443 70.36 -12.22 -1.44
C ALA A 443 71.85 -11.86 -1.27
N LEU A 444 72.10 -10.69 -0.70
CA LEU A 444 73.45 -10.15 -0.58
C LEU A 444 73.62 -9.52 0.79
N PRO A 445 74.85 -9.43 1.30
CA PRO A 445 75.06 -8.85 2.62
C PRO A 445 74.83 -7.35 2.65
N THR A 446 74.43 -6.86 3.82
CA THR A 446 74.14 -5.45 4.06
C THR A 446 74.48 -5.10 5.49
N LYS A 447 74.92 -3.84 5.69
CA LYS A 447 75.17 -3.28 7.02
C LYS A 447 74.51 -1.91 7.09
N PRO A 448 73.72 -1.64 8.13
CA PRO A 448 72.95 -0.38 8.18
C PRO A 448 73.83 0.86 8.19
N LEU A 449 73.23 1.97 7.78
CA LEU A 449 73.92 3.26 7.68
C LEU A 449 73.58 4.16 8.86
N ASN A 450 74.52 5.05 9.19
CA ASN A 450 74.30 6.10 10.18
C ASN A 450 74.21 7.48 9.55
N ASP A 451 74.42 7.59 8.24
CA ASP A 451 74.30 8.85 7.51
C ASP A 451 74.21 8.53 6.03
N VAL A 452 73.72 9.50 5.26
CA VAL A 452 73.61 9.33 3.81
C VAL A 452 74.98 9.01 3.23
N ASN A 453 76.04 9.61 3.78
CA ASN A 453 77.40 9.38 3.32
C ASN A 453 78.22 8.54 4.30
N ASP A 454 77.56 7.77 5.17
CA ASP A 454 78.28 6.94 6.13
C ASP A 454 79.16 5.93 5.40
N GLU A 455 80.46 6.03 5.62
CA GLU A 455 81.39 5.12 4.95
C GLU A 455 81.30 3.69 5.49
N ASN A 456 80.85 3.52 6.74
CA ASN A 456 80.86 2.19 7.36
C ASN A 456 79.71 1.29 6.91
N GLY A 457 78.57 1.86 6.56
CA GLY A 457 77.45 1.04 6.13
C GLY A 457 77.67 0.43 4.76
N GLU A 458 76.91 -0.63 4.47
CA GLU A 458 77.00 -1.31 3.19
C GLU A 458 75.61 -1.46 2.59
N ILE A 459 75.43 -0.95 1.37
CA ILE A 459 74.20 -1.13 0.59
C ILE A 459 74.50 -2.11 -0.53
N ALA A 460 73.70 -3.18 -0.61
CA ALA A 460 73.94 -4.24 -1.59
C ALA A 460 73.37 -3.85 -2.94
N LEU A 461 74.24 -3.80 -3.96
CA LEU A 461 73.85 -3.65 -5.35
C LEU A 461 74.04 -4.97 -6.08
N CYS A 462 73.21 -5.20 -7.08
CA CYS A 462 73.36 -6.36 -7.95
C CYS A 462 73.03 -5.97 -9.38
N THR A 463 73.89 -6.36 -10.31
CA THR A 463 73.70 -6.10 -11.73
C THR A 463 73.32 -7.40 -12.43
N LEU A 464 72.41 -7.31 -13.39
CA LEU A 464 71.72 -8.48 -13.91
C LEU A 464 71.95 -8.67 -15.42
N SER A 465 71.58 -9.86 -15.88
CA SER A 465 71.54 -10.31 -17.27
C SER A 465 71.02 -11.75 -17.26
N ALA A 466 70.67 -12.26 -18.43
CA ALA A 466 70.06 -13.59 -18.50
C ALA A 466 70.57 -14.35 -19.73
N PHE A 467 70.66 -15.67 -19.57
CA PHE A 467 70.95 -16.57 -20.68
C PHE A 467 69.64 -17.02 -21.32
N ASN A 468 69.57 -16.89 -22.65
CA ASN A 468 68.40 -17.36 -23.39
C ASN A 468 68.54 -18.86 -23.62
N LEU A 469 67.83 -19.65 -22.81
CA LEU A 469 67.92 -21.10 -22.94
C LEU A 469 67.37 -21.61 -24.26
N GLY A 470 66.46 -20.87 -24.89
CA GLY A 470 65.97 -21.29 -26.18
C GLY A 470 66.90 -21.02 -27.33
N ALA A 471 67.92 -20.19 -27.12
CA ALA A 471 68.85 -19.81 -28.17
C ALA A 471 70.10 -20.69 -28.20
N ILE A 472 70.35 -21.48 -27.17
CA ILE A 472 71.53 -22.35 -27.15
C ILE A 472 71.13 -23.71 -27.72
N ASN A 473 72.07 -24.35 -28.40
CA ASN A 473 71.87 -25.70 -28.92
C ASN A 473 72.65 -26.75 -28.16
N ASN A 474 73.69 -26.34 -27.45
CA ASN A 474 74.48 -27.22 -26.59
C ASN A 474 74.76 -26.47 -25.30
N LEU A 475 74.73 -27.19 -24.18
CA LEU A 475 74.99 -26.56 -22.89
C LEU A 475 76.42 -26.01 -22.80
N ASP A 476 77.33 -26.48 -23.66
CA ASP A 476 78.68 -25.98 -23.65
C ASP A 476 78.81 -24.61 -24.28
N GLU A 477 77.78 -24.12 -24.98
CA GLU A 477 77.79 -22.74 -25.44
C GLU A 477 77.81 -21.76 -24.29
N LEU A 478 77.43 -22.21 -23.09
CA LEU A 478 77.40 -21.32 -21.92
C LEU A 478 78.81 -20.91 -21.49
N GLU A 479 79.83 -21.72 -21.81
CA GLU A 479 81.20 -21.34 -21.44
C GLU A 479 81.58 -20.02 -22.12
N GLU A 480 81.37 -19.96 -23.42
CA GLU A 480 81.62 -18.71 -24.16
C GLU A 480 80.64 -17.62 -23.76
N LEU A 481 79.40 -17.98 -23.46
CA LEU A 481 78.40 -16.98 -23.09
C LEU A 481 78.66 -16.43 -21.69
N ALA A 482 79.08 -17.29 -20.75
CA ALA A 482 79.37 -16.81 -19.40
C ALA A 482 80.57 -15.88 -19.39
N ILE A 483 81.56 -16.13 -20.25
CA ILE A 483 82.70 -15.22 -20.36
C ILE A 483 82.22 -13.84 -20.81
N LEU A 484 81.45 -13.80 -21.90
CA LEU A 484 80.98 -12.52 -22.43
C LEU A 484 80.07 -11.80 -21.43
N ALA A 485 79.23 -12.54 -20.72
CA ALA A 485 78.28 -11.92 -19.81
C ALA A 485 78.97 -11.41 -18.55
N VAL A 486 79.79 -12.26 -17.92
CA VAL A 486 80.45 -11.85 -16.67
C VAL A 486 81.40 -10.69 -16.92
N ARG A 487 82.15 -10.73 -18.02
CA ARG A 487 83.07 -9.65 -18.32
C ARG A 487 82.35 -8.33 -18.53
N ALA A 488 81.23 -8.35 -19.26
CA ALA A 488 80.50 -7.12 -19.55
C ALA A 488 79.89 -6.54 -18.28
N LEU A 489 79.41 -7.40 -17.38
CA LEU A 489 78.80 -6.91 -16.15
C LEU A 489 79.85 -6.43 -15.15
N ASP A 490 80.97 -7.14 -15.04
CA ASP A 490 81.99 -6.72 -14.10
C ASP A 490 82.61 -5.40 -14.52
N ALA A 491 82.77 -5.20 -15.83
CA ALA A 491 83.24 -3.90 -16.31
C ALA A 491 82.24 -2.80 -16.02
N LEU A 492 80.95 -3.13 -16.02
CA LEU A 492 79.92 -2.13 -15.73
C LEU A 492 80.06 -1.57 -14.33
N LEU A 493 80.53 -2.38 -13.38
CA LEU A 493 80.64 -1.92 -12.00
C LEU A 493 81.61 -0.75 -11.88
N ASP A 494 82.70 -0.78 -12.65
CA ASP A 494 83.63 0.34 -12.65
C ASP A 494 83.16 1.49 -13.52
N TYR A 495 82.30 1.22 -14.50
CA TYR A 495 81.90 2.23 -15.48
C TYR A 495 80.85 3.18 -14.93
N GLN A 496 79.93 2.69 -14.09
CA GLN A 496 78.81 3.48 -13.63
C GLN A 496 79.16 4.31 -12.40
N ASP A 497 78.22 5.17 -12.03
CA ASP A 497 78.35 6.03 -10.86
C ASP A 497 77.56 5.46 -9.69
N TYR A 498 77.76 6.07 -8.53
CA TYR A 498 77.09 5.62 -7.32
C TYR A 498 76.60 6.81 -6.50
N PRO A 499 75.29 7.04 -6.43
CA PRO A 499 74.79 8.21 -5.69
C PRO A 499 74.98 8.10 -4.19
N ILE A 500 75.13 6.90 -3.65
CA ILE A 500 75.27 6.68 -2.21
C ILE A 500 76.62 6.02 -1.97
N PRO A 501 77.51 6.64 -1.18
CA PRO A 501 78.82 6.01 -0.93
C PRO A 501 78.73 4.61 -0.36
N ALA A 502 77.78 4.35 0.55
CA ALA A 502 77.68 3.02 1.15
C ALA A 502 77.37 1.95 0.10
N ALA A 503 76.70 2.31 -0.99
CA ALA A 503 76.41 1.34 -2.02
C ALA A 503 77.63 1.04 -2.88
N LYS A 504 78.40 2.07 -3.24
CA LYS A 504 79.63 1.84 -3.98
C LYS A 504 80.59 0.94 -3.19
N ARG A 505 80.57 1.03 -1.87
CA ARG A 505 81.44 0.20 -1.06
C ARG A 505 81.13 -1.28 -1.25
N GLY A 506 79.85 -1.65 -1.20
CA GLY A 506 79.47 -3.02 -1.42
C GLY A 506 79.71 -3.48 -2.84
N ALA A 507 79.41 -2.61 -3.82
CA ALA A 507 79.54 -2.99 -5.22
C ALA A 507 80.99 -3.22 -5.61
N MET A 508 81.90 -2.38 -5.07
CA MET A 508 83.32 -2.55 -5.40
C MET A 508 83.98 -3.62 -4.54
N GLY A 509 83.46 -3.85 -3.34
CA GLY A 509 84.05 -4.82 -2.44
C GLY A 509 83.75 -6.25 -2.83
N ARG A 510 82.47 -6.55 -3.08
CA ARG A 510 82.05 -7.91 -3.39
C ARG A 510 81.83 -8.14 -4.89
N ARG A 511 81.52 -7.08 -5.63
CA ARG A 511 81.31 -7.16 -7.08
C ARG A 511 80.28 -8.23 -7.43
N THR A 512 79.12 -8.15 -6.79
CA THR A 512 78.10 -9.18 -6.92
C THR A 512 77.30 -9.01 -8.21
N LEU A 513 77.17 -10.11 -8.96
CA LEU A 513 76.41 -10.16 -10.19
C LEU A 513 75.22 -11.10 -10.02
N GLY A 514 74.22 -10.91 -10.88
CA GLY A 514 73.04 -11.76 -10.84
C GLY A 514 72.57 -12.16 -12.23
N ILE A 515 73.13 -13.24 -12.75
CA ILE A 515 72.82 -13.72 -14.10
C ILE A 515 71.79 -14.83 -14.00
N GLY A 516 70.68 -14.67 -14.73
CA GLY A 516 69.59 -15.63 -14.72
C GLY A 516 69.34 -16.27 -16.07
N VAL A 517 68.13 -16.78 -16.28
CA VAL A 517 67.76 -17.43 -17.53
C VAL A 517 66.38 -16.95 -17.96
N ILE A 518 66.14 -17.00 -19.27
CA ILE A 518 64.82 -16.76 -19.83
C ILE A 518 64.52 -17.88 -20.83
N ASN A 519 63.27 -17.93 -21.28
CA ASN A 519 62.81 -18.93 -22.23
C ASN A 519 62.96 -20.35 -21.69
N PHE A 520 62.72 -20.51 -20.38
CA PHE A 520 62.83 -21.84 -19.78
C PHE A 520 61.65 -22.73 -20.16
N ALA A 521 60.45 -22.16 -20.28
CA ALA A 521 59.29 -22.95 -20.68
C ALA A 521 59.44 -23.44 -22.11
N TYR A 522 59.86 -22.57 -23.03
CA TYR A 522 60.17 -22.99 -24.39
C TYR A 522 61.32 -23.98 -24.41
N TYR A 523 62.27 -23.86 -23.47
CA TYR A 523 63.36 -24.82 -23.36
C TYR A 523 62.84 -26.21 -23.02
N LEU A 524 61.89 -26.29 -22.07
CA LEU A 524 61.30 -27.58 -21.72
C LEU A 524 60.48 -28.15 -22.88
N ALA A 525 59.82 -27.28 -23.64
CA ALA A 525 59.05 -27.75 -24.78
C ALA A 525 59.95 -28.38 -25.84
N LYS A 526 61.11 -27.77 -26.09
CA LYS A 526 62.03 -28.33 -27.07
C LYS A 526 62.54 -29.70 -26.64
N HIS A 527 62.70 -29.91 -25.33
CA HIS A 527 63.14 -31.21 -24.84
C HIS A 527 61.97 -32.12 -24.49
N GLY A 528 60.75 -31.71 -24.79
CA GLY A 528 59.59 -32.55 -24.52
C GLY A 528 59.42 -32.92 -23.07
N LYS A 529 59.64 -31.97 -22.16
CA LYS A 529 59.48 -32.17 -20.73
C LYS A 529 58.38 -31.23 -20.23
N ARG A 530 57.98 -31.40 -18.98
CA ARG A 530 56.91 -30.59 -18.42
C ARG A 530 57.25 -30.20 -16.99
N TYR A 531 56.52 -29.20 -16.49
CA TYR A 531 56.70 -28.75 -15.11
C TYR A 531 56.12 -29.75 -14.12
N SER A 532 54.84 -30.10 -14.30
CA SER A 532 54.08 -30.74 -13.23
C SER A 532 54.51 -32.19 -13.00
N ASP A 533 54.71 -32.95 -14.08
CA ASP A 533 54.94 -34.39 -13.93
C ASP A 533 56.30 -34.70 -13.33
N GLY A 534 57.23 -33.74 -13.30
CA GLY A 534 58.55 -34.02 -12.79
C GLY A 534 59.48 -34.65 -13.81
N SER A 535 59.12 -34.63 -15.08
CA SER A 535 59.97 -35.18 -16.11
C SER A 535 61.17 -34.30 -16.41
N ALA A 536 61.17 -33.07 -15.94
CA ALA A 536 62.25 -32.12 -16.20
C ALA A 536 63.23 -32.02 -15.03
N ASN A 537 63.08 -32.87 -14.01
CA ASN A 537 63.95 -32.80 -12.85
C ASN A 537 65.41 -33.01 -13.25
N ASN A 538 65.72 -34.16 -13.86
CA ASN A 538 67.11 -34.42 -14.24
C ASN A 538 67.59 -33.46 -15.32
N LEU A 539 66.70 -33.01 -16.20
CA LEU A 539 67.08 -32.01 -17.20
C LEU A 539 67.38 -30.67 -16.56
N THR A 540 66.57 -30.28 -15.56
CA THR A 540 66.85 -29.04 -14.85
C THR A 540 68.15 -29.13 -14.07
N HIS A 541 68.43 -30.30 -13.47
CA HIS A 541 69.67 -30.47 -12.73
C HIS A 541 70.88 -30.37 -13.67
N LYS A 542 70.81 -31.04 -14.82
CA LYS A 542 71.91 -30.99 -15.77
C LYS A 542 72.10 -29.58 -16.32
N THR A 543 71.00 -28.88 -16.59
CA THR A 543 71.07 -27.55 -17.19
C THR A 543 71.68 -26.53 -16.23
N PHE A 544 71.15 -26.44 -15.01
CA PHE A 544 71.62 -25.40 -14.10
C PHE A 544 72.96 -25.74 -13.46
N GLU A 545 73.41 -27.00 -13.53
CA GLU A 545 74.80 -27.27 -13.19
C GLU A 545 75.74 -26.61 -14.19
N ALA A 546 75.43 -26.71 -15.48
CA ALA A 546 76.26 -26.08 -16.49
C ALA A 546 76.22 -24.56 -16.37
N ILE A 547 75.06 -24.00 -16.03
CA ILE A 547 74.93 -22.55 -15.89
C ILE A 547 75.83 -22.05 -14.78
N GLN A 548 75.82 -22.73 -13.63
CA GLN A 548 76.64 -22.28 -12.53
C GLN A 548 78.11 -22.58 -12.80
N TYR A 549 78.43 -23.76 -13.33
CA TYR A 549 79.81 -24.14 -13.56
C TYR A 549 80.50 -23.16 -14.51
N TYR A 550 79.88 -22.88 -15.66
CA TYR A 550 80.51 -21.98 -16.60
C TYR A 550 80.49 -20.53 -16.12
N LEU A 551 79.56 -20.17 -15.25
CA LEU A 551 79.60 -18.84 -14.65
C LEU A 551 80.76 -18.73 -13.67
N LEU A 552 80.87 -19.69 -12.74
CA LEU A 552 81.98 -19.70 -11.80
C LEU A 552 83.31 -19.73 -12.53
N LYS A 553 83.42 -20.59 -13.54
CA LYS A 553 84.65 -20.69 -14.31
C LYS A 553 85.01 -19.36 -14.95
N ALA A 554 84.02 -18.65 -15.51
CA ALA A 554 84.31 -17.39 -16.19
C ALA A 554 84.82 -16.35 -15.21
N SER A 555 84.17 -16.22 -14.06
CA SER A 555 84.64 -15.27 -13.05
C SER A 555 85.95 -15.74 -12.44
N ASN A 556 86.20 -17.05 -12.42
CA ASN A 556 87.47 -17.56 -11.92
C ASN A 556 88.62 -17.19 -12.85
N GLU A 557 88.40 -17.29 -14.16
CA GLU A 557 89.43 -16.86 -15.11
C GLU A 557 89.59 -15.35 -15.10
N LEU A 558 88.49 -14.61 -14.96
CA LEU A 558 88.58 -13.17 -14.85
C LEU A 558 89.29 -12.75 -13.56
N ALA A 559 89.22 -13.58 -12.52
CA ALA A 559 89.99 -13.30 -11.32
C ALA A 559 91.48 -13.48 -11.58
N LYS A 560 91.85 -14.47 -12.40
CA LYS A 560 93.25 -14.62 -12.78
C LYS A 560 93.72 -13.39 -13.54
N GLU A 561 92.86 -12.81 -14.36
CA GLU A 561 93.28 -11.74 -15.25
C GLU A 561 93.39 -10.39 -14.54
N GLN A 562 92.42 -10.05 -13.70
CA GLN A 562 92.41 -8.72 -13.07
C GLN A 562 92.31 -8.77 -11.55
N GLY A 563 92.40 -9.95 -10.93
CA GLY A 563 92.36 -10.06 -9.48
C GLY A 563 90.98 -10.25 -8.91
N ALA A 564 90.89 -11.05 -7.84
CA ALA A 564 89.60 -11.31 -7.20
C ALA A 564 89.03 -10.06 -6.56
N CYS A 565 87.73 -10.11 -6.27
CA CYS A 565 87.08 -8.97 -5.64
C CYS A 565 87.69 -8.73 -4.26
N PRO A 566 87.78 -7.46 -3.84
CA PRO A 566 88.49 -7.13 -2.58
C PRO A 566 88.02 -7.93 -1.37
N TRP A 567 86.72 -8.15 -1.24
CA TRP A 567 86.17 -8.84 -0.06
C TRP A 567 85.90 -10.31 -0.34
N PHE A 568 86.69 -10.93 -1.22
CA PHE A 568 86.48 -12.34 -1.56
C PHE A 568 86.73 -13.24 -0.35
N ASN A 569 87.58 -12.81 0.58
CA ASN A 569 87.88 -13.64 1.74
C ASN A 569 86.66 -13.88 2.63
N GLU A 570 85.62 -13.06 2.49
CA GLU A 570 84.41 -13.21 3.27
C GLU A 570 83.44 -14.23 2.68
N THR A 571 83.70 -14.72 1.47
CA THR A 571 82.81 -15.67 0.83
C THR A 571 83.14 -17.10 1.26
N THR A 572 82.16 -17.98 1.12
CA THR A 572 82.41 -19.41 1.34
C THR A 572 83.16 -20.03 0.18
N TYR A 573 83.17 -19.38 -0.99
CA TYR A 573 84.04 -19.81 -2.06
C TYR A 573 85.50 -19.70 -1.66
N ALA A 574 85.84 -18.69 -0.84
CA ALA A 574 87.20 -18.51 -0.37
C ALA A 574 87.65 -19.69 0.47
N LYS A 575 86.74 -20.26 1.27
CA LYS A 575 87.05 -21.44 2.07
C LYS A 575 87.02 -22.72 1.24
N GLY A 576 86.89 -22.60 -0.09
CA GLY A 576 86.84 -23.76 -0.95
C GLY A 576 85.51 -24.50 -0.95
N ILE A 577 84.43 -23.86 -0.52
CA ILE A 577 83.12 -24.49 -0.42
C ILE A 577 82.31 -24.14 -1.67
N LEU A 578 81.69 -25.15 -2.27
CA LEU A 578 80.92 -25.02 -3.49
C LEU A 578 79.44 -25.24 -3.23
N PRO A 579 78.56 -24.77 -4.13
CA PRO A 579 77.12 -25.00 -3.93
C PRO A 579 76.76 -26.47 -3.83
N ILE A 580 77.56 -27.36 -4.42
CA ILE A 580 77.30 -28.79 -4.45
C ILE A 580 77.53 -29.42 -3.09
N ASP A 581 78.02 -28.63 -2.14
CA ASP A 581 78.24 -29.10 -0.78
C ASP A 581 77.14 -28.70 0.19
N THR A 582 76.70 -27.44 0.11
CA THR A 582 75.78 -26.86 1.07
C THR A 582 74.31 -26.97 0.68
N TYR A 583 73.99 -27.57 -0.48
CA TYR A 583 72.61 -27.65 -0.92
C TYR A 583 71.80 -28.54 0.02
N LYS A 584 70.48 -28.39 -0.05
CA LYS A 584 69.60 -29.16 0.83
C LYS A 584 69.51 -30.60 0.32
N LYS A 585 69.80 -31.55 1.21
CA LYS A 585 69.95 -32.94 0.80
C LYS A 585 68.64 -33.57 0.33
N ASP A 586 67.49 -32.98 0.64
CA ASP A 586 66.22 -33.54 0.19
C ASP A 586 66.10 -33.57 -1.33
N LEU A 587 66.96 -32.84 -2.04
CA LEU A 587 66.95 -32.88 -3.49
C LEU A 587 67.36 -34.24 -4.03
N ASP A 588 68.09 -35.03 -3.22
CA ASP A 588 68.52 -36.35 -3.64
C ASP A 588 67.37 -37.32 -3.82
N THR A 589 66.18 -37.00 -3.33
CA THR A 589 65.03 -37.87 -3.46
C THR A 589 64.12 -37.48 -4.61
N ILE A 590 64.45 -36.40 -5.33
CA ILE A 590 63.65 -35.96 -6.48
C ILE A 590 64.47 -35.79 -7.74
N ALA A 591 65.77 -36.11 -7.71
CA ALA A 591 66.59 -36.03 -8.93
C ALA A 591 67.85 -36.85 -8.73
N ASN A 592 68.19 -37.67 -9.73
CA ASN A 592 69.39 -38.51 -9.67
C ASN A 592 70.37 -38.19 -10.79
N GLU A 593 70.33 -36.99 -11.34
CA GLU A 593 71.26 -36.65 -12.43
C GLU A 593 72.66 -36.43 -11.86
N PRO A 594 73.67 -37.09 -12.42
CA PRO A 594 75.04 -36.89 -11.93
C PRO A 594 75.69 -35.63 -12.48
N LEU A 595 76.65 -35.12 -11.72
CA LEU A 595 77.44 -33.98 -12.15
C LEU A 595 78.31 -34.35 -13.34
N HIS A 596 78.26 -33.54 -14.39
CA HIS A 596 78.98 -33.84 -15.61
C HIS A 596 80.27 -33.04 -15.77
N TYR A 597 80.45 -31.98 -15.00
CA TYR A 597 81.61 -31.11 -15.11
C TYR A 597 82.56 -31.34 -13.95
N ASP A 598 83.83 -30.95 -14.16
CA ASP A 598 84.89 -31.19 -13.19
C ASP A 598 84.85 -30.10 -12.13
N TRP A 599 84.05 -30.33 -11.10
CA TRP A 599 83.93 -29.34 -10.03
C TRP A 599 85.13 -29.33 -9.08
N GLU A 600 85.82 -30.47 -8.95
CA GLU A 600 86.95 -30.52 -8.02
C GLU A 600 88.11 -29.69 -8.54
N ALA A 601 88.36 -29.72 -9.85
CA ALA A 601 89.35 -28.84 -10.43
C ALA A 601 88.94 -27.39 -10.27
N LEU A 602 87.64 -27.12 -10.42
CA LEU A 602 87.15 -25.75 -10.22
C LEU A 602 87.31 -25.34 -8.76
N ARG A 603 87.01 -26.25 -7.84
CA ARG A 603 87.20 -25.96 -6.42
C ARG A 603 88.64 -25.59 -6.13
N GLU A 604 89.58 -26.32 -6.72
CA GLU A 604 91.00 -26.02 -6.53
C GLU A 604 91.37 -24.67 -7.14
N SER A 605 90.89 -24.39 -8.35
CA SER A 605 91.24 -23.13 -9.00
C SER A 605 90.65 -21.94 -8.27
N ILE A 606 89.46 -22.10 -7.68
CA ILE A 606 88.85 -21.01 -6.92
C ILE A 606 89.59 -20.82 -5.60
N LYS A 607 90.02 -21.91 -4.97
CA LYS A 607 90.86 -21.80 -3.78
C LYS A 607 92.12 -21.01 -4.07
N THR A 608 92.67 -21.14 -5.28
CA THR A 608 93.95 -20.55 -5.65
C THR A 608 93.81 -19.13 -6.18
N HIS A 609 92.96 -18.92 -7.17
CA HIS A 609 92.89 -17.63 -7.85
C HIS A 609 91.70 -16.78 -7.44
N GLY A 610 90.70 -17.36 -6.78
CA GLY A 610 89.55 -16.61 -6.31
C GLY A 610 88.51 -16.36 -7.39
N LEU A 611 87.56 -15.50 -7.07
CA LEU A 611 86.49 -15.12 -7.97
C LEU A 611 86.47 -13.60 -8.14
N ARG A 612 86.31 -13.15 -9.38
CA ARG A 612 86.15 -11.72 -9.62
C ARG A 612 84.86 -11.20 -9.03
N ASN A 613 83.88 -12.07 -8.83
CA ASN A 613 82.56 -11.70 -8.34
C ASN A 613 82.17 -12.61 -7.19
N SER A 614 81.62 -12.01 -6.13
CA SER A 614 81.21 -12.79 -4.95
C SER A 614 80.00 -13.64 -5.24
N THR A 615 79.07 -13.14 -6.06
CA THR A 615 77.94 -13.92 -6.55
C THR A 615 77.85 -13.75 -8.06
N LEU A 616 77.15 -14.69 -8.71
CA LEU A 616 77.05 -14.67 -10.16
C LEU A 616 75.63 -14.92 -10.65
N SER A 617 74.94 -15.90 -10.07
CA SER A 617 73.66 -16.35 -10.60
C SER A 617 72.51 -15.96 -9.68
N ALA A 618 71.41 -15.52 -10.30
CA ALA A 618 70.16 -15.25 -9.61
C ALA A 618 69.05 -15.22 -10.65
N LEU A 619 67.94 -15.91 -10.37
CA LEU A 619 66.88 -16.10 -11.35
C LEU A 619 65.79 -15.04 -11.13
N MET A 620 65.82 -13.98 -11.96
CA MET A 620 64.85 -12.89 -11.88
C MET A 620 63.69 -13.13 -12.84
N PRO A 621 62.56 -12.46 -12.61
CA PRO A 621 61.40 -12.67 -13.50
C PRO A 621 61.60 -12.20 -14.92
N SER A 622 62.42 -11.18 -15.15
CA SER A 622 62.65 -10.61 -16.48
C SER A 622 61.33 -10.27 -17.17
N GLU A 623 60.43 -9.63 -16.42
CA GLU A 623 59.09 -9.31 -16.90
C GLU A 623 59.13 -8.56 -18.22
N THR A 624 59.96 -7.53 -18.31
CA THR A 624 60.06 -6.70 -19.51
C THR A 624 61.19 -7.14 -20.42
N SER A 625 62.36 -7.42 -19.87
CA SER A 625 63.54 -7.67 -20.69
C SER A 625 63.43 -8.92 -21.54
N SER A 626 62.70 -9.94 -21.07
CA SER A 626 62.62 -11.19 -21.82
C SER A 626 61.83 -11.01 -23.11
N GLN A 627 60.92 -10.03 -23.15
CA GLN A 627 60.11 -9.80 -24.33
C GLN A 627 60.93 -9.36 -25.54
N ILE A 628 62.15 -8.88 -25.34
CA ILE A 628 62.97 -8.46 -26.48
C ILE A 628 63.25 -9.64 -27.40
N SER A 629 63.61 -10.78 -26.84
CA SER A 629 63.83 -12.00 -27.61
C SER A 629 62.56 -12.81 -27.79
N ASN A 630 61.40 -12.25 -27.46
CA ASN A 630 60.12 -12.95 -27.49
C ASN A 630 60.19 -14.26 -26.70
N ALA A 631 60.97 -14.26 -25.64
CA ALA A 631 61.14 -15.43 -24.81
C ALA A 631 60.06 -15.49 -23.73
N THR A 632 59.85 -16.69 -23.19
CA THR A 632 58.98 -16.84 -22.04
C THR A 632 59.71 -16.32 -20.80
N ASN A 633 59.06 -15.42 -20.07
CA ASN A 633 59.74 -14.68 -19.01
C ASN A 633 60.32 -15.60 -17.94
N GLY A 634 61.64 -15.56 -17.80
CA GLY A 634 62.30 -16.30 -16.74
C GLY A 634 61.97 -17.78 -16.78
N ILE A 635 61.73 -18.35 -15.60
CA ILE A 635 61.39 -19.76 -15.48
C ILE A 635 59.90 -20.00 -15.43
N GLU A 636 59.07 -18.96 -15.55
CA GLU A 636 57.64 -19.15 -15.41
C GLU A 636 57.03 -19.70 -16.70
N PRO A 637 56.03 -20.57 -16.58
CA PRO A 637 55.28 -21.02 -17.75
C PRO A 637 54.34 -19.94 -18.25
N PRO A 638 54.21 -19.78 -19.57
CA PRO A 638 53.35 -18.71 -20.10
C PRO A 638 51.90 -18.90 -19.71
N ARG A 639 51.19 -17.78 -19.58
CA ARG A 639 49.79 -17.85 -19.20
C ARG A 639 48.95 -18.49 -20.30
N GLY A 640 49.29 -18.23 -21.57
CA GLY A 640 48.61 -18.85 -22.69
C GLY A 640 49.50 -18.86 -23.90
N TYR A 641 49.02 -19.52 -24.96
CA TYR A 641 49.78 -19.53 -26.21
C TYR A 641 49.97 -18.12 -26.73
N VAL A 642 48.96 -17.27 -26.58
CA VAL A 642 49.06 -15.84 -26.82
C VAL A 642 48.79 -15.14 -25.50
N SER A 643 49.85 -14.61 -24.88
CA SER A 643 49.73 -13.95 -23.59
C SER A 643 49.50 -12.45 -23.79
N ILE A 644 48.70 -11.87 -22.89
CA ILE A 644 48.47 -10.44 -22.87
C ILE A 644 49.40 -9.84 -21.83
N LYS A 645 50.27 -8.93 -22.26
CA LYS A 645 51.22 -8.30 -21.36
C LYS A 645 51.04 -6.78 -21.40
N ALA A 646 51.48 -6.14 -20.32
CA ALA A 646 51.22 -4.72 -20.12
C ALA A 646 52.25 -3.86 -20.84
N SER A 647 51.85 -2.63 -21.15
CA SER A 647 52.69 -1.68 -21.85
C SER A 647 52.28 -0.27 -21.46
N LYS A 648 53.18 0.69 -21.72
CA LYS A 648 52.87 2.08 -21.42
C LYS A 648 51.78 2.62 -22.32
N ASP A 649 51.71 2.15 -23.57
CA ASP A 649 50.61 2.55 -24.44
C ASP A 649 49.32 1.82 -24.06
N GLY A 650 49.34 0.49 -24.13
CA GLY A 650 48.18 -0.30 -23.81
C GLY A 650 48.52 -1.76 -23.58
N ILE A 651 47.81 -2.67 -24.26
CA ILE A 651 48.02 -4.10 -24.11
C ILE A 651 48.82 -4.62 -25.30
N LEU A 652 49.59 -5.68 -25.05
CA LEU A 652 50.43 -6.33 -26.05
C LEU A 652 50.10 -7.80 -26.13
N ARG A 653 50.11 -8.33 -27.35
CA ARG A 653 49.94 -9.77 -27.58
C ARG A 653 51.29 -10.39 -27.90
N GLN A 654 51.68 -11.41 -27.13
CA GLN A 654 52.96 -12.07 -27.31
C GLN A 654 52.74 -13.56 -27.57
N VAL A 655 53.20 -14.04 -28.72
CA VAL A 655 53.10 -15.46 -29.07
C VAL A 655 54.24 -16.24 -28.43
N VAL A 656 53.95 -17.44 -27.96
CA VAL A 656 55.01 -18.28 -27.41
C VAL A 656 55.99 -18.59 -28.53
N PRO A 657 57.29 -18.72 -28.24
CA PRO A 657 58.24 -19.00 -29.33
C PRO A 657 57.98 -20.37 -29.94
N ASP A 658 58.02 -20.40 -31.28
CA ASP A 658 57.85 -21.64 -32.05
C ASP A 658 56.49 -22.28 -31.75
N TYR A 659 55.44 -21.45 -31.79
CA TYR A 659 54.10 -21.92 -31.46
C TYR A 659 53.63 -23.00 -32.41
N GLU A 660 53.81 -22.77 -33.72
CA GLU A 660 53.26 -23.67 -34.74
C GLU A 660 53.78 -25.10 -34.59
N HIS A 661 55.04 -25.27 -34.19
CA HIS A 661 55.64 -26.60 -34.09
C HIS A 661 55.58 -27.17 -32.67
N LEU A 662 55.22 -26.37 -31.66
CA LEU A 662 55.35 -26.81 -30.28
C LEU A 662 54.15 -26.50 -29.40
N HIS A 663 52.98 -26.20 -29.97
CA HIS A 663 51.84 -25.86 -29.13
C HIS A 663 51.42 -27.02 -28.24
N ASP A 664 51.78 -28.25 -28.61
CA ASP A 664 51.46 -29.40 -27.77
C ASP A 664 52.50 -29.60 -26.67
N ALA A 665 53.75 -29.21 -26.92
CA ALA A 665 54.81 -29.47 -25.96
C ALA A 665 54.72 -28.54 -24.76
N TYR A 666 54.17 -27.34 -24.94
CA TYR A 666 54.04 -26.41 -23.84
C TYR A 666 53.05 -26.92 -22.79
N GLU A 667 53.32 -26.59 -21.54
CA GLU A 667 52.37 -26.77 -20.45
C GLU A 667 52.08 -25.37 -19.91
N LEU A 668 50.89 -24.85 -20.23
CA LEU A 668 50.53 -23.50 -19.83
C LEU A 668 50.34 -23.40 -18.32
N LEU A 669 50.29 -22.16 -17.82
CA LEU A 669 50.30 -21.91 -16.38
C LEU A 669 49.15 -22.60 -15.67
N TRP A 670 47.94 -22.48 -16.22
CA TRP A 670 46.76 -23.03 -15.55
C TRP A 670 46.43 -24.45 -15.98
N GLU A 671 47.25 -25.04 -16.84
CA GLU A 671 47.16 -26.45 -17.14
C GLU A 671 47.89 -27.31 -16.10
N MET A 672 48.53 -26.67 -15.11
CA MET A 672 49.27 -27.42 -14.10
C MET A 672 48.32 -27.86 -13.00
N PRO A 673 48.41 -29.11 -12.55
CA PRO A 673 47.54 -29.59 -11.46
C PRO A 673 47.84 -28.91 -10.15
N GLY A 674 49.12 -28.81 -9.81
CA GLY A 674 49.51 -28.19 -8.55
C GLY A 674 50.84 -27.49 -8.63
N ASN A 675 51.46 -27.25 -7.47
CA ASN A 675 52.73 -26.55 -7.41
C ASN A 675 53.93 -27.47 -7.17
N ASP A 676 53.72 -28.76 -6.90
CA ASP A 676 54.83 -29.61 -6.50
C ASP A 676 55.87 -29.75 -7.59
N GLY A 677 55.43 -29.93 -8.84
CA GLY A 677 56.39 -30.10 -9.92
C GLY A 677 57.23 -28.87 -10.15
N TYR A 678 56.60 -27.70 -10.08
CA TYR A 678 57.34 -26.45 -10.26
C TYR A 678 58.31 -26.21 -9.11
N LEU A 679 57.81 -26.30 -7.87
CA LEU A 679 58.66 -26.05 -6.71
C LEU A 679 59.83 -27.01 -6.67
N GLN A 680 59.64 -28.24 -7.17
CA GLN A 680 60.75 -29.18 -7.23
C GLN A 680 61.80 -28.69 -8.20
N LEU A 681 61.38 -28.13 -9.35
CA LEU A 681 62.33 -27.58 -10.30
C LEU A 681 63.05 -26.38 -9.70
N VAL A 682 62.33 -25.54 -8.95
CA VAL A 682 62.97 -24.42 -8.29
C VAL A 682 63.98 -24.91 -7.26
N GLY A 683 63.61 -25.94 -6.48
CA GLY A 683 64.55 -26.50 -5.52
C GLY A 683 65.78 -27.06 -6.19
N ILE A 684 65.61 -27.68 -7.36
CA ILE A 684 66.77 -28.18 -8.09
C ILE A 684 67.61 -27.03 -8.61
N MET A 685 66.97 -26.00 -9.17
CA MET A 685 67.72 -24.82 -9.59
C MET A 685 68.48 -24.19 -8.44
N GLN A 686 67.84 -24.10 -7.27
CA GLN A 686 68.47 -23.44 -6.14
C GLN A 686 69.72 -24.17 -5.68
N LYS A 687 69.87 -25.45 -6.04
CA LYS A 687 71.09 -26.16 -5.70
C LYS A 687 72.33 -25.45 -6.22
N PHE A 688 72.23 -24.79 -7.37
CA PHE A 688 73.39 -24.15 -7.99
C PHE A 688 73.35 -22.63 -7.98
N ILE A 689 72.17 -22.01 -7.88
CA ILE A 689 72.09 -20.56 -7.92
C ILE A 689 72.71 -19.96 -6.66
N ASP A 690 73.58 -18.97 -6.84
CA ASP A 690 74.21 -18.30 -5.70
C ASP A 690 73.16 -17.63 -4.82
N GLN A 691 72.31 -16.79 -5.42
CA GLN A 691 71.31 -16.04 -4.67
C GLN A 691 69.99 -16.78 -4.65
N SER A 692 68.90 -16.14 -5.07
CA SER A 692 67.60 -16.79 -4.99
C SER A 692 66.87 -16.83 -6.32
N ILE A 693 65.60 -17.24 -6.30
CA ILE A 693 64.74 -17.39 -7.47
C ILE A 693 63.39 -16.75 -7.14
N SER A 694 62.86 -15.98 -8.09
CA SER A 694 61.55 -15.33 -7.93
C SER A 694 60.44 -16.36 -8.13
N ALA A 695 60.40 -17.32 -7.21
CA ALA A 695 59.48 -18.44 -7.34
C ALA A 695 58.04 -18.00 -7.12
N ASN A 696 57.17 -18.39 -8.05
CA ASN A 696 55.74 -18.08 -8.01
C ASN A 696 54.97 -19.30 -7.54
N THR A 697 53.91 -19.06 -6.77
CA THR A 697 52.94 -20.11 -6.46
C THR A 697 51.60 -19.74 -7.09
N ASN A 698 50.95 -20.73 -7.70
CA ASN A 698 49.73 -20.50 -8.46
C ASN A 698 48.62 -21.39 -7.92
N TYR A 699 47.38 -20.87 -7.93
CA TYR A 699 46.23 -21.58 -7.41
C TYR A 699 45.02 -21.25 -8.27
N ASP A 700 44.28 -22.29 -8.66
CA ASP A 700 43.06 -22.14 -9.44
C ASP A 700 41.86 -22.47 -8.56
N PRO A 701 41.08 -21.48 -8.11
CA PRO A 701 39.96 -21.79 -7.21
C PRO A 701 38.96 -22.78 -7.78
N SER A 702 38.77 -22.78 -9.11
CA SER A 702 37.84 -23.72 -9.72
C SER A 702 38.30 -25.16 -9.61
N ARG A 703 39.60 -25.39 -9.40
CA ARG A 703 40.11 -26.75 -9.23
C ARG A 703 39.84 -27.32 -7.84
N PHE A 704 39.16 -26.58 -6.97
CA PHE A 704 38.95 -27.04 -5.60
C PHE A 704 37.47 -27.15 -5.27
N PRO A 705 37.11 -28.05 -4.36
CA PRO A 705 35.70 -28.20 -3.99
C PRO A 705 35.14 -26.91 -3.40
N SER A 706 33.88 -26.63 -3.74
CA SER A 706 33.16 -25.43 -3.34
C SER A 706 33.81 -24.16 -3.88
N GLY A 707 34.74 -24.28 -4.82
CA GLY A 707 35.37 -23.12 -5.43
C GLY A 707 36.22 -22.28 -4.51
N LYS A 708 36.70 -22.85 -3.40
CA LYS A 708 37.52 -22.10 -2.46
C LYS A 708 38.84 -22.82 -2.22
N VAL A 709 39.92 -22.05 -2.20
CA VAL A 709 41.28 -22.59 -2.06
C VAL A 709 41.57 -22.86 -0.58
N PRO A 710 41.91 -24.09 -0.22
CA PRO A 710 42.07 -24.42 1.21
C PRO A 710 43.36 -23.86 1.78
N MET A 711 43.29 -23.44 3.05
CA MET A 711 44.49 -23.04 3.76
C MET A 711 45.45 -24.22 3.93
N GLN A 712 44.90 -25.44 3.98
CA GLN A 712 45.73 -26.64 4.09
C GLN A 712 46.70 -26.75 2.92
N GLN A 713 46.24 -26.44 1.71
CA GLN A 713 47.09 -26.56 0.53
C GLN A 713 48.12 -25.44 0.45
N LEU A 714 47.71 -24.21 0.81
CA LEU A 714 48.66 -23.11 0.82
C LEU A 714 49.82 -23.39 1.76
N LEU A 715 49.54 -23.95 2.94
CA LEU A 715 50.58 -24.22 3.92
C LEU A 715 51.41 -25.43 3.53
N LYS A 716 50.78 -26.47 2.96
CA LYS A 716 51.53 -27.65 2.56
C LYS A 716 52.51 -27.31 1.44
N ASP A 717 52.10 -26.48 0.48
CA ASP A 717 53.03 -26.03 -0.55
C ASP A 717 54.16 -25.20 0.05
N LEU A 718 53.84 -24.34 1.03
CA LEU A 718 54.86 -23.53 1.68
C LEU A 718 55.89 -24.39 2.39
N LEU A 719 55.43 -25.47 3.03
CA LEU A 719 56.36 -26.39 3.67
C LEU A 719 57.13 -27.20 2.64
N THR A 720 56.45 -27.59 1.54
CA THR A 720 57.13 -28.30 0.46
C THR A 720 58.26 -27.45 -0.12
N ALA A 721 58.03 -26.14 -0.26
CA ALA A 721 59.09 -25.28 -0.76
C ALA A 721 60.27 -25.25 0.20
N TYR A 722 60.00 -25.21 1.51
CA TYR A 722 61.10 -25.22 2.47
C TYR A 722 61.83 -26.57 2.48
N LYS A 723 61.08 -27.66 2.31
CA LYS A 723 61.70 -28.99 2.37
C LYS A 723 62.77 -29.16 1.31
N PHE A 724 62.61 -28.52 0.15
CA PHE A 724 63.55 -28.65 -0.95
C PHE A 724 64.50 -27.45 -1.06
N GLY A 725 64.61 -26.64 0.00
CA GLY A 725 65.60 -25.59 0.04
C GLY A 725 65.27 -24.34 -0.73
N VAL A 726 63.99 -24.12 -1.06
CA VAL A 726 63.61 -22.87 -1.72
C VAL A 726 63.89 -21.71 -0.77
N LYS A 727 64.63 -20.72 -1.26
CA LYS A 727 65.04 -19.61 -0.39
C LYS A 727 63.90 -18.61 -0.21
N THR A 728 63.26 -18.20 -1.29
CA THR A 728 62.25 -17.15 -1.23
C THR A 728 61.02 -17.56 -2.04
N LEU A 729 59.91 -16.89 -1.76
CA LEU A 729 58.66 -17.06 -2.52
C LEU A 729 58.17 -15.69 -2.98
N TYR A 730 57.92 -15.55 -4.28
CA TYR A 730 57.50 -14.30 -4.89
C TYR A 730 55.97 -14.21 -4.97
N TYR A 731 55.45 -13.93 -6.17
CA TYR A 731 54.02 -13.76 -6.38
C TYR A 731 53.25 -15.02 -6.01
N GLN A 732 51.99 -14.82 -5.61
CA GLN A 732 51.01 -15.89 -5.52
C GLN A 732 49.90 -15.56 -6.51
N ASN A 733 49.92 -16.21 -7.67
CA ASN A 733 48.93 -15.96 -8.71
C ASN A 733 47.65 -16.74 -8.41
N THR A 734 46.52 -16.05 -8.43
CA THR A 734 45.22 -16.67 -8.24
C THR A 734 44.36 -16.40 -9.47
N ARG A 735 43.83 -17.47 -10.05
CA ARG A 735 43.11 -17.38 -11.31
C ARG A 735 41.75 -16.69 -11.11
N ASP A 736 41.22 -16.15 -12.21
CA ASP A 736 39.90 -15.52 -12.21
C ASP A 736 39.43 -15.47 -13.67
N GLY A 737 38.74 -16.51 -14.09
CA GLY A 737 38.22 -16.58 -15.44
C GLY A 737 37.53 -17.90 -15.77
N ASN B 4 33.97 -2.24 59.05
CA ASN B 4 33.33 -3.08 58.06
C ASN B 4 34.24 -3.36 56.86
N LEU B 5 34.15 -2.50 55.84
CA LEU B 5 34.98 -2.68 54.65
C LEU B 5 36.36 -2.07 54.84
N LEU B 6 37.26 -2.41 53.92
CA LEU B 6 38.66 -2.01 53.99
C LEU B 6 39.03 -1.21 52.75
N VAL B 7 39.85 -0.19 52.95
CA VAL B 7 40.45 0.56 51.86
C VAL B 7 41.94 0.19 51.81
N THR B 8 42.51 0.22 50.62
CA THR B 8 43.92 -0.13 50.43
C THR B 8 44.74 1.16 50.32
N LYS B 9 45.64 1.36 51.29
CA LYS B 9 46.46 2.56 51.33
C LYS B 9 47.44 2.57 50.15
N ARG B 10 48.22 3.66 50.05
CA ARG B 10 49.18 3.78 48.95
C ARG B 10 50.33 2.80 49.11
N ASP B 11 50.72 2.48 50.34
CA ASP B 11 51.83 1.57 50.61
C ASP B 11 51.40 0.11 50.62
N GLY B 12 50.19 -0.19 50.20
CA GLY B 12 49.70 -1.56 50.16
C GLY B 12 48.95 -2.02 51.39
N SER B 13 49.18 -1.42 52.54
CA SER B 13 48.45 -1.83 53.73
C SER B 13 46.98 -1.40 53.61
N THR B 14 46.16 -1.93 54.51
CA THR B 14 44.73 -1.66 54.51
C THR B 14 44.28 -1.20 55.88
N GLU B 15 43.18 -0.44 55.91
CA GLU B 15 42.54 -0.05 57.15
C GLU B 15 41.06 0.18 56.86
N ARG B 16 40.28 0.31 57.93
CA ARG B 16 38.83 0.47 57.79
C ARG B 16 38.48 1.77 57.08
N ILE B 17 37.46 1.70 56.24
CA ILE B 17 36.96 2.89 55.55
C ILE B 17 36.51 3.91 56.57
N ASN B 18 37.04 5.13 56.45
CA ASN B 18 36.72 6.23 57.37
C ASN B 18 36.42 7.47 56.54
N LEU B 19 35.14 7.84 56.47
CA LEU B 19 34.75 8.99 55.67
C LEU B 19 35.33 10.30 56.19
N ASP B 20 35.75 10.33 57.45
CA ASP B 20 36.36 11.54 57.99
C ASP B 20 37.64 11.89 57.25
N LYS B 21 38.35 10.89 56.73
CA LYS B 21 39.53 11.14 55.93
C LYS B 21 39.17 11.88 54.63
N ILE B 22 38.03 11.53 54.04
CA ILE B 22 37.59 12.22 52.83
C ILE B 22 37.17 13.64 53.15
N HIS B 23 36.46 13.84 54.26
CA HIS B 23 36.08 15.18 54.68
C HIS B 23 37.31 16.07 54.87
N ARG B 24 38.34 15.54 55.56
CA ARG B 24 39.53 16.34 55.86
C ARG B 24 40.19 16.85 54.59
N VAL B 25 40.33 15.99 53.59
CA VAL B 25 40.99 16.38 52.35
C VAL B 25 40.20 17.49 51.67
N LEU B 26 38.89 17.31 51.54
CA LEU B 26 38.07 18.29 50.83
C LEU B 26 37.98 19.59 51.62
N ASP B 27 37.84 19.53 52.94
CA ASP B 27 37.83 20.76 53.74
C ASP B 27 39.13 21.53 53.58
N TRP B 28 40.26 20.81 53.45
CA TRP B 28 41.54 21.47 53.23
C TRP B 28 41.59 22.15 51.87
N ALA B 29 41.13 21.47 50.82
CA ALA B 29 41.19 22.02 49.48
C ALA B 29 40.21 23.16 49.29
N ALA B 30 39.12 23.18 50.07
CA ALA B 30 38.11 24.21 49.97
C ALA B 30 38.34 25.36 50.95
N GLU B 31 39.45 25.33 51.68
CA GLU B 31 39.76 26.36 52.68
C GLU B 31 39.88 27.72 52.01
N GLY B 32 39.09 28.69 52.51
CA GLY B 32 39.14 30.04 52.00
C GLY B 32 38.40 30.29 50.71
N LEU B 33 37.94 29.23 50.02
CA LEU B 33 37.26 29.41 48.75
C LEU B 33 35.79 29.74 48.98
N HIS B 34 35.21 30.44 48.02
CA HIS B 34 33.83 30.89 48.09
C HIS B 34 32.94 30.06 47.19
N ASN B 35 31.74 29.75 47.69
CA ASN B 35 30.67 29.14 46.91
C ASN B 35 31.04 27.74 46.42
N VAL B 36 31.81 27.01 47.21
CA VAL B 36 32.09 25.61 46.96
C VAL B 36 31.31 24.79 47.97
N SER B 37 31.26 23.48 47.74
CA SER B 37 30.49 22.58 48.60
C SER B 37 31.22 21.25 48.70
N ILE B 38 31.72 20.94 49.91
CA ILE B 38 32.26 19.60 50.16
C ILE B 38 31.22 18.54 49.88
N SER B 39 29.98 18.78 50.31
CA SER B 39 28.91 17.82 50.08
C SER B 39 28.71 17.56 48.59
N GLN B 40 28.74 18.63 47.77
CA GLN B 40 28.57 18.47 46.33
C GLN B 40 29.66 17.57 45.74
N VAL B 41 30.92 17.79 46.14
CA VAL B 41 32.01 17.00 45.58
C VAL B 41 31.84 15.53 45.95
N GLU B 42 31.46 15.25 47.20
CA GLU B 42 31.27 13.87 47.63
C GLU B 42 30.11 13.21 46.89
N LEU B 43 28.99 13.93 46.75
CA LEU B 43 27.81 13.34 46.13
C LEU B 43 28.00 13.19 44.63
N ARG B 44 28.66 14.15 43.99
CA ARG B 44 28.90 14.03 42.55
C ARG B 44 29.98 13.01 42.24
N SER B 45 30.78 12.61 43.23
CA SER B 45 31.75 11.57 42.99
C SER B 45 31.08 10.23 42.73
N HIS B 46 29.90 10.01 43.32
CA HIS B 46 29.18 8.73 43.24
C HIS B 46 30.13 7.57 43.56
N ILE B 47 30.99 7.79 44.55
CA ILE B 47 32.07 6.84 44.83
C ILE B 47 31.46 5.53 45.33
N GLN B 48 31.69 4.46 44.57
CA GLN B 48 31.16 3.13 44.87
C GLN B 48 32.21 2.39 45.69
N PHE B 49 31.98 2.28 47.00
CA PHE B 49 32.91 1.61 47.88
C PHE B 49 32.83 0.10 47.73
N TYR B 50 33.98 -0.56 47.88
CA TYR B 50 34.04 -2.01 47.90
C TYR B 50 35.24 -2.44 48.72
N ASP B 51 35.19 -3.67 49.23
CA ASP B 51 36.26 -4.18 50.09
C ASP B 51 37.55 -4.29 49.29
N GLY B 52 38.56 -3.56 49.71
CA GLY B 52 39.83 -3.51 49.00
C GLY B 52 39.95 -2.38 48.01
N ILE B 53 39.12 -1.35 48.11
CA ILE B 53 39.15 -0.24 47.17
C ILE B 53 40.45 0.54 47.35
N LYS B 54 41.14 0.79 46.25
CA LYS B 54 42.40 1.54 46.33
C LYS B 54 42.13 2.96 46.80
N THR B 55 42.96 3.44 47.73
CA THR B 55 42.79 4.79 48.22
C THR B 55 43.20 5.83 47.18
N SER B 56 44.06 5.46 46.24
CA SER B 56 44.43 6.38 45.17
C SER B 56 43.31 6.51 44.15
N ASP B 57 42.53 5.45 43.94
CA ASP B 57 41.36 5.54 43.08
C ASP B 57 40.28 6.39 43.74
N ILE B 58 40.16 6.29 45.06
CA ILE B 58 39.22 7.14 45.79
C ILE B 58 39.54 8.61 45.53
N HIS B 59 40.83 8.95 45.60
CA HIS B 59 41.22 10.35 45.43
C HIS B 59 41.01 10.82 44.00
N GLU B 60 41.38 10.01 43.01
CA GLU B 60 41.19 10.43 41.62
C GLU B 60 39.72 10.64 41.29
N THR B 61 38.82 9.94 41.99
CA THR B 61 37.40 10.14 41.75
C THR B 61 36.95 11.51 42.24
N ILE B 62 37.36 11.90 43.45
CA ILE B 62 36.91 13.18 43.99
C ILE B 62 37.59 14.36 43.30
N ILE B 63 38.75 14.15 42.67
CA ILE B 63 39.34 15.19 41.85
C ILE B 63 38.48 15.44 40.63
N LYS B 64 38.12 14.37 39.92
CA LYS B 64 37.25 14.48 38.75
C LYS B 64 35.93 15.16 39.09
N ALA B 65 35.35 14.82 40.25
CA ALA B 65 34.05 15.39 40.63
C ALA B 65 34.14 16.89 40.80
N ALA B 66 35.17 17.37 41.51
CA ALA B 66 35.32 18.81 41.72
C ALA B 66 35.63 19.53 40.41
N ALA B 67 36.35 18.87 39.50
CA ALA B 67 36.70 19.52 38.24
C ALA B 67 35.47 19.77 37.38
N ASP B 68 34.51 18.84 37.39
CA ASP B 68 33.31 19.01 36.58
C ASP B 68 32.30 19.96 37.22
N LEU B 69 32.54 20.41 38.45
CA LEU B 69 31.70 21.39 39.11
C LEU B 69 32.14 22.82 38.83
N ILE B 70 33.21 23.00 38.06
CA ILE B 70 33.64 24.34 37.67
C ILE B 70 32.55 24.99 36.83
N SER B 71 32.04 26.12 37.30
CA SER B 71 30.95 26.81 36.63
C SER B 71 31.12 28.31 36.79
N ARG B 72 30.25 29.06 36.12
CA ARG B 72 30.24 30.51 36.28
C ARG B 72 29.82 30.90 37.69
N ASP B 73 28.85 30.18 38.25
CA ASP B 73 28.31 30.51 39.57
C ASP B 73 29.23 30.07 40.69
N ALA B 74 30.12 29.11 40.43
CA ALA B 74 31.08 28.63 41.43
C ALA B 74 32.44 28.48 40.78
N PRO B 75 33.09 29.60 40.44
CA PRO B 75 34.37 29.50 39.75
C PRO B 75 35.52 29.03 40.62
N ASP B 76 35.43 29.16 41.95
CA ASP B 76 36.53 28.78 42.82
C ASP B 76 36.76 27.27 42.86
N TYR B 77 35.87 26.47 42.27
CA TYR B 77 36.14 25.06 42.14
C TYR B 77 37.39 24.80 41.31
N GLN B 78 37.81 25.79 40.51
CA GLN B 78 39.03 25.68 39.74
C GLN B 78 40.24 25.56 40.66
N TYR B 79 40.14 26.09 41.87
CA TYR B 79 41.20 25.99 42.85
C TYR B 79 41.05 24.79 43.76
N LEU B 80 39.81 24.40 44.05
CA LEU B 80 39.57 23.19 44.85
C LEU B 80 40.12 21.95 44.14
N ALA B 81 39.79 21.80 42.86
CA ALA B 81 40.27 20.63 42.11
C ALA B 81 41.77 20.67 41.89
N ALA B 82 42.36 21.86 41.77
CA ALA B 82 43.81 21.94 41.57
C ALA B 82 44.56 21.49 42.82
N ARG B 83 44.12 21.97 43.99
CA ARG B 83 44.76 21.58 45.24
C ARG B 83 44.66 20.08 45.47
N LEU B 84 43.52 19.48 45.10
CA LEU B 84 43.39 18.02 45.19
C LEU B 84 44.37 17.34 44.25
N ALA B 85 44.61 17.94 43.08
CA ALA B 85 45.51 17.34 42.10
C ALA B 85 46.97 17.54 42.47
N ILE B 86 47.32 18.71 43.00
CA ILE B 86 48.69 18.93 43.48
C ILE B 86 48.99 17.97 44.62
N PHE B 87 48.07 17.83 45.56
CA PHE B 87 48.21 16.86 46.65
C PHE B 87 48.45 15.47 46.07
N HIS B 88 47.65 15.09 45.07
CA HIS B 88 47.80 13.78 44.45
C HIS B 88 49.14 13.64 43.75
N LEU B 89 49.61 14.72 43.12
CA LEU B 89 50.87 14.65 42.39
C LEU B 89 52.07 14.59 43.33
N ARG B 90 51.94 15.18 44.54
CA ARG B 90 53.01 15.06 45.52
C ARG B 90 53.21 13.62 45.93
N LYS B 91 52.12 12.88 46.15
CA LYS B 91 52.23 11.48 46.54
C LYS B 91 52.80 10.65 45.40
N LYS B 92 52.43 10.97 44.15
CA LYS B 92 52.89 10.19 43.01
C LYS B 92 54.39 10.31 42.82
N ALA B 93 54.98 11.48 43.12
CA ALA B 93 56.39 11.71 42.87
C ALA B 93 57.26 11.51 44.11
N TYR B 94 56.74 11.74 45.31
CA TYR B 94 57.53 11.72 46.53
C TYR B 94 57.09 10.69 47.56
N GLY B 95 55.89 10.11 47.42
CA GLY B 95 55.38 9.21 48.44
C GLY B 95 54.84 9.89 49.67
N GLN B 96 54.94 11.22 49.74
CA GLN B 96 54.44 12.01 50.85
C GLN B 96 53.95 13.34 50.28
N PHE B 97 53.59 14.26 51.15
CA PHE B 97 53.18 15.56 50.65
C PHE B 97 54.35 16.53 50.53
N GLU B 98 55.12 16.69 51.61
CA GLU B 98 56.20 17.67 51.60
C GLU B 98 57.35 17.20 50.70
N PRO B 99 57.80 18.02 49.76
CA PRO B 99 58.87 17.59 48.84
C PRO B 99 60.21 17.47 49.57
N PRO B 100 61.13 16.65 49.04
CA PRO B 100 62.46 16.54 49.65
C PRO B 100 63.31 17.78 49.43
N ALA B 101 64.55 17.74 49.93
CA ALA B 101 65.48 18.84 49.70
C ALA B 101 65.84 18.91 48.23
N LEU B 102 66.15 20.13 47.77
CA LEU B 102 66.50 20.33 46.36
C LEU B 102 67.74 19.54 45.98
N TYR B 103 68.73 19.47 46.88
CA TYR B 103 69.96 18.72 46.58
C TYR B 103 69.70 17.23 46.53
N ASP B 104 69.05 16.67 47.55
CA ASP B 104 68.77 15.24 47.55
C ASP B 104 67.97 14.85 46.31
N HIS B 105 67.09 15.73 45.86
CA HIS B 105 66.28 15.45 44.67
C HIS B 105 67.15 15.38 43.43
N VAL B 106 67.96 16.42 43.20
CA VAL B 106 68.81 16.45 42.00
C VAL B 106 69.77 15.26 41.99
N VAL B 107 70.31 14.89 43.16
CA VAL B 107 71.20 13.75 43.24
C VAL B 107 70.49 12.49 42.78
N LYS B 108 69.32 12.20 43.36
CA LYS B 108 68.60 10.99 43.00
C LYS B 108 68.22 10.99 41.53
N MET B 109 67.87 12.16 41.00
CA MET B 109 67.40 12.23 39.62
C MET B 109 68.55 12.11 38.62
N VAL B 110 69.70 12.73 38.91
CA VAL B 110 70.84 12.61 38.01
C VAL B 110 71.31 11.16 37.92
N GLU B 111 71.24 10.43 39.05
CA GLU B 111 71.60 9.01 38.99
C GLU B 111 70.62 8.23 38.13
N MET B 112 69.35 8.59 38.16
CA MET B 112 68.35 7.90 37.37
C MET B 112 68.36 8.31 35.90
N GLY B 113 69.20 9.29 35.54
CA GLY B 113 69.25 9.75 34.16
C GLY B 113 68.08 10.61 33.74
N LYS B 114 67.25 11.05 34.69
CA LYS B 114 66.10 11.88 34.37
C LYS B 114 66.46 13.37 34.33
N TYR B 115 67.45 13.80 35.11
CA TYR B 115 67.96 15.15 35.06
C TYR B 115 69.29 15.19 34.32
N ASP B 116 69.66 16.38 33.88
CA ASP B 116 70.90 16.53 33.13
C ASP B 116 72.11 16.34 34.04
N ASN B 117 73.17 15.79 33.44
CA ASN B 117 74.38 15.46 34.18
C ASN B 117 75.06 16.70 34.74
N HIS B 118 74.91 17.85 34.07
CA HIS B 118 75.66 19.06 34.40
C HIS B 118 75.20 19.74 35.69
N LEU B 119 74.00 19.44 36.17
CA LEU B 119 73.47 20.15 37.33
C LEU B 119 74.36 19.97 38.55
N LEU B 120 74.90 18.76 38.75
CA LEU B 120 75.77 18.52 39.90
C LEU B 120 77.17 19.08 39.69
N GLU B 121 77.61 19.22 38.44
CA GLU B 121 78.94 19.75 38.17
C GLU B 121 78.99 21.26 38.35
N ASP B 122 77.91 21.96 37.98
CA ASP B 122 77.91 23.42 37.98
C ASP B 122 77.48 24.03 39.30
N TYR B 123 76.81 23.28 40.17
CA TYR B 123 76.36 23.79 41.45
C TYR B 123 76.86 22.89 42.56
N THR B 124 77.31 23.51 43.65
CA THR B 124 77.77 22.80 44.83
C THR B 124 76.59 22.54 45.77
N GLU B 125 76.81 21.61 46.71
CA GLU B 125 75.74 21.26 47.64
C GLU B 125 75.27 22.47 48.42
N GLU B 126 76.20 23.37 48.78
CA GLU B 126 75.80 24.60 49.46
C GLU B 126 75.00 25.51 48.53
N GLU B 127 75.31 25.49 47.23
CA GLU B 127 74.55 26.31 46.29
C GLU B 127 73.16 25.71 46.05
N PHE B 128 73.07 24.39 46.00
CA PHE B 128 71.76 23.74 45.86
C PHE B 128 70.88 24.01 47.07
N LYS B 129 71.46 23.93 48.28
CA LYS B 129 70.70 24.24 49.49
C LYS B 129 70.27 25.70 49.52
N GLN B 130 71.07 26.58 48.92
CA GLN B 130 70.73 27.99 48.91
C GLN B 130 69.54 28.26 47.98
N MET B 131 69.43 27.51 46.89
CA MET B 131 68.28 27.63 46.01
C MET B 131 67.03 26.97 46.59
N ASP B 132 67.19 25.98 47.48
CA ASP B 132 66.04 25.40 48.14
C ASP B 132 65.34 26.43 49.02
N THR B 133 66.09 27.40 49.54
CA THR B 133 65.48 28.48 50.31
C THR B 133 64.74 29.46 49.42
N PHE B 134 65.11 29.56 48.13
CA PHE B 134 64.34 30.37 47.19
C PHE B 134 62.97 29.77 46.94
N ILE B 135 62.90 28.44 46.93
CA ILE B 135 61.67 27.75 46.56
C ILE B 135 60.58 28.04 47.58
N ASP B 136 59.37 28.26 47.10
CA ASP B 136 58.18 28.43 47.93
C ASP B 136 57.19 27.38 47.43
N HIS B 137 57.22 26.20 48.06
CA HIS B 137 56.36 25.10 47.62
C HIS B 137 54.88 25.39 47.80
N ASP B 138 54.51 26.46 48.51
CA ASP B 138 53.12 26.86 48.62
C ASP B 138 52.59 27.52 47.36
N ARG B 139 53.48 27.84 46.41
CA ARG B 139 53.03 28.38 45.13
C ARG B 139 52.35 27.33 44.27
N ASP B 140 52.47 26.05 44.62
CA ASP B 140 51.67 25.01 43.98
C ASP B 140 50.19 25.17 44.31
N MET B 141 49.86 25.96 45.32
CA MET B 141 48.48 26.22 45.71
C MET B 141 47.89 27.41 44.97
N THR B 142 48.63 27.98 44.01
CA THR B 142 48.17 29.11 43.23
C THR B 142 47.78 28.74 41.81
N PHE B 143 47.91 27.47 41.43
CA PHE B 143 47.51 27.00 40.12
C PHE B 143 45.99 26.81 40.06
N SER B 144 45.46 26.83 38.85
CA SER B 144 44.09 26.40 38.60
C SER B 144 44.10 24.96 38.09
N TYR B 145 42.92 24.34 38.05
CA TYR B 145 42.85 22.93 37.69
C TYR B 145 43.36 22.68 36.27
N ALA B 146 43.03 23.58 35.34
CA ALA B 146 43.53 23.44 33.98
C ALA B 146 45.05 23.50 33.96
N ALA B 147 45.65 24.34 34.81
CA ALA B 147 47.10 24.43 34.88
C ALA B 147 47.72 23.13 35.35
N VAL B 148 47.15 22.53 36.41
CA VAL B 148 47.76 21.35 37.00
C VAL B 148 47.68 20.16 36.05
N LYS B 149 46.58 20.05 35.29
CA LYS B 149 46.45 18.94 34.36
C LYS B 149 47.47 19.04 33.23
N GLN B 150 47.73 20.27 32.77
CA GLN B 150 48.79 20.46 31.77
C GLN B 150 50.16 20.18 32.37
N LEU B 151 50.34 20.43 33.67
CA LEU B 151 51.61 20.11 34.33
C LEU B 151 51.84 18.62 34.36
N GLU B 152 50.90 17.86 34.93
CA GLU B 152 51.09 16.42 35.01
C GLU B 152 50.98 15.75 33.65
N GLY B 153 50.35 16.40 32.67
CA GLY B 153 50.16 15.79 31.39
C GLY B 153 51.31 16.00 30.43
N LYS B 154 51.94 17.18 30.47
CA LYS B 154 52.93 17.51 29.44
C LYS B 154 54.26 17.98 29.99
N TYR B 155 54.26 18.72 31.10
CA TYR B 155 55.44 19.49 31.50
C TYR B 155 56.32 18.79 32.52
N LEU B 156 55.74 18.27 33.60
CA LEU B 156 56.53 17.61 34.64
C LEU B 156 57.31 16.43 34.06
N VAL B 157 58.58 16.33 34.47
CA VAL B 157 59.42 15.22 34.00
C VAL B 157 58.78 13.90 34.41
N GLN B 158 58.58 13.03 33.43
CA GLN B 158 57.84 11.81 33.68
C GLN B 158 58.30 10.73 32.70
N ASN B 159 57.87 9.50 32.97
CA ASN B 159 58.15 8.37 32.09
C ASN B 159 56.99 8.25 31.12
N ARG B 160 57.30 8.30 29.82
CA ARG B 160 56.28 8.27 28.78
C ARG B 160 55.82 6.86 28.44
N VAL B 161 56.33 5.85 29.14
CA VAL B 161 55.85 4.48 29.01
C VAL B 161 55.25 3.97 30.32
N THR B 162 55.84 4.38 31.45
CA THR B 162 55.33 3.99 32.77
C THR B 162 54.18 4.88 33.20
N GLY B 163 54.22 6.15 32.84
CA GLY B 163 53.31 7.13 33.38
C GLY B 163 53.73 7.68 34.72
N GLU B 164 54.96 7.41 35.14
CA GLU B 164 55.45 7.78 36.46
C GLU B 164 55.85 9.25 36.47
N ILE B 165 55.26 10.02 37.38
CA ILE B 165 55.62 11.42 37.57
C ILE B 165 56.78 11.46 38.56
N TYR B 166 57.84 12.19 38.20
CA TYR B 166 59.05 12.20 38.99
C TYR B 166 59.28 13.47 39.79
N GLU B 167 58.76 14.61 39.34
CA GLU B 167 59.01 15.89 39.99
C GLU B 167 57.69 16.57 40.33
N SER B 168 57.80 17.75 40.92
CA SER B 168 56.67 18.62 41.20
C SER B 168 56.87 19.95 40.47
N ALA B 169 55.95 20.89 40.71
CA ALA B 169 55.93 22.12 39.92
C ALA B 169 57.08 23.05 40.31
N GLN B 170 57.28 23.29 41.61
CA GLN B 170 58.29 24.26 42.02
C GLN B 170 59.70 23.79 41.71
N PHE B 171 59.92 22.48 41.65
CA PHE B 171 61.23 21.98 41.19
C PHE B 171 61.43 22.27 39.71
N LEU B 172 60.37 22.12 38.90
CA LEU B 172 60.44 22.47 37.50
C LEU B 172 60.90 23.92 37.33
N TYR B 173 60.27 24.82 38.07
CA TYR B 173 60.61 26.25 37.96
C TYR B 173 62.06 26.52 38.36
N ILE B 174 62.45 26.10 39.57
CA ILE B 174 63.76 26.48 40.08
C ILE B 174 64.88 25.88 39.24
N LEU B 175 64.67 24.72 38.64
CA LEU B 175 65.72 24.10 37.85
C LEU B 175 65.78 24.67 36.43
N VAL B 176 64.64 25.09 35.88
CA VAL B 176 64.68 25.86 34.64
C VAL B 176 65.48 27.14 34.86
N ALA B 177 65.29 27.77 36.02
CA ALA B 177 66.10 28.94 36.35
C ALA B 177 67.56 28.56 36.53
N ALA B 178 67.82 27.44 37.22
CA ALA B 178 69.19 27.04 37.48
C ALA B 178 69.94 26.73 36.19
N CYS B 179 69.34 25.91 35.32
CA CYS B 179 70.04 25.46 34.12
C CYS B 179 70.30 26.62 33.15
N LEU B 180 69.32 27.51 32.99
CA LEU B 180 69.47 28.58 32.00
C LEU B 180 70.59 29.53 32.42
N PHE B 181 70.65 29.87 33.70
CA PHE B 181 71.69 30.75 34.22
C PHE B 181 72.86 29.98 34.80
N SER B 182 73.01 28.69 34.43
CA SER B 182 74.06 27.86 35.02
C SER B 182 75.45 28.34 34.65
N ASN B 183 75.60 29.03 33.52
CA ASN B 183 76.89 29.51 33.07
C ASN B 183 77.16 30.96 33.47
N TYR B 184 76.32 31.54 34.32
CA TYR B 184 76.54 32.92 34.72
C TYR B 184 77.65 33.00 35.76
N PRO B 185 78.33 34.15 35.87
CA PRO B 185 79.37 34.31 36.89
C PRO B 185 78.78 34.16 38.28
N ARG B 186 79.56 33.54 39.18
CA ARG B 186 79.06 33.22 40.50
C ARG B 186 78.77 34.46 41.34
N GLU B 187 79.26 35.63 40.93
CA GLU B 187 78.92 36.85 41.65
C GLU B 187 77.47 37.24 41.41
N THR B 188 76.91 36.89 40.24
CA THR B 188 75.54 37.26 39.91
C THR B 188 74.67 36.08 39.50
N ARG B 189 75.18 34.84 39.55
CA ARG B 189 74.41 33.70 39.06
C ARG B 189 73.16 33.48 39.89
N LEU B 190 73.32 33.22 41.19
CA LEU B 190 72.17 32.92 42.03
C LEU B 190 71.22 34.11 42.18
N GLN B 191 71.71 35.34 41.97
CA GLN B 191 70.80 36.48 41.95
C GLN B 191 69.78 36.34 40.84
N TYR B 192 70.24 35.98 39.63
CA TYR B 192 69.32 35.77 38.52
C TYR B 192 68.48 34.53 38.75
N VAL B 193 69.09 33.47 39.30
CA VAL B 193 68.36 32.23 39.51
C VAL B 193 67.16 32.47 40.41
N LYS B 194 67.35 33.23 41.49
CA LYS B 194 66.23 33.58 42.36
C LYS B 194 65.25 34.51 41.65
N ARG B 195 65.77 35.54 40.97
CA ARG B 195 64.89 36.51 40.34
C ARG B 195 64.06 35.87 39.24
N PHE B 196 64.68 35.02 38.42
CA PHE B 196 63.94 34.40 37.32
C PHE B 196 62.96 33.35 37.82
N TYR B 197 63.30 32.65 38.90
CA TYR B 197 62.35 31.71 39.50
C TYR B 197 61.11 32.43 40.00
N ASP B 198 61.30 33.54 40.73
CA ASP B 198 60.14 34.31 41.20
C ASP B 198 59.28 34.80 40.05
N ALA B 199 59.91 35.20 38.94
CA ALA B 199 59.16 35.77 37.82
C ALA B 199 58.24 34.75 37.17
N VAL B 200 58.71 33.50 37.03
CA VAL B 200 57.90 32.50 36.34
C VAL B 200 56.97 31.76 37.30
N SER B 201 57.35 31.64 38.57
CA SER B 201 56.52 30.93 39.53
C SER B 201 55.38 31.78 40.05
N THR B 202 55.46 33.11 39.91
CA THR B 202 54.36 34.01 40.21
C THR B 202 53.69 34.52 38.95
N PHE B 203 53.95 33.87 37.82
CA PHE B 203 53.23 34.08 36.56
C PHE B 203 53.46 35.49 35.98
N LYS B 204 54.65 36.04 36.19
CA LYS B 204 55.00 37.27 35.48
C LYS B 204 55.46 36.96 34.05
N ILE B 205 56.18 35.86 33.88
CA ILE B 205 56.66 35.40 32.59
C ILE B 205 56.11 34.01 32.34
N SER B 206 55.66 33.77 31.11
CA SER B 206 55.13 32.47 30.70
C SER B 206 56.17 31.77 29.85
N LEU B 207 56.45 30.49 30.16
CA LEU B 207 57.43 29.75 29.40
C LEU B 207 56.76 28.73 28.48
N PRO B 208 57.33 28.50 27.30
CA PRO B 208 56.69 27.62 26.31
C PRO B 208 56.82 26.15 26.68
N THR B 209 56.11 25.31 25.92
CA THR B 209 56.10 23.88 26.18
C THR B 209 57.49 23.24 26.20
N PRO B 210 58.36 23.44 25.20
CA PRO B 210 59.66 22.76 25.27
C PRO B 210 60.54 23.22 26.41
N ILE B 211 60.41 24.48 26.84
CA ILE B 211 61.16 24.96 27.99
C ILE B 211 60.60 24.36 29.29
N MET B 212 59.28 24.29 29.41
CA MET B 212 58.67 23.76 30.62
C MET B 212 58.98 22.28 30.79
N SER B 213 58.84 21.51 29.71
CA SER B 213 59.04 20.06 29.78
C SER B 213 60.47 19.63 29.53
N GLY B 214 61.35 20.54 29.10
CA GLY B 214 62.68 20.15 28.70
C GLY B 214 63.81 20.58 29.63
N VAL B 215 63.89 21.88 29.93
CA VAL B 215 65.06 22.45 30.57
C VAL B 215 65.26 21.87 31.97
N ARG B 216 66.11 20.83 32.03
CA ARG B 216 66.64 20.15 33.22
C ARG B 216 66.86 18.67 32.89
N THR B 217 66.48 18.26 31.68
CA THR B 217 66.58 16.89 31.20
C THR B 217 67.83 16.70 30.37
N PRO B 218 68.30 15.45 30.24
CA PRO B 218 69.50 15.20 29.41
C PRO B 218 69.39 15.73 27.99
N THR B 219 68.31 15.44 27.29
CA THR B 219 68.14 15.89 25.92
C THR B 219 67.82 17.39 25.89
N ARG B 220 68.67 18.18 25.24
CA ARG B 220 68.58 19.65 25.27
C ARG B 220 68.13 20.18 23.92
N GLN B 221 66.82 20.35 23.76
CA GLN B 221 66.28 21.08 22.62
C GLN B 221 65.02 21.78 23.08
N PHE B 222 65.01 23.11 22.99
CA PHE B 222 63.97 23.91 23.61
C PHE B 222 63.41 25.01 22.70
N SER B 223 63.73 24.99 21.41
CA SER B 223 63.18 25.97 20.48
C SER B 223 61.85 25.45 19.94
N SER B 224 60.80 26.27 20.08
CA SER B 224 59.46 25.83 19.69
C SER B 224 59.30 25.77 18.18
N CYS B 225 59.90 26.70 17.45
CA CYS B 225 59.66 26.87 16.03
C CYS B 225 60.92 26.56 15.24
N VAL B 226 60.77 25.77 14.18
CA VAL B 226 61.85 25.41 13.28
C VAL B 226 61.40 25.70 11.86
N LEU B 227 62.16 26.53 11.15
CA LEU B 227 61.84 26.93 9.80
C LEU B 227 62.90 26.36 8.85
N ILE B 228 62.48 25.49 7.95
CA ILE B 228 63.37 24.84 6.99
C ILE B 228 62.97 25.29 5.59
N GLU B 229 63.95 25.72 4.81
CA GLU B 229 63.74 26.10 3.42
C GLU B 229 64.25 24.97 2.53
N CYS B 230 63.47 24.60 1.53
CA CYS B 230 63.79 23.47 0.67
C CYS B 230 64.12 23.98 -0.72
N GLY B 231 65.29 23.58 -1.23
CA GLY B 231 65.66 23.92 -2.58
C GLY B 231 65.07 22.95 -3.60
N ASP B 232 65.22 23.30 -4.87
CA ASP B 232 64.59 22.54 -5.95
C ASP B 232 65.52 21.43 -6.44
N SER B 233 65.92 20.58 -5.50
CA SER B 233 66.81 19.47 -5.80
C SER B 233 66.51 18.31 -4.87
N LEU B 234 66.87 17.10 -5.33
CA LEU B 234 66.70 15.91 -4.49
C LEU B 234 67.57 15.97 -3.25
N ASP B 235 68.79 16.52 -3.37
CA ASP B 235 69.66 16.63 -2.22
C ASP B 235 69.06 17.56 -1.17
N SER B 236 68.35 18.60 -1.59
CA SER B 236 67.69 19.49 -0.65
C SER B 236 66.45 18.85 -0.04
N ILE B 237 65.67 18.14 -0.86
CA ILE B 237 64.49 17.44 -0.34
C ILE B 237 64.91 16.39 0.69
N ASN B 238 65.96 15.63 0.38
CA ASN B 238 66.46 14.64 1.33
C ASN B 238 66.94 15.31 2.62
N ALA B 239 67.66 16.42 2.50
CA ALA B 239 68.13 17.13 3.68
C ALA B 239 66.97 17.69 4.49
N THR B 240 65.99 18.28 3.81
CA THR B 240 64.84 18.85 4.51
C THR B 240 64.09 17.78 5.30
N SER B 241 63.82 16.64 4.68
CA SER B 241 63.10 15.58 5.37
C SER B 241 63.85 15.13 6.62
N SER B 242 65.16 14.93 6.51
CA SER B 242 65.95 14.50 7.66
C SER B 242 65.90 15.53 8.77
N ALA B 243 65.97 16.81 8.42
CA ALA B 243 65.89 17.86 9.44
C ALA B 243 64.53 17.86 10.12
N ILE B 244 63.47 17.68 9.34
CA ILE B 244 62.12 17.59 9.91
C ILE B 244 62.05 16.47 10.94
N VAL B 245 62.47 15.27 10.54
CA VAL B 245 62.41 14.11 11.43
C VAL B 245 63.18 14.37 12.71
N LYS B 246 64.38 14.98 12.59
CA LYS B 246 65.19 15.24 13.78
C LYS B 246 64.52 16.22 14.73
N TYR B 247 63.94 17.30 14.21
CA TYR B 247 63.44 18.34 15.11
C TYR B 247 62.06 18.02 15.67
N VAL B 248 61.18 17.37 14.90
CA VAL B 248 59.89 16.98 15.51
C VAL B 248 60.14 15.98 16.63
N SER B 249 61.18 15.16 16.51
CA SER B 249 61.48 14.21 17.57
C SER B 249 62.02 14.89 18.82
N GLN B 250 62.36 16.18 18.74
CA GLN B 250 62.89 16.91 19.88
C GLN B 250 62.07 18.16 20.15
N ARG B 251 60.74 17.98 20.27
CA ARG B 251 59.83 19.01 20.76
C ARG B 251 59.83 20.27 19.87
N ALA B 252 59.60 20.10 18.58
CA ALA B 252 59.63 21.24 17.68
C ALA B 252 58.47 21.20 16.69
N GLY B 253 58.01 22.38 16.32
CA GLY B 253 57.01 22.55 15.27
C GLY B 253 57.65 23.16 14.05
N ILE B 254 57.39 22.55 12.89
CA ILE B 254 58.15 22.83 11.68
C ILE B 254 57.40 23.80 10.78
N GLY B 255 58.16 24.64 10.10
CA GLY B 255 57.67 25.42 8.97
C GLY B 255 58.49 25.08 7.74
N ILE B 256 57.84 24.55 6.71
CA ILE B 256 58.51 24.08 5.51
C ILE B 256 58.20 25.04 4.37
N ASN B 257 59.23 25.41 3.62
CA ASN B 257 59.09 26.31 2.47
C ASN B 257 59.43 25.49 1.21
N ALA B 258 58.42 24.80 0.68
CA ALA B 258 58.57 24.01 -0.53
C ALA B 258 58.07 24.75 -1.77
N GLY B 259 58.13 26.09 -1.76
CA GLY B 259 57.72 26.84 -2.93
C GLY B 259 58.70 26.80 -4.08
N ARG B 260 59.97 26.50 -3.80
CA ARG B 260 60.98 26.45 -4.85
C ARG B 260 60.86 25.21 -5.72
N ILE B 261 60.17 24.16 -5.24
CA ILE B 261 60.07 22.92 -6.01
C ILE B 261 59.34 23.20 -7.31
N ARG B 262 59.93 22.76 -8.42
CA ARG B 262 59.37 23.03 -9.74
C ARG B 262 58.06 22.26 -9.92
N ALA B 263 57.28 22.71 -10.91
CA ALA B 263 55.92 22.22 -11.09
C ALA B 263 55.90 20.89 -11.83
N LEU B 264 54.76 20.22 -11.74
CA LEU B 264 54.55 18.94 -12.42
C LEU B 264 54.74 19.09 -13.92
N GLY B 265 55.52 18.19 -14.51
CA GLY B 265 55.73 18.16 -15.94
C GLY B 265 56.95 18.89 -16.44
N SER B 266 57.63 19.65 -15.58
CA SER B 266 58.81 20.37 -16.00
C SER B 266 59.92 19.38 -16.36
N PRO B 267 60.80 19.73 -17.30
CA PRO B 267 61.88 18.82 -17.68
C PRO B 267 62.92 18.68 -16.57
N ILE B 268 63.53 17.49 -16.52
CA ILE B 268 64.60 17.18 -15.59
C ILE B 268 65.79 16.70 -16.41
N ARG B 269 66.95 17.34 -16.20
CA ARG B 269 68.15 17.08 -16.99
C ARG B 269 67.83 17.22 -18.48
N GLY B 270 67.07 18.26 -18.81
CA GLY B 270 66.73 18.54 -20.20
C GLY B 270 65.83 17.54 -20.85
N GLY B 271 65.04 16.80 -20.08
CA GLY B 271 64.13 15.82 -20.62
C GLY B 271 64.50 14.37 -20.37
N GLU B 272 65.51 14.09 -19.55
CA GLU B 272 65.81 12.70 -19.22
C GLU B 272 64.70 12.10 -18.36
N ALA B 273 63.97 12.93 -17.62
CA ALA B 273 62.90 12.45 -16.76
C ALA B 273 61.76 13.46 -16.73
N PHE B 274 60.58 12.94 -16.38
CA PHE B 274 59.36 13.74 -16.24
C PHE B 274 59.13 14.00 -14.75
N HIS B 275 59.05 15.29 -14.38
CA HIS B 275 58.88 15.67 -12.98
C HIS B 275 57.53 15.21 -12.46
N THR B 276 57.54 14.34 -11.43
CA THR B 276 56.30 13.77 -10.90
C THR B 276 55.39 14.82 -10.27
N GLY B 277 55.94 15.94 -9.81
CA GLY B 277 55.15 17.03 -9.26
C GLY B 277 55.54 17.33 -7.82
N CYS B 278 54.91 18.40 -7.30
CA CYS B 278 55.16 18.82 -5.92
C CYS B 278 54.51 17.89 -4.91
N ILE B 279 53.28 17.47 -5.18
CA ILE B 279 52.47 16.72 -4.23
C ILE B 279 53.17 15.46 -3.72
N PRO B 280 53.80 14.64 -4.58
CA PRO B 280 54.52 13.47 -4.04
C PRO B 280 55.61 13.83 -3.04
N PHE B 281 56.25 14.98 -3.20
CA PHE B 281 57.27 15.40 -2.24
C PHE B 281 56.63 16.00 -1.00
N TYR B 282 55.49 16.69 -1.16
CA TYR B 282 54.72 17.12 -0.01
C TYR B 282 54.33 15.92 0.85
N LYS B 283 53.94 14.81 0.20
CA LYS B 283 53.61 13.59 0.93
C LYS B 283 54.81 13.07 1.71
N HIS B 284 56.02 13.21 1.16
CA HIS B 284 57.21 12.78 1.90
C HIS B 284 57.45 13.66 3.11
N PHE B 285 57.23 14.98 2.97
CA PHE B 285 57.36 15.88 4.10
C PHE B 285 56.34 15.56 5.18
N GLN B 286 55.13 15.13 4.78
CA GLN B 286 54.11 14.82 5.77
C GLN B 286 54.51 13.60 6.60
N THR B 287 54.97 12.53 5.94
CA THR B 287 55.39 11.35 6.68
C THR B 287 56.59 11.64 7.55
N ALA B 288 57.42 12.61 7.16
CA ALA B 288 58.52 13.03 8.01
C ALA B 288 58.00 13.62 9.31
N VAL B 289 56.96 14.45 9.21
CA VAL B 289 56.40 15.08 10.41
C VAL B 289 55.68 14.05 11.27
N LYS B 290 54.89 13.18 10.65
CA LYS B 290 54.05 12.24 11.39
C LYS B 290 54.82 11.00 11.86
N SER B 291 56.09 10.86 11.49
CA SER B 291 56.83 9.67 11.90
C SER B 291 57.05 9.63 13.40
N CYS B 292 57.14 10.79 14.04
CA CYS B 292 57.50 10.84 15.46
C CYS B 292 56.49 11.62 16.30
N SER B 293 56.86 11.83 17.57
CA SER B 293 56.16 12.71 18.49
C SER B 293 57.17 13.72 19.04
N GLN B 294 56.64 14.85 19.53
CA GLN B 294 57.49 15.95 20.00
C GLN B 294 58.03 15.64 21.40
N GLY B 295 59.02 14.75 21.44
CA GLY B 295 59.61 14.38 22.72
C GLY B 295 58.69 13.65 23.66
N GLY B 296 57.65 13.01 23.14
CA GLY B 296 56.65 12.38 23.99
C GLY B 296 55.64 13.32 24.59
N VAL B 297 55.71 14.61 24.28
CA VAL B 297 54.80 15.59 24.84
C VAL B 297 53.53 15.72 24.02
N ARG B 298 53.68 15.97 22.72
CA ARG B 298 52.57 16.14 21.80
C ARG B 298 52.93 15.50 20.47
N GLY B 299 52.02 15.62 19.49
CA GLY B 299 52.26 15.09 18.17
C GLY B 299 53.02 16.07 17.27
N GLY B 300 53.55 15.53 16.17
CA GLY B 300 54.26 16.38 15.21
C GLY B 300 53.32 17.16 14.32
N ALA B 301 53.65 18.42 14.09
CA ALA B 301 52.86 19.31 13.25
C ALA B 301 53.78 20.20 12.42
N ALA B 302 53.29 20.62 11.26
CA ALA B 302 54.07 21.47 10.37
C ALA B 302 53.14 22.24 9.44
N THR B 303 53.63 23.39 8.98
CA THR B 303 52.93 24.22 7.99
C THR B 303 53.83 24.40 6.78
N LEU B 304 53.30 24.14 5.59
CA LEU B 304 54.03 24.24 4.34
C LEU B 304 53.63 25.50 3.60
N PHE B 305 54.62 26.15 2.98
CA PHE B 305 54.42 27.44 2.33
C PHE B 305 54.74 27.33 0.84
N TYR B 306 53.97 28.07 0.04
CA TYR B 306 54.20 28.18 -1.40
C TYR B 306 53.61 29.49 -1.88
N PRO B 307 54.19 30.11 -2.89
CA PRO B 307 53.64 31.37 -3.40
C PRO B 307 52.34 31.13 -4.16
N MET B 308 51.47 32.15 -4.12
CA MET B 308 50.17 32.07 -4.77
C MET B 308 50.30 31.91 -6.29
N TRP B 309 51.37 32.43 -6.88
CA TRP B 309 51.56 32.39 -8.32
C TRP B 309 52.23 31.12 -8.80
N HIS B 310 52.39 30.12 -7.91
CA HIS B 310 52.96 28.85 -8.33
C HIS B 310 52.05 28.18 -9.35
N LEU B 311 52.66 27.35 -10.20
CA LEU B 311 51.90 26.75 -11.30
C LEU B 311 50.88 25.75 -10.78
N GLU B 312 51.22 24.99 -9.75
CA GLU B 312 50.32 23.99 -9.20
C GLU B 312 49.36 24.54 -8.15
N VAL B 313 49.26 25.87 -8.03
CA VAL B 313 48.58 26.48 -6.88
C VAL B 313 47.12 26.04 -6.78
N GLU B 314 46.47 25.76 -7.91
CA GLU B 314 45.09 25.31 -7.85
C GLU B 314 44.99 23.90 -7.28
N SER B 315 46.03 23.09 -7.48
CA SER B 315 46.04 21.74 -6.94
C SER B 315 46.50 21.71 -5.48
N LEU B 316 47.36 22.65 -5.10
CA LEU B 316 47.87 22.68 -3.73
C LEU B 316 46.85 23.25 -2.76
N LEU B 317 45.97 24.13 -3.23
CA LEU B 317 45.01 24.78 -2.36
C LEU B 317 43.96 23.79 -1.83
N VAL B 318 43.77 22.67 -2.48
CA VAL B 318 42.73 21.71 -2.11
C VAL B 318 43.32 20.48 -1.43
N LEU B 319 44.56 20.58 -0.95
CA LEU B 319 45.26 19.42 -0.40
C LEU B 319 44.65 18.93 0.91
N LYS B 320 43.89 19.78 1.61
CA LYS B 320 43.22 19.39 2.84
C LYS B 320 41.75 19.05 2.64
N ASN B 321 41.17 19.42 1.50
CA ASN B 321 39.79 19.08 1.19
C ASN B 321 39.56 17.59 1.33
N ASN B 322 38.66 17.22 2.23
CA ASN B 322 38.43 15.82 2.60
C ASN B 322 37.76 15.01 1.49
N ARG B 323 37.32 15.62 0.41
CA ARG B 323 36.75 14.90 -0.72
C ARG B 323 37.83 14.74 -1.79
N GLY B 324 38.11 13.50 -2.15
CA GLY B 324 39.07 13.24 -3.20
C GLY B 324 39.92 12.02 -2.93
N VAL B 325 40.62 11.54 -3.96
CA VAL B 325 41.43 10.35 -3.81
C VAL B 325 42.72 10.68 -3.07
N GLU B 326 43.36 9.63 -2.54
CA GLU B 326 44.59 9.80 -1.79
C GLU B 326 45.72 10.33 -2.65
N GLY B 327 45.61 10.16 -3.98
CA GLY B 327 46.70 10.56 -4.87
C GLY B 327 46.97 12.06 -4.87
N ASN B 328 45.92 12.87 -4.76
CA ASN B 328 46.05 14.32 -4.81
C ASN B 328 45.59 14.97 -3.52
N ARG B 329 45.84 14.32 -2.39
CA ARG B 329 45.49 14.88 -1.08
C ARG B 329 46.64 14.68 -0.11
N VAL B 330 47.03 15.77 0.56
CA VAL B 330 48.00 15.74 1.64
C VAL B 330 47.38 16.47 2.83
N ARG B 331 46.53 15.76 3.58
CA ARG B 331 45.60 16.41 4.50
C ARG B 331 46.22 16.79 5.83
N HIS B 332 47.17 16.02 6.34
CA HIS B 332 47.61 16.17 7.72
C HIS B 332 48.71 17.21 7.89
N MET B 333 48.78 18.19 7.01
CA MET B 333 49.63 19.36 7.19
C MET B 333 48.82 20.61 6.89
N ASP B 334 49.14 21.69 7.60
CA ASP B 334 48.55 22.98 7.31
C ASP B 334 49.42 23.68 6.28
N TYR B 335 48.84 24.69 5.62
CA TYR B 335 49.53 25.37 4.53
C TYR B 335 49.40 26.88 4.66
N GLY B 336 50.41 27.59 4.16
CA GLY B 336 50.41 29.03 4.12
C GLY B 336 50.66 29.56 2.73
N VAL B 337 49.67 30.25 2.17
CA VAL B 337 49.79 30.83 0.82
C VAL B 337 50.49 32.18 0.93
N GLN B 338 51.53 32.37 0.12
CA GLN B 338 52.31 33.60 0.14
C GLN B 338 51.77 34.57 -0.90
N ILE B 339 51.44 35.78 -0.45
CA ILE B 339 50.79 36.79 -1.28
C ILE B 339 51.50 38.12 -1.10
N ASN B 340 51.51 38.93 -2.16
CA ASN B 340 52.04 40.29 -2.10
C ASN B 340 51.03 41.26 -2.71
N LYS B 341 51.38 42.55 -2.72
CA LYS B 341 50.44 43.59 -3.14
C LYS B 341 49.98 43.38 -4.58
N LEU B 342 50.89 43.03 -5.47
CA LEU B 342 50.51 42.84 -6.87
C LEU B 342 49.41 41.80 -7.01
N MET B 343 49.47 40.74 -6.21
CA MET B 343 48.42 39.73 -6.23
C MET B 343 47.08 40.31 -5.79
N TYR B 344 47.09 41.12 -4.72
CA TYR B 344 45.85 41.76 -4.28
C TYR B 344 45.35 42.76 -5.31
N THR B 345 46.25 43.44 -6.00
CA THR B 345 45.84 44.41 -7.02
C THR B 345 45.13 43.71 -8.18
N ARG B 346 45.64 42.55 -8.60
CA ARG B 346 44.96 41.80 -9.66
C ARG B 346 43.55 41.41 -9.23
N LEU B 347 43.33 41.21 -7.94
CA LEU B 347 41.99 40.92 -7.44
C LEU B 347 41.10 42.17 -7.47
N LEU B 348 41.62 43.30 -6.98
CA LEU B 348 40.82 44.51 -6.91
C LEU B 348 40.39 44.99 -8.28
N LYS B 349 41.21 44.76 -9.31
CA LYS B 349 40.89 45.17 -10.67
C LYS B 349 40.20 44.09 -11.48
N GLY B 350 39.88 42.94 -10.89
CA GLY B 350 39.21 41.89 -11.62
C GLY B 350 40.01 41.34 -12.78
N GLU B 351 41.33 41.46 -12.74
CA GLU B 351 42.20 40.99 -13.81
C GLU B 351 42.55 39.53 -13.56
N ASP B 352 43.54 39.01 -14.29
CA ASP B 352 43.98 37.63 -14.14
C ASP B 352 45.24 37.57 -13.30
N ILE B 353 45.63 36.34 -12.95
CA ILE B 353 46.91 36.06 -12.32
C ILE B 353 47.58 34.95 -13.12
N THR B 354 48.80 35.21 -13.58
CA THR B 354 49.53 34.22 -14.34
C THR B 354 50.34 33.34 -13.39
N LEU B 355 50.29 32.04 -13.64
CA LEU B 355 50.96 31.05 -12.80
C LEU B 355 52.19 30.52 -13.53
N PHE B 356 53.31 30.45 -12.81
CA PHE B 356 54.56 29.97 -13.35
C PHE B 356 55.13 28.88 -12.45
N SER B 357 55.91 28.01 -13.04
CA SER B 357 56.79 27.21 -12.21
C SER B 357 58.01 28.05 -11.83
N PRO B 358 58.45 28.00 -10.58
CA PRO B 358 59.59 28.83 -10.17
C PRO B 358 60.85 28.56 -10.97
N SER B 359 60.91 27.45 -11.69
CA SER B 359 62.06 27.10 -12.51
C SER B 359 62.03 27.74 -13.89
N ASP B 360 60.91 28.35 -14.28
CA ASP B 360 60.75 28.95 -15.60
C ASP B 360 60.72 30.47 -15.57
N VAL B 361 61.04 31.09 -14.44
CA VAL B 361 60.99 32.55 -14.30
C VAL B 361 62.23 33.02 -13.56
N PRO B 362 63.33 33.27 -14.25
CA PRO B 362 64.60 33.61 -13.58
C PRO B 362 64.50 34.88 -12.75
N GLY B 363 64.86 34.75 -11.47
CA GLY B 363 64.89 35.87 -10.55
C GLY B 363 63.53 36.29 -10.03
N LEU B 364 62.45 35.67 -10.49
CA LEU B 364 61.11 36.07 -10.08
C LEU B 364 60.83 35.65 -8.64
N TYR B 365 61.36 34.50 -8.23
CA TYR B 365 61.10 34.00 -6.88
C TYR B 365 61.75 34.89 -5.83
N ASP B 366 63.05 35.15 -5.96
CA ASP B 366 63.74 35.97 -4.97
C ASP B 366 63.17 37.39 -4.93
N ALA B 367 62.74 37.90 -6.08
CA ALA B 367 62.13 39.22 -6.11
C ALA B 367 60.79 39.24 -5.38
N PHE B 368 60.07 38.12 -5.40
CA PHE B 368 58.76 38.04 -4.77
C PHE B 368 58.80 38.42 -3.30
N PHE B 369 59.95 38.24 -2.65
CA PHE B 369 60.10 38.55 -1.23
C PHE B 369 60.88 39.83 -0.97
N ALA B 370 62.05 39.98 -1.60
CA ALA B 370 62.98 41.05 -1.25
C ALA B 370 62.69 42.36 -1.98
N ASP B 371 62.33 42.31 -3.26
CA ASP B 371 62.23 43.50 -4.10
C ASP B 371 60.88 43.53 -4.82
N GLN B 372 59.97 44.35 -4.32
CA GLN B 372 58.63 44.43 -4.92
C GLN B 372 58.68 45.09 -6.30
N GLU B 373 59.55 46.08 -6.48
CA GLU B 373 59.67 46.71 -7.79
C GLU B 373 60.23 45.74 -8.82
N GLU B 374 61.31 45.04 -8.47
CA GLU B 374 61.89 44.07 -9.40
C GLU B 374 60.91 42.95 -9.71
N PHE B 375 60.04 42.61 -8.75
CA PHE B 375 59.03 41.59 -9.01
C PHE B 375 58.05 42.08 -10.07
N GLU B 376 57.52 43.30 -9.89
CA GLU B 376 56.58 43.85 -10.86
C GLU B 376 57.20 43.89 -12.25
N ARG B 377 58.49 44.18 -12.34
CA ARG B 377 59.17 44.17 -13.63
C ARG B 377 59.21 42.75 -14.21
N LEU B 378 59.77 41.81 -13.45
CA LEU B 378 59.92 40.44 -13.95
C LEU B 378 58.58 39.75 -14.18
N TYR B 379 57.62 39.96 -13.27
CA TYR B 379 56.32 39.27 -13.39
C TYR B 379 55.59 39.70 -14.66
N THR B 380 55.39 41.01 -14.83
CA THR B 380 54.72 41.49 -16.02
C THR B 380 55.53 41.19 -17.27
N LYS B 381 56.85 41.14 -17.15
CA LYS B 381 57.70 40.79 -18.29
C LYS B 381 57.47 39.34 -18.72
N TYR B 382 57.58 38.40 -17.78
CA TYR B 382 57.38 37.00 -18.10
C TYR B 382 55.96 36.68 -18.52
N GLU B 383 54.98 37.51 -18.11
CA GLU B 383 53.61 37.30 -18.56
C GLU B 383 53.48 37.51 -20.06
N LYS B 384 54.32 38.37 -20.63
CA LYS B 384 54.26 38.67 -22.06
C LYS B 384 55.07 37.69 -22.90
N ASP B 385 56.12 37.09 -22.33
CA ASP B 385 56.91 36.10 -23.07
C ASP B 385 56.04 34.88 -23.36
N ASP B 386 55.94 34.52 -24.64
CA ASP B 386 55.16 33.38 -25.06
C ASP B 386 55.94 32.08 -25.01
N SER B 387 57.26 32.13 -24.81
CA SER B 387 58.07 30.93 -24.72
C SER B 387 58.00 30.26 -23.35
N ILE B 388 57.63 31.00 -22.31
CA ILE B 388 57.59 30.47 -20.96
C ILE B 388 56.28 29.72 -20.73
N ARG B 389 56.38 28.54 -20.11
CA ARG B 389 55.18 27.82 -19.69
C ARG B 389 54.47 28.63 -18.62
N LYS B 390 53.21 28.96 -18.85
CA LYS B 390 52.47 29.77 -17.89
C LYS B 390 51.02 29.32 -17.88
N GLN B 391 50.23 29.94 -17.00
CA GLN B 391 48.83 29.59 -16.85
C GLN B 391 48.11 30.77 -16.20
N ARG B 392 47.14 31.33 -16.90
CA ARG B 392 46.37 32.46 -16.42
C ARG B 392 45.09 31.98 -15.76
N VAL B 393 44.78 32.53 -14.60
CA VAL B 393 43.53 32.24 -13.89
C VAL B 393 42.94 33.57 -13.45
N LYS B 394 41.61 33.66 -13.47
CA LYS B 394 40.93 34.85 -12.96
C LYS B 394 41.26 35.04 -11.48
N ALA B 395 41.79 36.22 -11.15
CA ALA B 395 42.18 36.50 -9.76
C ALA B 395 41.00 36.32 -8.81
N VAL B 396 39.78 36.59 -9.28
CA VAL B 396 38.61 36.41 -8.43
C VAL B 396 38.37 34.94 -8.14
N GLU B 397 38.66 34.07 -9.11
CA GLU B 397 38.44 32.64 -8.90
C GLU B 397 39.54 32.04 -8.01
N LEU B 398 40.79 32.43 -8.22
CA LEU B 398 41.88 31.89 -7.41
C LEU B 398 41.72 32.29 -5.95
N PHE B 399 41.41 33.56 -5.67
CA PHE B 399 41.18 34.00 -4.30
C PHE B 399 39.98 33.29 -3.69
N SER B 400 38.92 33.09 -4.49
CA SER B 400 37.73 32.43 -3.97
C SER B 400 38.03 30.99 -3.60
N LEU B 401 38.82 30.29 -4.40
CA LEU B 401 39.21 28.93 -4.05
C LEU B 401 40.03 28.91 -2.78
N MET B 402 40.96 29.86 -2.62
CA MET B 402 41.78 29.90 -1.42
C MET B 402 40.93 30.12 -0.18
N MET B 403 40.08 31.15 -0.21
CA MET B 403 39.25 31.47 0.95
C MET B 403 38.20 30.40 1.21
N GLN B 404 37.72 29.74 0.15
CA GLN B 404 36.77 28.65 0.32
C GLN B 404 37.40 27.48 1.08
N GLU B 405 38.62 27.10 0.69
CA GLU B 405 39.34 26.06 1.42
C GLU B 405 39.80 26.54 2.79
N ARG B 406 40.12 27.83 2.91
CA ARG B 406 40.47 28.37 4.22
C ARG B 406 39.27 28.32 5.16
N ALA B 407 38.07 28.57 4.63
CA ALA B 407 36.88 28.59 5.47
C ALA B 407 36.49 27.19 5.92
N SER B 408 36.59 26.20 5.02
CA SER B 408 36.12 24.86 5.35
C SER B 408 37.06 24.15 6.30
N THR B 409 38.37 24.26 6.08
CA THR B 409 39.35 23.60 6.93
C THR B 409 39.79 24.45 8.11
N GLY B 410 39.84 25.77 7.96
CA GLY B 410 40.37 26.62 9.00
C GLY B 410 41.88 26.62 9.08
N ARG B 411 42.56 25.92 8.16
CA ARG B 411 44.00 25.71 8.23
C ARG B 411 44.70 26.10 6.94
N ILE B 412 44.10 26.94 6.11
CA ILE B 412 44.78 27.51 4.94
C ILE B 412 45.17 28.94 5.31
N TYR B 413 46.45 29.14 5.59
CA TYR B 413 46.92 30.39 6.14
C TYR B 413 47.45 31.32 5.06
N ILE B 414 47.61 32.59 5.44
CA ILE B 414 48.03 33.65 4.53
C ILE B 414 49.26 34.33 5.12
N GLN B 415 50.25 34.59 4.27
CA GLN B 415 51.44 35.36 4.64
C GLN B 415 51.66 36.45 3.59
N ASN B 416 51.54 37.70 4.00
CA ASN B 416 51.82 38.83 3.13
C ASN B 416 53.32 39.07 3.14
N VAL B 417 54.01 38.55 2.12
CA VAL B 417 55.47 38.52 2.14
C VAL B 417 56.08 39.92 2.00
N ASP B 418 55.38 40.83 1.32
CA ASP B 418 55.92 42.18 1.19
C ASP B 418 55.95 42.89 2.53
N HIS B 419 54.90 42.74 3.33
CA HIS B 419 54.93 43.29 4.68
C HIS B 419 56.03 42.66 5.52
N CYS B 420 56.30 41.37 5.31
CA CYS B 420 57.31 40.67 6.09
C CYS B 420 58.73 41.10 5.79
N ASN B 421 58.94 41.97 4.79
CA ASN B 421 60.28 42.38 4.42
C ASN B 421 60.43 43.89 4.42
N THR B 422 59.37 44.61 4.06
CA THR B 422 59.39 46.07 4.15
C THR B 422 59.25 46.55 5.59
N HIS B 423 58.70 45.72 6.47
CA HIS B 423 58.54 46.04 7.88
C HIS B 423 59.07 44.85 8.69
N SER B 424 60.38 44.66 8.67
CA SER B 424 61.02 43.55 9.35
C SER B 424 62.33 44.03 9.94
N PRO B 425 62.88 43.30 10.91
CA PRO B 425 64.20 43.65 11.44
C PRO B 425 65.36 43.24 10.55
N PHE B 426 65.09 42.68 9.37
CA PHE B 426 66.12 42.16 8.49
C PHE B 426 66.16 42.92 7.18
N ASP B 427 67.35 43.04 6.62
CA ASP B 427 67.53 43.65 5.31
C ASP B 427 67.14 42.64 4.23
N PRO B 428 66.11 42.92 3.43
CA PRO B 428 65.67 41.92 2.43
C PRO B 428 66.75 41.53 1.44
N ALA B 429 67.71 42.43 1.17
CA ALA B 429 68.77 42.12 0.22
C ALA B 429 69.84 41.20 0.78
N ILE B 430 69.95 41.10 2.10
CA ILE B 430 70.96 40.27 2.74
C ILE B 430 70.35 38.99 3.30
N ALA B 431 69.21 39.10 3.98
CA ALA B 431 68.58 37.94 4.61
C ALA B 431 67.08 38.16 4.66
N PRO B 432 66.39 37.93 3.55
CA PRO B 432 64.94 38.13 3.52
C PRO B 432 64.20 37.01 4.25
N VAL B 433 62.95 37.31 4.58
CA VAL B 433 62.04 36.34 5.16
C VAL B 433 61.20 35.77 4.02
N ARG B 434 61.30 34.45 3.82
CA ARG B 434 60.62 33.80 2.71
C ARG B 434 59.55 32.81 3.16
N GLN B 435 59.30 32.68 4.46
CA GLN B 435 58.36 31.69 4.96
C GLN B 435 57.95 32.10 6.37
N SER B 436 57.18 31.24 7.02
CA SER B 436 56.79 31.44 8.41
C SER B 436 56.79 30.08 9.09
N ASN B 437 56.09 29.95 10.22
CA ASN B 437 56.15 28.72 10.99
C ASN B 437 54.79 28.06 11.12
N LEU B 438 54.65 27.17 12.11
CA LEU B 438 53.44 26.38 12.26
C LEU B 438 52.23 27.26 12.54
N CYS B 439 52.40 28.33 13.31
CA CYS B 439 51.28 29.17 13.74
C CYS B 439 51.37 30.58 13.18
N LEU B 440 52.26 30.82 12.22
CA LEU B 440 52.29 32.05 11.42
C LEU B 440 52.65 33.28 12.26
N GLU B 441 53.42 33.10 13.32
CA GLU B 441 53.88 34.21 14.13
C GLU B 441 55.39 34.44 14.03
N ILE B 442 56.12 33.59 13.32
CA ILE B 442 57.57 33.66 13.20
C ILE B 442 57.92 34.06 11.78
N ALA B 443 58.86 34.99 11.64
CA ALA B 443 59.37 35.43 10.34
C ALA B 443 60.87 35.64 10.47
N LEU B 444 61.64 34.68 9.98
CA LEU B 444 63.10 34.67 10.15
C LEU B 444 63.76 34.24 8.85
N PRO B 445 65.02 34.63 8.63
CA PRO B 445 65.71 34.26 7.40
C PRO B 445 66.06 32.78 7.36
N THR B 446 66.13 32.24 6.13
CA THR B 446 66.44 30.83 5.90
C THR B 446 67.17 30.67 4.58
N LYS B 447 68.06 29.67 4.53
CA LYS B 447 68.74 29.28 3.29
C LYS B 447 68.67 27.76 3.16
N PRO B 448 68.29 27.24 1.99
CA PRO B 448 68.12 25.79 1.85
C PRO B 448 69.43 25.02 2.03
N LEU B 449 69.28 23.74 2.37
CA LEU B 449 70.40 22.85 2.62
C LEU B 449 70.61 21.95 1.41
N ASN B 450 71.88 21.72 1.06
CA ASN B 450 72.22 20.70 0.07
C ASN B 450 72.60 19.38 0.69
N ASP B 451 72.62 19.29 2.03
CA ASP B 451 72.91 18.05 2.72
C ASP B 451 72.40 18.18 4.15
N VAL B 452 72.19 17.03 4.79
CA VAL B 452 71.71 17.01 6.17
C VAL B 452 72.66 17.79 7.07
N ASN B 453 73.96 17.71 6.80
CA ASN B 453 74.97 18.39 7.60
C ASN B 453 75.57 19.57 6.85
N ASP B 454 74.85 20.10 5.86
CA ASP B 454 75.35 21.22 5.07
C ASP B 454 75.59 22.43 5.96
N GLU B 455 76.87 22.84 6.05
CA GLU B 455 77.21 24.00 6.86
C GLU B 455 76.73 25.30 6.24
N ASN B 456 76.51 25.32 4.92
CA ASN B 456 76.14 26.56 4.24
C ASN B 456 74.68 26.93 4.44
N GLY B 457 73.80 25.94 4.61
CA GLY B 457 72.39 26.23 4.78
C GLY B 457 72.09 26.83 6.13
N GLU B 458 70.92 27.49 6.21
CA GLU B 458 70.46 28.11 7.44
C GLU B 458 69.05 27.64 7.75
N ILE B 459 68.87 27.05 8.92
CA ILE B 459 67.56 26.70 9.45
C ILE B 459 67.27 27.66 10.59
N ALA B 460 66.14 28.36 10.51
CA ALA B 460 65.79 29.38 11.49
C ALA B 460 65.16 28.73 12.72
N LEU B 461 65.78 28.94 13.88
CA LEU B 461 65.21 28.54 15.16
C LEU B 461 64.71 29.78 15.90
N CYS B 462 63.65 29.59 16.69
CA CYS B 462 63.15 30.69 17.50
C CYS B 462 62.71 30.15 18.86
N THR B 463 63.15 30.84 19.91
CA THR B 463 62.84 30.47 21.28
C THR B 463 61.84 31.47 21.85
N LEU B 464 60.88 30.98 22.64
CA LEU B 464 59.71 31.76 23.00
C LEU B 464 59.62 31.96 24.51
N SER B 465 58.76 32.90 24.89
CA SER B 465 58.35 33.25 26.25
C SER B 465 57.30 34.35 26.11
N ALA B 466 56.58 34.62 27.20
CA ALA B 466 55.49 35.59 27.12
C ALA B 466 55.42 36.42 28.40
N PHE B 467 55.01 37.68 28.23
CA PHE B 467 54.70 38.56 29.34
C PHE B 467 53.23 38.42 29.70
N ASN B 468 52.93 38.19 30.98
CA ASN B 468 51.56 38.08 31.46
C ASN B 468 51.01 39.48 31.69
N LEU B 469 50.18 39.95 30.74
CA LEU B 469 49.60 41.29 30.88
C LEU B 469 48.67 41.39 32.07
N GLY B 470 48.11 40.27 32.54
CA GLY B 470 47.29 40.30 33.74
C GLY B 470 48.07 40.34 35.03
N ALA B 471 49.36 40.04 34.99
CA ALA B 471 50.18 39.99 36.20
C ALA B 471 50.91 41.29 36.49
N ILE B 472 50.98 42.21 35.54
CA ILE B 472 51.65 43.48 35.75
C ILE B 472 50.63 44.51 36.22
N ASN B 473 51.09 45.44 37.06
CA ASN B 473 50.28 46.55 37.50
C ASN B 473 50.68 47.87 36.85
N ASN B 474 51.89 47.96 36.34
CA ASN B 474 52.39 49.14 35.63
C ASN B 474 53.16 48.66 34.42
N LEU B 475 53.03 49.38 33.29
CA LEU B 475 53.78 49.00 32.10
C LEU B 475 55.28 49.12 32.31
N ASP B 476 55.72 49.92 33.29
CA ASP B 476 57.15 50.05 33.55
C ASP B 476 57.72 48.85 34.28
N GLU B 477 56.88 47.96 34.81
CA GLU B 477 57.38 46.71 35.36
C GLU B 477 58.02 45.83 34.30
N LEU B 478 57.69 46.07 33.02
CA LEU B 478 58.19 45.26 31.93
C LEU B 478 59.70 45.38 31.75
N GLU B 479 60.30 46.48 32.23
CA GLU B 479 61.73 46.66 32.08
C GLU B 479 62.50 45.53 32.76
N GLU B 480 62.18 45.26 34.03
CA GLU B 480 62.82 44.16 34.74
C GLU B 480 62.43 42.81 34.15
N LEU B 481 61.18 42.67 33.69
CA LEU B 481 60.74 41.39 33.14
C LEU B 481 61.40 41.10 31.80
N ALA B 482 61.61 42.13 30.97
CA ALA B 482 62.28 41.92 29.69
C ALA B 482 63.74 41.52 29.90
N ILE B 483 64.40 42.09 30.92
CA ILE B 483 65.77 41.69 31.23
C ILE B 483 65.82 40.21 31.61
N LEU B 484 64.96 39.80 32.55
CA LEU B 484 64.94 38.42 32.98
C LEU B 484 64.59 37.47 31.84
N ALA B 485 63.65 37.87 30.99
CA ALA B 485 63.21 37.00 29.91
C ALA B 485 64.27 36.89 28.83
N VAL B 486 64.78 38.03 28.37
CA VAL B 486 65.78 38.02 27.31
C VAL B 486 67.06 37.33 27.78
N ARG B 487 67.50 37.61 29.00
CA ARG B 487 68.72 36.98 29.50
C ARG B 487 68.56 35.47 29.63
N ALA B 488 67.41 35.00 30.13
CA ALA B 488 67.21 33.56 30.30
C ALA B 488 67.13 32.85 28.96
N LEU B 489 66.49 33.48 27.97
CA LEU B 489 66.36 32.86 26.66
C LEU B 489 67.67 32.94 25.89
N ASP B 490 68.38 34.05 25.99
CA ASP B 490 69.64 34.19 25.26
C ASP B 490 70.69 33.22 25.79
N ALA B 491 70.68 32.99 27.12
CA ALA B 491 71.55 31.98 27.69
C ALA B 491 71.18 30.59 27.21
N LEU B 492 69.88 30.36 26.96
CA LEU B 492 69.41 29.07 26.47
C LEU B 492 70.03 28.71 25.13
N LEU B 493 70.33 29.69 24.29
CA LEU B 493 70.87 29.40 22.96
C LEU B 493 72.24 28.73 23.08
N ASP B 494 73.06 29.15 24.05
CA ASP B 494 74.33 28.49 24.28
C ASP B 494 74.19 27.21 25.09
N TYR B 495 73.12 27.09 25.87
CA TYR B 495 72.97 25.95 26.76
C TYR B 495 72.53 24.69 26.02
N GLN B 496 71.68 24.83 25.01
CA GLN B 496 71.08 23.67 24.36
C GLN B 496 71.97 23.15 23.23
N ASP B 497 71.57 21.99 22.70
CA ASP B 497 72.26 21.33 21.60
C ASP B 497 71.49 21.58 20.30
N TYR B 498 72.10 21.16 19.20
CA TYR B 498 71.48 21.35 17.89
C TYR B 498 71.67 20.12 17.03
N PRO B 499 70.59 19.38 16.74
CA PRO B 499 70.74 18.15 15.94
C PRO B 499 71.13 18.41 14.50
N ILE B 500 70.90 19.60 13.97
CA ILE B 500 71.20 19.94 12.58
C ILE B 500 72.22 21.07 12.60
N PRO B 501 73.40 20.91 11.99
CA PRO B 501 74.38 22.02 11.97
C PRO B 501 73.83 23.31 11.38
N ALA B 502 73.05 23.22 10.29
CA ALA B 502 72.52 24.43 9.68
C ALA B 502 71.61 25.20 10.64
N ALA B 503 70.96 24.50 11.57
CA ALA B 503 70.08 25.18 12.51
C ALA B 503 70.90 25.92 13.57
N LYS B 504 71.96 25.28 14.07
CA LYS B 504 72.84 25.97 15.01
C LYS B 504 73.46 27.21 14.38
N ARG B 505 73.71 27.17 13.07
CA ARG B 505 74.30 28.32 12.40
C ARG B 505 73.37 29.52 12.44
N GLY B 506 72.09 29.31 12.14
CA GLY B 506 71.13 30.40 12.24
C GLY B 506 70.91 30.85 13.68
N ALA B 507 70.83 29.89 14.61
CA ALA B 507 70.54 30.23 16.00
C ALA B 507 71.71 31.00 16.63
N MET B 508 72.94 30.62 16.31
CA MET B 508 74.09 31.34 16.86
C MET B 508 74.39 32.61 16.11
N GLY B 509 74.01 32.70 14.83
CA GLY B 509 74.29 33.86 14.03
C GLY B 509 73.39 35.04 14.35
N ARG B 510 72.08 34.81 14.38
CA ARG B 510 71.13 35.88 14.62
C ARG B 510 70.59 35.89 16.05
N ARG B 511 70.58 34.75 16.73
CA ARG B 511 70.09 34.64 18.11
C ARG B 511 68.68 35.20 18.24
N THR B 512 67.78 34.70 17.39
CA THR B 512 66.43 35.23 17.28
C THR B 512 65.55 34.72 18.40
N LEU B 513 64.87 35.65 19.07
CA LEU B 513 63.93 35.32 20.13
C LEU B 513 62.53 35.74 19.73
N GLY B 514 61.54 35.14 20.37
CA GLY B 514 60.15 35.47 20.10
C GLY B 514 59.34 35.56 21.38
N ILE B 515 59.34 36.74 22.01
CA ILE B 515 58.65 36.96 23.26
C ILE B 515 57.29 37.59 22.98
N GLY B 516 56.22 36.96 23.47
CA GLY B 516 54.87 37.43 23.23
C GLY B 516 54.14 37.84 24.48
N VAL B 517 52.80 37.84 24.43
CA VAL B 517 51.97 38.26 25.55
C VAL B 517 50.84 37.26 25.76
N ILE B 518 50.38 37.19 27.00
CA ILE B 518 49.19 36.42 27.36
C ILE B 518 48.31 37.31 28.24
N ASN B 519 47.09 36.84 28.47
CA ASN B 519 46.10 37.55 29.29
C ASN B 519 45.78 38.93 28.70
N PHE B 520 45.73 39.01 27.37
CA PHE B 520 45.42 40.29 26.74
C PHE B 520 43.95 40.65 26.87
N ALA B 521 43.06 39.66 26.78
CA ALA B 521 41.63 39.94 26.94
C ALA B 521 41.32 40.38 28.37
N TYR B 522 41.88 39.68 29.36
CA TYR B 522 41.76 40.11 30.74
C TYR B 522 42.42 41.47 30.96
N TYR B 523 43.47 41.76 30.19
CA TYR B 523 44.11 43.08 30.27
C TYR B 523 43.15 44.17 29.84
N LEU B 524 42.45 43.95 28.71
CA LEU B 524 41.48 44.94 28.25
C LEU B 524 40.28 45.02 29.19
N ALA B 525 39.88 43.88 29.76
CA ALA B 525 38.75 43.90 30.69
C ALA B 525 39.06 44.76 31.91
N LYS B 526 40.29 44.66 32.44
CA LYS B 526 40.67 45.47 33.58
C LYS B 526 40.66 46.95 33.24
N HIS B 527 40.99 47.30 32.00
CA HIS B 527 40.98 48.68 31.55
C HIS B 527 39.65 49.07 30.92
N GLY B 528 38.65 48.20 30.99
CA GLY B 528 37.33 48.52 30.46
C GLY B 528 37.31 48.87 28.99
N LYS B 529 38.05 48.14 28.17
CA LYS B 529 38.06 48.37 26.73
C LYS B 529 37.59 47.10 26.04
N ARG B 530 37.39 47.21 24.72
CA ARG B 530 36.87 46.09 23.95
C ARG B 530 37.62 45.97 22.64
N TYR B 531 37.46 44.82 22.00
CA TYR B 531 38.10 44.58 20.71
C TYR B 531 37.42 45.36 19.59
N SER B 532 36.11 45.15 19.42
CA SER B 532 35.44 45.52 18.18
C SER B 532 35.29 47.02 18.00
N ASP B 533 34.88 47.74 19.06
CA ASP B 533 34.57 49.16 18.89
C ASP B 533 35.80 50.02 18.67
N GLY B 534 37.00 49.50 18.92
CA GLY B 534 38.21 50.29 18.82
C GLY B 534 38.56 51.09 20.05
N SER B 535 37.94 50.77 21.20
CA SER B 535 38.26 51.48 22.42
C SER B 535 39.62 51.10 22.99
N ALA B 536 40.23 50.02 22.49
CA ALA B 536 41.53 49.57 22.96
C ALA B 536 42.66 49.90 21.98
N ASN B 537 42.38 50.64 20.91
CA ASN B 537 43.39 50.94 19.91
C ASN B 537 44.56 51.70 20.52
N ASN B 538 44.28 52.86 21.13
CA ASN B 538 45.36 53.64 21.71
C ASN B 538 45.99 52.92 22.91
N LEU B 539 45.20 52.13 23.64
CA LEU B 539 45.76 51.38 24.76
C LEU B 539 46.70 50.30 24.27
N THR B 540 46.34 49.63 23.16
CA THR B 540 47.24 48.64 22.57
C THR B 540 48.53 49.30 22.09
N HIS B 541 48.43 50.48 21.48
CA HIS B 541 49.61 51.20 21.05
C HIS B 541 50.50 51.56 22.24
N LYS B 542 49.90 52.05 23.32
CA LYS B 542 50.66 52.39 24.51
C LYS B 542 51.32 51.15 25.12
N THR B 543 50.59 50.04 25.15
CA THR B 543 51.09 48.82 25.78
C THR B 543 52.25 48.23 24.99
N PHE B 544 52.06 48.00 23.70
CA PHE B 544 53.06 47.32 22.91
C PHE B 544 54.25 48.20 22.55
N GLU B 545 54.13 49.52 22.71
CA GLU B 545 55.33 50.35 22.67
C GLU B 545 56.24 50.03 23.85
N ALA B 546 55.65 49.88 25.05
CA ALA B 546 56.44 49.54 26.23
C ALA B 546 57.03 48.15 26.12
N ILE B 547 56.27 47.20 25.57
CA ILE B 547 56.75 45.83 25.41
C ILE B 547 57.95 45.79 24.48
N GLN B 548 57.86 46.48 23.35
CA GLN B 548 58.96 46.47 22.40
C GLN B 548 60.15 47.27 22.91
N TYR B 549 59.89 48.44 23.50
CA TYR B 549 60.97 49.29 23.99
C TYR B 549 61.83 48.56 25.01
N TYR B 550 61.18 47.96 26.02
CA TYR B 550 61.94 47.31 27.08
C TYR B 550 62.61 46.03 26.60
N LEU B 551 62.08 45.41 25.54
CA LEU B 551 62.77 44.25 24.97
C LEU B 551 64.05 44.67 24.26
N LEU B 552 63.95 45.67 23.39
CA LEU B 552 65.13 46.19 22.71
C LEU B 552 66.16 46.71 23.71
N LYS B 553 65.71 47.49 24.69
CA LYS B 553 66.62 48.03 25.69
C LYS B 553 67.31 46.93 26.47
N ALA B 554 66.59 45.83 26.76
CA ALA B 554 67.19 44.71 27.46
C ALA B 554 68.23 44.01 26.60
N SER B 555 67.88 43.76 25.33
CA SER B 555 68.82 43.10 24.43
C SER B 555 70.01 44.00 24.12
N ASN B 556 69.82 45.33 24.19
CA ASN B 556 70.92 46.25 23.95
C ASN B 556 71.93 46.20 25.10
N GLU B 557 71.44 46.14 26.34
CA GLU B 557 72.36 46.00 27.48
C GLU B 557 73.11 44.68 27.39
N LEU B 558 72.41 43.60 27.07
CA LEU B 558 73.05 42.29 26.96
C LEU B 558 74.05 42.27 25.81
N ALA B 559 73.82 43.12 24.79
CA ALA B 559 74.81 43.29 23.74
C ALA B 559 76.03 44.05 24.26
N LYS B 560 75.81 45.02 25.14
CA LYS B 560 76.92 45.72 25.77
C LYS B 560 77.78 44.78 26.59
N GLU B 561 77.14 43.82 27.25
CA GLU B 561 77.84 42.96 28.20
C GLU B 561 78.59 41.83 27.51
N GLN B 562 77.98 41.22 26.50
CA GLN B 562 78.51 40.01 25.88
C GLN B 562 78.71 40.15 24.36
N GLY B 563 78.49 41.34 23.82
CA GLY B 563 78.68 41.50 22.40
C GLY B 563 77.41 41.24 21.62
N ALA B 564 77.22 42.03 20.55
CA ALA B 564 76.06 41.86 19.71
C ALA B 564 76.15 40.52 18.99
N CYS B 565 75.00 40.09 18.46
CA CYS B 565 74.96 38.83 17.75
C CYS B 565 75.86 38.90 16.53
N PRO B 566 76.50 37.78 16.15
CA PRO B 566 77.47 37.83 15.04
C PRO B 566 76.93 38.44 13.75
N TRP B 567 75.69 38.12 13.37
CA TRP B 567 75.12 38.58 12.11
C TRP B 567 74.25 39.82 12.29
N PHE B 568 74.56 40.63 13.30
CA PHE B 568 73.77 41.82 13.57
C PHE B 568 73.86 42.83 12.44
N ASN B 569 74.95 42.81 11.67
CA ASN B 569 75.10 43.71 10.54
C ASN B 569 74.08 43.43 9.43
N GLU B 570 73.47 42.24 9.44
CA GLU B 570 72.47 41.92 8.43
C GLU B 570 71.08 42.46 8.76
N THR B 571 70.89 42.97 9.98
CA THR B 571 69.60 43.49 10.43
C THR B 571 69.43 44.95 10.03
N THR B 572 68.17 45.37 10.00
CA THR B 572 67.89 46.80 9.82
C THR B 572 68.14 47.59 11.09
N TYR B 573 68.21 46.93 12.25
CA TYR B 573 68.63 47.60 13.47
C TYR B 573 70.05 48.12 13.36
N ALA B 574 70.91 47.41 12.64
CA ALA B 574 72.29 47.85 12.45
C ALA B 574 72.34 49.18 11.72
N LYS B 575 71.43 49.40 10.77
CA LYS B 575 71.38 50.65 10.03
C LYS B 575 70.72 51.77 10.84
N GLY B 576 70.46 51.53 12.12
CA GLY B 576 69.81 52.53 12.95
C GLY B 576 68.33 52.66 12.71
N ILE B 577 67.69 51.68 12.09
CA ILE B 577 66.27 51.72 11.77
C ILE B 577 65.51 50.97 12.84
N LEU B 578 64.45 51.59 13.35
CA LEU B 578 63.61 51.01 14.38
C LEU B 578 62.25 50.66 13.79
N PRO B 579 61.50 49.76 14.44
CA PRO B 579 60.16 49.42 13.92
C PRO B 579 59.25 50.62 13.78
N ILE B 580 59.48 51.68 14.53
CA ILE B 580 58.62 52.86 14.54
C ILE B 580 58.81 53.68 13.27
N ASP B 581 59.75 53.25 12.42
CA ASP B 581 59.99 53.89 11.14
C ASP B 581 59.33 53.17 9.97
N THR B 582 59.41 51.84 9.95
CA THR B 582 59.02 51.03 8.81
C THR B 582 57.57 50.57 8.85
N TYR B 583 56.80 50.93 9.88
CA TYR B 583 55.42 50.47 9.99
C TYR B 583 54.56 51.08 8.88
N LYS B 584 53.40 50.45 8.65
CA LYS B 584 52.47 50.88 7.61
C LYS B 584 51.73 52.12 8.07
N LYS B 585 51.76 53.16 7.24
CA LYS B 585 51.24 54.46 7.66
C LYS B 585 49.73 54.47 7.83
N ASP B 586 49.01 53.47 7.29
CA ASP B 586 47.57 53.41 7.50
C ASP B 586 47.20 53.23 8.97
N LEU B 587 48.15 52.80 9.80
CA LEU B 587 47.91 52.72 11.23
C LEU B 587 47.71 54.08 11.87
N ASP B 588 48.18 55.15 11.21
CA ASP B 588 47.99 56.50 11.74
C ASP B 588 46.53 56.94 11.71
N THR B 589 45.67 56.22 10.99
CA THR B 589 44.26 56.56 10.88
C THR B 589 43.38 55.76 11.83
N ILE B 590 43.96 54.86 12.63
CA ILE B 590 43.20 54.10 13.61
C ILE B 590 43.79 54.22 15.01
N ALA B 591 44.83 55.02 15.20
CA ALA B 591 45.39 55.23 16.53
C ALA B 591 46.21 56.52 16.50
N ASN B 592 46.01 57.37 17.51
CA ASN B 592 46.73 58.62 17.66
C ASN B 592 47.52 58.67 18.96
N GLU B 593 47.87 57.52 19.51
CA GLU B 593 48.62 57.50 20.77
C GLU B 593 50.07 57.90 20.51
N PRO B 594 50.62 58.84 21.27
CA PRO B 594 52.03 59.23 21.07
C PRO B 594 52.99 58.26 21.73
N LEU B 595 54.20 58.20 21.18
CA LEU B 595 55.25 57.40 21.79
C LEU B 595 55.67 58.02 23.11
N HIS B 596 55.71 57.21 24.16
CA HIS B 596 56.02 57.72 25.49
C HIS B 596 57.45 57.46 25.92
N TYR B 597 58.17 56.56 25.26
CA TYR B 597 59.53 56.23 25.64
C TYR B 597 60.53 56.87 24.69
N ASP B 598 61.75 57.04 25.17
CA ASP B 598 62.78 57.77 24.41
C ASP B 598 63.41 56.81 23.41
N TRP B 599 62.79 56.73 22.23
CA TRP B 599 63.27 55.82 21.20
C TRP B 599 64.52 56.36 20.52
N GLU B 600 64.71 57.68 20.54
CA GLU B 600 65.88 58.27 19.91
C GLU B 600 67.14 57.96 20.71
N ALA B 601 67.05 57.97 22.05
CA ALA B 601 68.17 57.53 22.86
C ALA B 601 68.46 56.06 22.63
N LEU B 602 67.41 55.24 22.48
CA LEU B 602 67.59 53.83 22.17
C LEU B 602 68.19 53.64 20.78
N ARG B 603 67.71 54.40 19.80
CA ARG B 603 68.25 54.29 18.44
C ARG B 603 69.74 54.54 18.42
N GLU B 604 70.20 55.55 19.16
CA GLU B 604 71.64 55.82 19.24
C GLU B 604 72.35 54.68 19.95
N SER B 605 71.79 54.17 21.04
CA SER B 605 72.44 53.10 21.78
C SER B 605 72.47 51.80 20.98
N ILE B 606 71.48 51.56 20.13
CA ILE B 606 71.51 50.39 19.27
C ILE B 606 72.53 50.58 18.16
N LYS B 607 72.62 51.78 17.61
CA LYS B 607 73.64 52.08 16.60
C LYS B 607 75.04 51.80 17.12
N THR B 608 75.28 52.08 18.40
CA THR B 608 76.62 51.98 18.97
C THR B 608 76.94 50.58 19.47
N HIS B 609 76.08 50.01 20.32
CA HIS B 609 76.38 48.74 20.96
C HIS B 609 75.68 47.56 20.31
N GLY B 610 74.66 47.79 19.49
CA GLY B 610 73.98 46.70 18.81
C GLY B 610 72.96 46.00 19.68
N LEU B 611 72.49 44.87 19.16
CA LEU B 611 71.52 44.03 19.85
C LEU B 611 72.06 42.61 19.98
N ARG B 612 71.90 42.02 21.16
CA ARG B 612 72.30 40.64 21.36
C ARG B 612 71.45 39.69 20.52
N ASN B 613 70.23 40.09 20.17
CA ASN B 613 69.28 39.26 19.47
C ASN B 613 68.73 40.00 18.27
N SER B 614 68.63 39.30 17.12
CA SER B 614 68.13 39.95 15.92
C SER B 614 66.63 40.21 16.02
N THR B 615 65.88 39.31 16.66
CA THR B 615 64.47 39.51 16.94
C THR B 615 64.22 39.26 18.42
N LEU B 616 63.10 39.80 18.90
CA LEU B 616 62.75 39.68 20.31
C LEU B 616 61.28 39.32 20.51
N SER B 617 60.39 39.98 19.76
CA SER B 617 58.95 39.88 19.99
C SER B 617 58.26 39.10 18.88
N ALA B 618 57.32 38.24 19.28
CA ALA B 618 56.44 37.52 18.37
C ALA B 618 55.25 37.03 19.17
N LEU B 619 54.04 37.23 18.64
CA LEU B 619 52.80 36.93 19.36
C LEU B 619 52.29 35.56 18.95
N MET B 620 52.57 34.55 19.79
CA MET B 620 52.14 33.19 19.56
C MET B 620 50.82 32.89 20.26
N PRO B 621 50.10 31.86 19.82
CA PRO B 621 48.79 31.57 20.43
C PRO B 621 48.88 31.14 21.89
N SER B 622 49.98 30.50 22.29
CA SER B 622 50.16 30.02 23.66
C SER B 622 48.99 29.17 24.14
N GLU B 623 48.54 28.24 23.28
CA GLU B 623 47.39 27.42 23.59
C GLU B 623 47.55 26.69 24.92
N THR B 624 48.71 26.07 25.13
CA THR B 624 48.95 25.28 26.32
C THR B 624 49.66 26.06 27.42
N SER B 625 50.71 26.80 27.08
CA SER B 625 51.56 27.41 28.10
C SER B 625 50.82 28.47 28.91
N SER B 626 49.86 29.17 28.30
CA SER B 626 49.14 30.21 29.03
C SER B 626 48.23 29.63 30.09
N GLN B 627 47.79 28.37 29.92
CA GLN B 627 46.92 27.76 30.90
C GLN B 627 47.58 27.60 32.27
N ILE B 628 48.90 27.69 32.34
CA ILE B 628 49.59 27.54 33.63
C ILE B 628 49.15 28.62 34.61
N SER B 629 49.10 29.87 34.14
CA SER B 629 48.65 30.99 34.96
C SER B 629 47.15 31.23 34.88
N ASN B 630 46.38 30.28 34.34
CA ASN B 630 44.94 30.46 34.12
C ASN B 630 44.65 31.74 33.34
N ALA B 631 45.57 32.11 32.46
CA ALA B 631 45.43 33.32 31.66
C ALA B 631 44.66 33.02 30.38
N THR B 632 44.14 34.08 29.77
CA THR B 632 43.54 33.98 28.44
C THR B 632 44.64 33.87 27.40
N ASN B 633 44.54 32.86 26.54
CA ASN B 633 45.63 32.51 25.63
C ASN B 633 45.96 33.66 24.69
N GLY B 634 47.20 34.14 24.76
CA GLY B 634 47.69 35.14 23.82
C GLY B 634 46.84 36.39 23.79
N ILE B 635 46.58 36.87 22.56
CA ILE B 635 45.75 38.05 22.34
C ILE B 635 44.30 37.68 22.03
N GLU B 636 43.95 36.41 22.06
CA GLU B 636 42.61 36.04 21.65
C GLU B 636 41.60 36.30 22.78
N PRO B 637 40.39 36.72 22.43
CA PRO B 637 39.31 36.79 23.42
C PRO B 637 38.78 35.41 23.71
N PRO B 638 38.45 35.12 24.97
CA PRO B 638 37.95 33.78 25.31
C PRO B 638 36.63 33.47 24.61
N ARG B 639 36.44 32.19 24.30
CA ARG B 639 35.22 31.75 23.60
C ARG B 639 33.99 31.90 24.49
N GLY B 640 34.14 31.69 25.79
CA GLY B 640 33.06 31.86 26.75
C GLY B 640 33.67 32.12 28.11
N TYR B 641 32.81 32.46 29.07
CA TYR B 641 33.28 32.69 30.43
C TYR B 641 33.99 31.47 31.00
N VAL B 642 33.46 30.27 30.72
CA VAL B 642 34.16 29.02 31.03
C VAL B 642 34.40 28.31 29.70
N SER B 643 35.65 28.31 29.25
CA SER B 643 36.02 27.67 28.00
C SER B 643 36.48 26.23 28.25
N ILE B 644 36.12 25.34 27.33
CA ILE B 644 36.53 23.94 27.39
C ILE B 644 37.74 23.75 26.48
N LYS B 645 38.84 23.28 27.07
CA LYS B 645 40.10 23.09 26.36
C LYS B 645 40.52 21.63 26.45
N ALA B 646 41.37 21.22 25.52
CA ALA B 646 41.69 19.81 25.37
C ALA B 646 42.81 19.38 26.33
N SER B 647 42.81 18.08 26.64
CA SER B 647 43.80 17.49 27.54
C SER B 647 43.95 16.02 27.19
N LYS B 648 45.06 15.43 27.66
CA LYS B 648 45.31 14.01 27.39
C LYS B 648 44.33 13.12 28.15
N ASP B 649 43.89 13.53 29.34
CA ASP B 649 42.88 12.76 30.07
C ASP B 649 41.51 12.95 29.44
N GLY B 650 41.02 14.19 29.41
CA GLY B 650 39.73 14.50 28.83
C GLY B 650 39.57 15.98 28.55
N ILE B 651 38.47 16.56 29.02
CA ILE B 651 38.20 17.98 28.80
C ILE B 651 38.45 18.74 30.09
N LEU B 652 38.85 20.01 29.95
CA LEU B 652 39.13 20.88 31.07
C LEU B 652 38.25 22.11 30.99
N ARG B 653 37.74 22.54 32.14
CA ARG B 653 36.97 23.77 32.24
C ARG B 653 37.86 24.85 32.84
N GLN B 654 38.03 25.96 32.11
CA GLN B 654 38.90 27.05 32.51
C GLN B 654 38.08 28.33 32.62
N VAL B 655 38.08 28.92 33.81
CA VAL B 655 37.36 30.18 34.05
C VAL B 655 38.23 31.35 33.61
N VAL B 656 37.61 32.37 33.02
CA VAL B 656 38.38 33.58 32.71
C VAL B 656 38.88 34.19 34.01
N PRO B 657 40.07 34.81 34.04
CA PRO B 657 40.56 35.39 35.29
C PRO B 657 39.68 36.53 35.78
N ASP B 658 39.44 36.55 37.09
CA ASP B 658 38.69 37.61 37.76
C ASP B 658 37.26 37.72 37.19
N TYR B 659 36.62 36.57 37.03
CA TYR B 659 35.29 36.53 36.44
C TYR B 659 34.28 37.28 37.28
N GLU B 660 34.31 37.05 38.60
CA GLU B 660 33.27 37.58 39.48
C GLU B 660 33.18 39.10 39.39
N HIS B 661 34.32 39.76 39.23
CA HIS B 661 34.38 41.22 39.19
C HIS B 661 34.37 41.79 37.78
N LEU B 662 34.53 40.96 36.76
CA LEU B 662 34.72 41.48 35.41
C LEU B 662 33.88 40.75 34.36
N HIS B 663 32.84 40.04 34.77
CA HIS B 663 32.03 39.27 33.82
C HIS B 663 31.36 40.16 32.78
N ASP B 664 31.15 41.43 33.10
CA ASP B 664 30.58 42.38 32.14
C ASP B 664 31.64 43.01 31.24
N ALA B 665 32.87 43.17 31.74
CA ALA B 665 33.90 43.87 30.96
C ALA B 665 34.42 43.04 29.81
N TYR B 666 34.39 41.71 29.93
CA TYR B 666 34.86 40.86 28.85
C TYR B 666 33.96 40.98 27.63
N GLU B 667 34.57 40.87 26.46
CA GLU B 667 33.85 40.72 25.20
C GLU B 667 34.22 39.36 24.64
N LEU B 668 33.30 38.42 24.72
CA LEU B 668 33.57 37.05 24.28
C LEU B 668 33.74 37.01 22.76
N LEU B 669 34.30 35.89 22.30
CA LEU B 669 34.65 35.76 20.88
C LEU B 669 33.44 35.95 19.98
N TRP B 670 32.33 35.32 20.32
CA TRP B 670 31.15 35.35 19.47
C TRP B 670 30.21 36.49 19.81
N GLU B 671 30.55 37.33 20.77
CA GLU B 671 29.85 38.57 20.99
C GLU B 671 30.35 39.68 20.09
N MET B 672 31.37 39.42 19.26
CA MET B 672 31.96 40.43 18.38
C MET B 672 31.17 40.54 17.08
N PRO B 673 30.89 41.76 16.61
CA PRO B 673 30.12 41.91 15.36
C PRO B 673 30.88 41.43 14.14
N GLY B 674 32.15 41.83 14.02
CA GLY B 674 32.97 41.44 12.90
C GLY B 674 34.43 41.32 13.29
N ASN B 675 35.31 41.35 12.30
CA ASN B 675 36.74 41.20 12.54
C ASN B 675 37.52 42.52 12.47
N ASP B 676 36.86 43.61 12.06
CA ASP B 676 37.58 44.86 11.82
C ASP B 676 38.20 45.40 13.11
N GLY B 677 37.48 45.30 14.24
CA GLY B 677 38.04 45.78 15.49
C GLY B 677 39.25 44.99 15.94
N TYR B 678 39.21 43.66 15.78
CA TYR B 678 40.33 42.83 16.16
C TYR B 678 41.53 43.07 15.26
N LEU B 679 41.32 43.02 13.93
CA LEU B 679 42.42 43.19 12.98
C LEU B 679 43.11 44.54 13.15
N GLN B 680 42.37 45.56 13.60
CA GLN B 680 43.00 46.85 13.86
C GLN B 680 43.96 46.75 15.04
N LEU B 681 43.57 46.03 16.09
CA LEU B 681 44.48 45.84 17.22
C LEU B 681 45.70 45.03 16.81
N VAL B 682 45.51 44.02 15.96
CA VAL B 682 46.65 43.26 15.46
C VAL B 682 47.56 44.15 14.64
N GLY B 683 46.99 44.99 13.78
CA GLY B 683 47.79 45.92 13.00
C GLY B 683 48.55 46.90 13.87
N ILE B 684 47.94 47.33 14.97
CA ILE B 684 48.63 48.22 15.91
C ILE B 684 49.76 47.47 16.61
N MET B 685 49.49 46.23 17.06
CA MET B 685 50.54 45.42 17.66
C MET B 685 51.70 45.20 16.69
N GLN B 686 51.39 44.91 15.42
CA GLN B 686 52.42 44.60 14.44
C GLN B 686 53.37 45.78 14.21
N LYS B 687 52.94 47.00 14.53
CA LYS B 687 53.82 48.15 14.44
C LYS B 687 55.10 47.95 15.25
N PHE B 688 55.02 47.24 16.36
CA PHE B 688 56.16 47.05 17.25
C PHE B 688 56.72 45.63 17.22
N ILE B 689 55.92 44.62 16.88
CA ILE B 689 56.38 43.24 16.90
C ILE B 689 57.41 43.02 15.81
N ASP B 690 58.54 42.41 16.19
CA ASP B 690 59.60 42.11 15.23
C ASP B 690 59.12 41.18 14.14
N GLN B 691 58.55 40.04 14.52
CA GLN B 691 58.11 39.03 13.58
C GLN B 691 56.63 39.22 13.25
N SER B 692 55.79 38.20 13.47
CA SER B 692 54.39 38.29 13.12
C SER B 692 53.50 38.00 14.33
N ILE B 693 52.20 37.88 14.07
CA ILE B 693 51.17 37.66 15.08
C ILE B 693 50.22 36.58 14.56
N SER B 694 49.85 35.65 15.44
CA SER B 694 48.93 34.55 15.09
C SER B 694 47.50 35.07 15.04
N ALA B 695 47.24 35.94 14.09
CA ALA B 695 45.94 36.61 13.99
C ALA B 695 44.85 35.66 13.50
N ASN B 696 43.72 35.66 14.20
CA ASN B 696 42.57 34.82 13.85
C ASN B 696 41.47 35.65 13.20
N THR B 697 40.79 35.05 12.24
CA THR B 697 39.55 35.61 11.71
C THR B 697 38.40 34.68 12.10
N ASN B 698 37.31 35.26 12.57
CA ASN B 698 36.19 34.49 13.10
C ASN B 698 34.92 34.85 12.37
N TYR B 699 34.05 33.86 12.19
CA TYR B 699 32.80 34.07 11.49
C TYR B 699 31.69 33.27 12.14
N ASP B 700 30.55 33.92 12.37
CA ASP B 700 29.37 33.29 12.92
C ASP B 700 28.32 33.17 11.82
N PRO B 701 28.07 31.97 11.28
CA PRO B 701 27.13 31.86 10.15
C PRO B 701 25.73 32.36 10.45
N SER B 702 25.26 32.23 11.70
CA SER B 702 23.92 32.71 12.03
C SER B 702 23.81 34.22 11.93
N ARG B 703 24.94 34.94 12.00
CA ARG B 703 24.94 36.40 11.87
C ARG B 703 24.79 36.87 10.43
N PHE B 704 24.61 35.96 9.47
CA PHE B 704 24.53 36.34 8.08
C PHE B 704 23.22 35.85 7.45
N PRO B 705 22.70 36.56 6.45
CA PRO B 705 21.48 36.10 5.78
C PRO B 705 21.71 34.74 5.12
N SER B 706 20.66 33.90 5.17
CA SER B 706 20.65 32.54 4.66
C SER B 706 21.65 31.63 5.39
N GLY B 707 22.18 32.07 6.53
CA GLY B 707 23.08 31.25 7.33
C GLY B 707 24.38 30.88 6.67
N LYS B 708 24.82 31.64 5.67
CA LYS B 708 26.06 31.35 4.95
C LYS B 708 26.95 32.59 4.97
N VAL B 709 28.25 32.37 5.16
CA VAL B 709 29.20 33.47 5.23
C VAL B 709 29.60 33.87 3.81
N PRO B 710 29.40 35.12 3.40
CA PRO B 710 29.65 35.49 2.01
C PRO B 710 31.14 35.59 1.70
N MET B 711 31.48 35.20 0.47
CA MET B 711 32.86 35.36 0.00
C MET B 711 33.26 36.83 -0.04
N GLN B 712 32.28 37.73 -0.20
CA GLN B 712 32.56 39.16 -0.18
C GLN B 712 33.16 39.59 1.15
N GLN B 713 32.63 39.05 2.26
CA GLN B 713 33.10 39.42 3.57
C GLN B 713 34.45 38.78 3.89
N LEU B 714 34.64 37.53 3.46
CA LEU B 714 35.93 36.87 3.63
C LEU B 714 37.04 37.65 2.93
N LEU B 715 36.77 38.14 1.72
CA LEU B 715 37.78 38.88 0.96
C LEU B 715 37.96 40.29 1.51
N LYS B 716 36.87 40.93 1.94
CA LYS B 716 36.99 42.28 2.49
C LYS B 716 37.82 42.26 3.76
N ASP B 717 37.60 41.27 4.64
CA ASP B 717 38.44 41.14 5.83
C ASP B 717 39.87 40.84 5.46
N LEU B 718 40.08 40.00 4.44
CA LEU B 718 41.43 39.69 3.99
C LEU B 718 42.15 40.94 3.49
N LEU B 719 41.42 41.80 2.77
CA LEU B 719 42.01 43.06 2.31
C LEU B 719 42.18 44.02 3.48
N THR B 720 41.22 44.02 4.42
CA THR B 720 41.33 44.89 5.58
C THR B 720 42.58 44.55 6.40
N ALA B 721 42.89 43.26 6.54
CA ALA B 721 44.08 42.86 7.28
C ALA B 721 45.34 43.38 6.60
N TYR B 722 45.40 43.34 5.27
CA TYR B 722 46.57 43.85 4.57
C TYR B 722 46.67 45.36 4.69
N LYS B 723 45.53 46.06 4.70
CA LYS B 723 45.57 47.52 4.75
C LYS B 723 46.30 48.04 5.98
N PHE B 724 46.21 47.31 7.10
CA PHE B 724 46.84 47.75 8.34
C PHE B 724 48.14 47.01 8.63
N GLY B 725 48.72 46.36 7.61
CA GLY B 725 50.06 45.80 7.74
C GLY B 725 50.16 44.48 8.45
N VAL B 726 49.04 43.76 8.61
CA VAL B 726 49.10 42.44 9.22
C VAL B 726 49.92 41.52 8.33
N LYS B 727 50.92 40.86 8.94
CA LYS B 727 51.83 40.03 8.15
C LYS B 727 51.21 38.69 7.77
N THR B 728 50.58 38.00 8.74
CA THR B 728 50.06 36.67 8.51
C THR B 728 48.64 36.55 9.08
N LEU B 729 47.92 35.54 8.59
CA LEU B 729 46.60 35.20 9.08
C LEU B 729 46.58 33.72 9.48
N TYR B 730 46.18 33.45 10.72
CA TYR B 730 46.19 32.10 11.27
C TYR B 730 44.83 31.41 11.07
N TYR B 731 44.25 30.88 12.14
CA TYR B 731 43.00 30.14 12.06
C TYR B 731 41.88 31.00 11.48
N GLN B 732 40.91 30.33 10.84
CA GLN B 732 39.62 30.93 10.51
C GLN B 732 38.56 30.12 11.26
N ASN B 733 38.11 30.63 12.40
CA ASN B 733 37.15 29.94 13.24
C ASN B 733 35.73 30.15 12.75
N THR B 734 34.99 29.05 12.60
CA THR B 734 33.59 29.09 12.23
C THR B 734 32.75 28.41 13.29
N ARG B 735 31.74 29.12 13.80
CA ARG B 735 30.93 28.63 14.90
C ARG B 735 30.02 27.49 14.45
N ASP B 736 29.59 26.68 15.41
CA ASP B 736 28.67 25.58 15.16
C ASP B 736 27.22 26.05 15.31
N GLY B 737 26.30 25.20 14.87
CA GLY B 737 24.87 25.50 14.96
C GLY B 737 24.33 25.49 16.37
N ASN C 4 -46.30 36.64 31.86
CA ASN C 4 -46.98 35.39 32.16
C ASN C 4 -47.59 34.78 30.90
N LEU C 5 -47.41 33.48 30.71
CA LEU C 5 -47.97 32.78 29.57
C LEU C 5 -49.43 32.40 29.83
N LEU C 6 -50.11 31.99 28.76
CA LEU C 6 -51.53 31.70 28.81
C LEU C 6 -51.79 30.25 28.42
N VAL C 7 -52.74 29.62 29.10
CA VAL C 7 -53.20 28.28 28.77
C VAL C 7 -54.60 28.38 28.18
N THR C 8 -54.92 27.47 27.27
CA THR C 8 -56.22 27.42 26.62
C THR C 8 -57.06 26.32 27.28
N LYS C 9 -58.16 26.74 27.93
CA LYS C 9 -59.05 25.81 28.60
C LYS C 9 -59.76 24.92 27.59
N ARG C 10 -60.60 24.01 28.11
CA ARG C 10 -61.33 23.10 27.25
C ARG C 10 -62.42 23.83 26.45
N ASP C 11 -63.01 24.87 27.02
CA ASP C 11 -64.09 25.60 26.38
C ASP C 11 -63.61 26.70 25.45
N GLY C 12 -62.31 26.74 25.15
CA GLY C 12 -61.77 27.75 24.26
C GLY C 12 -61.25 28.98 24.96
N SER C 13 -61.72 29.28 26.17
CA SER C 13 -61.25 30.44 26.91
C SER C 13 -59.82 30.23 27.37
N THR C 14 -59.19 31.31 27.83
CA THR C 14 -57.81 31.28 28.26
C THR C 14 -57.69 31.88 29.66
N GLU C 15 -56.63 31.46 30.36
CA GLU C 15 -56.27 32.02 31.64
C GLU C 15 -54.76 31.86 31.83
N ARG C 16 -54.23 32.56 32.82
CA ARG C 16 -52.80 32.50 33.08
C ARG C 16 -52.40 31.09 33.48
N ILE C 17 -51.18 30.70 33.13
CA ILE C 17 -50.66 29.40 33.54
C ILE C 17 -50.54 29.37 35.06
N ASN C 18 -51.16 28.37 35.69
CA ASN C 18 -51.15 28.22 37.13
C ASN C 18 -50.84 26.76 37.46
N LEU C 19 -49.61 26.51 37.92
CA LEU C 19 -49.18 25.14 38.21
C LEU C 19 -49.96 24.51 39.35
N ASP C 20 -50.61 25.31 40.20
CA ASP C 20 -51.40 24.74 41.29
C ASP C 20 -52.55 23.88 40.77
N LYS C 21 -53.07 24.22 39.58
CA LYS C 21 -54.09 23.37 38.96
C LYS C 21 -53.53 22.00 38.63
N ILE C 22 -52.27 21.94 38.18
CA ILE C 22 -51.65 20.66 37.86
C ILE C 22 -51.38 19.85 39.13
N HIS C 23 -50.92 20.53 40.19
CA HIS C 23 -50.71 19.84 41.46
C HIS C 23 -52.01 19.24 41.97
N ARG C 24 -53.11 20.00 41.88
CA ARG C 24 -54.38 19.58 42.48
C ARG C 24 -54.88 18.28 41.85
N VAL C 25 -54.79 18.18 40.52
CA VAL C 25 -55.27 16.98 39.83
C VAL C 25 -54.46 15.77 40.25
N LEU C 26 -53.13 15.89 40.25
CA LEU C 26 -52.27 14.76 40.57
C LEU C 26 -52.43 14.33 42.02
N ASP C 27 -52.48 15.30 42.95
CA ASP C 27 -52.69 14.97 44.35
C ASP C 27 -54.00 14.22 44.53
N TRP C 28 -55.02 14.57 43.74
CA TRP C 28 -56.28 13.84 43.75
C TRP C 28 -56.08 12.43 43.21
N ALA C 29 -55.34 12.29 42.11
CA ALA C 29 -55.18 10.99 41.47
C ALA C 29 -54.32 10.05 42.31
N ALA C 30 -53.44 10.58 43.15
CA ALA C 30 -52.58 9.74 43.97
C ALA C 30 -53.16 9.48 45.36
N GLU C 31 -54.35 10.00 45.64
CA GLU C 31 -54.94 9.87 46.97
C GLU C 31 -55.21 8.40 47.30
N GLY C 32 -54.70 7.96 48.45
CA GLY C 32 -54.84 6.60 48.92
C GLY C 32 -53.87 5.61 48.35
N LEU C 33 -53.11 5.98 47.31
CA LEU C 33 -52.14 5.09 46.68
C LEU C 33 -50.82 5.13 47.42
N HIS C 34 -50.07 4.03 47.32
CA HIS C 34 -48.78 3.88 48.00
C HIS C 34 -47.62 4.01 47.01
N ASN C 35 -46.56 4.67 47.46
CA ASN C 35 -45.27 4.70 46.77
C ASN C 35 -45.36 5.35 45.39
N VAL C 36 -46.20 6.37 45.26
CA VAL C 36 -46.24 7.20 44.08
C VAL C 36 -45.64 8.56 44.40
N SER C 37 -45.39 9.35 43.37
CA SER C 37 -44.75 10.65 43.52
C SER C 37 -45.34 11.63 42.52
N ILE C 38 -46.03 12.65 43.03
CA ILE C 38 -46.49 13.75 42.19
C ILE C 38 -45.30 14.43 41.52
N SER C 39 -44.23 14.65 42.27
CA SER C 39 -43.05 15.30 41.72
C SER C 39 -42.46 14.50 40.56
N GLN C 40 -42.43 13.16 40.70
CA GLN C 40 -41.94 12.33 39.61
C GLN C 40 -42.78 12.51 38.36
N VAL C 41 -44.11 12.53 38.51
CA VAL C 41 -45.01 12.64 37.37
C VAL C 41 -44.79 13.97 36.64
N GLU C 42 -44.65 15.06 37.39
CA GLU C 42 -44.45 16.37 36.76
C GLU C 42 -43.11 16.45 36.04
N LEU C 43 -42.05 15.93 36.67
CA LEU C 43 -40.72 16.05 36.10
C LEU C 43 -40.54 15.13 34.89
N ARG C 44 -41.13 13.94 34.95
CA ARG C 44 -41.07 13.02 33.81
C ARG C 44 -41.98 13.46 32.67
N SER C 45 -42.93 14.36 32.94
CA SER C 45 -43.79 14.85 31.88
C SER C 45 -43.03 15.68 30.86
N HIS C 46 -41.98 16.38 31.29
CA HIS C 46 -41.22 17.29 30.43
C HIS C 46 -42.15 18.20 29.64
N ILE C 47 -43.19 18.69 30.31
CA ILE C 47 -44.26 19.42 29.65
C ILE C 47 -43.70 20.71 29.06
N GLN C 48 -43.82 20.85 27.74
CA GLN C 48 -43.27 21.99 27.01
C GLN C 48 -44.32 23.09 26.96
N PHE C 49 -44.17 24.10 27.82
CA PHE C 49 -45.13 25.19 27.86
C PHE C 49 -44.93 26.15 26.69
N TYR C 50 -46.04 26.69 26.19
CA TYR C 50 -46.02 27.73 25.18
C TYR C 50 -47.28 28.57 25.34
N ASP C 51 -47.23 29.80 24.83
CA ASP C 51 -48.37 30.70 24.95
C ASP C 51 -49.56 30.16 24.19
N GLY C 52 -50.64 29.87 24.91
CA GLY C 52 -51.81 29.28 24.30
C GLY C 52 -51.86 27.77 24.37
N ILE C 53 -51.10 27.15 25.27
CA ILE C 53 -51.04 25.69 25.31
C ILE C 53 -52.39 25.13 25.74
N LYS C 54 -52.86 24.15 24.97
CA LYS C 54 -54.16 23.54 25.23
C LYS C 54 -54.14 22.77 26.55
N THR C 55 -55.21 22.93 27.33
CA THR C 55 -55.31 22.22 28.60
C THR C 55 -55.55 20.72 28.42
N SER C 56 -56.11 20.32 27.28
CA SER C 56 -56.31 18.90 27.02
C SER C 56 -54.99 18.22 26.67
N ASP C 57 -54.07 18.96 26.03
CA ASP C 57 -52.74 18.40 25.77
C ASP C 57 -51.93 18.29 27.06
N ILE C 58 -52.10 19.25 27.98
CA ILE C 58 -51.40 19.18 29.26
C ILE C 58 -51.80 17.92 30.02
N HIS C 59 -53.10 17.61 30.06
CA HIS C 59 -53.54 16.44 30.80
C HIS C 59 -53.09 15.15 30.13
N GLU C 60 -53.19 15.08 28.81
CA GLU C 60 -52.74 13.88 28.10
C GLU C 60 -51.25 13.64 28.26
N THR C 61 -50.48 14.71 28.46
CA THR C 61 -49.05 14.55 28.68
C THR C 61 -48.76 13.89 30.03
N ILE C 62 -49.42 14.36 31.10
CA ILE C 62 -49.16 13.82 32.43
C ILE C 62 -49.76 12.43 32.61
N ILE C 63 -50.76 12.05 31.82
CA ILE C 63 -51.26 10.69 31.87
C ILE C 63 -50.20 9.72 31.37
N LYS C 64 -49.58 10.03 30.22
CA LYS C 64 -48.49 9.22 29.71
C LYS C 64 -47.34 9.14 30.70
N ALA C 65 -47.02 10.25 31.38
CA ALA C 65 -45.90 10.27 32.31
C ALA C 65 -46.13 9.29 33.46
N ALA C 66 -47.34 9.30 34.03
CA ALA C 66 -47.65 8.36 35.10
C ALA C 66 -47.68 6.92 34.58
N ALA C 67 -48.03 6.74 33.31
CA ALA C 67 -48.08 5.40 32.74
C ALA C 67 -46.70 4.78 32.62
N ASP C 68 -45.70 5.58 32.27
CA ASP C 68 -44.34 5.05 32.12
C ASP C 68 -43.62 4.87 33.45
N LEU C 69 -44.21 5.33 34.55
CA LEU C 69 -43.65 5.11 35.88
C LEU C 69 -44.14 3.83 36.51
N ILE C 70 -45.02 3.09 35.83
CA ILE C 70 -45.49 1.80 36.32
C ILE C 70 -44.31 0.86 36.42
N SER C 71 -44.02 0.37 37.62
CA SER C 71 -42.85 -0.47 37.81
C SER C 71 -43.12 -1.51 38.89
N ARG C 72 -42.15 -2.41 39.06
CA ARG C 72 -42.21 -3.40 40.13
C ARG C 72 -42.13 -2.74 41.49
N ASP C 73 -41.28 -1.71 41.61
CA ASP C 73 -41.09 -1.04 42.90
C ASP C 73 -42.24 -0.08 43.22
N ALA C 74 -42.98 0.36 42.21
CA ALA C 74 -44.12 1.26 42.40
C ALA C 74 -45.28 0.79 41.54
N PRO C 75 -45.93 -0.32 41.92
CA PRO C 75 -47.01 -0.86 41.09
C PRO C 75 -48.28 -0.03 41.11
N ASP C 76 -48.49 0.81 42.13
CA ASP C 76 -49.73 1.58 42.23
C ASP C 76 -49.84 2.68 41.17
N TYR C 77 -48.77 2.92 40.39
CA TYR C 77 -48.89 3.84 39.27
C TYR C 77 -49.90 3.35 38.24
N GLN C 78 -50.22 2.05 38.26
CA GLN C 78 -51.26 1.53 37.37
C GLN C 78 -52.62 2.14 37.70
N TYR C 79 -52.83 2.54 38.95
CA TYR C 79 -54.09 3.15 39.35
C TYR C 79 -54.05 4.66 39.30
N LEU C 80 -52.89 5.27 39.53
CA LEU C 80 -52.76 6.72 39.38
C LEU C 80 -53.02 7.13 37.94
N ALA C 81 -52.39 6.43 36.98
CA ALA C 81 -52.61 6.75 35.58
C ALA C 81 -54.02 6.40 35.15
N ALA C 82 -54.64 5.38 35.76
CA ALA C 82 -56.00 5.01 35.42
C ALA C 82 -56.98 6.09 35.88
N ARG C 83 -56.82 6.58 37.11
CA ARG C 83 -57.69 7.64 37.60
C ARG C 83 -57.55 8.91 36.76
N LEU C 84 -56.34 9.21 36.31
CA LEU C 84 -56.14 10.36 35.43
C LEU C 84 -56.84 10.16 34.09
N ALA C 85 -56.86 8.92 33.58
CA ALA C 85 -57.44 8.66 32.27
C ALA C 85 -58.97 8.63 32.33
N ILE C 86 -59.54 8.08 33.41
CA ILE C 86 -60.98 8.12 33.57
C ILE C 86 -61.47 9.56 33.65
N PHE C 87 -60.77 10.39 34.43
CA PHE C 87 -61.06 11.82 34.48
C PHE C 87 -61.04 12.44 33.08
N HIS C 88 -60.01 12.13 32.30
CA HIS C 88 -59.90 12.67 30.95
C HIS C 88 -61.02 12.16 30.05
N LEU C 89 -61.44 10.91 30.24
CA LEU C 89 -62.49 10.33 29.40
C LEU C 89 -63.86 10.88 29.76
N ARG C 90 -64.07 11.27 31.02
CA ARG C 90 -65.33 11.91 31.39
C ARG C 90 -65.50 13.24 30.67
N LYS C 91 -64.43 14.04 30.60
CA LYS C 91 -64.51 15.34 29.95
C LYS C 91 -64.79 15.20 28.46
N LYS C 92 -64.19 14.21 27.81
CA LYS C 92 -64.38 14.04 26.38
C LYS C 92 -65.83 13.68 26.03
N ALA C 93 -66.51 12.94 26.88
CA ALA C 93 -67.85 12.46 26.60
C ALA C 93 -68.97 13.32 27.19
N TYR C 94 -68.71 13.99 28.32
CA TYR C 94 -69.77 14.71 29.02
C TYR C 94 -69.55 16.21 29.17
N GLY C 95 -68.34 16.72 28.93
CA GLY C 95 -68.06 18.12 29.17
C GLY C 95 -67.87 18.47 30.63
N GLN C 96 -68.08 17.52 31.53
CA GLN C 96 -67.88 17.68 32.96
C GLN C 96 -67.44 16.34 33.53
N PHE C 97 -67.39 16.23 34.86
CA PHE C 97 -67.01 14.97 35.47
C PHE C 97 -68.20 14.04 35.68
N GLU C 98 -69.27 14.54 36.29
CA GLU C 98 -70.40 13.69 36.65
C GLU C 98 -71.14 13.23 35.40
N PRO C 99 -71.38 11.93 35.23
CA PRO C 99 -72.10 11.47 34.04
C PRO C 99 -73.56 11.85 34.14
N PRO C 100 -74.25 11.99 32.99
CA PRO C 100 -75.69 12.30 33.02
C PRO C 100 -76.54 11.09 33.43
N ALA C 101 -77.85 11.29 33.47
CA ALA C 101 -78.76 10.20 33.77
C ALA C 101 -78.77 9.17 32.66
N LEU C 102 -79.05 7.92 33.02
CA LEU C 102 -79.06 6.84 32.03
C LEU C 102 -80.10 7.10 30.95
N TYR C 103 -81.27 7.63 31.33
CA TYR C 103 -82.30 7.90 30.35
C TYR C 103 -81.89 9.06 29.44
N ASP C 104 -81.45 10.18 30.03
CA ASP C 104 -81.01 11.33 29.25
C ASP C 104 -79.89 10.95 28.29
N HIS C 105 -79.00 10.06 28.72
CA HIS C 105 -77.88 9.64 27.86
C HIS C 105 -78.38 8.84 26.67
N VAL C 106 -79.20 7.80 26.92
CA VAL C 106 -79.70 6.97 25.83
C VAL C 106 -80.52 7.80 24.84
N VAL C 107 -81.28 8.78 25.35
CA VAL C 107 -82.06 9.65 24.47
C VAL C 107 -81.16 10.40 23.49
N LYS C 108 -80.16 11.10 24.02
CA LYS C 108 -79.28 11.89 23.14
C LYS C 108 -78.53 11.00 22.16
N MET C 109 -78.14 9.80 22.59
CA MET C 109 -77.32 8.93 21.75
C MET C 109 -78.14 8.27 20.65
N VAL C 110 -79.36 7.83 20.96
CA VAL C 110 -80.21 7.21 19.96
C VAL C 110 -80.57 8.21 18.85
N GLU C 111 -80.77 9.48 19.22
CA GLU C 111 -81.08 10.48 18.22
C GLU C 111 -79.91 10.71 17.27
N MET C 112 -78.67 10.63 17.79
CA MET C 112 -77.49 10.81 16.95
C MET C 112 -77.14 9.58 16.14
N GLY C 113 -77.90 8.49 16.27
CA GLY C 113 -77.60 7.26 15.56
C GLY C 113 -76.44 6.48 16.10
N LYS C 114 -75.94 6.82 17.28
CA LYS C 114 -74.82 6.09 17.88
C LYS C 114 -75.28 4.86 18.63
N TYR C 115 -76.48 4.89 19.18
CA TYR C 115 -77.08 3.74 19.84
C TYR C 115 -78.13 3.09 18.94
N ASP C 116 -78.49 1.86 19.30
CA ASP C 116 -79.51 1.14 18.55
C ASP C 116 -80.89 1.74 18.81
N ASN C 117 -81.74 1.67 17.78
CA ASN C 117 -83.08 2.23 17.87
C ASN C 117 -83.92 1.52 18.92
N HIS C 118 -83.66 0.23 19.16
CA HIS C 118 -84.55 -0.59 19.99
C HIS C 118 -84.50 -0.25 21.47
N LEU C 119 -83.44 0.44 21.92
CA LEU C 119 -83.30 0.69 23.36
C LEU C 119 -84.47 1.50 23.90
N LEU C 120 -84.96 2.47 23.14
CA LEU C 120 -86.09 3.26 23.59
C LEU C 120 -87.40 2.52 23.44
N GLU C 121 -87.47 1.57 22.51
CA GLU C 121 -88.71 0.83 22.27
C GLU C 121 -88.94 -0.26 23.32
N ASP C 122 -87.87 -0.92 23.76
CA ASP C 122 -88.00 -2.08 24.66
C ASP C 122 -87.99 -1.72 26.14
N TYR C 123 -87.56 -0.52 26.51
CA TYR C 123 -87.52 -0.10 27.90
C TYR C 123 -88.27 1.21 28.09
N THR C 124 -89.02 1.30 29.19
CA THR C 124 -89.74 2.51 29.54
C THR C 124 -88.84 3.44 30.36
N GLU C 125 -89.25 4.71 30.43
CA GLU C 125 -88.47 5.70 31.19
C GLU C 125 -88.33 5.31 32.65
N GLU C 126 -89.39 4.73 33.23
CA GLU C 126 -89.29 4.27 34.61
C GLU C 126 -88.30 3.13 34.76
N GLU C 127 -88.17 2.30 33.72
CA GLU C 127 -87.21 1.20 33.76
C GLU C 127 -85.78 1.70 33.58
N PHE C 128 -85.58 2.70 32.72
CA PHE C 128 -84.25 3.26 32.54
C PHE C 128 -83.72 3.89 33.83
N LYS C 129 -84.57 4.63 34.54
CA LYS C 129 -84.16 5.18 35.82
C LYS C 129 -83.89 4.07 36.84
N GLN C 130 -84.56 2.92 36.67
CA GLN C 130 -84.32 1.79 37.56
C GLN C 130 -82.98 1.14 37.32
N MET C 131 -82.52 1.11 36.06
CA MET C 131 -81.18 0.60 35.76
C MET C 131 -80.09 1.60 36.09
N ASP C 132 -80.41 2.90 36.13
CA ASP C 132 -79.43 3.90 36.56
C ASP C 132 -79.05 3.69 38.02
N THR C 133 -79.96 3.12 38.82
CA THR C 133 -79.64 2.79 40.20
C THR C 133 -78.73 1.58 40.30
N PHE C 134 -78.74 0.70 39.29
CA PHE C 134 -77.81 -0.43 39.27
C PHE C 134 -76.38 0.06 39.10
N ILE C 135 -76.21 1.11 38.30
CA ILE C 135 -74.88 1.58 37.94
C ILE C 135 -74.12 2.07 39.16
N ASP C 136 -72.84 1.75 39.23
CA ASP C 136 -71.93 2.26 40.24
C ASP C 136 -70.76 2.91 39.50
N HIS C 137 -70.86 4.22 39.27
CA HIS C 137 -69.83 4.94 38.53
C HIS C 137 -68.49 5.01 39.26
N ASP C 138 -68.45 4.63 40.54
CA ASP C 138 -67.17 4.55 41.24
C ASP C 138 -66.37 3.31 40.85
N ARG C 139 -66.99 2.37 40.13
CA ARG C 139 -66.28 1.21 39.64
C ARG C 139 -65.33 1.56 38.51
N ASP C 140 -65.45 2.76 37.95
CA ASP C 140 -64.44 3.27 37.03
C ASP C 140 -63.12 3.51 37.74
N MET C 141 -63.12 3.56 39.07
CA MET C 141 -61.91 3.76 39.86
C MET C 141 -61.21 2.45 40.19
N THR C 142 -61.70 1.33 39.67
CA THR C 142 -61.12 0.02 39.91
C THR C 142 -60.34 -0.52 38.72
N PHE C 143 -60.28 0.24 37.63
CA PHE C 143 -59.48 -0.13 36.47
C PHE C 143 -58.01 0.22 36.70
N SER C 144 -57.14 -0.47 35.96
CA SER C 144 -55.74 -0.10 35.83
C SER C 144 -55.55 0.68 34.53
N TYR C 145 -54.35 1.26 34.38
CA TYR C 145 -54.10 2.07 33.20
C TYR C 145 -54.21 1.25 31.92
N ALA C 146 -53.75 0.00 31.95
CA ALA C 146 -53.90 -0.86 30.80
C ALA C 146 -55.36 -1.09 30.45
N ALA C 147 -56.21 -1.23 31.46
CA ALA C 147 -57.65 -1.43 31.22
C ALA C 147 -58.27 -0.22 30.54
N VAL C 148 -57.98 0.99 31.04
CA VAL C 148 -58.63 2.19 30.53
C VAL C 148 -58.21 2.48 29.09
N LYS C 149 -56.94 2.22 28.77
CA LYS C 149 -56.48 2.46 27.40
C LYS C 149 -57.17 1.55 26.40
N GLN C 150 -57.43 0.30 26.78
CA GLN C 150 -58.19 -0.59 25.91
C GLN C 150 -59.64 -0.13 25.77
N LEU C 151 -60.19 0.49 26.81
CA LEU C 151 -61.54 1.02 26.73
C LEU C 151 -61.60 2.18 25.74
N GLU C 152 -60.80 3.23 25.97
CA GLU C 152 -60.83 4.40 25.11
C GLU C 152 -60.31 4.09 23.71
N GLY C 153 -59.52 3.05 23.55
CA GLY C 153 -58.94 2.71 22.27
C GLY C 153 -59.80 1.84 21.40
N LYS C 154 -60.54 0.92 22.01
CA LYS C 154 -61.25 -0.09 21.23
C LYS C 154 -62.72 -0.22 21.58
N TYR C 155 -63.09 -0.05 22.84
CA TYR C 155 -64.40 -0.51 23.35
C TYR C 155 -65.46 0.58 23.41
N LEU C 156 -65.15 1.72 24.02
CA LEU C 156 -66.15 2.78 24.18
C LEU C 156 -66.65 3.26 22.83
N VAL C 157 -67.98 3.45 22.73
CA VAL C 157 -68.57 3.94 21.49
C VAL C 157 -67.99 5.31 21.16
N GLN C 158 -67.45 5.44 19.96
CA GLN C 158 -66.72 6.63 19.58
C GLN C 158 -66.82 6.85 18.08
N ASN C 159 -66.38 8.02 17.64
CA ASN C 159 -66.33 8.36 16.22
C ASN C 159 -64.96 7.95 15.67
N ARG C 160 -64.96 7.09 14.66
CA ARG C 160 -63.72 6.55 14.12
C ARG C 160 -63.08 7.47 13.09
N VAL C 161 -63.66 8.64 12.83
CA VAL C 161 -63.06 9.66 11.99
C VAL C 161 -62.79 10.95 12.77
N THR C 162 -63.68 11.28 13.70
CA THR C 162 -63.50 12.45 14.56
C THR C 162 -62.61 12.14 15.76
N GLY C 163 -62.68 10.91 16.28
CA GLY C 163 -62.03 10.58 17.53
C GLY C 163 -62.84 10.95 18.75
N GLU C 164 -64.10 11.30 18.58
CA GLU C 164 -64.93 11.80 19.67
C GLU C 164 -65.42 10.63 20.52
N ILE C 165 -65.13 10.67 21.82
CA ILE C 165 -65.58 9.65 22.76
C ILE C 165 -66.97 10.04 23.27
N TYR C 166 -67.91 9.09 23.22
CA TYR C 166 -69.30 9.39 23.49
C TYR C 166 -69.83 8.87 24.82
N GLU C 167 -69.30 7.75 25.34
CA GLU C 167 -69.86 7.13 26.53
C GLU C 167 -68.76 6.92 27.58
N SER C 168 -69.13 6.30 28.69
CA SER C 168 -68.22 5.91 29.75
C SER C 168 -68.24 4.39 29.93
N ALA C 169 -67.49 3.92 30.91
CA ALA C 169 -67.32 2.48 31.11
C ALA C 169 -68.56 1.86 31.69
N GLN C 170 -69.10 2.44 32.77
CA GLN C 170 -70.26 1.85 33.43
C GLN C 170 -71.50 1.91 32.55
N PHE C 171 -71.57 2.90 31.67
CA PHE C 171 -72.68 2.93 30.71
C PHE C 171 -72.53 1.80 29.70
N LEU C 172 -71.30 1.53 29.25
CA LEU C 172 -71.04 0.40 28.38
C LEU C 172 -71.53 -0.90 29.01
N TYR C 173 -71.20 -1.11 30.30
CA TYR C 173 -71.60 -2.33 30.99
C TYR C 173 -73.11 -2.46 31.06
N ILE C 174 -73.79 -1.43 31.58
CA ILE C 174 -75.22 -1.55 31.84
C ILE C 174 -76.02 -1.73 30.56
N LEU C 175 -75.54 -1.18 29.44
CA LEU C 175 -76.26 -1.34 28.18
C LEU C 175 -75.96 -2.66 27.51
N VAL C 176 -74.73 -3.17 27.67
CA VAL C 176 -74.45 -4.54 27.23
C VAL C 176 -75.35 -5.51 27.98
N ALA C 177 -75.55 -5.26 29.28
CA ALA C 177 -76.49 -6.07 30.05
C ALA C 177 -77.93 -5.84 29.57
N ALA C 178 -78.29 -4.58 29.32
CA ALA C 178 -79.65 -4.26 28.90
C ALA C 178 -79.98 -4.88 27.54
N CYS C 179 -79.11 -4.68 26.56
CA CYS C 179 -79.40 -5.13 25.20
C CYS C 179 -79.47 -6.65 25.11
N LEU C 180 -78.60 -7.35 25.84
CA LEU C 180 -78.56 -8.81 25.74
C LEU C 180 -79.84 -9.44 26.29
N PHE C 181 -80.34 -8.93 27.42
CA PHE C 181 -81.55 -9.45 28.03
C PHE C 181 -82.80 -8.66 27.64
N SER C 182 -82.76 -7.92 26.54
CA SER C 182 -83.89 -7.07 26.17
C SER C 182 -85.14 -7.88 25.85
N ASN C 183 -84.98 -9.13 25.38
CA ASN C 183 -86.11 -9.96 24.98
C ASN C 183 -86.59 -10.89 26.08
N TYR C 184 -86.10 -10.72 27.30
CA TYR C 184 -86.53 -11.57 28.40
C TYR C 184 -87.87 -11.09 28.94
N PRO C 185 -88.63 -11.99 29.58
CA PRO C 185 -89.88 -11.57 30.21
C PRO C 185 -89.64 -10.56 31.32
N ARG C 186 -90.54 -9.57 31.41
CA ARG C 186 -90.36 -8.47 32.36
C ARG C 186 -90.45 -8.90 33.83
N GLU C 187 -90.97 -10.10 34.11
CA GLU C 187 -91.03 -10.55 35.49
C GLU C 187 -89.64 -10.86 36.05
N THR C 188 -88.70 -11.26 35.17
CA THR C 188 -87.35 -11.58 35.58
C THR C 188 -86.28 -10.83 34.79
N ARG C 189 -86.67 -9.92 33.89
CA ARG C 189 -85.68 -9.28 33.01
C ARG C 189 -84.69 -8.45 33.81
N LEU C 190 -85.16 -7.44 34.54
CA LEU C 190 -84.25 -6.58 35.28
C LEU C 190 -83.52 -7.33 36.38
N GLN C 191 -84.05 -8.48 36.81
CA GLN C 191 -83.28 -9.34 37.72
C GLN C 191 -81.99 -9.80 37.04
N TYR C 192 -82.10 -10.24 35.79
CA TYR C 192 -80.92 -10.68 35.06
C TYR C 192 -80.03 -9.50 34.68
N VAL C 193 -80.63 -8.38 34.26
CA VAL C 193 -79.84 -7.23 33.81
C VAL C 193 -78.96 -6.70 34.94
N LYS C 194 -79.51 -6.58 36.14
CA LYS C 194 -78.72 -6.11 37.28
C LYS C 194 -77.64 -7.11 37.65
N ARG C 195 -78.00 -8.40 37.73
CA ARG C 195 -77.05 -9.43 38.12
C ARG C 195 -75.90 -9.54 37.12
N PHE C 196 -76.22 -9.46 35.82
CA PHE C 196 -75.20 -9.55 34.80
C PHE C 196 -74.33 -8.31 34.75
N TYR C 197 -74.92 -7.13 35.02
CA TYR C 197 -74.13 -5.91 35.08
C TYR C 197 -73.09 -5.98 36.19
N ASP C 198 -73.50 -6.40 37.39
CA ASP C 198 -72.56 -6.55 38.50
C ASP C 198 -71.48 -7.57 38.17
N ALA C 199 -71.83 -8.63 37.43
CA ALA C 199 -70.86 -9.67 37.13
C ALA C 199 -69.73 -9.15 36.26
N VAL C 200 -70.04 -8.29 35.29
CA VAL C 200 -69.01 -7.79 34.38
C VAL C 200 -68.32 -6.53 34.92
N SER C 201 -69.03 -5.74 35.74
CA SER C 201 -68.44 -4.52 36.28
C SER C 201 -67.57 -4.77 37.50
N THR C 202 -67.72 -5.91 38.16
CA THR C 202 -66.82 -6.33 39.23
C THR C 202 -65.88 -7.45 38.78
N PHE C 203 -65.76 -7.64 37.46
CA PHE C 203 -64.74 -8.50 36.85
C PHE C 203 -64.91 -9.96 37.22
N LYS C 204 -66.15 -10.41 37.40
CA LYS C 204 -66.39 -11.84 37.56
C LYS C 204 -66.42 -12.54 36.21
N ILE C 205 -67.00 -11.89 35.20
CA ILE C 205 -67.11 -12.44 33.85
C ILE C 205 -66.43 -11.46 32.89
N SER C 206 -65.67 -12.00 31.94
CA SER C 206 -64.97 -11.20 30.94
C SER C 206 -65.69 -11.29 29.60
N LEU C 207 -65.89 -10.12 28.95
CA LEU C 207 -66.57 -10.07 27.66
C LEU C 207 -65.59 -9.78 26.52
N PRO C 208 -65.79 -10.35 25.34
CA PRO C 208 -64.82 -10.20 24.25
C PRO C 208 -64.90 -8.83 23.59
N THR C 209 -63.93 -8.58 22.70
CA THR C 209 -63.85 -7.31 21.99
C THR C 209 -65.11 -6.97 21.20
N PRO C 210 -65.67 -7.84 20.36
CA PRO C 210 -66.86 -7.42 19.59
C PRO C 210 -68.08 -7.17 20.47
N ILE C 211 -68.21 -7.88 21.59
CA ILE C 211 -69.30 -7.61 22.51
C ILE C 211 -69.10 -6.27 23.23
N MET C 212 -67.87 -5.99 23.63
CA MET C 212 -67.59 -4.75 24.35
C MET C 212 -67.85 -3.51 23.50
N SER C 213 -67.37 -3.54 22.25
CA SER C 213 -67.51 -2.38 21.38
C SER C 213 -68.78 -2.38 20.56
N GLY C 214 -69.56 -3.46 20.59
CA GLY C 214 -70.70 -3.58 19.70
C GLY C 214 -72.08 -3.52 20.34
N VAL C 215 -72.33 -4.36 21.34
CA VAL C 215 -73.68 -4.58 21.84
C VAL C 215 -74.27 -3.32 22.46
N ARG C 216 -74.98 -2.56 21.62
CA ARG C 216 -75.81 -1.38 21.92
C ARG C 216 -75.82 -0.45 20.71
N THR C 217 -75.06 -0.80 19.69
CA THR C 217 -74.90 -0.03 18.47
C THR C 217 -75.81 -0.56 17.37
N PRO C 218 -76.14 0.27 16.38
CA PRO C 218 -77.02 -0.20 15.29
C PRO C 218 -76.54 -1.47 14.61
N THR C 219 -75.27 -1.52 14.20
CA THR C 219 -74.75 -2.69 13.51
C THR C 219 -74.56 -3.83 14.51
N ARG C 220 -75.24 -4.94 14.27
CA ARG C 220 -75.30 -6.05 15.22
C ARG C 220 -74.51 -7.24 14.68
N GLN C 221 -73.23 -7.31 15.04
CA GLN C 221 -72.44 -8.51 14.82
C GLN C 221 -71.43 -8.62 15.96
N PHE C 222 -71.53 -9.70 16.74
CA PHE C 222 -70.77 -9.83 17.97
C PHE C 222 -70.11 -11.19 18.13
N SER C 223 -70.06 -12.01 17.09
CA SER C 223 -69.39 -13.30 17.13
C SER C 223 -67.93 -13.10 16.78
N SER C 224 -67.03 -13.54 17.67
CA SER C 224 -65.61 -13.31 17.48
C SER C 224 -65.03 -14.17 16.34
N CYS C 225 -65.52 -15.40 16.21
CA CYS C 225 -64.92 -16.39 15.32
C CYS C 225 -65.88 -16.77 14.21
N VAL C 226 -65.37 -16.80 12.97
CA VAL C 226 -66.12 -17.18 11.78
C VAL C 226 -65.32 -18.23 11.03
N LEU C 227 -65.91 -19.41 10.78
CA LEU C 227 -65.23 -20.51 10.10
C LEU C 227 -65.91 -20.79 8.76
N ILE C 228 -65.16 -20.61 7.67
CA ILE C 228 -65.65 -20.79 6.31
C ILE C 228 -64.91 -21.94 5.65
N GLU C 229 -65.65 -22.86 5.06
CA GLU C 229 -65.08 -23.97 4.30
C GLU C 229 -65.27 -23.73 2.81
N CYS C 230 -64.22 -23.98 2.04
CA CYS C 230 -64.20 -23.69 0.60
C CYS C 230 -64.19 -24.98 -0.21
N GLY C 231 -65.15 -25.09 -1.14
CA GLY C 231 -65.19 -26.22 -2.05
C GLY C 231 -64.30 -26.01 -3.25
N ASP C 232 -64.19 -27.06 -4.07
CA ASP C 232 -63.28 -27.06 -5.22
C ASP C 232 -63.98 -26.53 -6.48
N SER C 233 -64.48 -25.30 -6.37
CA SER C 233 -65.14 -24.66 -7.51
C SER C 233 -64.93 -23.16 -7.42
N LEU C 234 -65.05 -22.50 -8.58
CA LEU C 234 -64.96 -21.04 -8.61
C LEU C 234 -66.12 -20.40 -7.87
N ASP C 235 -67.31 -21.00 -7.95
CA ASP C 235 -68.46 -20.49 -7.21
C ASP C 235 -68.23 -20.57 -5.71
N SER C 236 -67.53 -21.60 -5.25
CA SER C 236 -67.24 -21.72 -3.83
C SER C 236 -66.19 -20.72 -3.38
N ILE C 237 -65.15 -20.53 -4.20
CA ILE C 237 -64.12 -19.55 -3.89
C ILE C 237 -64.72 -18.15 -3.86
N ASN C 238 -65.55 -17.82 -4.86
CA ASN C 238 -66.24 -16.53 -4.87
C ASN C 238 -67.14 -16.38 -3.66
N ALA C 239 -67.85 -17.44 -3.28
CA ALA C 239 -68.70 -17.39 -2.09
C ALA C 239 -67.86 -17.20 -0.84
N THR C 240 -66.72 -17.91 -0.77
CA THR C 240 -65.84 -17.77 0.38
C THR C 240 -65.31 -16.34 0.52
N SER C 241 -64.81 -15.78 -0.59
CA SER C 241 -64.26 -14.42 -0.55
C SER C 241 -65.31 -13.40 -0.11
N SER C 242 -66.51 -13.48 -0.68
CA SER C 242 -67.55 -12.52 -0.33
C SER C 242 -67.93 -12.62 1.14
N ALA C 243 -68.01 -13.85 1.66
CA ALA C 243 -68.32 -14.04 3.08
C ALA C 243 -67.22 -13.47 3.96
N ILE C 244 -65.96 -13.66 3.58
CA ILE C 244 -64.84 -13.11 4.33
C ILE C 244 -64.95 -11.59 4.43
N VAL C 245 -65.14 -10.93 3.29
CA VAL C 245 -65.21 -9.46 3.26
C VAL C 245 -66.29 -8.94 4.19
N LYS C 246 -67.46 -9.57 4.18
CA LYS C 246 -68.56 -9.10 5.03
C LYS C 246 -68.23 -9.23 6.51
N TYR C 247 -67.64 -10.36 6.90
CA TYR C 247 -67.46 -10.61 8.32
C TYR C 247 -66.24 -9.90 8.89
N VAL C 248 -65.17 -9.74 8.11
CA VAL C 248 -64.03 -8.98 8.61
C VAL C 248 -64.43 -7.53 8.86
N SER C 249 -65.36 -7.00 8.07
CA SER C 249 -65.85 -5.64 8.27
C SER C 249 -66.75 -5.53 9.49
N GLN C 250 -67.13 -6.65 10.10
CA GLN C 250 -68.01 -6.61 11.26
C GLN C 250 -67.37 -7.31 12.45
N ARG C 251 -66.13 -6.96 12.77
CA ARG C 251 -65.47 -7.36 14.01
C ARG C 251 -65.37 -8.87 14.14
N ALA C 252 -64.81 -9.52 13.13
CA ALA C 252 -64.70 -10.97 13.14
C ALA C 252 -63.33 -11.41 12.66
N GLY C 253 -62.85 -12.51 13.23
CA GLY C 253 -61.62 -13.17 12.80
C GLY C 253 -61.98 -14.48 12.10
N ILE C 254 -61.43 -14.65 10.91
CA ILE C 254 -61.87 -15.69 9.99
C ILE C 254 -60.97 -16.91 10.08
N GLY C 255 -61.56 -18.08 9.87
CA GLY C 255 -60.83 -19.30 9.64
C GLY C 255 -61.20 -19.90 8.30
N ILE C 256 -60.25 -20.02 7.38
CA ILE C 256 -60.50 -20.45 6.02
C ILE C 256 -59.97 -21.87 5.83
N ASN C 257 -60.77 -22.71 5.20
CA ASN C 257 -60.42 -24.11 4.92
C ASN C 257 -60.30 -24.26 3.40
N ALA C 258 -59.12 -23.94 2.87
CA ALA C 258 -58.85 -24.07 1.44
C ALA C 258 -58.10 -25.37 1.10
N GLY C 259 -58.29 -26.41 1.91
CA GLY C 259 -57.66 -27.68 1.63
C GLY C 259 -58.30 -28.45 0.49
N ARG C 260 -59.55 -28.16 0.15
CA ARG C 260 -60.24 -28.86 -0.92
C ARG C 260 -59.79 -28.44 -2.30
N ILE C 261 -59.16 -27.27 -2.44
CA ILE C 261 -58.75 -26.78 -3.75
C ILE C 261 -57.69 -27.71 -4.34
N ARG C 262 -57.90 -28.10 -5.59
CA ARG C 262 -56.98 -29.03 -6.24
C ARG C 262 -55.61 -28.39 -6.45
N ALA C 263 -54.62 -29.24 -6.71
CA ALA C 263 -53.24 -28.80 -6.75
C ALA C 263 -52.89 -28.16 -8.10
N LEU C 264 -51.78 -27.43 -8.10
CA LEU C 264 -51.27 -26.81 -9.31
C LEU C 264 -50.99 -27.85 -10.38
N GLY C 265 -51.46 -27.59 -11.60
CA GLY C 265 -51.21 -28.45 -12.73
C GLY C 265 -52.30 -29.46 -13.04
N SER C 266 -53.29 -29.60 -12.16
CA SER C 266 -54.36 -30.55 -12.41
C SER C 266 -55.20 -30.10 -13.61
N PRO C 267 -55.76 -31.04 -14.36
CA PRO C 267 -56.60 -30.68 -15.51
C PRO C 267 -57.91 -30.05 -15.07
N ILE C 268 -58.42 -29.14 -15.90
CA ILE C 268 -59.68 -28.45 -15.69
C ILE C 268 -60.57 -28.70 -16.90
N ARG C 269 -61.78 -29.20 -16.65
CA ARG C 269 -62.72 -29.59 -17.71
C ARG C 269 -62.06 -30.56 -18.69
N GLY C 270 -61.33 -31.53 -18.14
CA GLY C 270 -60.70 -32.56 -18.96
C GLY C 270 -59.53 -32.08 -19.79
N GLY C 271 -58.87 -31.00 -19.39
CA GLY C 271 -57.72 -30.49 -20.11
C GLY C 271 -57.96 -29.20 -20.87
N GLU C 272 -59.13 -28.58 -20.71
CA GLU C 272 -59.37 -27.29 -21.35
C GLU C 272 -58.54 -26.18 -20.73
N ALA C 273 -58.11 -26.33 -19.48
CA ALA C 273 -57.33 -25.32 -18.80
C ALA C 273 -56.30 -25.98 -17.89
N PHE C 274 -55.24 -25.23 -17.62
CA PHE C 274 -54.17 -25.65 -16.72
C PHE C 274 -54.39 -24.95 -15.38
N HIS C 275 -54.51 -25.73 -14.30
CA HIS C 275 -54.82 -25.16 -13.00
C HIS C 275 -53.67 -24.28 -12.52
N THR C 276 -53.96 -22.99 -12.32
CA THR C 276 -52.91 -22.04 -11.96
C THR C 276 -52.29 -22.35 -10.60
N GLY C 277 -53.03 -23.01 -9.72
CA GLY C 277 -52.51 -23.44 -8.43
C GLY C 277 -53.29 -22.84 -7.28
N CYS C 278 -52.93 -23.30 -6.08
CA CYS C 278 -53.58 -22.82 -4.87
C CYS C 278 -53.16 -21.39 -4.53
N ILE C 279 -51.86 -21.09 -4.68
CA ILE C 279 -51.28 -19.81 -4.27
C ILE C 279 -52.00 -18.62 -4.91
N PRO C 280 -52.36 -18.65 -6.21
CA PRO C 280 -53.12 -17.51 -6.75
C PRO C 280 -54.44 -17.29 -6.03
N PHE C 281 -55.09 -18.35 -5.56
CA PHE C 281 -56.35 -18.19 -4.84
C PHE C 281 -56.11 -17.82 -3.38
N TYR C 282 -55.04 -18.33 -2.77
CA TYR C 282 -54.69 -17.89 -1.41
C TYR C 282 -54.46 -16.39 -1.38
N LYS C 283 -53.81 -15.85 -2.41
CA LYS C 283 -53.62 -14.40 -2.50
C LYS C 283 -54.96 -13.67 -2.54
N HIS C 284 -55.96 -14.26 -3.19
CA HIS C 284 -57.27 -13.64 -3.24
C HIS C 284 -57.95 -13.64 -1.88
N PHE C 285 -57.79 -14.74 -1.12
CA PHE C 285 -58.34 -14.78 0.23
C PHE C 285 -57.68 -13.74 1.14
N GLN C 286 -56.39 -13.49 0.94
CA GLN C 286 -55.68 -12.53 1.79
C GLN C 286 -56.18 -11.11 1.58
N THR C 287 -56.33 -10.69 0.32
CA THR C 287 -56.78 -9.33 0.04
C THR C 287 -58.20 -9.09 0.56
N ALA C 288 -59.01 -10.14 0.64
CA ALA C 288 -60.34 -10.02 1.23
C ALA C 288 -60.25 -9.65 2.71
N VAL C 289 -59.34 -10.28 3.44
CA VAL C 289 -59.23 -10.01 4.87
C VAL C 289 -58.69 -8.60 5.12
N LYS C 290 -57.68 -8.20 4.36
CA LYS C 290 -57.05 -6.91 4.59
C LYS C 290 -57.82 -5.74 3.98
N SER C 291 -58.84 -6.02 3.15
CA SER C 291 -59.58 -4.95 2.49
C SER C 291 -60.29 -4.04 3.49
N CYS C 292 -60.68 -4.59 4.65
CA CYS C 292 -61.45 -3.82 5.62
C CYS C 292 -60.78 -3.83 6.99
N SER C 293 -61.48 -3.27 7.99
CA SER C 293 -61.08 -3.34 9.39
C SER C 293 -62.23 -3.91 10.20
N GLN C 294 -61.90 -4.44 11.38
CA GLN C 294 -62.87 -5.12 12.24
C GLN C 294 -63.71 -4.08 12.98
N GLY C 295 -64.66 -3.49 12.24
CA GLY C 295 -65.54 -2.49 12.82
C GLY C 295 -64.85 -1.21 13.24
N GLY C 296 -63.69 -0.92 12.66
CA GLY C 296 -62.92 0.23 13.06
C GLY C 296 -62.11 0.03 14.34
N VAL C 297 -62.16 -1.16 14.93
CA VAL C 297 -61.47 -1.44 16.18
C VAL C 297 -60.02 -1.88 15.94
N ARG C 298 -59.83 -2.89 15.11
CA ARG C 298 -58.51 -3.41 14.79
C ARG C 298 -58.47 -3.78 13.32
N GLY C 299 -57.34 -4.36 12.89
CA GLY C 299 -57.19 -4.81 11.52
C GLY C 299 -57.74 -6.20 11.30
N GLY C 300 -57.96 -6.54 10.03
CA GLY C 300 -58.48 -7.85 9.69
C GLY C 300 -57.39 -8.93 9.76
N ALA C 301 -57.78 -10.09 10.28
CA ALA C 301 -56.87 -11.22 10.38
C ALA C 301 -57.63 -12.50 10.07
N ALA C 302 -56.90 -13.50 9.55
CA ALA C 302 -57.50 -14.78 9.20
C ALA C 302 -56.42 -15.85 9.18
N THR C 303 -56.84 -17.09 9.41
CA THR C 303 -55.97 -18.26 9.37
C THR C 303 -56.50 -19.26 8.36
N LEU C 304 -55.62 -19.72 7.47
CA LEU C 304 -55.97 -20.67 6.42
C LEU C 304 -55.42 -22.05 6.79
N PHE C 305 -56.23 -23.09 6.53
CA PHE C 305 -55.91 -24.46 6.91
C PHE C 305 -55.80 -25.34 5.69
N TYR C 306 -54.89 -26.32 5.75
CA TYR C 306 -54.72 -27.31 4.70
C TYR C 306 -54.13 -28.57 5.30
N PRO C 307 -54.47 -29.75 4.75
CA PRO C 307 -53.88 -30.99 5.27
C PRO C 307 -52.41 -31.13 4.91
N MET C 308 -51.69 -31.85 5.77
CA MET C 308 -50.26 -32.05 5.56
C MET C 308 -49.95 -32.82 4.29
N TRP C 309 -50.86 -33.69 3.86
CA TRP C 309 -50.63 -34.53 2.70
C TRP C 309 -50.99 -33.86 1.37
N HIS C 310 -51.27 -32.56 1.38
CA HIS C 310 -51.56 -31.87 0.13
C HIS C 310 -50.34 -31.88 -0.78
N LEU C 311 -50.59 -31.83 -2.09
CA LEU C 311 -49.50 -31.94 -3.05
C LEU C 311 -48.58 -30.73 -3.01
N GLU C 312 -49.15 -29.54 -2.82
CA GLU C 312 -48.37 -28.31 -2.76
C GLU C 312 -47.85 -28.02 -1.36
N VAL C 313 -47.90 -28.99 -0.45
CA VAL C 313 -47.63 -28.71 0.96
C VAL C 313 -46.25 -28.12 1.17
N GLU C 314 -45.28 -28.49 0.32
CA GLU C 314 -43.95 -27.93 0.46
C GLU C 314 -43.93 -26.46 0.06
N SER C 315 -44.82 -26.05 -0.84
CA SER C 315 -44.90 -24.65 -1.25
C SER C 315 -45.70 -23.83 -0.27
N LEU C 316 -46.69 -24.43 0.40
CA LEU C 316 -47.54 -23.69 1.32
C LEU C 316 -46.88 -23.42 2.66
N LEU C 317 -45.95 -24.29 3.09
CA LEU C 317 -45.31 -24.11 4.38
C LEU C 317 -44.43 -22.87 4.46
N VAL C 318 -43.98 -22.36 3.32
CA VAL C 318 -43.05 -21.24 3.30
C VAL C 318 -43.75 -19.94 2.91
N LEU C 319 -45.08 -19.89 3.00
CA LEU C 319 -45.82 -18.73 2.53
C LEU C 319 -45.60 -17.49 3.37
N LYS C 320 -45.14 -17.66 4.62
CA LYS C 320 -44.82 -16.51 5.47
C LYS C 320 -43.33 -16.20 5.49
N ASN C 321 -42.50 -17.12 5.03
CA ASN C 321 -41.06 -16.91 4.93
C ASN C 321 -40.76 -15.64 4.15
N ASN C 322 -40.08 -14.70 4.82
CA ASN C 322 -39.87 -13.38 4.24
C ASN C 322 -38.91 -13.38 3.06
N ARG C 323 -38.27 -14.52 2.75
CA ARG C 323 -37.47 -14.64 1.55
C ARG C 323 -38.35 -15.09 0.39
N GLY C 324 -37.73 -15.31 -0.76
CA GLY C 324 -38.45 -15.71 -1.96
C GLY C 324 -39.19 -14.56 -2.61
N VAL C 325 -39.61 -14.81 -3.85
CA VAL C 325 -40.30 -13.78 -4.63
C VAL C 325 -41.75 -13.67 -4.16
N GLU C 326 -42.38 -12.53 -4.50
CA GLU C 326 -43.77 -12.29 -4.11
C GLU C 326 -44.75 -13.24 -4.79
N GLY C 327 -44.36 -13.86 -5.91
CA GLY C 327 -45.27 -14.72 -6.62
C GLY C 327 -45.69 -15.94 -5.82
N ASN C 328 -44.78 -16.48 -5.02
CA ASN C 328 -45.03 -17.67 -4.21
C ASN C 328 -44.93 -17.36 -2.72
N ARG C 329 -45.41 -16.18 -2.32
CA ARG C 329 -45.46 -15.77 -0.92
C ARG C 329 -46.82 -15.13 -0.62
N VAL C 330 -47.47 -15.62 0.44
CA VAL C 330 -48.70 -15.03 0.95
C VAL C 330 -48.51 -14.77 2.43
N ARG C 331 -47.86 -13.64 2.77
CA ARG C 331 -47.29 -13.47 4.09
C ARG C 331 -48.30 -13.04 5.16
N HIS C 332 -49.30 -12.24 4.81
CA HIS C 332 -50.14 -11.59 5.81
C HIS C 332 -51.29 -12.45 6.29
N MET C 333 -51.17 -13.78 6.20
CA MET C 333 -52.13 -14.71 6.79
C MET C 333 -51.39 -15.77 7.57
N ASP C 334 -52.01 -16.25 8.64
CA ASP C 334 -51.48 -17.37 9.41
C ASP C 334 -52.01 -18.67 8.82
N TYR C 335 -51.34 -19.76 9.17
CA TYR C 335 -51.67 -21.07 8.60
C TYR C 335 -51.69 -22.14 9.67
N GLY C 336 -52.53 -23.15 9.45
CA GLY C 336 -52.62 -24.31 10.32
C GLY C 336 -52.49 -25.62 9.56
N VAL C 337 -51.44 -26.39 9.86
CA VAL C 337 -51.23 -27.68 9.22
C VAL C 337 -52.02 -28.74 9.96
N GLN C 338 -52.82 -29.51 9.22
CA GLN C 338 -53.68 -30.55 9.78
C GLN C 338 -52.97 -31.90 9.74
N ILE C 339 -52.90 -32.56 10.90
CA ILE C 339 -52.13 -33.79 11.06
C ILE C 339 -52.98 -34.83 11.78
N ASN C 340 -52.75 -36.12 11.46
CA ASN C 340 -53.39 -37.24 12.12
C ASN C 340 -52.34 -38.28 12.51
N LYS C 341 -52.80 -39.40 13.08
CA LYS C 341 -51.88 -40.40 13.62
C LYS C 341 -50.98 -40.97 12.53
N LEU C 342 -51.55 -41.28 11.36
CA LEU C 342 -50.76 -41.89 10.30
C LEU C 342 -49.60 -40.99 9.88
N MET C 343 -49.85 -39.68 9.83
CA MET C 343 -48.77 -38.75 9.50
C MET C 343 -47.67 -38.77 10.57
N TYR C 344 -48.05 -38.79 11.85
CA TYR C 344 -47.07 -38.89 12.92
C TYR C 344 -46.33 -40.22 12.88
N THR C 345 -47.03 -41.31 12.51
CA THR C 345 -46.40 -42.62 12.48
C THR C 345 -45.28 -42.68 11.46
N ARG C 346 -45.49 -42.09 10.28
CA ARG C 346 -44.45 -42.07 9.25
C ARG C 346 -43.21 -41.34 9.71
N LEU C 347 -43.36 -40.36 10.62
CA LEU C 347 -42.19 -39.66 11.15
C LEU C 347 -41.41 -40.54 12.12
N LEU C 348 -42.12 -41.18 13.06
CA LEU C 348 -41.45 -41.99 14.08
C LEU C 348 -40.66 -43.14 13.47
N LYS C 349 -41.14 -43.69 12.36
CA LYS C 349 -40.47 -44.80 11.69
C LYS C 349 -39.51 -44.35 10.60
N GLY C 350 -39.29 -43.03 10.46
CA GLY C 350 -38.38 -42.53 9.45
C GLY C 350 -38.75 -42.85 8.03
N GLU C 351 -40.03 -43.10 7.77
CA GLU C 351 -40.51 -43.47 6.44
C GLU C 351 -40.86 -42.21 5.64
N ASP C 352 -41.57 -42.39 4.53
CA ASP C 352 -41.96 -41.27 3.67
C ASP C 352 -43.42 -40.88 3.92
N ILE C 353 -43.82 -39.77 3.30
CA ILE C 353 -45.20 -39.33 3.26
C ILE C 353 -45.53 -39.01 1.80
N THR C 354 -46.57 -39.63 1.27
CA THR C 354 -46.98 -39.39 -0.10
C THR C 354 -47.95 -38.21 -0.15
N LEU C 355 -47.73 -37.33 -1.13
CA LEU C 355 -48.55 -36.14 -1.32
C LEU C 355 -49.46 -36.33 -2.52
N PHE C 356 -50.73 -35.99 -2.37
CA PHE C 356 -51.71 -36.09 -3.44
C PHE C 356 -52.44 -34.76 -3.61
N SER C 357 -52.95 -34.55 -4.81
CA SER C 357 -53.96 -33.54 -5.01
C SER C 357 -55.32 -34.08 -4.57
N PRO C 358 -56.11 -33.32 -3.81
CA PRO C 358 -57.41 -33.84 -3.34
C PRO C 358 -58.37 -34.23 -4.46
N SER C 359 -58.13 -33.79 -5.69
CA SER C 359 -59.00 -34.15 -6.80
C SER C 359 -58.68 -35.52 -7.39
N ASP C 360 -57.58 -36.13 -6.99
CA ASP C 360 -57.13 -37.41 -7.53
C ASP C 360 -57.24 -38.54 -6.51
N VAL C 361 -57.90 -38.31 -5.37
CA VAL C 361 -57.97 -39.32 -4.32
C VAL C 361 -59.39 -39.40 -3.77
N PRO C 362 -60.27 -40.20 -4.37
CA PRO C 362 -61.67 -40.22 -3.95
C PRO C 362 -61.83 -40.65 -2.51
N GLY C 363 -62.53 -39.82 -1.73
CA GLY C 363 -62.83 -40.11 -0.35
C GLY C 363 -61.71 -39.88 0.65
N LEU C 364 -60.51 -39.52 0.18
CA LEU C 364 -59.39 -39.33 1.11
C LEU C 364 -59.55 -38.09 1.97
N TYR C 365 -60.14 -37.03 1.42
CA TYR C 365 -60.27 -35.79 2.18
C TYR C 365 -61.21 -35.96 3.36
N ASP C 366 -62.42 -36.45 3.11
CA ASP C 366 -63.40 -36.63 4.19
C ASP C 366 -62.94 -37.67 5.20
N ALA C 367 -62.24 -38.72 4.75
CA ALA C 367 -61.73 -39.71 5.68
C ALA C 367 -60.65 -39.13 6.59
N PHE C 368 -59.90 -38.15 6.09
CA PHE C 368 -58.82 -37.55 6.89
C PHE C 368 -59.32 -36.97 8.20
N PHE C 369 -60.60 -36.58 8.25
CA PHE C 369 -61.18 -35.97 9.45
C PHE C 369 -62.10 -36.92 10.20
N ALA C 370 -63.03 -37.57 9.51
CA ALA C 370 -64.09 -38.28 10.20
C ALA C 370 -63.69 -39.70 10.61
N ASP C 371 -62.99 -40.43 9.74
CA ASP C 371 -62.74 -41.86 9.93
C ASP C 371 -61.24 -42.12 9.78
N GLN C 372 -60.55 -42.31 10.91
CA GLN C 372 -59.10 -42.54 10.87
C GLN C 372 -58.79 -43.91 10.28
N GLU C 373 -59.60 -44.93 10.56
CA GLU C 373 -59.38 -46.25 10.00
C GLU C 373 -59.57 -46.26 8.50
N GLU C 374 -60.66 -45.65 8.02
CA GLU C 374 -60.90 -45.58 6.58
C GLU C 374 -59.82 -44.80 5.86
N PHE C 375 -59.20 -43.83 6.53
CA PHE C 375 -58.11 -43.07 5.93
C PHE C 375 -56.91 -43.96 5.67
N GLU C 376 -56.49 -44.74 6.68
CA GLU C 376 -55.34 -45.61 6.53
C GLU C 376 -55.52 -46.59 5.37
N ARG C 377 -56.75 -47.08 5.16
CA ARG C 377 -57.03 -47.98 4.05
C ARG C 377 -56.85 -47.27 2.71
N LEU C 378 -57.55 -46.14 2.52
CA LEU C 378 -57.50 -45.43 1.24
C LEU C 378 -56.12 -44.87 0.95
N TYR C 379 -55.41 -44.40 1.98
CA TYR C 379 -54.10 -43.77 1.78
C TYR C 379 -53.09 -44.76 1.20
N THR C 380 -52.92 -45.91 1.86
CA THR C 380 -51.96 -46.91 1.39
C THR C 380 -52.33 -47.47 0.03
N LYS C 381 -53.63 -47.55 -0.29
CA LYS C 381 -54.03 -48.04 -1.61
C LYS C 381 -53.57 -47.10 -2.71
N TYR C 382 -53.90 -45.81 -2.57
CA TYR C 382 -53.52 -44.83 -3.59
C TYR C 382 -52.02 -44.64 -3.68
N GLU C 383 -51.28 -44.96 -2.62
CA GLU C 383 -49.82 -44.90 -2.67
C GLU C 383 -49.26 -45.92 -3.65
N LYS C 384 -49.96 -47.04 -3.84
CA LYS C 384 -49.51 -48.09 -4.76
C LYS C 384 -50.00 -47.87 -6.19
N ASP C 385 -51.10 -47.14 -6.37
CA ASP C 385 -51.61 -46.84 -7.71
C ASP C 385 -50.62 -45.97 -8.46
N ASP C 386 -50.20 -46.42 -9.64
CA ASP C 386 -49.26 -45.68 -10.47
C ASP C 386 -49.92 -44.67 -11.39
N SER C 387 -51.24 -44.72 -11.55
CA SER C 387 -51.96 -43.75 -12.37
C SER C 387 -52.19 -42.43 -11.65
N ILE C 388 -52.16 -42.43 -10.31
CA ILE C 388 -52.43 -41.24 -9.52
C ILE C 388 -51.18 -40.38 -9.46
N ARG C 389 -51.34 -39.08 -9.71
CA ARG C 389 -50.23 -38.15 -9.53
C ARG C 389 -49.87 -38.04 -8.06
N LYS C 390 -48.61 -38.34 -7.73
CA LYS C 390 -48.17 -38.32 -6.36
C LYS C 390 -46.72 -37.83 -6.30
N GLN C 391 -46.21 -37.70 -5.08
CA GLN C 391 -44.84 -37.24 -4.84
C GLN C 391 -44.45 -37.68 -3.44
N ARG C 392 -43.39 -38.48 -3.34
CA ARG C 392 -42.95 -39.00 -2.05
C ARG C 392 -41.86 -38.09 -1.47
N VAL C 393 -41.99 -37.76 -0.19
CA VAL C 393 -41.00 -36.99 0.54
C VAL C 393 -40.76 -37.68 1.88
N LYS C 394 -39.52 -37.62 2.35
CA LYS C 394 -39.20 -38.16 3.67
C LYS C 394 -40.00 -37.44 4.75
N ALA C 395 -40.74 -38.23 5.55
CA ALA C 395 -41.52 -37.65 6.63
C ALA C 395 -40.65 -36.85 7.59
N VAL C 396 -39.38 -37.25 7.75
CA VAL C 396 -38.47 -36.51 8.61
C VAL C 396 -38.18 -35.13 8.01
N GLU C 397 -38.08 -35.06 6.68
CA GLU C 397 -37.80 -33.77 6.04
C GLU C 397 -39.04 -32.89 6.00
N LEU C 398 -40.20 -33.47 5.70
CA LEU C 398 -41.43 -32.67 5.63
C LEU C 398 -41.76 -32.04 6.97
N PHE C 399 -41.64 -32.80 8.05
CA PHE C 399 -41.88 -32.24 9.38
C PHE C 399 -40.84 -31.18 9.73
N SER C 400 -39.59 -31.37 9.31
CA SER C 400 -38.55 -30.39 9.59
C SER C 400 -38.84 -29.06 8.91
N LEU C 401 -39.36 -29.11 7.68
CA LEU C 401 -39.72 -27.88 6.98
C LEU C 401 -40.83 -27.15 7.72
N MET C 402 -41.82 -27.89 8.21
CA MET C 402 -42.95 -27.28 8.91
C MET C 402 -42.50 -26.58 10.19
N MET C 403 -41.77 -27.30 11.04
CA MET C 403 -41.34 -26.73 12.31
C MET C 403 -40.35 -25.59 12.12
N GLN C 404 -39.51 -25.65 11.08
CA GLN C 404 -38.59 -24.56 10.81
C GLN C 404 -39.34 -23.28 10.49
N GLU C 405 -40.37 -23.37 9.64
CA GLU C 405 -41.20 -22.20 9.35
C GLU C 405 -42.06 -21.81 10.55
N ARG C 406 -42.46 -22.80 11.37
CA ARG C 406 -43.18 -22.46 12.59
C ARG C 406 -42.29 -21.69 13.55
N ALA C 407 -41.01 -22.06 13.63
CA ALA C 407 -40.11 -21.39 14.57
C ALA C 407 -39.76 -19.98 14.12
N SER C 408 -39.52 -19.79 12.82
CA SER C 408 -39.08 -18.48 12.35
C SER C 408 -40.22 -17.48 12.31
N THR C 409 -41.40 -17.90 11.84
CA THR C 409 -42.54 -16.99 11.73
C THR C 409 -43.39 -16.96 12.99
N GLY C 410 -43.46 -18.07 13.73
CA GLY C 410 -44.32 -18.15 14.89
C GLY C 410 -45.78 -18.30 14.59
N ARG C 411 -46.16 -18.39 13.31
CA ARG C 411 -47.56 -18.38 12.91
C ARG C 411 -47.92 -19.57 12.02
N ILE C 412 -47.15 -20.66 12.07
CA ILE C 412 -47.50 -21.90 11.38
C ILE C 412 -48.05 -22.84 12.43
N TYR C 413 -49.37 -23.01 12.45
CA TYR C 413 -50.07 -23.70 13.52
C TYR C 413 -50.33 -25.15 13.16
N ILE C 414 -50.68 -25.94 14.17
CA ILE C 414 -50.91 -27.38 14.04
C ILE C 414 -52.31 -27.68 14.56
N GLN C 415 -53.06 -28.50 13.82
CA GLN C 415 -54.35 -29.00 14.27
C GLN C 415 -54.38 -30.50 14.05
N ASN C 416 -54.43 -31.26 15.13
CA ASN C 416 -54.53 -32.72 15.09
C ASN C 416 -55.98 -33.09 14.84
N VAL C 417 -56.31 -33.40 13.58
CA VAL C 417 -57.70 -33.57 13.18
C VAL C 417 -58.32 -34.83 13.80
N ASP C 418 -57.50 -35.84 14.09
CA ASP C 418 -58.02 -37.05 14.71
C ASP C 418 -58.51 -36.79 16.12
N HIS C 419 -57.75 -36.02 16.90
CA HIS C 419 -58.21 -35.63 18.23
C HIS C 419 -59.45 -34.76 18.17
N CYS C 420 -59.56 -33.93 17.13
CA CYS C 420 -60.70 -33.02 16.99
C CYS C 420 -62.01 -33.71 16.70
N ASN C 421 -62.03 -35.02 16.49
CA ASN C 421 -63.27 -35.72 16.17
C ASN C 421 -63.51 -36.90 17.11
N THR C 422 -62.44 -37.57 17.54
CA THR C 422 -62.59 -38.65 18.50
C THR C 422 -62.86 -38.14 19.91
N HIS C 423 -62.52 -36.88 20.20
CA HIS C 423 -62.79 -36.24 21.47
C HIS C 423 -63.40 -34.86 21.18
N SER C 424 -64.65 -34.87 20.71
CA SER C 424 -65.35 -33.67 20.34
C SER C 424 -66.81 -33.80 20.73
N PRO C 425 -67.52 -32.68 20.85
CA PRO C 425 -68.97 -32.74 21.07
C PRO C 425 -69.78 -33.06 19.83
N PHE C 426 -69.15 -33.34 18.69
CA PHE C 426 -69.86 -33.57 17.45
C PHE C 426 -69.61 -34.97 16.93
N ASP C 427 -70.63 -35.52 16.28
CA ASP C 427 -70.55 -36.84 15.66
C ASP C 427 -69.85 -36.73 14.31
N PRO C 428 -68.69 -37.37 14.11
CA PRO C 428 -67.96 -37.22 12.85
C PRO C 428 -68.73 -37.66 11.62
N ALA C 429 -69.67 -38.60 11.76
CA ALA C 429 -70.41 -39.10 10.61
C ALA C 429 -71.52 -38.15 10.16
N ILE C 430 -71.97 -37.24 11.02
CA ILE C 430 -73.02 -36.30 10.68
C ILE C 430 -72.47 -34.91 10.42
N ALA C 431 -71.56 -34.44 11.26
CA ALA C 431 -71.00 -33.09 11.14
C ALA C 431 -69.59 -33.09 11.70
N PRO C 432 -68.61 -33.51 10.90
CA PRO C 432 -67.23 -33.53 11.39
C PRO C 432 -66.65 -32.13 11.46
N VAL C 433 -65.59 -32.01 12.25
CA VAL C 433 -64.84 -30.77 12.36
C VAL C 433 -63.67 -30.83 11.38
N ARG C 434 -63.63 -29.89 10.43
CA ARG C 434 -62.63 -29.91 9.38
C ARG C 434 -61.67 -28.72 9.41
N GLN C 435 -61.77 -27.84 10.38
CA GLN C 435 -60.90 -26.66 10.41
C GLN C 435 -60.92 -26.05 11.81
N SER C 436 -60.30 -24.89 11.94
CA SER C 436 -60.29 -24.12 13.19
C SER C 436 -60.38 -22.65 12.81
N ASN C 437 -59.97 -21.77 13.72
CA ASN C 437 -60.12 -20.33 13.52
C ASN C 437 -58.80 -19.59 13.58
N LEU C 438 -58.87 -18.27 13.80
CA LEU C 438 -57.68 -17.42 13.79
C LEU C 438 -56.70 -17.79 14.89
N CYS C 439 -57.22 -18.14 16.08
CA CYS C 439 -56.37 -18.41 17.24
C CYS C 439 -56.42 -19.86 17.69
N LEU C 440 -57.02 -20.74 16.87
CA LEU C 440 -56.91 -22.18 17.04
C LEU C 440 -57.56 -22.69 18.34
N GLU C 441 -58.60 -22.02 18.81
CA GLU C 441 -59.35 -22.48 19.98
C GLU C 441 -60.75 -22.95 19.62
N ILE C 442 -61.17 -22.79 18.38
CA ILE C 442 -62.52 -23.12 17.94
C ILE C 442 -62.47 -24.34 17.02
N ALA C 443 -63.38 -25.28 17.23
CA ALA C 443 -63.49 -26.48 16.40
C ALA C 443 -64.98 -26.78 16.21
N LEU C 444 -65.51 -26.43 15.04
CA LEU C 444 -66.93 -26.52 14.76
C LEU C 444 -67.16 -27.08 13.36
N PRO C 445 -68.32 -27.67 13.10
CA PRO C 445 -68.59 -28.22 11.76
C PRO C 445 -68.80 -27.13 10.71
N THR C 446 -68.47 -27.47 9.47
CA THR C 446 -68.59 -26.55 8.34
C THR C 446 -68.93 -27.34 7.07
N LYS C 447 -69.69 -26.69 6.19
CA LYS C 447 -70.00 -27.24 4.87
C LYS C 447 -69.78 -26.15 3.82
N PRO C 448 -69.05 -26.43 2.74
CA PRO C 448 -68.74 -25.39 1.76
C PRO C 448 -69.99 -24.84 1.08
N LEU C 449 -69.85 -23.61 0.59
CA LEU C 449 -70.92 -22.88 -0.09
C LEU C 449 -70.70 -22.93 -1.60
N ASN C 450 -71.79 -22.96 -2.36
CA ASN C 450 -71.73 -22.82 -3.80
C ASN C 450 -72.21 -21.46 -4.28
N ASP C 451 -72.52 -20.56 -3.36
CA ASP C 451 -72.91 -19.19 -3.67
C ASP C 451 -72.87 -18.38 -2.38
N VAL C 452 -72.79 -17.06 -2.54
CA VAL C 452 -72.75 -16.17 -1.37
C VAL C 452 -73.98 -16.37 -0.49
N ASN C 453 -75.13 -16.61 -1.11
CA ASN C 453 -76.38 -16.82 -0.39
C ASN C 453 -76.83 -18.27 -0.41
N ASP C 454 -75.90 -19.20 -0.65
CA ASP C 454 -76.24 -20.61 -0.68
C ASP C 454 -76.77 -21.06 0.67
N GLU C 455 -78.03 -21.51 0.67
CA GLU C 455 -78.65 -22.00 1.90
C GLU C 455 -78.07 -23.35 2.33
N ASN C 456 -77.46 -24.09 1.41
CA ASN C 456 -76.97 -25.43 1.73
C ASN C 456 -75.68 -25.43 2.53
N GLY C 457 -74.82 -24.43 2.33
CA GLY C 457 -73.57 -24.37 3.07
C GLY C 457 -73.77 -23.98 4.52
N GLU C 458 -72.77 -24.30 5.34
CA GLU C 458 -72.77 -23.95 6.75
C GLU C 458 -71.48 -23.24 7.11
N ILE C 459 -71.60 -22.03 7.65
CA ILE C 459 -70.47 -21.28 8.20
C ILE C 459 -70.63 -21.27 9.71
N ALA C 460 -69.61 -21.74 10.41
CA ALA C 460 -69.66 -21.87 11.87
C ALA C 460 -69.33 -20.54 12.53
N LEU C 461 -70.25 -20.05 13.35
CA LEU C 461 -70.01 -18.88 14.20
C LEU C 461 -69.85 -19.33 15.65
N CYS C 462 -69.07 -18.56 16.40
CA CYS C 462 -68.90 -18.81 17.84
C CYS C 462 -68.82 -17.47 18.58
N THR C 463 -69.56 -17.38 19.68
CA THR C 463 -69.57 -16.21 20.54
C THR C 463 -68.85 -16.54 21.85
N LEU C 464 -68.12 -15.57 22.40
CA LEU C 464 -67.17 -15.83 23.47
C LEU C 464 -67.51 -15.03 24.73
N SER C 465 -66.86 -15.45 25.82
CA SER C 465 -66.85 -14.83 27.15
C SER C 465 -65.90 -15.67 28.00
N ALA C 466 -65.52 -15.13 29.17
CA ALA C 466 -64.52 -15.78 29.99
C ALA C 466 -64.87 -15.67 31.47
N PHE C 467 -64.47 -16.70 32.23
CA PHE C 467 -64.57 -16.70 33.68
C PHE C 467 -63.27 -16.18 34.29
N ASN C 468 -63.38 -15.20 35.19
CA ASN C 468 -62.21 -14.69 35.91
C ASN C 468 -61.92 -15.63 37.07
N LEU C 469 -60.91 -16.48 36.89
CA LEU C 469 -60.53 -17.42 37.94
C LEU C 469 -59.97 -16.72 39.17
N GLY C 470 -59.42 -15.52 39.03
CA GLY C 470 -58.90 -14.78 40.16
C GLY C 470 -59.94 -14.06 41.00
N ALA C 471 -61.16 -13.91 40.51
CA ALA C 471 -62.22 -13.20 41.21
C ALA C 471 -63.12 -14.11 42.03
N ILE C 472 -63.04 -15.42 41.81
CA ILE C 472 -63.86 -16.38 42.55
C ILE C 472 -63.08 -16.86 43.76
N ASN C 473 -63.81 -17.17 44.84
CA ASN C 473 -63.24 -17.75 46.03
C ASN C 473 -63.58 -19.22 46.21
N ASN C 474 -64.63 -19.70 45.56
CA ASN C 474 -65.01 -21.10 45.60
C ASN C 474 -65.37 -21.55 44.19
N LEU C 475 -65.01 -22.78 43.85
CA LEU C 475 -65.33 -23.31 42.52
C LEU C 475 -66.82 -23.43 42.29
N ASP C 476 -67.62 -23.51 43.35
CA ASP C 476 -69.07 -23.60 43.21
C ASP C 476 -69.71 -22.26 42.89
N GLU C 477 -68.97 -21.15 43.02
CA GLU C 477 -69.48 -19.87 42.56
C GLU C 477 -69.70 -19.85 41.06
N LEU C 478 -69.02 -20.75 40.33
CA LEU C 478 -69.11 -20.80 38.88
C LEU C 478 -70.47 -21.27 38.39
N GLU C 479 -71.22 -22.02 39.21
CA GLU C 479 -72.53 -22.50 38.79
C GLU C 479 -73.46 -21.35 38.46
N GLU C 480 -73.59 -20.40 39.39
CA GLU C 480 -74.45 -19.25 39.13
C GLU C 480 -73.86 -18.36 38.03
N LEU C 481 -72.53 -18.27 37.94
CA LEU C 481 -71.92 -17.46 36.88
C LEU C 481 -72.12 -18.12 35.52
N ALA C 482 -72.10 -19.45 35.47
CA ALA C 482 -72.35 -20.15 34.21
C ALA C 482 -73.76 -19.88 33.72
N ILE C 483 -74.72 -19.73 34.65
CA ILE C 483 -76.07 -19.37 34.27
C ILE C 483 -76.09 -18.01 33.57
N LEU C 484 -75.49 -16.99 34.21
CA LEU C 484 -75.51 -15.65 33.65
C LEU C 484 -74.77 -15.56 32.32
N ALA C 485 -73.66 -16.30 32.18
CA ALA C 485 -72.87 -16.19 30.96
C ALA C 485 -73.56 -16.89 29.78
N VAL C 486 -74.01 -18.12 29.97
CA VAL C 486 -74.66 -18.86 28.90
C VAL C 486 -75.94 -18.16 28.46
N ARG C 487 -76.73 -17.67 29.41
CA ARG C 487 -77.98 -17.00 29.08
C ARG C 487 -77.72 -15.75 28.25
N ALA C 488 -76.74 -14.94 28.65
CA ALA C 488 -76.46 -13.69 27.95
C ALA C 488 -75.94 -13.95 26.54
N LEU C 489 -75.12 -14.99 26.38
CA LEU C 489 -74.58 -15.31 25.06
C LEU C 489 -75.63 -15.97 24.19
N ASP C 490 -76.44 -16.86 24.75
CA ASP C 490 -77.49 -17.51 23.96
C ASP C 490 -78.55 -16.50 23.53
N ALA C 491 -78.86 -15.54 24.41
CA ALA C 491 -79.75 -14.45 24.03
C ALA C 491 -79.13 -13.57 22.96
N LEU C 492 -77.81 -13.41 22.99
CA LEU C 492 -77.12 -12.62 21.97
C LEU C 492 -77.28 -13.22 20.58
N LEU C 493 -77.38 -14.55 20.50
CA LEU C 493 -77.46 -15.20 19.19
C LEU C 493 -78.72 -14.80 18.43
N ASP C 494 -79.84 -14.67 19.14
CA ASP C 494 -81.10 -14.25 18.51
C ASP C 494 -81.17 -12.74 18.31
N TYR C 495 -80.42 -11.99 19.10
CA TYR C 495 -80.49 -10.52 19.10
C TYR C 495 -79.78 -9.91 17.90
N GLN C 496 -78.67 -10.50 17.47
CA GLN C 496 -77.82 -9.92 16.44
C GLN C 496 -78.29 -10.31 15.03
N ASP C 497 -77.64 -9.71 14.04
CA ASP C 497 -77.94 -9.96 12.64
C ASP C 497 -76.91 -10.91 12.06
N TYR C 498 -77.18 -11.37 10.83
CA TYR C 498 -76.26 -12.27 10.16
C TYR C 498 -76.15 -11.87 8.69
N PRO C 499 -75.02 -11.30 8.27
CA PRO C 499 -74.90 -10.84 6.88
C PRO C 499 -74.82 -11.96 5.85
N ILE C 500 -74.49 -13.18 6.25
CA ILE C 500 -74.32 -14.30 5.33
C ILE C 500 -75.36 -15.37 5.67
N PRO C 501 -76.20 -15.78 4.72
CA PRO C 501 -77.24 -16.78 5.02
C PRO C 501 -76.71 -18.08 5.61
N ALA C 502 -75.61 -18.61 5.08
CA ALA C 502 -75.06 -19.85 5.59
C ALA C 502 -74.59 -19.71 7.04
N ALA C 503 -74.21 -18.50 7.45
CA ALA C 503 -73.71 -18.29 8.80
C ALA C 503 -74.83 -18.34 9.85
N LYS C 504 -75.97 -17.71 9.56
CA LYS C 504 -77.09 -17.80 10.49
C LYS C 504 -77.62 -19.23 10.59
N ARG C 505 -77.42 -20.04 9.56
CA ARG C 505 -77.89 -21.42 9.62
C ARG C 505 -77.14 -22.21 10.69
N GLY C 506 -75.81 -22.11 10.69
CA GLY C 506 -75.02 -22.80 11.70
C GLY C 506 -75.22 -22.22 13.09
N ALA C 507 -75.29 -20.89 13.19
CA ALA C 507 -75.40 -20.25 14.51
C ALA C 507 -76.75 -20.56 15.16
N MET C 508 -77.82 -20.60 14.37
CA MET C 508 -79.13 -20.90 14.94
C MET C 508 -79.36 -22.40 15.07
N GLY C 509 -78.69 -23.19 14.24
CA GLY C 509 -78.85 -24.64 14.29
C GLY C 509 -78.15 -25.28 15.45
N ARG C 510 -76.87 -24.95 15.65
CA ARG C 510 -76.08 -25.56 16.71
C ARG C 510 -75.95 -24.68 17.95
N ARG C 511 -76.05 -23.35 17.78
CA ARG C 511 -75.93 -22.41 18.89
C ARG C 511 -74.64 -22.62 19.67
N THR C 512 -73.52 -22.63 18.94
CA THR C 512 -72.23 -22.95 19.52
C THR C 512 -71.66 -21.76 20.28
N LEU C 513 -71.26 -22.00 21.53
CA LEU C 513 -70.66 -20.98 22.37
C LEU C 513 -69.22 -21.38 22.72
N GLY C 514 -68.43 -20.39 23.12
CA GLY C 514 -67.06 -20.63 23.52
C GLY C 514 -66.62 -19.82 24.73
N ILE C 515 -66.86 -20.34 25.93
CA ILE C 515 -66.52 -19.65 27.16
C ILE C 515 -65.20 -20.19 27.70
N GLY C 516 -64.25 -19.29 27.94
CA GLY C 516 -62.93 -19.66 28.41
C GLY C 516 -62.63 -19.14 29.80
N VAL C 517 -61.35 -18.99 30.14
CA VAL C 517 -60.92 -18.52 31.45
C VAL C 517 -59.85 -17.47 31.30
N ILE C 518 -59.76 -16.59 32.30
CA ILE C 518 -58.67 -15.62 32.41
C ILE C 518 -58.12 -15.68 33.83
N ASN C 519 -56.98 -15.01 34.02
CA ASN C 519 -56.32 -14.94 35.33
C ASN C 519 -55.98 -16.34 35.84
N PHE C 520 -55.57 -17.23 34.94
CA PHE C 520 -55.22 -18.59 35.37
C PHE C 520 -53.86 -18.62 36.06
N ALA C 521 -52.91 -17.81 35.59
CA ALA C 521 -51.60 -17.74 36.23
C ALA C 521 -51.70 -17.17 37.63
N TYR C 522 -52.47 -16.09 37.79
CA TYR C 522 -52.75 -15.54 39.12
C TYR C 522 -53.54 -16.55 39.96
N TYR C 523 -54.36 -17.38 39.31
CA TYR C 523 -55.09 -18.43 40.02
C TYR C 523 -54.12 -19.46 40.60
N LEU C 524 -53.13 -19.89 39.82
CA LEU C 524 -52.15 -20.84 40.32
C LEU C 524 -51.30 -20.22 41.42
N ALA C 525 -51.01 -18.93 41.31
CA ALA C 525 -50.21 -18.25 42.33
C ALA C 525 -50.94 -18.23 43.67
N LYS C 526 -52.25 -17.99 43.65
CA LYS C 526 -53.02 -17.98 44.89
C LYS C 526 -53.04 -19.35 45.56
N HIS C 527 -53.02 -20.42 44.78
CA HIS C 527 -53.01 -21.78 45.31
C HIS C 527 -51.60 -22.35 45.47
N GLY C 528 -50.57 -21.54 45.28
CA GLY C 528 -49.19 -22.00 45.43
C GLY C 528 -48.80 -23.14 44.51
N LYS C 529 -49.19 -23.04 43.24
CA LYS C 529 -48.84 -24.03 42.23
C LYS C 529 -48.02 -23.39 41.12
N ARG C 530 -47.50 -24.23 40.23
CA ARG C 530 -46.67 -23.79 39.12
C ARG C 530 -47.02 -24.57 37.86
N TYR C 531 -46.59 -24.02 36.72
CA TYR C 531 -46.83 -24.67 35.44
C TYR C 531 -45.93 -25.88 35.25
N SER C 532 -44.62 -25.66 35.35
CA SER C 532 -43.64 -26.63 34.83
C SER C 532 -43.54 -27.89 35.69
N ASP C 533 -43.49 -27.73 37.02
CA ASP C 533 -43.19 -28.88 37.88
C ASP C 533 -44.33 -29.90 37.93
N GLY C 534 -45.53 -29.53 37.47
CA GLY C 534 -46.66 -30.44 37.54
C GLY C 534 -47.40 -30.43 38.86
N SER C 535 -47.15 -29.45 39.74
CA SER C 535 -47.88 -29.36 40.99
C SER C 535 -49.31 -28.89 40.80
N ALA C 536 -49.64 -28.38 39.62
CA ALA C 536 -50.97 -27.88 39.31
C ALA C 536 -51.79 -28.87 38.49
N ASN C 537 -51.26 -30.09 38.26
CA ASN C 537 -51.97 -31.06 37.44
C ASN C 537 -53.32 -31.41 38.03
N ASN C 538 -53.33 -31.91 39.27
CA ASN C 538 -54.59 -32.29 39.91
C ASN C 538 -55.48 -31.09 40.18
N LEU C 539 -54.89 -29.92 40.45
CA LEU C 539 -55.72 -28.72 40.62
C LEU C 539 -56.38 -28.31 39.31
N THR C 540 -55.65 -28.46 38.20
CA THR C 540 -56.23 -28.19 36.89
C THR C 540 -57.37 -29.17 36.59
N HIS C 541 -57.18 -30.43 36.94
CA HIS C 541 -58.24 -31.42 36.75
C HIS C 541 -59.47 -31.05 37.58
N LYS C 542 -59.26 -30.65 38.83
CA LYS C 542 -60.37 -30.25 39.70
C LYS C 542 -61.05 -28.98 39.18
N THR C 543 -60.26 -28.01 38.72
CA THR C 543 -60.83 -26.73 38.31
C THR C 543 -61.68 -26.87 37.05
N PHE C 544 -61.11 -27.45 35.99
CA PHE C 544 -61.80 -27.52 34.72
C PHE C 544 -62.91 -28.56 34.68
N GLU C 545 -62.95 -29.47 35.66
CA GLU C 545 -64.15 -30.29 35.82
C GLU C 545 -65.33 -29.42 36.25
N ALA C 546 -65.11 -28.51 37.19
CA ALA C 546 -66.16 -27.61 37.66
C ALA C 546 -66.60 -26.64 36.57
N ILE C 547 -65.66 -26.16 35.76
CA ILE C 547 -66.00 -25.23 34.69
C ILE C 547 -66.90 -25.89 33.66
N GLN C 548 -66.57 -27.11 33.25
CA GLN C 548 -67.36 -27.81 32.25
C GLN C 548 -68.68 -28.31 32.83
N TYR C 549 -68.65 -28.85 34.06
CA TYR C 549 -69.86 -29.37 34.68
C TYR C 549 -70.93 -28.30 34.82
N TYR C 550 -70.55 -27.14 35.39
CA TYR C 550 -71.52 -26.08 35.63
C TYR C 550 -71.96 -25.39 34.33
N LEU C 551 -71.15 -25.44 33.28
CA LEU C 551 -71.59 -24.93 31.98
C LEU C 551 -72.62 -25.86 31.35
N LEU C 552 -72.35 -27.17 31.37
CA LEU C 552 -73.30 -28.14 30.84
C LEU C 552 -74.65 -28.02 31.55
N LYS C 553 -74.63 -27.93 32.88
CA LYS C 553 -75.88 -27.80 33.63
C LYS C 553 -76.61 -26.51 33.27
N ALA C 554 -75.86 -25.40 33.13
CA ALA C 554 -76.47 -24.14 32.75
C ALA C 554 -77.15 -24.25 31.40
N SER C 555 -76.46 -24.83 30.41
CA SER C 555 -77.06 -25.02 29.10
C SER C 555 -78.16 -26.08 29.13
N ASN C 556 -78.06 -27.05 30.04
CA ASN C 556 -79.09 -28.07 30.15
C ASN C 556 -80.39 -27.50 30.73
N GLU C 557 -80.29 -26.66 31.77
CA GLU C 557 -81.47 -26.02 32.32
C GLU C 557 -82.12 -25.05 31.34
N LEU C 558 -81.31 -24.39 30.52
CA LEU C 558 -81.87 -23.51 29.50
C LEU C 558 -82.56 -24.29 28.40
N ALA C 559 -82.16 -25.55 28.18
CA ALA C 559 -82.89 -26.40 27.25
C ALA C 559 -84.27 -26.76 27.79
N LYS C 560 -84.40 -26.94 29.11
CA LYS C 560 -85.72 -27.16 29.70
C LYS C 560 -86.62 -25.96 29.46
N GLU C 561 -86.07 -24.75 29.54
CA GLU C 561 -86.88 -23.54 29.48
C GLU C 561 -87.26 -23.16 28.05
N GLN C 562 -86.32 -23.29 27.11
CA GLN C 562 -86.51 -22.82 25.75
C GLN C 562 -86.26 -23.91 24.71
N GLY C 563 -86.00 -25.14 25.12
CA GLY C 563 -85.79 -26.13 24.10
C GLY C 563 -84.35 -26.25 23.68
N ALA C 564 -83.94 -27.49 23.41
CA ALA C 564 -82.58 -27.72 22.96
C ALA C 564 -82.39 -27.13 21.57
N CYS C 565 -81.13 -26.97 21.19
CA CYS C 565 -80.81 -26.40 19.90
C CYS C 565 -81.31 -27.31 18.77
N PRO C 566 -81.72 -26.72 17.64
CA PRO C 566 -82.33 -27.53 16.55
C PRO C 566 -81.49 -28.71 16.11
N TRP C 567 -80.17 -28.55 16.02
CA TRP C 567 -79.28 -29.60 15.54
C TRP C 567 -78.60 -30.35 16.68
N PHE C 568 -79.29 -30.46 17.83
CA PHE C 568 -78.73 -31.18 18.97
C PHE C 568 -78.57 -32.66 18.68
N ASN C 569 -79.37 -33.20 17.76
CA ASN C 569 -79.29 -34.61 17.41
C ASN C 569 -77.97 -34.98 16.76
N GLU C 570 -77.25 -34.00 16.21
CA GLU C 570 -75.98 -34.23 15.55
C GLU C 570 -74.80 -34.28 16.52
N THR C 571 -75.00 -33.93 17.78
CA THR C 571 -73.92 -33.91 18.74
C THR C 571 -73.72 -35.28 19.37
N THR C 572 -72.51 -35.51 19.88
CA THR C 572 -72.25 -36.72 20.66
C THR C 572 -72.88 -36.65 22.04
N TYR C 573 -73.23 -35.44 22.48
CA TYR C 573 -74.04 -35.31 23.70
C TYR C 573 -75.41 -35.94 23.52
N ALA C 574 -75.96 -35.91 22.30
CA ALA C 574 -77.26 -36.52 22.06
C ALA C 574 -77.22 -38.03 22.30
N LYS C 575 -76.12 -38.67 21.93
CA LYS C 575 -75.94 -40.10 22.14
C LYS C 575 -75.54 -40.44 23.57
N GLY C 576 -75.57 -39.45 24.47
CA GLY C 576 -75.21 -39.67 25.85
C GLY C 576 -73.72 -39.75 26.14
N ILE C 577 -72.88 -39.25 25.23
CA ILE C 577 -71.44 -39.29 25.39
C ILE C 577 -70.96 -37.96 25.94
N LEU C 578 -70.12 -38.01 26.97
CA LEU C 578 -69.56 -36.85 27.65
C LEU C 578 -68.06 -36.73 27.36
N PRO C 579 -67.48 -35.55 27.57
CA PRO C 579 -66.02 -35.41 27.37
C PRO C 579 -65.19 -36.33 28.24
N ILE C 580 -65.71 -36.73 29.41
CA ILE C 580 -64.98 -37.56 30.36
C ILE C 580 -64.93 -39.00 29.89
N ASP C 581 -65.55 -39.29 28.75
CA ASP C 581 -65.51 -40.62 28.18
C ASP C 581 -64.50 -40.74 27.03
N THR C 582 -64.47 -39.77 26.14
CA THR C 582 -63.68 -39.85 24.92
C THR C 582 -62.28 -39.26 25.06
N TYR C 583 -61.92 -38.74 26.23
CA TYR C 583 -60.61 -38.13 26.41
C TYR C 583 -59.51 -39.16 26.26
N LYS C 584 -58.30 -38.69 25.99
CA LYS C 584 -57.16 -39.57 25.77
C LYS C 584 -56.69 -40.14 27.11
N LYS C 585 -56.65 -41.47 27.19
CA LYS C 585 -56.40 -42.14 28.46
C LYS C 585 -54.99 -41.94 29.00
N ASP C 586 -54.06 -41.44 28.19
CA ASP C 586 -52.72 -41.16 28.68
C ASP C 586 -52.72 -40.11 29.79
N LEU C 587 -53.80 -39.31 29.88
CA LEU C 587 -53.92 -38.33 30.96
C LEU C 587 -53.99 -38.97 32.33
N ASP C 588 -54.36 -40.25 32.40
CA ASP C 588 -54.47 -40.94 33.68
C ASP C 588 -53.11 -41.11 34.36
N THR C 589 -52.01 -40.88 33.65
CA THR C 589 -50.67 -41.03 34.19
C THR C 589 -50.06 -39.70 34.64
N ILE C 590 -50.78 -38.59 34.47
CA ILE C 590 -50.29 -37.28 34.89
C ILE C 590 -51.26 -36.56 35.81
N ALA C 591 -52.37 -37.18 36.18
CA ALA C 591 -53.31 -36.60 37.13
C ALA C 591 -54.17 -37.71 37.70
N ASN C 592 -54.31 -37.75 39.03
CA ASN C 592 -55.11 -38.75 39.72
C ASN C 592 -56.24 -38.11 40.51
N GLU C 593 -56.67 -36.92 40.12
CA GLU C 593 -57.76 -36.25 40.82
C GLU C 593 -59.08 -36.93 40.48
N PRO C 594 -59.88 -37.31 41.48
CA PRO C 594 -61.17 -37.94 41.19
C PRO C 594 -62.23 -36.91 40.82
N LEU C 595 -63.26 -37.39 40.11
CA LEU C 595 -64.39 -36.54 39.79
C LEU C 595 -65.15 -36.19 41.06
N HIS C 596 -65.41 -34.89 41.27
CA HIS C 596 -66.08 -34.44 42.48
C HIS C 596 -67.56 -34.14 42.26
N TYR C 597 -67.99 -34.00 41.02
CA TYR C 597 -69.38 -33.70 40.70
C TYR C 597 -70.06 -34.93 40.09
N ASP C 598 -71.39 -34.94 40.19
CA ASP C 598 -72.20 -36.08 39.75
C ASP C 598 -72.43 -35.97 38.25
N TRP C 599 -71.52 -36.55 37.47
CA TRP C 599 -71.64 -36.50 36.01
C TRP C 599 -72.70 -37.46 35.47
N GLU C 600 -72.99 -38.54 36.19
CA GLU C 600 -73.98 -39.49 35.68
C GLU C 600 -75.38 -38.92 35.75
N ALA C 601 -75.70 -38.17 36.81
CA ALA C 601 -76.98 -37.47 36.85
C ALA C 601 -77.07 -36.45 35.73
N LEU C 602 -75.96 -35.76 35.44
CA LEU C 602 -75.92 -34.83 34.32
C LEU C 602 -76.04 -35.55 32.99
N ARG C 603 -75.35 -36.70 32.84
CA ARG C 603 -75.47 -37.49 31.62
C ARG C 603 -76.90 -37.91 31.37
N GLU C 604 -77.60 -38.36 32.42
CA GLU C 604 -79.01 -38.73 32.29
C GLU C 604 -79.86 -37.51 31.95
N SER C 605 -79.60 -36.38 32.59
CA SER C 605 -80.39 -35.17 32.33
C SER C 605 -80.17 -34.65 30.91
N ILE C 606 -78.96 -34.82 30.37
CA ILE C 606 -78.72 -34.39 28.99
C ILE C 606 -79.41 -35.31 28.01
N LYS C 607 -79.41 -36.62 28.30
CA LYS C 607 -80.18 -37.56 27.48
C LYS C 607 -81.65 -37.19 27.43
N THR C 608 -82.18 -36.63 28.52
CA THR C 608 -83.61 -36.36 28.64
C THR C 608 -83.99 -35.01 28.03
N HIS C 609 -83.35 -33.92 28.47
CA HIS C 609 -83.74 -32.58 28.06
C HIS C 609 -82.84 -31.96 27.01
N GLY C 610 -81.63 -32.49 26.83
CA GLY C 610 -80.71 -31.95 25.85
C GLY C 610 -79.96 -30.73 26.37
N LEU C 611 -79.26 -30.08 25.43
CA LEU C 611 -78.48 -28.89 25.71
C LEU C 611 -78.91 -27.77 24.78
N ARG C 612 -79.03 -26.56 25.32
CA ARG C 612 -79.35 -25.40 24.49
C ARG C 612 -78.23 -25.08 23.51
N ASN C 613 -76.98 -25.45 23.82
CA ASN C 613 -75.83 -25.10 23.01
C ASN C 613 -75.00 -26.34 22.71
N SER C 614 -74.56 -26.47 21.45
CA SER C 614 -73.75 -27.61 21.04
C SER C 614 -72.34 -27.56 21.63
N THR C 615 -71.78 -26.36 21.78
CA THR C 615 -70.50 -26.18 22.46
C THR C 615 -70.66 -25.09 23.51
N LEU C 616 -69.75 -25.09 24.48
CA LEU C 616 -69.82 -24.13 25.57
C LEU C 616 -68.45 -23.54 25.89
N SER C 617 -67.44 -24.39 25.98
CA SER C 617 -66.12 -24.00 26.46
C SER C 617 -65.10 -24.01 25.35
N ALA C 618 -64.25 -22.97 25.34
CA ALA C 618 -63.10 -22.89 24.45
C ALA C 618 -62.15 -21.87 25.04
N LEU C 619 -60.87 -22.22 25.15
CA LEU C 619 -59.89 -21.37 25.83
C LEU C 619 -59.18 -20.50 24.80
N MET C 620 -59.62 -19.26 24.68
CA MET C 620 -59.06 -18.28 23.77
C MET C 620 -58.00 -17.46 24.50
N PRO C 621 -57.10 -16.81 23.76
CA PRO C 621 -56.04 -16.05 24.44
C PRO C 621 -56.55 -14.85 25.23
N SER C 622 -57.66 -14.24 24.82
CA SER C 622 -58.20 -13.05 25.47
C SER C 622 -57.12 -11.98 25.60
N GLU C 623 -56.37 -11.78 24.50
CA GLU C 623 -55.23 -10.89 24.49
C GLU C 623 -55.61 -9.49 24.98
N THR C 624 -56.71 -8.95 24.47
CA THR C 624 -57.15 -7.61 24.82
C THR C 624 -58.20 -7.60 25.93
N SER C 625 -59.20 -8.49 25.87
CA SER C 625 -60.33 -8.42 26.79
C SER C 625 -59.93 -8.65 28.23
N SER C 626 -58.91 -9.48 28.47
CA SER C 626 -58.49 -9.74 29.84
C SER C 626 -57.87 -8.52 30.49
N GLN C 627 -57.32 -7.60 29.69
CA GLN C 627 -56.69 -6.41 30.23
C GLN C 627 -57.69 -5.51 30.95
N ILE C 628 -58.98 -5.66 30.66
CA ILE C 628 -60.00 -4.86 31.34
C ILE C 628 -60.01 -5.17 32.83
N SER C 629 -59.95 -6.45 33.18
CA SER C 629 -59.88 -6.87 34.57
C SER C 629 -58.46 -6.93 35.09
N ASN C 630 -57.50 -6.40 34.33
CA ASN C 630 -56.07 -6.44 34.67
C ASN C 630 -55.62 -7.87 35.00
N ALA C 631 -56.25 -8.84 34.35
CA ALA C 631 -55.97 -10.25 34.54
C ALA C 631 -54.83 -10.70 33.62
N THR C 632 -54.23 -11.84 33.98
CA THR C 632 -53.27 -12.48 33.08
C THR C 632 -54.03 -13.14 31.94
N ASN C 633 -53.66 -12.81 30.70
CA ASN C 633 -54.45 -13.20 29.54
C ASN C 633 -54.55 -14.72 29.43
N GLY C 634 -55.77 -15.23 29.49
CA GLY C 634 -56.05 -16.64 29.29
C GLY C 634 -55.29 -17.51 30.27
N ILE C 635 -54.76 -18.63 29.75
CA ILE C 635 -54.01 -19.59 30.55
C ILE C 635 -52.51 -19.37 30.47
N GLU C 636 -52.06 -18.33 29.78
CA GLU C 636 -50.63 -18.10 29.60
C GLU C 636 -50.01 -17.45 30.84
N PRO C 637 -48.78 -17.80 31.18
CA PRO C 637 -48.05 -17.11 32.24
C PRO C 637 -47.57 -15.75 31.76
N PRO C 638 -47.63 -14.72 32.62
CA PRO C 638 -47.21 -13.38 32.20
C PRO C 638 -45.72 -13.36 31.85
N ARG C 639 -45.37 -12.51 30.89
CA ARG C 639 -43.97 -12.42 30.47
C ARG C 639 -43.08 -11.85 31.57
N GLY C 640 -43.60 -10.93 32.37
CA GLY C 640 -42.85 -10.40 33.49
C GLY C 640 -43.78 -9.85 34.55
N TYR C 641 -43.20 -9.47 35.68
CA TYR C 641 -43.98 -8.84 36.74
C TYR C 641 -44.65 -7.57 36.23
N VAL C 642 -43.96 -6.82 35.37
CA VAL C 642 -44.55 -5.72 34.63
C VAL C 642 -44.45 -6.11 33.16
N SER C 643 -45.59 -6.50 32.58
CA SER C 643 -45.62 -6.94 31.19
C SER C 643 -45.92 -5.77 30.28
N ILE C 644 -45.27 -5.76 29.12
CA ILE C 644 -45.48 -4.72 28.11
C ILE C 644 -46.42 -5.26 27.04
N LYS C 645 -47.56 -4.59 26.86
CA LYS C 645 -48.54 -4.98 25.87
C LYS C 645 -48.81 -3.81 24.93
N ALA C 646 -49.31 -4.15 23.74
CA ALA C 646 -49.46 -3.21 22.64
C ALA C 646 -50.78 -2.44 22.75
N SER C 647 -50.81 -1.27 22.11
CA SER C 647 -51.98 -0.41 22.12
C SER C 647 -51.98 0.44 20.86
N LYS C 648 -53.16 0.99 20.55
CA LYS C 648 -53.27 1.85 19.38
C LYS C 648 -52.49 3.16 19.57
N ASP C 649 -52.43 3.66 20.80
CA ASP C 649 -51.63 4.85 21.09
C ASP C 649 -50.14 4.51 21.12
N GLY C 650 -49.76 3.60 22.01
CA GLY C 650 -48.38 3.20 22.14
C GLY C 650 -48.22 1.92 22.93
N ILE C 651 -47.34 1.93 23.92
CA ILE C 651 -47.07 0.77 24.75
C ILE C 651 -47.78 0.92 26.08
N LEU C 652 -48.16 -0.21 26.66
CA LEU C 652 -48.83 -0.25 27.95
C LEU C 652 -48.03 -1.13 28.91
N ARG C 653 -47.93 -0.69 30.15
CA ARG C 653 -47.32 -1.48 31.22
C ARG C 653 -48.42 -2.07 32.07
N GLN C 654 -48.43 -3.40 32.20
CA GLN C 654 -49.46 -4.09 32.96
C GLN C 654 -48.80 -4.88 34.08
N VAL C 655 -49.18 -4.56 35.31
CA VAL C 655 -48.69 -5.29 36.48
C VAL C 655 -49.50 -6.56 36.65
N VAL C 656 -48.85 -7.64 37.05
CA VAL C 656 -49.55 -8.87 37.36
C VAL C 656 -50.46 -8.58 38.55
N PRO C 657 -51.64 -9.19 38.63
CA PRO C 657 -52.54 -8.91 39.75
C PRO C 657 -51.94 -9.36 41.08
N ASP C 658 -52.08 -8.50 42.09
CA ASP C 658 -51.63 -8.79 43.45
C ASP C 658 -50.13 -9.07 43.49
N TYR C 659 -49.35 -8.20 42.84
CA TYR C 659 -47.91 -8.38 42.75
C TYR C 659 -47.24 -8.34 44.12
N GLU C 660 -47.61 -7.34 44.94
CA GLU C 660 -46.89 -7.13 46.20
C GLU C 660 -46.95 -8.36 47.10
N HIS C 661 -48.07 -9.07 47.09
CA HIS C 661 -48.24 -10.22 47.96
C HIS C 661 -47.95 -11.56 47.29
N LEU C 662 -47.79 -11.59 45.96
CA LEU C 662 -47.70 -12.88 45.28
C LEU C 662 -46.59 -12.94 44.23
N HIS C 663 -45.62 -12.02 44.26
CA HIS C 663 -44.57 -12.04 43.25
C HIS C 663 -43.69 -13.29 43.33
N ASP C 664 -43.66 -13.98 44.46
CA ASP C 664 -42.90 -15.21 44.55
C ASP C 664 -43.68 -16.40 44.01
N ALA C 665 -45.00 -16.37 44.10
CA ALA C 665 -45.81 -17.52 43.69
C ALA C 665 -45.87 -17.64 42.17
N TYR C 666 -45.74 -16.52 41.46
CA TYR C 666 -45.80 -16.55 40.00
C TYR C 666 -44.61 -17.30 39.41
N GLU C 667 -44.86 -17.96 38.29
CA GLU C 667 -43.82 -18.55 37.46
C GLU C 667 -43.90 -17.85 36.10
N LEU C 668 -42.95 -16.95 35.85
CA LEU C 668 -42.95 -16.16 34.63
C LEU C 668 -42.71 -17.04 33.41
N LEU C 669 -42.99 -16.47 32.24
CA LEU C 669 -42.96 -17.23 30.99
C LEU C 669 -41.57 -17.80 30.71
N TRP C 670 -40.53 -16.99 30.89
CA TRP C 670 -39.18 -17.43 30.58
C TRP C 670 -38.44 -18.02 31.77
N GLU C 671 -39.08 -18.10 32.93
CA GLU C 671 -38.56 -18.85 34.07
C GLU C 671 -38.91 -20.33 33.98
N MET C 672 -39.60 -20.75 32.93
CA MET C 672 -39.99 -22.15 32.78
C MET C 672 -38.83 -22.94 32.17
N PRO C 673 -38.51 -24.12 32.71
CA PRO C 673 -37.42 -24.92 32.15
C PRO C 673 -37.73 -25.42 30.74
N GLY C 674 -38.93 -25.95 30.55
CA GLY C 674 -39.35 -26.45 29.26
C GLY C 674 -40.84 -26.31 29.04
N ASN C 675 -41.38 -27.08 28.08
CA ASN C 675 -42.79 -27.02 27.75
C ASN C 675 -43.59 -28.19 28.32
N ASP C 676 -42.92 -29.16 28.94
CA ASP C 676 -43.61 -30.37 29.38
C ASP C 676 -44.66 -30.06 30.44
N GLY C 677 -44.33 -29.19 31.40
CA GLY C 677 -45.29 -28.85 32.44
C GLY C 677 -46.52 -28.13 31.90
N TYR C 678 -46.31 -27.22 30.95
CA TYR C 678 -47.43 -26.48 30.36
C TYR C 678 -48.33 -27.40 29.53
N LEU C 679 -47.73 -28.14 28.60
CA LEU C 679 -48.52 -29.02 27.73
C LEU C 679 -49.30 -30.07 28.52
N GLN C 680 -48.77 -30.49 29.66
CA GLN C 680 -49.52 -31.44 30.49
C GLN C 680 -50.78 -30.81 31.05
N LEU C 681 -50.70 -29.55 31.48
CA LEU C 681 -51.89 -28.85 31.97
C LEU C 681 -52.90 -28.64 30.85
N VAL C 682 -52.41 -28.32 29.64
CA VAL C 682 -53.32 -28.14 28.50
C VAL C 682 -54.05 -29.43 28.18
N GLY C 683 -53.33 -30.55 28.19
CA GLY C 683 -53.98 -31.84 27.96
C GLY C 683 -55.04 -32.14 29.01
N ILE C 684 -54.79 -31.74 30.25
CA ILE C 684 -55.76 -31.95 31.32
C ILE C 684 -56.99 -31.08 31.10
N MET C 685 -56.78 -29.80 30.75
CA MET C 685 -57.91 -28.93 30.43
C MET C 685 -58.73 -29.49 29.27
N GLN C 686 -58.06 -29.98 28.23
CA GLN C 686 -58.73 -30.47 27.03
C GLN C 686 -59.64 -31.65 27.33
N LYS C 687 -59.39 -32.38 28.42
CA LYS C 687 -60.28 -33.47 28.80
C LYS C 687 -61.72 -32.99 28.96
N PHE C 688 -61.92 -31.77 29.44
CA PHE C 688 -63.24 -31.21 29.68
C PHE C 688 -63.66 -30.14 28.69
N ILE C 689 -62.72 -29.44 28.08
CA ILE C 689 -63.07 -28.36 27.16
C ILE C 689 -63.71 -28.96 25.91
N ASP C 690 -64.87 -28.41 25.51
CA ASP C 690 -65.56 -28.91 24.33
C ASP C 690 -64.70 -28.76 23.08
N GLN C 691 -64.21 -27.54 22.82
CA GLN C 691 -63.44 -27.26 21.61
C GLN C 691 -61.94 -27.39 21.86
N SER C 692 -61.17 -26.35 21.54
CA SER C 692 -59.72 -26.46 21.70
C SER C 692 -59.16 -25.34 22.56
N ILE C 693 -57.83 -25.26 22.64
CA ILE C 693 -57.13 -24.30 23.48
C ILE C 693 -55.99 -23.68 22.68
N SER C 694 -55.83 -22.36 22.81
CA SER C 694 -54.76 -21.63 22.13
C SER C 694 -53.43 -21.85 22.85
N ALA C 695 -52.96 -23.10 22.80
CA ALA C 695 -51.77 -23.51 23.52
C ALA C 695 -50.52 -22.91 22.88
N ASN C 696 -49.66 -22.32 23.72
CA ASN C 696 -48.41 -21.73 23.27
C ASN C 696 -47.24 -22.65 23.61
N THR C 697 -46.27 -22.71 22.71
CA THR C 697 -44.98 -23.34 23.00
C THR C 697 -43.91 -22.26 23.02
N ASN C 698 -43.05 -22.30 24.03
CA ASN C 698 -42.06 -21.26 24.26
C ASN C 698 -40.67 -21.87 24.31
N TYR C 699 -39.69 -21.11 23.81
CA TYR C 699 -38.32 -21.57 23.76
C TYR C 699 -37.36 -20.43 24.03
N ASP C 700 -36.40 -20.66 24.91
CA ASP C 700 -35.35 -19.69 25.21
C ASP C 700 -34.06 -20.20 24.59
N PRO C 701 -33.58 -19.61 23.49
CA PRO C 701 -32.38 -20.16 22.83
C PRO C 701 -31.16 -20.22 23.72
N SER C 702 -31.01 -19.30 24.68
CA SER C 702 -29.85 -19.33 25.57
C SER C 702 -29.85 -20.56 26.47
N ARG C 703 -31.01 -21.19 26.68
CA ARG C 703 -31.11 -22.41 27.46
C ARG C 703 -30.64 -23.65 26.70
N PHE C 704 -30.15 -23.49 25.48
CA PHE C 704 -29.75 -24.61 24.65
C PHE C 704 -28.28 -24.50 24.25
N PRO C 705 -27.61 -25.63 24.03
CA PRO C 705 -26.21 -25.58 23.60
C PRO C 705 -26.06 -24.85 22.28
N SER C 706 -24.98 -24.08 22.17
CA SER C 706 -24.68 -23.24 21.00
C SER C 706 -25.72 -22.16 20.77
N GLY C 707 -26.60 -21.91 21.74
CA GLY C 707 -27.60 -20.86 21.59
C GLY C 707 -28.61 -21.11 20.51
N LYS C 708 -28.78 -22.36 20.08
CA LYS C 708 -29.71 -22.72 19.02
C LYS C 708 -30.64 -23.82 19.53
N VAL C 709 -31.91 -23.71 19.17
CA VAL C 709 -32.92 -24.67 19.60
C VAL C 709 -32.93 -25.87 18.67
N PRO C 710 -32.72 -27.08 19.17
CA PRO C 710 -32.61 -28.24 18.28
C PRO C 710 -33.95 -28.64 17.71
N MET C 711 -33.93 -29.14 16.48
CA MET C 711 -35.14 -29.69 15.88
C MET C 711 -35.65 -30.89 16.66
N GLN C 712 -34.74 -31.59 17.35
CA GLN C 712 -35.14 -32.72 18.17
C GLN C 712 -36.13 -32.29 19.25
N GLN C 713 -35.90 -31.14 19.87
CA GLN C 713 -36.76 -30.66 20.95
C GLN C 713 -38.08 -30.14 20.40
N LEU C 714 -38.04 -29.44 19.26
CA LEU C 714 -39.26 -28.96 18.62
C LEU C 714 -40.19 -30.13 18.27
N LEU C 715 -39.61 -31.22 17.76
CA LEU C 715 -40.41 -32.39 17.39
C LEU C 715 -40.85 -33.17 18.62
N LYS C 716 -40.01 -33.22 19.65
CA LYS C 716 -40.39 -33.93 20.87
C LYS C 716 -41.58 -33.27 21.57
N ASP C 717 -41.56 -31.93 21.64
CA ASP C 717 -42.69 -31.22 22.23
C ASP C 717 -43.96 -31.42 21.41
N LEU C 718 -43.83 -31.44 20.08
CA LEU C 718 -44.99 -31.69 19.23
C LEU C 718 -45.55 -33.09 19.47
N LEU C 719 -44.66 -34.07 19.64
CA LEU C 719 -45.11 -35.42 19.95
C LEU C 719 -45.63 -35.53 21.38
N THR C 720 -44.98 -34.84 22.32
CA THR C 720 -45.45 -34.82 23.69
C THR C 720 -46.85 -34.22 23.78
N ALA C 721 -47.10 -33.14 23.03
CA ALA C 721 -48.41 -32.52 23.01
C ALA C 721 -49.47 -33.47 22.47
N TYR C 722 -49.12 -34.23 21.42
CA TYR C 722 -50.07 -35.19 20.87
C TYR C 722 -50.34 -36.33 21.83
N LYS C 723 -49.34 -36.74 22.60
CA LYS C 723 -49.52 -37.87 23.52
C LYS C 723 -50.62 -37.61 24.54
N PHE C 724 -50.81 -36.35 24.94
CA PHE C 724 -51.81 -36.01 25.96
C PHE C 724 -53.08 -35.41 25.37
N GLY C 725 -53.31 -35.60 24.07
CA GLY C 725 -54.58 -35.24 23.46
C GLY C 725 -54.78 -33.77 23.16
N VAL C 726 -53.70 -32.97 23.11
CA VAL C 726 -53.83 -31.57 22.75
C VAL C 726 -54.32 -31.46 21.32
N LYS C 727 -55.37 -30.66 21.10
CA LYS C 727 -55.99 -30.58 19.78
C LYS C 727 -55.20 -29.68 18.83
N THR C 728 -54.82 -28.49 19.28
CA THR C 728 -54.17 -27.53 18.39
C THR C 728 -52.98 -26.87 19.09
N LEU C 729 -52.09 -26.29 18.27
CA LEU C 729 -50.95 -25.51 18.73
C LEU C 729 -50.97 -24.13 18.09
N TYR C 730 -50.93 -23.09 18.92
CA TYR C 730 -50.98 -21.70 18.48
C TYR C 730 -49.57 -21.14 18.29
N TYR C 731 -49.30 -20.00 18.93
CA TYR C 731 -48.02 -19.31 18.80
C TYR C 731 -46.87 -20.21 19.24
N GLN C 732 -45.70 -19.97 18.64
CA GLN C 732 -44.43 -20.48 19.14
C GLN C 732 -43.56 -19.27 19.48
N ASN C 733 -43.51 -18.92 20.76
CA ASN C 733 -42.75 -17.76 21.20
C ASN C 733 -41.27 -18.11 21.36
N THR C 734 -40.41 -17.31 20.74
CA THR C 734 -38.97 -17.46 20.86
C THR C 734 -38.40 -16.15 21.41
N ARG C 735 -37.64 -16.24 22.49
CA ARG C 735 -37.16 -15.05 23.17
C ARG C 735 -36.11 -14.31 22.34
N ASP C 736 -35.98 -13.01 22.61
CA ASP C 736 -35.00 -12.16 21.97
C ASP C 736 -33.74 -12.00 22.80
N GLY C 737 -33.63 -12.70 23.92
CA GLY C 737 -32.46 -12.61 24.79
C GLY C 737 -32.46 -11.39 25.68
N ASN D 4 -25.64 -46.25 -38.21
CA ASN D 4 -25.08 -46.93 -37.04
C ASN D 4 -25.93 -46.64 -35.81
N LEU D 5 -26.18 -45.36 -35.53
CA LEU D 5 -27.03 -44.96 -34.42
C LEU D 5 -28.50 -45.07 -34.82
N LEU D 6 -29.38 -44.97 -33.83
CA LEU D 6 -30.80 -45.20 -34.05
C LEU D 6 -31.62 -43.96 -33.74
N VAL D 7 -32.64 -43.72 -34.55
CA VAL D 7 -33.62 -42.67 -34.34
C VAL D 7 -34.93 -43.31 -33.93
N THR D 8 -35.70 -42.61 -33.10
CA THR D 8 -36.99 -43.09 -32.63
C THR D 8 -38.09 -42.43 -33.45
N LYS D 9 -38.82 -43.22 -34.23
CA LYS D 9 -39.90 -42.70 -35.06
C LYS D 9 -41.08 -42.26 -34.18
N ARG D 10 -42.13 -41.76 -34.82
CA ARG D 10 -43.29 -41.27 -34.08
C ARG D 10 -44.05 -42.39 -33.39
N ASP D 11 -44.08 -43.59 -33.97
CA ASP D 11 -44.83 -44.70 -33.40
C ASP D 11 -44.04 -45.48 -32.35
N GLY D 12 -42.87 -44.97 -31.94
CA GLY D 12 -42.06 -45.64 -30.95
C GLY D 12 -41.00 -46.56 -31.52
N SER D 13 -41.19 -47.06 -32.74
CA SER D 13 -40.21 -47.95 -33.35
C SER D 13 -38.92 -47.20 -33.67
N THR D 14 -37.89 -47.95 -34.03
CA THR D 14 -36.57 -47.40 -34.30
C THR D 14 -36.08 -47.84 -35.67
N GLU D 15 -35.20 -47.04 -36.24
CA GLU D 15 -34.53 -47.37 -37.49
C GLU D 15 -33.20 -46.64 -37.54
N ARG D 16 -32.34 -47.04 -38.48
CA ARG D 16 -31.03 -46.42 -38.61
C ARG D 16 -31.17 -44.97 -39.04
N ILE D 17 -30.33 -44.10 -38.48
CA ILE D 17 -30.36 -42.69 -38.83
C ILE D 17 -30.06 -42.53 -40.32
N ASN D 18 -30.94 -41.84 -41.03
CA ASN D 18 -30.80 -41.60 -42.46
C ASN D 18 -31.04 -40.12 -42.70
N LEU D 19 -29.95 -39.37 -42.96
CA LEU D 19 -30.06 -37.93 -43.16
C LEU D 19 -30.86 -37.58 -44.41
N ASP D 20 -31.01 -38.51 -45.35
CA ASP D 20 -31.80 -38.24 -46.54
C ASP D 20 -33.25 -37.91 -46.19
N LYS D 21 -33.73 -38.42 -45.06
CA LYS D 21 -35.07 -38.07 -44.59
C LYS D 21 -35.15 -36.58 -44.28
N ILE D 22 -34.10 -36.02 -43.68
CA ILE D 22 -34.09 -34.59 -43.36
C ILE D 22 -33.99 -33.76 -44.62
N HIS D 23 -33.14 -34.19 -45.57
CA HIS D 23 -33.01 -33.46 -46.84
C HIS D 23 -34.34 -33.36 -47.56
N ARG D 24 -35.10 -34.46 -47.61
CA ARG D 24 -36.36 -34.45 -48.34
C ARG D 24 -37.36 -33.48 -47.71
N VAL D 25 -37.41 -33.44 -46.37
CA VAL D 25 -38.35 -32.55 -45.69
C VAL D 25 -38.02 -31.10 -46.00
N LEU D 26 -36.75 -30.73 -45.85
CA LEU D 26 -36.35 -29.34 -46.08
C LEU D 26 -36.46 -28.96 -47.55
N ASP D 27 -36.07 -29.86 -48.45
CA ASP D 27 -36.21 -29.59 -49.88
C ASP D 27 -37.67 -29.34 -50.25
N TRP D 28 -38.58 -30.06 -49.59
CA TRP D 28 -40.01 -29.83 -49.81
C TRP D 28 -40.44 -28.46 -49.30
N ALA D 29 -39.99 -28.09 -48.11
CA ALA D 29 -40.43 -26.83 -47.51
C ALA D 29 -39.86 -25.61 -48.22
N ALA D 30 -38.70 -25.75 -48.87
CA ALA D 30 -38.08 -24.62 -49.55
C ALA D 30 -38.45 -24.51 -51.02
N GLU D 31 -39.31 -25.41 -51.52
CA GLU D 31 -39.67 -25.39 -52.92
C GLU D 31 -40.38 -24.10 -53.28
N GLY D 32 -39.88 -23.42 -54.32
CA GLY D 32 -40.47 -22.18 -54.76
C GLY D 32 -40.04 -20.96 -53.99
N LEU D 33 -39.35 -21.12 -52.87
CA LEU D 33 -38.92 -19.98 -52.08
C LEU D 33 -37.60 -19.43 -52.64
N HIS D 34 -37.39 -18.13 -52.44
CA HIS D 34 -36.21 -17.45 -52.95
C HIS D 34 -35.21 -17.19 -51.84
N ASN D 35 -33.93 -17.37 -52.16
CA ASN D 35 -32.81 -16.96 -51.31
C ASN D 35 -32.81 -17.69 -49.97
N VAL D 36 -33.25 -18.94 -49.96
CA VAL D 36 -33.15 -19.80 -48.79
C VAL D 36 -32.06 -20.85 -49.05
N SER D 37 -31.68 -21.55 -47.98
CA SER D 37 -30.58 -22.51 -48.05
C SER D 37 -30.90 -23.70 -47.15
N ILE D 38 -31.10 -24.87 -47.76
CA ILE D 38 -31.22 -26.11 -47.00
C ILE D 38 -30.00 -26.31 -46.13
N SER D 39 -28.81 -26.07 -46.68
CA SER D 39 -27.58 -26.26 -45.93
C SER D 39 -27.53 -25.35 -44.70
N GLN D 40 -27.94 -24.10 -44.84
CA GLN D 40 -27.93 -23.18 -43.71
C GLN D 40 -28.83 -23.69 -42.59
N VAL D 41 -30.03 -24.18 -42.93
CA VAL D 41 -30.96 -24.67 -41.91
C VAL D 41 -30.37 -25.84 -41.15
N GLU D 42 -29.74 -26.79 -41.87
CA GLU D 42 -29.16 -27.95 -41.20
C GLU D 42 -27.98 -27.57 -40.32
N LEU D 43 -27.10 -26.70 -40.82
CA LEU D 43 -25.89 -26.36 -40.06
C LEU D 43 -26.21 -25.45 -38.88
N ARG D 44 -27.15 -24.52 -39.04
CA ARG D 44 -27.53 -23.65 -37.93
C ARG D 44 -28.38 -24.38 -36.91
N SER D 45 -28.93 -25.54 -37.26
CA SER D 45 -29.68 -26.34 -36.29
C SER D 45 -28.79 -26.87 -35.18
N HIS D 46 -27.51 -27.11 -35.49
CA HIS D 46 -26.57 -27.70 -34.55
C HIS D 46 -27.16 -28.94 -33.89
N ILE D 47 -27.88 -29.73 -34.70
CA ILE D 47 -28.65 -30.85 -34.19
C ILE D 47 -27.71 -31.89 -33.60
N GLN D 48 -27.87 -32.16 -32.31
CA GLN D 48 -27.00 -33.07 -31.57
C GLN D 48 -27.60 -34.48 -31.63
N PHE D 49 -27.03 -35.33 -32.48
CA PHE D 49 -27.53 -36.68 -32.63
C PHE D 49 -27.12 -37.57 -31.46
N TYR D 50 -28.00 -38.49 -31.10
CA TYR D 50 -27.68 -39.51 -30.10
C TYR D 50 -28.52 -40.74 -30.38
N ASP D 51 -28.02 -41.89 -29.92
CA ASP D 51 -28.69 -43.17 -30.16
C ASP D 51 -30.04 -43.18 -29.45
N GLY D 52 -31.11 -43.32 -30.23
CA GLY D 52 -32.45 -43.27 -29.68
C GLY D 52 -33.09 -41.92 -29.71
N ILE D 53 -32.58 -41.00 -30.54
CA ILE D 53 -33.09 -39.64 -30.58
C ILE D 53 -34.51 -39.61 -31.14
N LYS D 54 -35.39 -38.90 -30.45
CA LYS D 54 -36.77 -38.79 -30.90
C LYS D 54 -36.83 -38.02 -32.22
N THR D 55 -37.63 -38.52 -33.15
CA THR D 55 -37.77 -37.85 -34.43
C THR D 55 -38.57 -36.56 -34.31
N SER D 56 -39.41 -36.42 -33.27
CA SER D 56 -40.15 -35.18 -33.06
C SER D 56 -39.24 -34.07 -32.53
N ASP D 57 -38.22 -34.43 -31.75
CA ASP D 57 -37.25 -33.44 -31.30
C ASP D 57 -36.37 -32.97 -32.44
N ILE D 58 -36.02 -33.88 -33.36
CA ILE D 58 -35.24 -33.49 -34.53
C ILE D 58 -35.99 -32.45 -35.35
N HIS D 59 -37.27 -32.70 -35.61
CA HIS D 59 -38.05 -31.80 -36.46
C HIS D 59 -38.30 -30.46 -35.78
N GLU D 60 -38.64 -30.48 -34.49
CA GLU D 60 -38.89 -29.23 -33.78
C GLU D 60 -37.62 -28.38 -33.72
N THR D 61 -36.44 -29.01 -33.77
CA THR D 61 -35.19 -28.26 -33.76
C THR D 61 -35.00 -27.49 -35.06
N ILE D 62 -35.22 -28.15 -36.20
CA ILE D 62 -35.00 -27.49 -37.48
C ILE D 62 -36.08 -26.44 -37.76
N ILE D 63 -37.24 -26.55 -37.12
CA ILE D 63 -38.24 -25.49 -37.24
C ILE D 63 -37.73 -24.22 -36.58
N LYS D 64 -37.23 -24.34 -35.34
CA LYS D 64 -36.64 -23.19 -34.67
C LYS D 64 -35.50 -22.59 -35.47
N ALA D 65 -34.65 -23.46 -36.05
CA ALA D 65 -33.50 -22.98 -36.81
C ALA D 65 -33.93 -22.24 -38.07
N ALA D 66 -34.87 -22.80 -38.83
CA ALA D 66 -35.34 -22.13 -40.03
C ALA D 66 -36.10 -20.86 -39.69
N ALA D 67 -36.79 -20.83 -38.54
CA ALA D 67 -37.51 -19.64 -38.13
C ALA D 67 -36.55 -18.51 -37.76
N ASP D 68 -35.41 -18.86 -37.18
CA ASP D 68 -34.44 -17.86 -36.76
C ASP D 68 -33.64 -17.29 -37.91
N LEU D 69 -33.80 -17.84 -39.12
CA LEU D 69 -33.16 -17.34 -40.32
C LEU D 69 -33.99 -16.29 -41.04
N ILE D 70 -35.19 -15.99 -40.55
CA ILE D 70 -36.03 -14.96 -41.16
C ILE D 70 -35.30 -13.63 -41.06
N SER D 71 -35.05 -13.00 -42.21
CA SER D 71 -34.30 -11.75 -42.25
C SER D 71 -34.84 -10.89 -43.38
N ARG D 72 -34.32 -9.66 -43.46
CA ARG D 72 -34.69 -8.78 -44.55
C ARG D 72 -34.16 -9.30 -45.88
N ASP D 73 -32.95 -9.86 -45.89
CA ASP D 73 -32.36 -10.38 -47.12
C ASP D 73 -32.95 -11.73 -47.53
N ALA D 74 -33.55 -12.46 -46.59
CA ALA D 74 -34.16 -13.75 -46.87
C ALA D 74 -35.53 -13.79 -46.21
N PRO D 75 -36.49 -13.04 -46.75
CA PRO D 75 -37.82 -13.00 -46.13
C PRO D 75 -38.62 -14.27 -46.33
N ASP D 76 -38.31 -15.07 -47.35
CA ASP D 76 -39.09 -16.26 -47.64
C ASP D 76 -38.92 -17.37 -46.60
N TYR D 77 -37.98 -17.22 -45.66
CA TYR D 77 -37.88 -18.16 -44.55
C TYR D 77 -39.14 -18.15 -43.68
N GLN D 78 -39.95 -17.10 -43.77
CA GLN D 78 -41.22 -17.08 -43.06
C GLN D 78 -42.14 -18.19 -43.55
N TYR D 79 -41.97 -18.60 -44.80
CA TYR D 79 -42.78 -19.68 -45.37
C TYR D 79 -42.11 -21.03 -45.24
N LEU D 80 -40.78 -21.08 -45.28
CA LEU D 80 -40.07 -22.33 -45.06
C LEU D 80 -40.33 -22.85 -43.65
N ALA D 81 -40.22 -21.96 -42.66
CA ALA D 81 -40.47 -22.37 -41.28
C ALA D 81 -41.93 -22.70 -41.04
N ALA D 82 -42.85 -22.04 -41.74
CA ALA D 82 -44.27 -22.33 -41.57
C ALA D 82 -44.62 -23.70 -42.13
N ARG D 83 -44.14 -24.01 -43.34
CA ARG D 83 -44.43 -25.31 -43.93
C ARG D 83 -43.88 -26.44 -43.08
N LEU D 84 -42.71 -26.24 -42.47
CA LEU D 84 -42.18 -27.25 -41.56
C LEU D 84 -43.07 -27.41 -40.34
N ALA D 85 -43.66 -26.32 -39.86
CA ALA D 85 -44.49 -26.37 -38.66
C ALA D 85 -45.89 -26.92 -38.95
N ILE D 86 -46.48 -26.56 -40.09
CA ILE D 86 -47.77 -27.13 -40.48
C ILE D 86 -47.64 -28.64 -40.62
N PHE D 87 -46.58 -29.10 -41.30
CA PHE D 87 -46.30 -30.52 -41.41
C PHE D 87 -46.21 -31.18 -40.04
N HIS D 88 -45.50 -30.54 -39.12
CA HIS D 88 -45.37 -31.07 -37.76
C HIS D 88 -46.73 -31.12 -37.06
N LEU D 89 -47.58 -30.14 -37.31
CA LEU D 89 -48.88 -30.09 -36.66
C LEU D 89 -49.85 -31.13 -37.22
N ARG D 90 -49.70 -31.49 -38.50
CA ARG D 90 -50.53 -32.54 -39.06
C ARG D 90 -50.26 -33.88 -38.38
N LYS D 91 -48.99 -34.22 -38.19
CA LYS D 91 -48.64 -35.48 -37.55
C LYS D 91 -49.10 -35.52 -36.10
N LYS D 92 -49.01 -34.38 -35.40
CA LYS D 92 -49.38 -34.34 -33.99
C LYS D 92 -50.86 -34.65 -33.79
N ALA D 93 -51.71 -34.22 -34.72
CA ALA D 93 -53.15 -34.39 -34.57
C ALA D 93 -53.71 -35.60 -35.30
N TYR D 94 -53.10 -36.01 -36.42
CA TYR D 94 -53.66 -37.06 -37.25
C TYR D 94 -52.77 -38.27 -37.40
N GLY D 95 -51.49 -38.18 -37.03
CA GLY D 95 -50.55 -39.26 -37.26
C GLY D 95 -50.05 -39.35 -38.68
N GLN D 96 -50.56 -38.52 -39.58
CA GLN D 96 -50.12 -38.49 -40.97
C GLN D 96 -50.24 -37.06 -41.47
N PHE D 97 -50.04 -36.87 -42.78
CA PHE D 97 -50.18 -35.55 -43.37
C PHE D 97 -51.60 -35.26 -43.81
N GLU D 98 -52.23 -36.19 -44.53
CA GLU D 98 -53.56 -35.97 -45.09
C GLU D 98 -54.60 -35.91 -43.96
N PRO D 99 -55.42 -34.86 -43.90
CA PRO D 99 -56.44 -34.80 -42.86
C PRO D 99 -57.56 -35.79 -43.13
N PRO D 100 -58.25 -36.24 -42.07
CA PRO D 100 -59.41 -37.13 -42.28
C PRO D 100 -60.62 -36.39 -42.83
N ALA D 101 -61.72 -37.11 -43.03
CA ALA D 101 -62.96 -36.47 -43.46
C ALA D 101 -63.50 -35.57 -42.36
N LEU D 102 -64.24 -34.53 -42.77
CA LEU D 102 -64.80 -33.60 -41.79
C LEU D 102 -65.75 -34.30 -40.84
N TYR D 103 -66.55 -35.24 -41.34
CA TYR D 103 -67.48 -35.96 -40.47
C TYR D 103 -66.74 -36.88 -39.51
N ASP D 104 -65.81 -37.68 -40.02
CA ASP D 104 -65.05 -38.60 -39.16
C ASP D 104 -64.36 -37.85 -38.04
N HIS D 105 -63.87 -36.64 -38.33
CA HIS D 105 -63.17 -35.84 -37.32
C HIS D 105 -64.13 -35.38 -36.22
N VAL D 106 -65.26 -34.76 -36.61
CA VAL D 106 -66.22 -34.25 -35.65
C VAL D 106 -66.76 -35.37 -34.77
N VAL D 107 -66.95 -36.56 -35.34
CA VAL D 107 -67.44 -37.69 -34.57
C VAL D 107 -66.50 -38.01 -33.41
N LYS D 108 -65.21 -38.23 -33.71
CA LYS D 108 -64.25 -38.62 -32.70
C LYS D 108 -64.07 -37.53 -31.63
N MET D 109 -64.15 -36.26 -32.01
CA MET D 109 -63.86 -35.17 -31.07
C MET D 109 -65.00 -34.96 -30.08
N VAL D 110 -66.25 -35.06 -30.54
CA VAL D 110 -67.38 -34.92 -29.62
C VAL D 110 -67.36 -36.05 -28.60
N GLU D 111 -66.91 -37.24 -29.02
CA GLU D 111 -66.80 -38.36 -28.09
C GLU D 111 -65.77 -38.07 -27.00
N MET D 112 -64.68 -37.41 -27.35
CA MET D 112 -63.64 -37.08 -26.39
C MET D 112 -63.96 -35.86 -25.54
N GLY D 113 -65.09 -35.18 -25.80
CA GLY D 113 -65.43 -33.98 -25.08
C GLY D 113 -64.66 -32.75 -25.49
N LYS D 114 -63.93 -32.80 -26.59
CA LYS D 114 -63.16 -31.66 -27.05
C LYS D 114 -64.00 -30.71 -27.90
N TYR D 115 -65.02 -31.22 -28.58
CA TYR D 115 -65.97 -30.40 -29.32
C TYR D 115 -67.30 -30.31 -28.57
N ASP D 116 -68.11 -29.33 -28.96
CA ASP D 116 -69.43 -29.18 -28.36
C ASP D 116 -70.35 -30.30 -28.84
N ASN D 117 -71.26 -30.70 -27.94
CA ASN D 117 -72.17 -31.80 -28.23
C ASN D 117 -73.12 -31.47 -29.38
N HIS D 118 -73.45 -30.18 -29.54
CA HIS D 118 -74.51 -29.77 -30.47
C HIS D 118 -74.12 -29.93 -31.94
N LEU D 119 -72.83 -30.02 -32.25
CA LEU D 119 -72.42 -30.06 -33.66
C LEU D 119 -73.06 -31.23 -34.39
N LEU D 120 -73.17 -32.38 -33.73
CA LEU D 120 -73.77 -33.55 -34.37
C LEU D 120 -75.28 -33.46 -34.41
N GLU D 121 -75.89 -32.73 -33.46
CA GLU D 121 -77.34 -32.63 -33.41
C GLU D 121 -77.88 -31.69 -34.49
N ASP D 122 -77.16 -30.60 -34.78
CA ASP D 122 -77.66 -29.57 -35.68
C ASP D 122 -77.31 -29.82 -37.13
N TYR D 123 -76.33 -30.70 -37.41
CA TYR D 123 -75.88 -30.99 -38.76
C TYR D 123 -75.96 -32.49 -39.02
N THR D 124 -76.40 -32.86 -40.21
CA THR D 124 -76.46 -34.25 -40.63
C THR D 124 -75.14 -34.66 -41.28
N GLU D 125 -74.92 -35.98 -41.37
CA GLU D 125 -73.71 -36.48 -42.01
C GLU D 125 -73.64 -36.06 -43.47
N GLU D 126 -74.79 -35.98 -44.15
CA GLU D 126 -74.80 -35.51 -45.52
C GLU D 126 -74.39 -34.06 -45.62
N GLU D 127 -74.71 -33.25 -44.59
CA GLU D 127 -74.26 -31.86 -44.58
C GLU D 127 -72.78 -31.75 -44.21
N PHE D 128 -72.30 -32.59 -43.29
CA PHE D 128 -70.89 -32.56 -42.92
C PHE D 128 -70.01 -32.93 -44.12
N LYS D 129 -70.40 -33.96 -44.86
CA LYS D 129 -69.65 -34.32 -46.07
C LYS D 129 -69.75 -33.22 -47.12
N GLN D 130 -70.83 -32.45 -47.10
CA GLN D 130 -70.98 -31.34 -48.04
C GLN D 130 -70.07 -30.19 -47.68
N MET D 131 -69.83 -29.95 -46.39
CA MET D 131 -68.88 -28.93 -45.97
C MET D 131 -67.44 -29.37 -46.14
N ASP D 132 -67.18 -30.67 -46.17
CA ASP D 132 -65.84 -31.16 -46.46
C ASP D 132 -65.42 -30.77 -47.88
N THR D 133 -66.39 -30.60 -48.78
CA THR D 133 -66.08 -30.12 -50.12
C THR D 133 -65.76 -28.63 -50.11
N PHE D 134 -66.25 -27.88 -49.11
CA PHE D 134 -65.88 -26.48 -48.98
C PHE D 134 -64.41 -26.33 -48.60
N ILE D 135 -63.90 -27.24 -47.76
CA ILE D 135 -62.56 -27.10 -47.20
C ILE D 135 -61.51 -27.17 -48.28
N ASP D 136 -60.50 -26.30 -48.16
CA ASP D 136 -59.32 -26.31 -49.02
C ASP D 136 -58.12 -26.40 -48.08
N HIS D 137 -57.66 -27.62 -47.82
CA HIS D 137 -56.55 -27.84 -46.89
C HIS D 137 -55.24 -27.27 -47.40
N ASP D 138 -55.16 -26.86 -48.67
CA ASP D 138 -53.96 -26.20 -49.17
C ASP D 138 -53.84 -24.75 -48.69
N ARG D 139 -54.89 -24.21 -48.08
CA ARG D 139 -54.79 -22.87 -47.52
C ARG D 139 -53.93 -22.84 -46.26
N ASP D 140 -53.60 -23.99 -45.69
CA ASP D 140 -52.62 -24.07 -44.62
C ASP D 140 -51.22 -23.71 -45.11
N MET D 141 -51.01 -23.66 -46.43
CA MET D 141 -49.73 -23.30 -47.01
C MET D 141 -49.57 -21.81 -47.22
N THR D 142 -50.53 -21.00 -46.78
CA THR D 142 -50.45 -19.56 -46.92
C THR D 142 -50.15 -18.85 -45.59
N PHE D 143 -49.98 -19.60 -44.51
CA PHE D 143 -49.60 -19.00 -43.24
C PHE D 143 -48.11 -18.69 -43.23
N SER D 144 -47.74 -17.73 -42.40
CA SER D 144 -46.34 -17.47 -42.08
C SER D 144 -46.01 -18.13 -40.74
N TYR D 145 -44.71 -18.18 -40.43
CA TYR D 145 -44.30 -18.89 -39.22
C TYR D 145 -44.90 -18.27 -37.96
N ALA D 146 -44.97 -16.94 -37.91
CA ALA D 146 -45.62 -16.30 -36.77
C ALA D 146 -47.08 -16.71 -36.69
N ALA D 147 -47.75 -16.84 -37.83
CA ALA D 147 -49.15 -17.26 -37.85
C ALA D 147 -49.31 -18.67 -37.29
N VAL D 148 -48.46 -19.60 -37.74
CA VAL D 148 -48.61 -20.99 -37.34
C VAL D 148 -48.34 -21.16 -35.85
N LYS D 149 -47.36 -20.43 -35.31
CA LYS D 149 -47.07 -20.57 -33.89
C LYS D 149 -48.22 -20.06 -33.03
N GLN D 150 -48.89 -18.99 -33.46
CA GLN D 150 -50.06 -18.54 -32.73
C GLN D 150 -51.19 -19.56 -32.80
N LEU D 151 -51.28 -20.30 -33.91
CA LEU D 151 -52.28 -21.36 -34.01
C LEU D 151 -52.01 -22.47 -33.01
N GLU D 152 -50.81 -23.07 -33.10
CA GLU D 152 -50.49 -24.19 -32.22
C GLU D 152 -50.33 -23.76 -30.76
N GLY D 153 -50.06 -22.48 -30.51
CA GLY D 153 -49.86 -22.03 -29.15
C GLY D 153 -51.13 -21.62 -28.44
N LYS D 154 -52.07 -21.04 -29.18
CA LYS D 154 -53.23 -20.42 -28.56
C LYS D 154 -54.58 -20.87 -29.12
N TYR D 155 -54.66 -21.13 -30.43
CA TYR D 155 -55.97 -21.26 -31.08
C TYR D 155 -56.44 -22.70 -31.27
N LEU D 156 -55.58 -23.58 -31.82
CA LEU D 156 -55.99 -24.95 -32.08
C LEU D 156 -56.41 -25.65 -30.80
N VAL D 157 -57.50 -26.42 -30.90
CA VAL D 157 -58.00 -27.17 -29.75
C VAL D 157 -56.91 -28.11 -29.28
N GLN D 158 -56.56 -28.00 -28.00
CA GLN D 158 -55.45 -28.77 -27.47
C GLN D 158 -55.66 -29.01 -25.98
N ASN D 159 -54.84 -29.91 -25.43
CA ASN D 159 -54.84 -30.22 -24.02
C ASN D 159 -53.84 -29.32 -23.31
N ARG D 160 -54.31 -28.57 -22.31
CA ARG D 160 -53.45 -27.62 -21.61
C ARG D 160 -52.60 -28.29 -20.53
N VAL D 161 -52.68 -29.61 -20.41
CA VAL D 161 -51.80 -30.37 -19.52
C VAL D 161 -50.94 -31.37 -20.31
N THR D 162 -51.50 -31.97 -21.36
CA THR D 162 -50.76 -32.90 -22.20
C THR D 162 -49.94 -32.18 -23.25
N GLY D 163 -50.45 -31.07 -23.79
CA GLY D 163 -49.84 -30.47 -24.94
C GLY D 163 -50.26 -31.11 -26.25
N GLU D 164 -51.28 -31.97 -26.22
CA GLU D 164 -51.69 -32.72 -27.39
C GLU D 164 -52.50 -31.83 -28.32
N ILE D 165 -52.07 -31.72 -29.57
CA ILE D 165 -52.80 -30.95 -30.57
C ILE D 165 -53.81 -31.88 -31.23
N TYR D 166 -55.06 -31.43 -31.31
CA TYR D 166 -56.16 -32.29 -31.74
C TYR D 166 -56.67 -32.01 -33.15
N GLU D 167 -56.55 -30.78 -33.64
CA GLU D 167 -57.13 -30.38 -34.92
C GLU D 167 -56.06 -29.74 -35.79
N SER D 168 -56.46 -29.33 -36.99
CA SER D 168 -55.60 -28.57 -37.89
C SER D 168 -56.26 -27.20 -38.14
N ALA D 169 -55.67 -26.42 -39.04
CA ALA D 169 -56.10 -25.04 -39.21
C ALA D 169 -57.45 -24.95 -39.90
N GLN D 170 -57.62 -25.65 -41.02
CA GLN D 170 -58.86 -25.52 -41.79
C GLN D 170 -60.06 -26.07 -41.04
N PHE D 171 -59.85 -27.02 -40.13
CA PHE D 171 -60.97 -27.49 -39.32
C PHE D 171 -61.43 -26.42 -38.35
N LEU D 172 -60.49 -25.67 -37.76
CA LEU D 172 -60.85 -24.54 -36.91
C LEU D 172 -61.75 -23.56 -37.66
N TYR D 173 -61.35 -23.19 -38.87
CA TYR D 173 -62.13 -22.23 -39.66
C TYR D 173 -63.51 -22.76 -39.99
N ILE D 174 -63.58 -23.97 -40.58
CA ILE D 174 -64.85 -24.48 -41.07
C ILE D 174 -65.84 -24.73 -39.93
N LEU D 175 -65.34 -25.03 -38.73
CA LEU D 175 -66.23 -25.28 -37.61
C LEU D 175 -66.68 -24.00 -36.92
N VAL D 176 -65.84 -22.97 -36.91
CA VAL D 176 -66.29 -21.65 -36.45
C VAL D 176 -67.42 -21.15 -37.34
N ALA D 177 -67.31 -21.39 -38.64
CA ALA D 177 -68.41 -21.05 -39.55
C ALA D 177 -69.64 -21.91 -39.27
N ALA D 178 -69.43 -23.21 -39.02
CA ALA D 178 -70.56 -24.12 -38.78
C ALA D 178 -71.34 -23.72 -37.52
N CYS D 179 -70.63 -23.50 -36.42
CA CYS D 179 -71.29 -23.24 -35.14
C CYS D 179 -72.07 -21.93 -35.17
N LEU D 180 -71.50 -20.89 -35.77
CA LEU D 180 -72.15 -19.58 -35.72
C LEU D 180 -73.45 -19.57 -36.50
N PHE D 181 -73.48 -20.19 -37.68
CA PHE D 181 -74.67 -20.23 -38.50
C PHE D 181 -75.47 -21.52 -38.30
N SER D 182 -75.21 -22.26 -37.22
CA SER D 182 -75.90 -23.52 -37.01
C SER D 182 -77.39 -23.32 -36.79
N ASN D 183 -77.78 -22.15 -36.28
CA ASN D 183 -79.17 -21.84 -35.97
C ASN D 183 -79.87 -21.11 -37.11
N TYR D 184 -79.20 -21.00 -38.26
CA TYR D 184 -79.78 -20.35 -39.42
C TYR D 184 -80.72 -21.31 -40.15
N PRO D 185 -81.68 -20.77 -40.90
CA PRO D 185 -82.57 -21.64 -41.69
C PRO D 185 -81.78 -22.43 -42.73
N ARG D 186 -82.18 -23.68 -42.93
CA ARG D 186 -81.44 -24.59 -43.80
C ARG D 186 -81.47 -24.17 -45.27
N GLU D 187 -82.37 -23.27 -45.66
CA GLU D 187 -82.38 -22.84 -47.06
C GLU D 187 -81.17 -21.98 -47.39
N THR D 188 -80.62 -21.27 -46.39
CA THR D 188 -79.48 -20.40 -46.58
C THR D 188 -78.33 -20.70 -45.65
N ARG D 189 -78.43 -21.74 -44.82
CA ARG D 189 -77.42 -22.00 -43.81
C ARG D 189 -76.06 -22.29 -44.44
N LEU D 190 -75.98 -23.34 -45.27
CA LEU D 190 -74.71 -23.70 -45.86
C LEU D 190 -74.18 -22.65 -46.82
N GLN D 191 -75.04 -21.78 -47.35
CA GLN D 191 -74.54 -20.66 -48.14
C GLN D 191 -73.67 -19.74 -47.29
N TYR D 192 -74.15 -19.43 -46.08
CA TYR D 192 -73.36 -18.60 -45.17
C TYR D 192 -72.16 -19.36 -44.64
N VAL D 193 -72.33 -20.65 -44.32
CA VAL D 193 -71.22 -21.43 -43.75
C VAL D 193 -70.04 -21.46 -44.71
N LYS D 194 -70.32 -21.67 -46.00
CA LYS D 194 -69.24 -21.65 -46.99
C LYS D 194 -68.69 -20.23 -47.16
N ARG D 195 -69.56 -19.24 -47.27
CA ARG D 195 -69.11 -17.87 -47.50
C ARG D 195 -68.29 -17.37 -46.31
N PHE D 196 -68.72 -17.67 -45.09
CA PHE D 196 -67.97 -17.21 -43.92
C PHE D 196 -66.65 -17.97 -43.79
N TYR D 197 -66.63 -19.23 -44.17
CA TYR D 197 -65.38 -19.99 -44.18
C TYR D 197 -64.37 -19.36 -45.13
N ASP D 198 -64.81 -19.04 -46.36
CA ASP D 198 -63.92 -18.41 -47.33
C ASP D 198 -63.41 -17.06 -46.81
N ALA D 199 -64.25 -16.32 -46.10
CA ALA D 199 -63.86 -14.99 -45.65
C ALA D 199 -62.75 -15.05 -44.61
N VAL D 200 -62.81 -16.02 -43.70
CA VAL D 200 -61.81 -16.09 -42.64
C VAL D 200 -60.60 -16.92 -43.06
N SER D 201 -60.77 -17.89 -43.95
CA SER D 201 -59.65 -18.71 -44.39
C SER D 201 -58.82 -18.05 -45.48
N THR D 202 -59.37 -17.05 -46.17
CA THR D 202 -58.60 -16.24 -47.12
C THR D 202 -58.29 -14.85 -46.54
N PHE D 203 -58.46 -14.68 -45.22
CA PHE D 203 -58.01 -13.50 -44.50
C PHE D 203 -58.75 -12.23 -44.93
N LYS D 204 -60.02 -12.36 -45.31
CA LYS D 204 -60.84 -11.17 -45.51
C LYS D 204 -61.34 -10.63 -44.17
N ILE D 205 -61.68 -11.52 -43.25
CA ILE D 205 -62.16 -11.16 -41.92
C ILE D 205 -61.21 -11.76 -40.89
N SER D 206 -60.89 -10.99 -39.85
CA SER D 206 -60.03 -11.44 -38.78
C SER D 206 -60.89 -11.75 -37.56
N LEU D 207 -60.64 -12.92 -36.94
CA LEU D 207 -61.39 -13.33 -35.77
C LEU D 207 -60.52 -13.24 -34.52
N PRO D 208 -61.11 -12.89 -33.37
CA PRO D 208 -60.32 -12.69 -32.14
C PRO D 208 -59.88 -14.00 -31.51
N THR D 209 -59.03 -13.87 -30.50
CA THR D 209 -58.50 -15.05 -29.81
C THR D 209 -59.59 -15.95 -29.24
N PRO D 210 -60.58 -15.45 -28.47
CA PRO D 210 -61.57 -16.38 -27.91
C PRO D 210 -62.47 -17.00 -28.96
N ILE D 211 -62.74 -16.29 -30.07
CA ILE D 211 -63.51 -16.90 -31.15
C ILE D 211 -62.69 -17.97 -31.85
N MET D 212 -61.40 -17.70 -32.07
CA MET D 212 -60.52 -18.65 -32.73
C MET D 212 -60.34 -19.92 -31.90
N SER D 213 -60.10 -19.75 -30.60
CA SER D 213 -59.83 -20.89 -29.74
C SER D 213 -61.08 -21.48 -29.10
N GLY D 214 -62.24 -20.82 -29.24
CA GLY D 214 -63.42 -21.26 -28.52
C GLY D 214 -64.52 -21.88 -29.36
N VAL D 215 -64.98 -21.16 -30.39
CA VAL D 215 -66.19 -21.52 -31.12
C VAL D 215 -66.05 -22.88 -31.78
N ARG D 216 -66.41 -23.93 -31.02
CA ARG D 216 -66.56 -25.33 -31.42
C ARG D 216 -66.33 -26.21 -30.19
N THR D 217 -65.97 -25.59 -29.08
CA THR D 217 -65.67 -26.29 -27.84
C THR D 217 -66.87 -26.25 -26.90
N PRO D 218 -66.94 -27.20 -25.96
CA PRO D 218 -68.08 -27.20 -25.01
C PRO D 218 -68.26 -25.90 -24.25
N THR D 219 -67.20 -25.34 -23.67
CA THR D 219 -67.32 -24.12 -22.89
C THR D 219 -67.56 -22.92 -23.81
N ARG D 220 -68.68 -22.24 -23.62
CA ARG D 220 -69.13 -21.18 -24.53
C ARG D 220 -69.01 -19.81 -23.87
N GLN D 221 -67.88 -19.15 -24.09
CA GLN D 221 -67.73 -17.74 -23.79
C GLN D 221 -66.74 -17.16 -24.79
N PHE D 222 -67.18 -16.21 -25.61
CA PHE D 222 -66.39 -15.76 -26.75
C PHE D 222 -66.32 -14.24 -26.88
N SER D 223 -66.74 -13.49 -25.87
CA SER D 223 -66.64 -12.04 -25.90
C SER D 223 -65.29 -11.62 -25.30
N SER D 224 -64.53 -10.85 -26.07
CA SER D 224 -63.19 -10.46 -25.62
C SER D 224 -63.25 -9.47 -24.46
N CYS D 225 -64.22 -8.57 -24.48
CA CYS D 225 -64.24 -7.43 -23.56
C CYS D 225 -65.43 -7.55 -22.62
N VAL D 226 -65.16 -7.37 -21.32
CA VAL D 226 -66.18 -7.38 -20.27
C VAL D 226 -65.98 -6.13 -19.43
N LEU D 227 -67.02 -5.30 -19.33
CA LEU D 227 -66.94 -4.05 -18.59
C LEU D 227 -67.86 -4.14 -17.37
N ILE D 228 -67.28 -4.05 -16.18
CA ILE D 228 -67.99 -4.15 -14.91
C ILE D 228 -67.87 -2.83 -14.18
N GLU D 229 -68.99 -2.31 -13.71
CA GLU D 229 -69.02 -1.08 -12.92
C GLU D 229 -69.21 -1.44 -11.45
N CYS D 230 -68.46 -0.78 -10.58
CA CYS D 230 -68.44 -1.08 -9.16
C CYS D 230 -69.06 0.07 -8.38
N GLY D 231 -70.06 -0.26 -7.54
CA GLY D 231 -70.67 0.72 -6.65
C GLY D 231 -69.91 0.87 -5.35
N ASP D 232 -70.32 1.87 -4.56
CA ASP D 232 -69.63 2.23 -3.32
C ASP D 232 -70.22 1.48 -2.12
N SER D 233 -70.21 0.15 -2.21
CA SER D 233 -70.72 -0.68 -1.12
C SER D 233 -69.95 -1.98 -1.09
N LEU D 234 -69.95 -2.62 0.08
CA LEU D 234 -69.29 -3.91 0.21
C LEU D 234 -69.98 -4.98 -0.63
N ASP D 235 -71.31 -4.92 -0.72
CA ASP D 235 -72.04 -5.89 -1.55
C ASP D 235 -71.72 -5.71 -3.03
N SER D 236 -71.46 -4.47 -3.47
CA SER D 236 -71.12 -4.23 -4.87
C SER D 236 -69.70 -4.66 -5.18
N ILE D 237 -68.76 -4.42 -4.25
CA ILE D 237 -67.38 -4.86 -4.45
C ILE D 237 -67.30 -6.39 -4.50
N ASN D 238 -68.00 -7.07 -3.59
CA ASN D 238 -68.02 -8.53 -3.60
C ASN D 238 -68.62 -9.05 -4.90
N ALA D 239 -69.68 -8.42 -5.38
CA ALA D 239 -70.27 -8.83 -6.65
C ALA D 239 -69.31 -8.59 -7.80
N THR D 240 -68.62 -7.45 -7.80
CA THR D 240 -67.65 -7.14 -8.84
C THR D 240 -66.55 -8.19 -8.87
N SER D 241 -66.00 -8.54 -7.70
CA SER D 241 -64.93 -9.53 -7.63
C SER D 241 -65.37 -10.87 -8.21
N SER D 242 -66.58 -11.32 -7.84
CA SER D 242 -67.07 -12.61 -8.34
C SER D 242 -67.20 -12.60 -9.85
N ALA D 243 -67.68 -11.50 -10.43
CA ALA D 243 -67.82 -11.41 -11.88
C ALA D 243 -66.46 -11.48 -12.58
N ILE D 244 -65.45 -10.81 -12.02
CA ILE D 244 -64.11 -10.85 -12.60
C ILE D 244 -63.60 -12.28 -12.69
N VAL D 245 -63.63 -13.00 -11.56
CA VAL D 245 -63.14 -14.38 -11.52
C VAL D 245 -63.83 -15.23 -12.56
N LYS D 246 -65.15 -15.08 -12.69
CA LYS D 246 -65.89 -15.90 -13.64
C LYS D 246 -65.46 -15.63 -15.08
N TYR D 247 -65.30 -14.35 -15.45
CA TYR D 247 -65.05 -14.02 -16.85
C TYR D 247 -63.58 -14.14 -17.24
N VAL D 248 -62.63 -13.84 -16.34
CA VAL D 248 -61.23 -14.05 -16.70
C VAL D 248 -60.98 -15.53 -16.94
N SER D 249 -61.67 -16.40 -16.22
CA SER D 249 -61.52 -17.83 -16.42
C SER D 249 -62.12 -18.29 -17.74
N GLN D 250 -62.85 -17.44 -18.44
CA GLN D 250 -63.47 -17.79 -19.71
C GLN D 250 -63.09 -16.79 -20.80
N ARG D 251 -61.79 -16.55 -20.96
CA ARG D 251 -61.24 -15.81 -22.10
C ARG D 251 -61.74 -14.37 -22.19
N ALA D 252 -61.61 -13.62 -21.10
CA ALA D 252 -62.11 -12.26 -21.10
C ALA D 252 -61.12 -11.29 -20.47
N GLY D 253 -61.10 -10.08 -21.01
CA GLY D 253 -60.32 -8.98 -20.45
C GLY D 253 -61.26 -7.96 -19.83
N ILE D 254 -60.99 -7.61 -18.59
CA ILE D 254 -61.93 -6.89 -17.75
C ILE D 254 -61.63 -5.39 -17.76
N GLY D 255 -62.68 -4.59 -17.68
CA GLY D 255 -62.58 -3.18 -17.38
C GLY D 255 -63.36 -2.87 -16.12
N ILE D 256 -62.69 -2.39 -15.08
CA ILE D 256 -63.29 -2.15 -13.78
C ILE D 256 -63.44 -0.66 -13.57
N ASN D 257 -64.60 -0.23 -13.11
CA ASN D 257 -64.87 1.18 -12.83
C ASN D 257 -65.07 1.31 -11.32
N ALA D 258 -63.95 1.43 -10.60
CA ALA D 258 -63.96 1.61 -9.16
C ALA D 258 -63.81 3.08 -8.77
N GLY D 259 -64.25 3.99 -9.63
CA GLY D 259 -64.21 5.40 -9.30
C GLY D 259 -65.26 5.80 -8.29
N ARG D 260 -66.33 5.00 -8.14
CA ARG D 260 -67.39 5.29 -7.21
C ARG D 260 -66.98 5.04 -5.77
N ILE D 261 -65.95 4.22 -5.54
CA ILE D 261 -65.53 3.90 -4.19
C ILE D 261 -65.03 5.17 -3.51
N ARG D 262 -65.56 5.44 -2.31
CA ARG D 262 -65.22 6.66 -1.59
C ARG D 262 -63.76 6.65 -1.16
N ALA D 263 -63.28 7.84 -0.80
CA ALA D 263 -61.86 8.03 -0.56
C ALA D 263 -61.46 7.56 0.84
N LEU D 264 -60.16 7.37 1.02
CA LEU D 264 -59.60 6.98 2.31
C LEU D 264 -59.97 8.01 3.37
N GLY D 265 -60.44 7.54 4.51
CA GLY D 265 -60.78 8.41 5.62
C GLY D 265 -62.24 8.80 5.69
N SER D 266 -63.02 8.49 4.66
CA SER D 266 -64.43 8.84 4.66
C SER D 266 -65.17 8.08 5.77
N PRO D 267 -66.21 8.68 6.34
CA PRO D 267 -66.98 8.00 7.39
C PRO D 267 -67.78 6.84 6.83
N ILE D 268 -67.98 5.83 7.68
CA ILE D 268 -68.76 4.64 7.36
C ILE D 268 -69.85 4.54 8.40
N ARG D 269 -71.11 4.52 7.95
CA ARG D 269 -72.26 4.54 8.85
C ARG D 269 -72.16 5.69 9.85
N GLY D 270 -71.80 6.86 9.35
CA GLY D 270 -71.72 8.06 10.18
C GLY D 270 -70.62 8.09 11.21
N GLY D 271 -69.53 7.36 10.99
CA GLY D 271 -68.40 7.35 11.89
C GLY D 271 -68.20 6.11 12.71
N GLU D 272 -68.97 5.04 12.46
CA GLU D 272 -68.74 3.78 13.15
C GLU D 272 -67.44 3.12 12.73
N ALA D 273 -66.96 3.42 11.52
CA ALA D 273 -65.74 2.81 11.02
C ALA D 273 -64.97 3.82 10.18
N PHE D 274 -63.67 3.59 10.07
CA PHE D 274 -62.76 4.42 9.28
C PHE D 274 -62.50 3.71 7.96
N HIS D 275 -62.78 4.40 6.84
CA HIS D 275 -62.63 3.81 5.53
C HIS D 275 -61.17 3.51 5.24
N THR D 276 -60.84 2.23 5.06
CA THR D 276 -59.44 1.82 4.90
C THR D 276 -58.83 2.40 3.63
N GLY D 277 -59.64 2.70 2.62
CA GLY D 277 -59.18 3.31 1.40
C GLY D 277 -59.48 2.46 0.18
N CYS D 278 -59.18 3.06 -0.98
CA CYS D 278 -59.41 2.38 -2.25
C CYS D 278 -58.40 1.26 -2.49
N ILE D 279 -57.14 1.51 -2.16
CA ILE D 279 -56.02 0.61 -2.48
C ILE D 279 -56.28 -0.81 -1.97
N PRO D 280 -56.76 -1.01 -0.74
CA PRO D 280 -57.06 -2.39 -0.32
C PRO D 280 -58.10 -3.08 -1.19
N PHE D 281 -59.04 -2.34 -1.77
CA PHE D 281 -60.01 -2.97 -2.66
C PHE D 281 -59.43 -3.16 -4.06
N TYR D 282 -58.60 -2.22 -4.52
CA TYR D 282 -57.89 -2.44 -5.77
C TYR D 282 -57.04 -3.70 -5.70
N LYS D 283 -56.37 -3.93 -4.56
CA LYS D 283 -55.60 -5.15 -4.39
C LYS D 283 -56.49 -6.38 -4.47
N HIS D 284 -57.72 -6.28 -3.96
CA HIS D 284 -58.64 -7.41 -4.07
C HIS D 284 -59.05 -7.63 -5.52
N PHE D 285 -59.25 -6.54 -6.26
CA PHE D 285 -59.55 -6.68 -7.69
C PHE D 285 -58.37 -7.30 -8.43
N GLN D 286 -57.14 -6.99 -8.03
CA GLN D 286 -55.98 -7.52 -8.73
C GLN D 286 -55.86 -9.02 -8.56
N THR D 287 -56.00 -9.51 -7.32
CA THR D 287 -55.93 -10.95 -7.09
C THR D 287 -57.07 -11.69 -7.76
N ALA D 288 -58.22 -11.03 -7.94
CA ALA D 288 -59.31 -11.64 -8.69
C ALA D 288 -58.91 -11.89 -10.14
N VAL D 289 -58.23 -10.92 -10.76
CA VAL D 289 -57.81 -11.06 -12.14
C VAL D 289 -56.72 -12.12 -12.27
N LYS D 290 -55.76 -12.10 -11.34
CA LYS D 290 -54.60 -12.99 -11.40
C LYS D 290 -54.88 -14.38 -10.86
N SER D 291 -56.05 -14.61 -10.27
CA SER D 291 -56.36 -15.92 -9.70
C SER D 291 -56.44 -17.00 -10.78
N CYS D 292 -56.85 -16.63 -12.00
CA CYS D 292 -57.11 -17.62 -13.04
C CYS D 292 -56.34 -17.32 -14.32
N SER D 293 -56.63 -18.11 -15.36
CA SER D 293 -56.11 -17.87 -16.71
C SER D 293 -57.28 -17.82 -17.68
N GLN D 294 -57.05 -17.19 -18.83
CA GLN D 294 -58.09 -16.98 -19.85
C GLN D 294 -58.28 -18.27 -20.63
N GLY D 295 -58.95 -19.24 -19.99
CA GLY D 295 -59.22 -20.51 -20.63
C GLY D 295 -57.99 -21.33 -20.94
N GLY D 296 -56.88 -21.09 -20.23
CA GLY D 296 -55.63 -21.75 -20.50
C GLY D 296 -54.85 -21.21 -21.68
N VAL D 297 -55.35 -20.16 -22.34
CA VAL D 297 -54.67 -19.58 -23.49
C VAL D 297 -53.65 -18.53 -23.08
N ARG D 298 -54.10 -17.54 -22.29
CA ARG D 298 -53.23 -16.49 -21.80
C ARG D 298 -53.62 -16.16 -20.37
N GLY D 299 -52.93 -15.17 -19.79
CA GLY D 299 -53.21 -14.76 -18.43
C GLY D 299 -54.31 -13.71 -18.36
N GLY D 300 -54.86 -13.54 -17.17
CA GLY D 300 -55.89 -12.54 -16.95
C GLY D 300 -55.29 -11.14 -16.84
N ALA D 301 -55.95 -10.18 -17.45
CA ALA D 301 -55.53 -8.79 -17.41
C ALA D 301 -56.75 -7.90 -17.28
N ALA D 302 -56.55 -6.73 -16.68
CA ALA D 302 -57.66 -5.80 -16.50
C ALA D 302 -57.12 -4.38 -16.36
N THR D 303 -57.95 -3.42 -16.73
CA THR D 303 -57.66 -2.00 -16.58
C THR D 303 -58.74 -1.37 -15.73
N LEU D 304 -58.34 -0.63 -14.70
CA LEU D 304 -59.25 0.00 -13.75
C LEU D 304 -59.33 1.50 -14.03
N PHE D 305 -60.54 2.05 -13.92
CA PHE D 305 -60.80 3.45 -14.25
C PHE D 305 -61.24 4.22 -13.02
N TYR D 306 -60.82 5.49 -12.96
CA TYR D 306 -61.20 6.40 -11.90
C TYR D 306 -61.12 7.82 -12.43
N PRO D 307 -61.98 8.73 -11.96
CA PRO D 307 -61.93 10.12 -12.43
C PRO D 307 -60.70 10.85 -11.91
N MET D 308 -60.25 11.81 -12.70
CA MET D 308 -59.05 12.58 -12.33
C MET D 308 -59.27 13.37 -11.05
N TRP D 309 -60.51 13.77 -10.76
CA TRP D 309 -60.79 14.57 -9.59
C TRP D 309 -61.04 13.73 -8.34
N HIS D 310 -60.76 12.43 -8.38
CA HIS D 310 -60.90 11.62 -7.18
C HIS D 310 -59.93 12.10 -6.11
N LEU D 311 -60.29 11.89 -4.85
CA LEU D 311 -59.48 12.41 -3.76
C LEU D 311 -58.15 11.68 -3.67
N GLU D 312 -58.14 10.38 -3.94
CA GLU D 312 -56.93 9.57 -3.91
C GLU D 312 -56.16 9.58 -5.22
N VAL D 313 -56.48 10.50 -6.13
CA VAL D 313 -55.95 10.42 -7.50
C VAL D 313 -54.43 10.46 -7.50
N GLU D 314 -53.82 11.18 -6.55
CA GLU D 314 -52.37 11.21 -6.50
C GLU D 314 -51.80 9.87 -6.02
N SER D 315 -52.56 9.15 -5.20
CA SER D 315 -52.14 7.84 -4.72
C SER D 315 -52.41 6.74 -5.74
N LEU D 316 -53.45 6.91 -6.55
CA LEU D 316 -53.80 5.90 -7.55
C LEU D 316 -52.91 6.01 -8.78
N LEU D 317 -52.40 7.21 -9.07
CA LEU D 317 -51.59 7.45 -10.26
C LEU D 317 -50.23 6.76 -10.19
N VAL D 318 -49.76 6.42 -8.99
CA VAL D 318 -48.43 5.85 -8.81
C VAL D 318 -48.50 4.36 -8.47
N LEU D 319 -49.64 3.71 -8.75
CA LEU D 319 -49.84 2.33 -8.32
C LEU D 319 -48.97 1.34 -9.09
N LYS D 320 -48.47 1.70 -10.27
CA LYS D 320 -47.58 0.83 -11.03
C LYS D 320 -46.12 1.17 -10.86
N ASN D 321 -45.81 2.37 -10.37
CA ASN D 321 -44.43 2.78 -10.10
C ASN D 321 -43.77 1.77 -9.17
N ASN D 322 -42.70 1.13 -9.65
CA ASN D 322 -42.09 0.05 -8.88
C ASN D 322 -41.37 0.52 -7.62
N ARG D 323 -41.20 1.82 -7.44
CA ARG D 323 -40.55 2.37 -6.26
C ARG D 323 -41.60 2.65 -5.20
N GLY D 324 -41.56 1.88 -4.12
CA GLY D 324 -42.51 2.07 -3.03
C GLY D 324 -42.82 0.76 -2.35
N VAL D 325 -43.44 0.88 -1.18
CA VAL D 325 -43.79 -0.30 -0.40
C VAL D 325 -44.99 -0.98 -1.01
N GLU D 326 -45.18 -2.26 -0.63
CA GLU D 326 -46.29 -3.03 -1.16
C GLU D 326 -47.63 -2.50 -0.71
N GLY D 327 -47.67 -1.73 0.39
CA GLY D 327 -48.94 -1.25 0.90
C GLY D 327 -49.64 -0.29 -0.04
N ASN D 328 -48.87 0.55 -0.74
CA ASN D 328 -49.45 1.56 -1.62
C ASN D 328 -49.04 1.33 -3.07
N ARG D 329 -48.95 0.07 -3.48
CA ARG D 329 -48.63 -0.28 -4.85
C ARG D 329 -49.53 -1.41 -5.32
N VAL D 330 -50.16 -1.21 -6.48
CA VAL D 330 -50.94 -2.26 -7.15
C VAL D 330 -50.46 -2.36 -8.59
N ARG D 331 -49.36 -3.07 -8.82
CA ARG D 331 -48.61 -2.94 -10.05
C ARG D 331 -49.20 -3.73 -11.22
N HIS D 332 -49.78 -4.89 -10.97
CA HIS D 332 -50.13 -5.83 -12.04
C HIS D 332 -51.49 -5.56 -12.65
N MET D 333 -51.99 -4.33 -12.56
CA MET D 333 -53.17 -3.89 -13.29
C MET D 333 -52.88 -2.56 -13.97
N ASP D 334 -53.47 -2.37 -15.13
CA ASP D 334 -53.37 -1.09 -15.82
C ASP D 334 -54.49 -0.17 -15.36
N TYR D 335 -54.31 1.13 -15.61
CA TYR D 335 -55.25 2.13 -15.13
C TYR D 335 -55.59 3.12 -16.21
N GLY D 336 -56.80 3.67 -16.13
CA GLY D 336 -57.26 4.71 -17.02
C GLY D 336 -57.77 5.92 -16.27
N VAL D 337 -57.11 7.05 -16.43
CA VAL D 337 -57.54 8.28 -15.77
C VAL D 337 -58.61 8.96 -16.62
N GLN D 338 -59.75 9.26 -16.00
CA GLN D 338 -60.88 9.85 -16.71
C GLN D 338 -60.83 11.37 -16.61
N ILE D 339 -60.88 12.04 -17.77
CA ILE D 339 -60.72 13.48 -17.88
C ILE D 339 -61.83 14.04 -18.76
N ASN D 340 -62.23 15.29 -18.49
CA ASN D 340 -63.19 16.00 -19.31
C ASN D 340 -62.65 17.40 -19.62
N LYS D 341 -63.45 18.18 -20.37
CA LYS D 341 -62.99 19.47 -20.88
C LYS D 341 -62.61 20.42 -19.75
N LEU D 342 -63.39 20.44 -18.67
CA LEU D 342 -63.10 21.35 -17.57
C LEU D 342 -61.73 21.08 -16.97
N MET D 343 -61.36 19.80 -16.85
CA MET D 343 -60.05 19.44 -16.31
C MET D 343 -58.93 19.97 -17.19
N TYR D 344 -59.06 19.84 -18.51
CA TYR D 344 -58.03 20.35 -19.41
C TYR D 344 -57.94 21.87 -19.34
N THR D 345 -59.07 22.54 -19.17
CA THR D 345 -59.07 24.00 -19.09
C THR D 345 -58.30 24.50 -17.88
N ARG D 346 -58.45 23.82 -16.74
CA ARG D 346 -57.71 24.20 -15.53
C ARG D 346 -56.21 24.10 -15.76
N LEU D 347 -55.78 23.17 -16.62
CA LEU D 347 -54.37 23.08 -16.96
C LEU D 347 -53.94 24.22 -17.86
N LEU D 348 -54.73 24.50 -18.91
CA LEU D 348 -54.37 25.53 -19.87
C LEU D 348 -54.28 26.91 -19.24
N LYS D 349 -55.11 27.17 -18.23
CA LYS D 349 -55.12 28.45 -17.54
C LYS D 349 -54.21 28.49 -16.33
N GLY D 350 -53.44 27.42 -16.08
CA GLY D 350 -52.55 27.39 -14.94
C GLY D 350 -53.23 27.49 -13.60
N GLU D 351 -54.50 27.10 -13.52
CA GLU D 351 -55.26 27.15 -12.29
C GLU D 351 -55.12 25.84 -11.52
N ASP D 352 -55.99 25.64 -10.53
CA ASP D 352 -55.97 24.44 -9.70
C ASP D 352 -57.03 23.45 -10.16
N ILE D 353 -56.98 22.26 -9.56
CA ILE D 353 -58.00 21.23 -9.70
C ILE D 353 -58.37 20.79 -8.29
N THR D 354 -59.65 20.88 -7.94
CA THR D 354 -60.11 20.45 -6.63
C THR D 354 -60.46 18.97 -6.68
N LEU D 355 -60.00 18.24 -5.68
CA LEU D 355 -60.22 16.80 -5.59
C LEU D 355 -61.27 16.53 -4.53
N PHE D 356 -62.23 15.68 -4.86
CA PHE D 356 -63.32 15.32 -3.96
C PHE D 356 -63.41 13.82 -3.84
N SER D 357 -63.94 13.36 -2.72
CA SER D 357 -64.42 11.99 -2.72
C SER D 357 -65.80 11.93 -3.37
N PRO D 358 -66.06 10.95 -4.22
CA PRO D 358 -67.37 10.88 -4.88
C PRO D 358 -68.55 10.76 -3.91
N SER D 359 -68.30 10.41 -2.66
CA SER D 359 -69.34 10.28 -1.65
C SER D 359 -69.72 11.61 -0.99
N ASP D 360 -68.95 12.67 -1.21
CA ASP D 360 -69.20 13.97 -0.58
C ASP D 360 -69.69 15.01 -1.57
N VAL D 361 -70.02 14.62 -2.79
CA VAL D 361 -70.42 15.57 -3.82
C VAL D 361 -71.63 15.00 -4.56
N PRO D 362 -72.85 15.25 -4.05
CA PRO D 362 -74.03 14.61 -4.63
C PRO D 362 -74.25 15.01 -6.08
N GLY D 363 -74.36 14.00 -6.94
CA GLY D 363 -74.62 14.20 -8.35
C GLY D 363 -73.42 14.61 -9.17
N LEU D 364 -72.26 14.83 -8.53
CA LEU D 364 -71.08 15.28 -9.27
C LEU D 364 -70.51 14.15 -10.13
N TYR D 365 -70.61 12.91 -9.65
CA TYR D 365 -70.06 11.78 -10.41
C TYR D 365 -70.84 11.54 -11.69
N ASP D 366 -72.16 11.38 -11.59
CA ASP D 366 -72.94 11.09 -12.79
C ASP D 366 -72.88 12.23 -13.79
N ALA D 367 -72.82 13.48 -13.32
CA ALA D 367 -72.70 14.62 -14.21
C ALA D 367 -71.36 14.61 -14.94
N PHE D 368 -70.32 14.04 -14.31
CA PHE D 368 -68.99 14.00 -14.91
C PHE D 368 -69.00 13.33 -16.28
N PHE D 369 -69.96 12.44 -16.53
CA PHE D 369 -70.06 11.72 -17.80
C PHE D 369 -71.16 12.26 -18.69
N ALA D 370 -72.38 12.41 -18.17
CA ALA D 370 -73.58 12.65 -18.98
C ALA D 370 -73.80 14.12 -19.33
N ASP D 371 -73.59 15.03 -18.39
CA ASP D 371 -73.94 16.43 -18.56
C ASP D 371 -72.73 17.30 -18.23
N GLN D 372 -72.07 17.81 -19.27
CA GLN D 372 -70.88 18.64 -19.03
C GLN D 372 -71.24 19.98 -18.42
N GLU D 373 -72.38 20.56 -18.80
CA GLU D 373 -72.82 21.81 -18.20
C GLU D 373 -73.17 21.62 -16.73
N GLU D 374 -73.94 20.57 -16.42
CA GLU D 374 -74.29 20.29 -15.03
C GLU D 374 -73.06 20.00 -14.18
N PHE D 375 -72.02 19.42 -14.78
CA PHE D 375 -70.79 19.16 -14.04
C PHE D 375 -70.10 20.45 -13.62
N GLU D 376 -69.90 21.38 -14.55
CA GLU D 376 -69.26 22.65 -14.21
C GLU D 376 -70.03 23.39 -13.12
N ARG D 377 -71.37 23.29 -13.15
CA ARG D 377 -72.18 23.91 -12.11
C ARG D 377 -71.90 23.28 -10.75
N LEU D 378 -72.05 21.96 -10.65
CA LEU D 378 -71.84 21.29 -9.36
C LEU D 378 -70.38 21.39 -8.91
N TYR D 379 -69.44 21.29 -9.85
CA TYR D 379 -68.03 21.33 -9.48
C TYR D 379 -67.65 22.69 -8.89
N THR D 380 -67.94 23.78 -9.61
CA THR D 380 -67.61 25.11 -9.11
C THR D 380 -68.36 25.45 -7.83
N LYS D 381 -69.57 24.91 -7.66
CA LYS D 381 -70.30 25.12 -6.42
C LYS D 381 -69.61 24.43 -5.26
N TYR D 382 -69.29 23.14 -5.42
CA TYR D 382 -68.63 22.38 -4.38
C TYR D 382 -67.23 22.90 -4.09
N GLU D 383 -66.59 23.57 -5.06
CA GLU D 383 -65.29 24.18 -4.80
C GLU D 383 -65.40 25.31 -3.77
N LYS D 384 -66.53 25.98 -3.72
CA LYS D 384 -66.72 27.10 -2.80
C LYS D 384 -67.22 26.65 -1.43
N ASP D 385 -67.91 25.51 -1.37
CA ASP D 385 -68.38 24.99 -0.09
C ASP D 385 -67.18 24.60 0.78
N ASP D 386 -67.06 25.22 1.95
CA ASP D 386 -65.99 24.91 2.88
C ASP D 386 -66.34 23.78 3.83
N SER D 387 -67.61 23.37 3.89
CA SER D 387 -68.00 22.25 4.73
C SER D 387 -67.65 20.92 4.10
N ILE D 388 -67.50 20.89 2.77
CA ILE D 388 -67.19 19.65 2.06
C ILE D 388 -65.69 19.38 2.14
N ARG D 389 -65.33 18.13 2.45
CA ARG D 389 -63.92 17.74 2.44
C ARG D 389 -63.38 17.78 1.01
N LYS D 390 -62.30 18.53 0.81
CA LYS D 390 -61.73 18.71 -0.51
C LYS D 390 -60.21 18.76 -0.39
N GLN D 391 -59.55 18.86 -1.54
CA GLN D 391 -58.09 18.88 -1.60
C GLN D 391 -57.71 19.52 -2.93
N ARG D 392 -57.02 20.65 -2.87
CA ARG D 392 -56.63 21.37 -4.07
C ARG D 392 -55.21 21.01 -4.47
N VAL D 393 -55.01 20.78 -5.77
CA VAL D 393 -53.69 20.54 -6.35
C VAL D 393 -53.57 21.41 -7.59
N LYS D 394 -52.36 21.93 -7.85
CA LYS D 394 -52.11 22.65 -9.08
C LYS D 394 -52.36 21.73 -10.27
N ALA D 395 -53.22 22.17 -11.19
CA ALA D 395 -53.54 21.36 -12.36
C ALA D 395 -52.29 20.99 -13.15
N VAL D 396 -51.27 21.85 -13.13
CA VAL D 396 -50.04 21.54 -13.85
C VAL D 396 -49.32 20.37 -13.21
N GLU D 397 -49.37 20.27 -11.88
CA GLU D 397 -48.68 19.18 -11.20
C GLU D 397 -49.42 17.86 -11.35
N LEU D 398 -50.75 17.88 -11.22
CA LEU D 398 -51.51 16.65 -11.36
C LEU D 398 -51.36 16.06 -12.77
N PHE D 399 -51.43 16.92 -13.79
CA PHE D 399 -51.21 16.44 -15.15
C PHE D 399 -49.77 15.96 -15.32
N SER D 400 -48.81 16.65 -14.70
CA SER D 400 -47.42 16.23 -14.78
C SER D 400 -47.21 14.89 -14.09
N LEU D 401 -47.86 14.68 -12.96
CA LEU D 401 -47.76 13.39 -12.28
C LEU D 401 -48.36 12.27 -13.13
N MET D 402 -49.50 12.53 -13.77
CA MET D 402 -50.14 11.50 -14.59
C MET D 402 -49.28 11.12 -15.78
N MET D 403 -48.83 12.10 -16.55
CA MET D 403 -48.03 11.82 -17.73
C MET D 403 -46.67 11.23 -17.36
N GLN D 404 -46.12 11.61 -16.21
CA GLN D 404 -44.85 11.03 -15.77
C GLN D 404 -45.01 9.54 -15.51
N GLU D 405 -46.08 9.13 -14.82
CA GLU D 405 -46.33 7.71 -14.62
C GLU D 405 -46.78 7.03 -15.90
N ARG D 406 -47.46 7.76 -16.78
CA ARG D 406 -47.82 7.18 -18.08
C ARG D 406 -46.58 6.89 -18.91
N ALA D 407 -45.59 7.79 -18.87
CA ALA D 407 -44.40 7.61 -19.69
C ALA D 407 -43.52 6.48 -19.17
N SER D 408 -43.37 6.38 -17.86
CA SER D 408 -42.45 5.40 -17.30
C SER D 408 -43.00 3.99 -17.39
N THR D 409 -44.30 3.82 -17.09
CA THR D 409 -44.91 2.50 -17.12
C THR D 409 -45.51 2.16 -18.49
N GLY D 410 -45.99 3.15 -19.22
CA GLY D 410 -46.66 2.92 -20.48
C GLY D 410 -48.06 2.38 -20.37
N ARG D 411 -48.58 2.21 -19.15
CA ARG D 411 -49.87 1.57 -18.92
C ARG D 411 -50.81 2.43 -18.08
N ILE D 412 -50.58 3.74 -18.06
CA ILE D 412 -51.52 4.69 -17.47
C ILE D 412 -52.26 5.35 -18.61
N TYR D 413 -53.52 4.97 -18.81
CA TYR D 413 -54.31 5.35 -19.96
C TYR D 413 -55.18 6.57 -19.68
N ILE D 414 -55.67 7.17 -20.76
CA ILE D 414 -56.49 8.38 -20.69
C ILE D 414 -57.81 8.09 -21.41
N GLN D 415 -58.92 8.52 -20.80
CA GLN D 415 -60.24 8.43 -21.43
C GLN D 415 -60.94 9.78 -21.30
N ASN D 416 -61.19 10.44 -22.42
CA ASN D 416 -61.94 11.70 -22.43
C ASN D 416 -63.43 11.38 -22.36
N VAL D 417 -64.00 11.48 -21.16
CA VAL D 417 -65.36 11.00 -20.93
C VAL D 417 -66.41 11.88 -21.62
N ASP D 418 -66.12 13.17 -21.81
CA ASP D 418 -67.08 14.01 -22.51
C ASP D 418 -67.20 13.61 -23.97
N HIS D 419 -66.06 13.35 -24.62
CA HIS D 419 -66.09 12.84 -25.98
C HIS D 419 -66.78 11.48 -26.06
N CYS D 420 -66.64 10.66 -25.02
CA CYS D 420 -67.27 9.35 -25.03
C CYS D 420 -68.79 9.45 -24.90
N ASN D 421 -69.34 10.64 -24.69
CA ASN D 421 -70.78 10.82 -24.52
C ASN D 421 -71.35 11.86 -25.49
N THR D 422 -70.57 12.89 -25.80
CA THR D 422 -71.02 13.86 -26.79
C THR D 422 -70.97 13.30 -28.20
N HIS D 423 -70.15 12.27 -28.43
CA HIS D 423 -70.03 11.62 -29.73
C HIS D 423 -70.09 10.10 -29.52
N SER D 424 -71.27 9.59 -29.19
CA SER D 424 -71.46 8.18 -28.90
C SER D 424 -72.78 7.72 -29.47
N PRO D 425 -72.96 6.42 -29.67
CA PRO D 425 -74.26 5.90 -30.10
C PRO D 425 -75.30 5.84 -28.99
N PHE D 426 -75.01 6.32 -27.79
CA PHE D 426 -75.92 6.21 -26.66
C PHE D 426 -76.34 7.58 -26.15
N ASP D 427 -77.58 7.65 -25.67
CA ASP D 427 -78.10 8.87 -25.07
C ASP D 427 -77.57 9.00 -23.64
N PRO D 428 -76.80 10.04 -23.32
CA PRO D 428 -76.21 10.14 -21.98
C PRO D 428 -77.23 10.16 -20.86
N ALA D 429 -78.46 10.63 -21.12
CA ALA D 429 -79.47 10.68 -20.07
C ALA D 429 -80.09 9.32 -19.78
N ILE D 430 -79.99 8.37 -20.70
CA ILE D 430 -80.58 7.05 -20.53
C ILE D 430 -79.54 5.99 -20.22
N ALA D 431 -78.40 6.02 -20.92
CA ALA D 431 -77.35 5.01 -20.74
C ALA D 431 -76.01 5.62 -21.09
N PRO D 432 -75.41 6.36 -20.16
CA PRO D 432 -74.13 7.00 -20.45
C PRO D 432 -72.98 6.00 -20.42
N VAL D 433 -71.86 6.42 -21.01
CA VAL D 433 -70.62 5.65 -20.98
C VAL D 433 -69.77 6.16 -19.81
N ARG D 434 -69.45 5.26 -18.87
CA ARG D 434 -68.71 5.64 -17.67
C ARG D 434 -67.35 4.98 -17.54
N GLN D 435 -66.91 4.17 -18.49
CA GLN D 435 -65.63 3.49 -18.39
C GLN D 435 -65.21 3.01 -19.77
N SER D 436 -64.13 2.24 -19.81
CA SER D 436 -63.64 1.62 -21.04
C SER D 436 -63.14 0.22 -20.67
N ASN D 437 -62.30 -0.36 -21.52
CA ASN D 437 -61.88 -1.74 -21.30
C ASN D 437 -60.37 -1.90 -21.15
N LEU D 438 -59.90 -3.15 -21.31
CA LEU D 438 -58.49 -3.45 -21.11
C LEU D 438 -57.61 -2.71 -22.11
N CYS D 439 -58.08 -2.58 -23.35
CA CYS D 439 -57.28 -2.00 -24.42
C CYS D 439 -57.86 -0.68 -24.92
N LEU D 440 -58.85 -0.13 -24.23
CA LEU D 440 -59.33 1.24 -24.42
C LEU D 440 -59.97 1.46 -25.80
N GLU D 441 -60.57 0.42 -26.37
CA GLU D 441 -61.29 0.55 -27.63
C GLU D 441 -62.79 0.36 -27.46
N ILE D 442 -63.25 0.02 -26.26
CA ILE D 442 -64.65 -0.27 -25.99
C ILE D 442 -65.22 0.85 -25.12
N ALA D 443 -66.41 1.32 -25.48
CA ALA D 443 -67.11 2.34 -24.71
C ALA D 443 -68.59 1.96 -24.73
N LEU D 444 -69.06 1.38 -23.63
CA LEU D 444 -70.41 0.85 -23.56
C LEU D 444 -71.03 1.20 -22.21
N PRO D 445 -72.36 1.24 -22.13
CA PRO D 445 -73.00 1.58 -20.86
C PRO D 445 -72.87 0.45 -19.84
N THR D 446 -72.87 0.84 -18.57
CA THR D 446 -72.73 -0.09 -17.46
C THR D 446 -73.50 0.44 -16.26
N LYS D 447 -74.06 -0.48 -15.47
CA LYS D 447 -74.72 -0.13 -14.22
C LYS D 447 -74.24 -1.09 -13.13
N PRO D 448 -73.80 -0.57 -11.98
CA PRO D 448 -73.20 -1.43 -10.96
C PRO D 448 -74.16 -2.48 -10.42
N LEU D 449 -73.57 -3.53 -9.86
CA LEU D 449 -74.33 -4.66 -9.32
C LEU D 449 -74.38 -4.60 -7.79
N ASN D 450 -75.49 -5.09 -7.24
CA ASN D 450 -75.68 -5.23 -5.80
C ASN D 450 -75.50 -6.68 -5.33
N ASP D 451 -75.34 -7.62 -6.26
CA ASP D 451 -75.16 -9.02 -5.92
C ASP D 451 -74.54 -9.71 -7.13
N VAL D 452 -73.97 -10.89 -6.89
CA VAL D 452 -73.36 -11.66 -7.97
C VAL D 452 -74.39 -11.94 -9.07
N ASN D 453 -75.64 -12.18 -8.68
CA ASN D 453 -76.72 -12.44 -9.61
C ASN D 453 -77.73 -11.29 -9.67
N ASP D 454 -77.29 -10.07 -9.30
CA ASP D 454 -78.19 -8.92 -9.30
C ASP D 454 -78.72 -8.66 -10.70
N GLU D 455 -80.04 -8.79 -10.85
CA GLU D 455 -80.67 -8.57 -12.15
C GLU D 455 -80.67 -7.10 -12.55
N ASN D 456 -80.54 -6.19 -11.60
CA ASN D 456 -80.66 -4.76 -11.89
C ASN D 456 -79.41 -4.21 -12.58
N GLY D 457 -78.24 -4.77 -12.28
CA GLY D 457 -77.02 -4.27 -12.88
C GLY D 457 -76.87 -4.68 -14.33
N GLU D 458 -76.00 -3.95 -15.03
CA GLU D 458 -75.70 -4.22 -16.43
C GLU D 458 -74.18 -4.31 -16.59
N ILE D 459 -73.72 -5.44 -17.09
CA ILE D 459 -72.31 -5.63 -17.45
C ILE D 459 -72.21 -5.65 -18.97
N ALA D 460 -71.38 -4.78 -19.52
CA ALA D 460 -71.26 -4.64 -20.96
C ALA D 460 -70.31 -5.70 -21.52
N LEU D 461 -70.82 -6.51 -22.44
CA LEU D 461 -70.00 -7.45 -23.19
C LEU D 461 -69.81 -6.92 -24.60
N CYS D 462 -68.67 -7.24 -25.20
CA CYS D 462 -68.43 -6.85 -26.57
C CYS D 462 -67.70 -7.97 -27.31
N THR D 463 -68.21 -8.34 -28.47
CA THR D 463 -67.62 -9.37 -29.32
C THR D 463 -66.98 -8.69 -30.52
N LEU D 464 -65.85 -9.23 -30.97
CA LEU D 464 -64.98 -8.52 -31.90
C LEU D 464 -64.79 -9.30 -33.20
N SER D 465 -64.24 -8.58 -34.19
CA SER D 465 -63.80 -9.07 -35.49
C SER D 465 -63.21 -7.87 -36.23
N ALA D 466 -62.46 -8.14 -37.29
CA ALA D 466 -61.76 -7.06 -38.00
C ALA D 466 -61.75 -7.30 -39.49
N PHE D 467 -61.78 -6.21 -40.25
CA PHE D 467 -61.59 -6.23 -41.69
C PHE D 467 -60.12 -6.07 -42.03
N ASN D 468 -59.61 -6.95 -42.88
CA ASN D 468 -58.22 -6.86 -43.33
C ASN D 468 -58.14 -5.85 -44.46
N LEU D 469 -57.66 -4.65 -44.15
CA LEU D 469 -57.59 -3.59 -45.17
C LEU D 469 -56.63 -3.96 -46.29
N GLY D 470 -55.67 -4.84 -46.04
CA GLY D 470 -54.76 -5.28 -47.07
C GLY D 470 -55.32 -6.32 -48.01
N ALA D 471 -56.46 -6.92 -47.66
CA ALA D 471 -57.06 -7.98 -48.47
C ALA D 471 -58.10 -7.47 -49.46
N ILE D 472 -58.57 -6.23 -49.33
CA ILE D 472 -59.59 -5.71 -50.22
C ILE D 472 -58.95 -4.99 -51.39
N ASN D 473 -59.64 -5.06 -52.54
CA ASN D 473 -59.21 -4.34 -53.74
C ASN D 473 -60.10 -3.15 -54.06
N ASN D 474 -61.33 -3.13 -53.55
CA ASN D 474 -62.25 -2.02 -53.71
C ASN D 474 -62.98 -1.80 -52.40
N LEU D 475 -63.26 -0.53 -52.06
CA LEU D 475 -63.98 -0.24 -50.83
C LEU D 475 -65.39 -0.82 -50.83
N ASP D 476 -65.95 -1.12 -52.00
CA ASP D 476 -67.28 -1.68 -52.08
C ASP D 476 -67.31 -3.16 -51.71
N GLU D 477 -66.15 -3.81 -51.62
CA GLU D 477 -66.10 -5.17 -51.11
C GLU D 477 -66.53 -5.25 -49.66
N LEU D 478 -66.48 -4.12 -48.95
CA LEU D 478 -66.87 -4.09 -47.55
C LEU D 478 -68.36 -4.32 -47.36
N GLU D 479 -69.18 -4.05 -48.39
CA GLU D 479 -70.61 -4.26 -48.26
C GLU D 479 -70.92 -5.73 -47.96
N GLU D 480 -70.40 -6.63 -48.78
CA GLU D 480 -70.61 -8.06 -48.54
C GLU D 480 -69.88 -8.53 -47.29
N LEU D 481 -68.70 -7.96 -47.02
CA LEU D 481 -67.93 -8.40 -45.87
C LEU D 481 -68.58 -7.98 -44.55
N ALA D 482 -69.19 -6.80 -44.51
CA ALA D 482 -69.88 -6.36 -43.31
C ALA D 482 -71.09 -7.23 -43.02
N ILE D 483 -71.78 -7.71 -44.06
CA ILE D 483 -72.90 -8.63 -43.86
C ILE D 483 -72.41 -9.92 -43.20
N LEU D 484 -71.38 -10.54 -43.75
CA LEU D 484 -70.89 -11.80 -43.21
C LEU D 484 -70.40 -11.64 -41.78
N ALA D 485 -69.74 -10.51 -41.48
CA ALA D 485 -69.17 -10.31 -40.15
C ALA D 485 -70.25 -10.03 -39.12
N VAL D 486 -71.16 -9.10 -39.42
CA VAL D 486 -72.19 -8.71 -38.45
C VAL D 486 -73.12 -9.88 -38.16
N ARG D 487 -73.52 -10.63 -39.20
CA ARG D 487 -74.42 -11.75 -38.99
C ARG D 487 -73.78 -12.83 -38.11
N ALA D 488 -72.51 -13.15 -38.38
CA ALA D 488 -71.84 -14.20 -37.63
C ALA D 488 -71.66 -13.82 -36.17
N LEU D 489 -71.37 -12.55 -35.89
CA LEU D 489 -71.19 -12.12 -34.51
C LEU D 489 -72.51 -11.99 -33.78
N ASP D 490 -73.55 -11.47 -34.44
CA ASP D 490 -74.84 -11.34 -33.79
C ASP D 490 -75.44 -12.70 -33.47
N ALA D 491 -75.23 -13.68 -34.36
CA ALA D 491 -75.65 -15.05 -34.08
C ALA D 491 -74.88 -15.63 -32.90
N LEU D 492 -73.61 -15.23 -32.73
CA LEU D 492 -72.80 -15.71 -31.63
C LEU D 492 -73.37 -15.28 -30.28
N LEU D 493 -74.05 -14.13 -30.21
CA LEU D 493 -74.60 -13.64 -28.96
C LEU D 493 -75.67 -14.57 -28.41
N ASP D 494 -76.51 -15.12 -29.29
CA ASP D 494 -77.52 -16.09 -28.86
C ASP D 494 -76.93 -17.48 -28.70
N TYR D 495 -75.81 -17.77 -29.37
CA TYR D 495 -75.23 -19.10 -29.37
C TYR D 495 -74.47 -19.38 -28.07
N GLN D 496 -73.82 -18.36 -27.50
CA GLN D 496 -72.97 -18.58 -26.35
C GLN D 496 -73.78 -18.49 -25.06
N ASP D 497 -73.12 -18.83 -23.95
CA ASP D 497 -73.68 -18.76 -22.61
C ASP D 497 -73.15 -17.53 -21.88
N TYR D 498 -73.71 -17.28 -20.70
CA TYR D 498 -73.33 -16.11 -19.92
C TYR D 498 -73.19 -16.45 -18.44
N PRO D 499 -71.97 -16.44 -17.90
CA PRO D 499 -71.78 -16.83 -16.48
C PRO D 499 -72.36 -15.83 -15.49
N ILE D 500 -72.58 -14.58 -15.88
CA ILE D 500 -73.09 -13.55 -14.97
C ILE D 500 -74.42 -13.05 -15.52
N PRO D 501 -75.51 -13.13 -14.76
CA PRO D 501 -76.80 -12.64 -15.26
C PRO D 501 -76.79 -11.21 -15.73
N ALA D 502 -76.11 -10.32 -14.99
CA ALA D 502 -76.06 -8.91 -15.37
C ALA D 502 -75.38 -8.72 -16.72
N ALA D 503 -74.46 -9.62 -17.08
CA ALA D 503 -73.77 -9.51 -18.36
C ALA D 503 -74.67 -9.93 -19.52
N LYS D 504 -75.44 -11.01 -19.32
CA LYS D 504 -76.40 -11.43 -20.33
C LYS D 504 -77.41 -10.31 -20.63
N ARG D 505 -77.77 -9.53 -19.61
CA ARG D 505 -78.79 -8.50 -19.79
C ARG D 505 -78.35 -7.46 -20.80
N GLY D 506 -77.13 -6.96 -20.66
CA GLY D 506 -76.62 -5.99 -21.62
C GLY D 506 -76.39 -6.60 -23.00
N ALA D 507 -75.87 -7.83 -23.04
CA ALA D 507 -75.55 -8.46 -24.31
C ALA D 507 -76.81 -8.74 -25.12
N MET D 508 -77.90 -9.14 -24.44
CA MET D 508 -79.15 -9.39 -25.14
C MET D 508 -79.93 -8.10 -25.36
N GLY D 509 -79.73 -7.11 -24.50
CA GLY D 509 -80.44 -5.84 -24.61
C GLY D 509 -79.90 -4.95 -25.70
N ARG D 510 -78.58 -4.74 -25.71
CA ARG D 510 -77.97 -3.84 -26.68
C ARG D 510 -77.30 -4.57 -27.84
N ARG D 511 -76.86 -5.82 -27.63
CA ARG D 511 -76.22 -6.61 -28.67
C ARG D 511 -75.04 -5.85 -29.27
N THR D 512 -74.13 -5.43 -28.39
CA THR D 512 -73.03 -4.56 -28.78
C THR D 512 -71.92 -5.35 -29.48
N LEU D 513 -71.50 -4.86 -30.64
CA LEU D 513 -70.43 -5.45 -31.43
C LEU D 513 -69.27 -4.47 -31.54
N GLY D 514 -68.09 -5.02 -31.84
CA GLY D 514 -66.88 -4.23 -32.01
C GLY D 514 -66.05 -4.68 -33.19
N ILE D 515 -66.32 -4.15 -34.37
CA ILE D 515 -65.64 -4.52 -35.60
C ILE D 515 -64.51 -3.53 -35.84
N GLY D 516 -63.29 -4.05 -36.00
CA GLY D 516 -62.14 -3.19 -36.24
C GLY D 516 -61.48 -3.42 -37.58
N VAL D 517 -60.23 -3.01 -37.71
CA VAL D 517 -59.47 -3.17 -38.95
C VAL D 517 -58.07 -3.65 -38.60
N ILE D 518 -57.45 -4.36 -39.55
CA ILE D 518 -56.05 -4.74 -39.47
C ILE D 518 -55.38 -4.39 -40.80
N ASN D 519 -54.05 -4.47 -40.80
CA ASN D 519 -53.24 -4.17 -41.99
C ASN D 519 -53.46 -2.75 -42.51
N PHE D 520 -53.60 -1.80 -41.58
CA PHE D 520 -53.78 -0.41 -42.01
C PHE D 520 -52.46 0.18 -42.53
N ALA D 521 -51.34 -0.20 -41.91
CA ALA D 521 -50.05 0.30 -42.38
C ALA D 521 -49.74 -0.22 -43.78
N TYR D 522 -49.93 -1.53 -44.00
CA TYR D 522 -49.77 -2.09 -45.34
C TYR D 522 -50.76 -1.47 -46.31
N TYR D 523 -51.94 -1.08 -45.81
CA TYR D 523 -52.92 -0.41 -46.64
C TYR D 523 -52.40 0.95 -47.12
N LEU D 524 -51.78 1.72 -46.23
CA LEU D 524 -51.24 3.02 -46.63
C LEU D 524 -50.09 2.87 -47.61
N ALA D 525 -49.27 1.83 -47.44
CA ALA D 525 -48.16 1.60 -48.36
C ALA D 525 -48.66 1.34 -49.77
N LYS D 526 -49.74 0.56 -49.91
CA LYS D 526 -50.29 0.28 -51.22
C LYS D 526 -50.84 1.53 -51.89
N HIS D 527 -51.37 2.46 -51.10
CA HIS D 527 -51.89 3.72 -51.63
C HIS D 527 -50.85 4.82 -51.65
N GLY D 528 -49.60 4.51 -51.34
CA GLY D 528 -48.55 5.51 -51.38
C GLY D 528 -48.78 6.68 -50.45
N LYS D 529 -49.24 6.41 -49.24
CA LYS D 529 -49.44 7.43 -48.21
C LYS D 529 -48.57 7.11 -46.99
N ARG D 530 -48.54 8.05 -46.05
CA ARG D 530 -47.74 7.89 -44.85
C ARG D 530 -48.53 8.40 -43.64
N TYR D 531 -48.08 7.98 -42.46
CA TYR D 531 -48.75 8.39 -41.23
C TYR D 531 -48.46 9.86 -40.91
N SER D 532 -47.18 10.22 -40.84
CA SER D 532 -46.78 11.47 -40.21
C SER D 532 -47.15 12.69 -41.03
N ASP D 533 -46.94 12.66 -42.35
CA ASP D 533 -47.09 13.87 -43.15
C ASP D 533 -48.54 14.30 -43.30
N GLY D 534 -49.50 13.44 -42.99
CA GLY D 534 -50.89 13.78 -43.16
C GLY D 534 -51.42 13.56 -44.56
N SER D 535 -50.69 12.82 -45.40
CA SER D 535 -51.13 12.52 -46.75
C SER D 535 -52.23 11.47 -46.80
N ALA D 536 -52.48 10.78 -45.69
CA ALA D 536 -53.50 9.75 -45.62
C ALA D 536 -54.79 10.23 -44.97
N ASN D 537 -54.87 11.53 -44.66
CA ASN D 537 -56.05 12.05 -43.98
C ASN D 537 -57.32 11.83 -44.79
N ASN D 538 -57.35 12.38 -46.01
CA ASN D 538 -58.54 12.24 -46.84
C ASN D 538 -58.78 10.78 -47.24
N LEU D 539 -57.71 9.99 -47.40
CA LEU D 539 -57.88 8.58 -47.69
C LEU D 539 -58.46 7.83 -46.50
N THR D 540 -58.02 8.17 -45.28
CA THR D 540 -58.59 7.55 -44.09
C THR D 540 -60.06 7.89 -43.94
N HIS D 541 -60.43 9.13 -44.24
CA HIS D 541 -61.82 9.54 -44.17
C HIS D 541 -62.67 8.75 -45.17
N LYS D 542 -62.19 8.62 -46.40
CA LYS D 542 -62.92 7.84 -47.40
C LYS D 542 -62.99 6.37 -47.00
N THR D 543 -61.90 5.83 -46.45
CA THR D 543 -61.87 4.42 -46.09
C THR D 543 -62.83 4.12 -44.95
N PHE D 544 -62.69 4.84 -43.83
CA PHE D 544 -63.49 4.56 -42.64
C PHE D 544 -64.92 5.06 -42.73
N GLU D 545 -65.23 5.93 -43.70
CA GLU D 545 -66.62 6.21 -43.99
C GLU D 545 -67.31 4.98 -44.56
N ALA D 546 -66.64 4.29 -45.48
CA ALA D 546 -67.21 3.06 -46.04
C ALA D 546 -67.30 1.95 -45.00
N ILE D 547 -66.32 1.87 -44.09
CA ILE D 547 -66.33 0.83 -43.07
C ILE D 547 -67.56 0.98 -42.17
N GLN D 548 -67.84 2.21 -41.74
CA GLN D 548 -68.98 2.45 -40.85
C GLN D 548 -70.30 2.33 -41.60
N TYR D 549 -70.37 2.88 -42.82
CA TYR D 549 -71.61 2.87 -43.59
C TYR D 549 -72.08 1.44 -43.86
N TYR D 550 -71.19 0.59 -44.37
CA TYR D 550 -71.57 -0.78 -44.69
C TYR D 550 -71.80 -1.63 -43.45
N LEU D 551 -71.20 -1.26 -42.32
CA LEU D 551 -71.50 -1.93 -41.06
C LEU D 551 -72.90 -1.59 -40.57
N LEU D 552 -73.22 -0.28 -40.52
CA LEU D 552 -74.57 0.15 -40.14
C LEU D 552 -75.61 -0.45 -41.08
N LYS D 553 -75.35 -0.37 -42.39
CA LYS D 553 -76.29 -0.94 -43.36
C LYS D 553 -76.52 -2.41 -43.11
N ALA D 554 -75.45 -3.15 -42.78
CA ALA D 554 -75.59 -4.58 -42.51
C ALA D 554 -76.44 -4.83 -41.26
N SER D 555 -76.16 -4.09 -40.18
CA SER D 555 -76.96 -4.24 -38.97
C SER D 555 -78.37 -3.71 -39.16
N ASN D 556 -78.55 -2.74 -40.05
CA ASN D 556 -79.89 -2.22 -40.34
C ASN D 556 -80.72 -3.24 -41.11
N GLU D 557 -80.12 -3.90 -42.10
CA GLU D 557 -80.84 -4.94 -42.83
C GLU D 557 -81.11 -6.14 -41.94
N LEU D 558 -80.18 -6.46 -41.03
CA LEU D 558 -80.42 -7.53 -40.08
C LEU D 558 -81.51 -7.14 -39.08
N ALA D 559 -81.68 -5.85 -38.83
CA ALA D 559 -82.78 -5.39 -37.98
C ALA D 559 -84.12 -5.56 -38.68
N LYS D 560 -84.16 -5.37 -40.00
CA LYS D 560 -85.39 -5.65 -40.75
C LYS D 560 -85.76 -7.12 -40.65
N GLU D 561 -84.76 -8.00 -40.64
CA GLU D 561 -85.03 -9.44 -40.72
C GLU D 561 -85.42 -10.01 -39.36
N GLN D 562 -84.74 -9.62 -38.28
CA GLN D 562 -84.95 -10.24 -36.98
C GLN D 562 -85.31 -9.24 -35.90
N GLY D 563 -85.51 -7.97 -36.24
CA GLY D 563 -85.88 -6.97 -35.26
C GLY D 563 -84.68 -6.28 -34.64
N ALA D 564 -84.83 -4.99 -34.34
CA ALA D 564 -83.76 -4.25 -33.69
C ALA D 564 -83.52 -4.79 -32.28
N CYS D 565 -82.38 -4.42 -31.71
CA CYS D 565 -82.05 -4.86 -30.37
C CYS D 565 -83.07 -4.30 -29.38
N PRO D 566 -83.40 -5.05 -28.32
CA PRO D 566 -84.45 -4.62 -27.40
C PRO D 566 -84.27 -3.20 -26.88
N TRP D 567 -83.05 -2.79 -26.58
CA TRP D 567 -82.80 -1.49 -25.98
C TRP D 567 -82.36 -0.45 -27.02
N PHE D 568 -82.83 -0.60 -28.25
CA PHE D 568 -82.45 0.32 -29.32
C PHE D 568 -82.97 1.73 -29.07
N ASN D 569 -84.07 1.86 -28.33
CA ASN D 569 -84.62 3.19 -28.06
C ASN D 569 -83.68 4.05 -27.21
N GLU D 570 -82.72 3.43 -26.52
CA GLU D 570 -81.76 4.16 -25.70
C GLU D 570 -80.61 4.72 -26.52
N THR D 571 -80.51 4.35 -27.79
CA THR D 571 -79.42 4.78 -28.67
C THR D 571 -79.75 6.12 -29.32
N THR D 572 -78.68 6.84 -29.71
CA THR D 572 -78.86 8.05 -30.50
C THR D 572 -79.19 7.75 -31.96
N TYR D 573 -78.94 6.52 -32.42
CA TYR D 573 -79.42 6.13 -33.73
C TYR D 573 -80.94 6.14 -33.80
N ALA D 574 -81.60 5.80 -32.69
CA ALA D 574 -83.06 5.79 -32.66
C ALA D 574 -83.62 7.18 -32.89
N LYS D 575 -82.96 8.20 -32.36
CA LYS D 575 -83.37 9.59 -32.54
C LYS D 575 -82.98 10.16 -33.89
N GLY D 576 -82.50 9.32 -34.80
CA GLY D 576 -82.10 9.80 -36.11
C GLY D 576 -80.79 10.53 -36.14
N ILE D 577 -79.95 10.36 -35.12
CA ILE D 577 -78.66 11.03 -35.03
C ILE D 577 -77.59 10.04 -35.47
N LEU D 578 -76.70 10.47 -36.36
CA LEU D 578 -75.65 9.64 -36.89
C LEU D 578 -74.28 10.12 -36.41
N PRO D 579 -73.26 9.27 -36.46
CA PRO D 579 -71.91 9.72 -36.07
C PRO D 579 -71.41 10.90 -36.89
N ILE D 580 -71.93 11.08 -38.11
CA ILE D 580 -71.48 12.17 -38.97
C ILE D 580 -72.05 13.50 -38.46
N ASP D 581 -72.87 13.42 -37.41
CA ASP D 581 -73.42 14.60 -36.76
C ASP D 581 -72.69 14.99 -35.48
N THR D 582 -72.37 13.99 -34.65
CA THR D 582 -71.82 14.25 -33.32
C THR D 582 -70.30 14.34 -33.29
N TYR D 583 -69.62 14.16 -34.44
CA TYR D 583 -68.18 14.21 -34.44
C TYR D 583 -67.68 15.62 -34.10
N LYS D 584 -66.43 15.71 -33.67
CA LYS D 584 -65.86 17.00 -33.29
C LYS D 584 -65.53 17.80 -34.55
N LYS D 585 -66.06 19.02 -34.63
CA LYS D 585 -66.00 19.79 -35.86
C LYS D 585 -64.57 20.21 -36.22
N ASP D 586 -63.63 20.12 -35.28
CA ASP D 586 -62.25 20.46 -35.61
C ASP D 586 -61.66 19.55 -36.68
N LEU D 587 -62.25 18.37 -36.88
CA LEU D 587 -61.78 17.46 -37.92
C LEU D 587 -61.93 18.05 -39.32
N ASP D 588 -62.83 19.02 -39.50
CA ASP D 588 -62.99 19.64 -40.81
C ASP D 588 -61.77 20.45 -41.23
N THR D 589 -60.84 20.70 -40.33
CA THR D 589 -59.63 21.48 -40.63
C THR D 589 -58.42 20.62 -40.94
N ILE D 590 -58.57 19.28 -40.87
CA ILE D 590 -57.49 18.37 -41.21
C ILE D 590 -57.92 17.35 -42.26
N ALA D 591 -59.14 17.45 -42.77
CA ALA D 591 -59.60 16.59 -43.85
C ALA D 591 -60.80 17.28 -44.49
N ASN D 592 -60.79 17.37 -45.82
CA ASN D 592 -61.88 17.98 -46.56
C ASN D 592 -62.54 16.99 -47.51
N GLU D 593 -62.41 15.70 -47.21
CA GLU D 593 -63.01 14.68 -48.05
C GLU D 593 -64.52 14.67 -47.82
N PRO D 594 -65.33 14.76 -48.86
CA PRO D 594 -66.78 14.74 -48.69
C PRO D 594 -67.31 13.32 -48.50
N LEU D 595 -68.48 13.23 -47.88
CA LEU D 595 -69.15 11.95 -47.72
C LEU D 595 -69.57 11.41 -49.07
N HIS D 596 -69.21 10.15 -49.36
CA HIS D 596 -69.48 9.56 -50.67
C HIS D 596 -70.65 8.59 -50.68
N TYR D 597 -71.11 8.14 -49.52
CA TYR D 597 -72.22 7.20 -49.45
C TYR D 597 -73.48 7.91 -49.00
N ASP D 598 -74.62 7.31 -49.31
CA ASP D 598 -75.94 7.91 -49.04
C ASP D 598 -76.30 7.67 -47.59
N TRP D 599 -75.87 8.59 -46.73
CA TRP D 599 -76.15 8.49 -45.30
C TRP D 599 -77.57 8.89 -44.96
N GLU D 600 -78.20 9.73 -45.80
CA GLU D 600 -79.56 10.17 -45.53
C GLU D 600 -80.56 9.03 -45.70
N ALA D 601 -80.37 8.21 -46.73
CA ALA D 601 -81.22 7.03 -46.89
C ALA D 601 -81.05 6.06 -45.73
N LEU D 602 -79.81 5.91 -45.25
CA LEU D 602 -79.57 5.07 -44.08
C LEU D 602 -80.20 5.68 -42.83
N ARG D 603 -80.08 7.00 -42.67
CA ARG D 603 -80.71 7.67 -41.52
C ARG D 603 -82.20 7.42 -41.49
N GLU D 604 -82.85 7.54 -42.65
CA GLU D 604 -84.28 7.25 -42.75
C GLU D 604 -84.55 5.77 -42.48
N SER D 605 -83.73 4.88 -43.04
CA SER D 605 -83.95 3.45 -42.84
C SER D 605 -83.70 3.06 -41.38
N ILE D 606 -82.76 3.72 -40.70
CA ILE D 606 -82.52 3.42 -39.30
C ILE D 606 -83.65 3.96 -38.43
N LYS D 607 -84.17 5.14 -38.77
CA LYS D 607 -85.34 5.68 -38.08
C LYS D 607 -86.50 4.69 -38.12
N THR D 608 -86.65 4.00 -39.25
CA THR D 608 -87.80 3.14 -39.48
C THR D 608 -87.58 1.72 -38.94
N HIS D 609 -86.49 1.08 -39.33
CA HIS D 609 -86.27 -0.32 -38.96
C HIS D 609 -85.27 -0.50 -37.82
N GLY D 610 -84.45 0.50 -37.52
CA GLY D 610 -83.52 0.40 -36.42
C GLY D 610 -82.23 -0.33 -36.76
N LEU D 611 -81.49 -0.65 -35.70
CA LEU D 611 -80.24 -1.40 -35.82
C LEU D 611 -80.31 -2.65 -34.95
N ARG D 612 -79.86 -3.78 -35.53
CA ARG D 612 -79.78 -5.02 -34.78
C ARG D 612 -78.77 -4.94 -33.63
N ASN D 613 -77.80 -4.04 -33.74
CA ASN D 613 -76.73 -3.91 -32.76
C ASN D 613 -76.60 -2.45 -32.34
N SER D 614 -76.45 -2.21 -31.04
CA SER D 614 -76.33 -0.85 -30.55
C SER D 614 -75.02 -0.20 -30.97
N THR D 615 -73.95 -0.99 -31.01
CA THR D 615 -72.65 -0.55 -31.51
C THR D 615 -72.15 -1.55 -32.53
N LEU D 616 -71.21 -1.09 -33.38
CA LEU D 616 -70.70 -1.95 -34.44
C LEU D 616 -69.19 -1.88 -34.58
N SER D 617 -68.63 -0.67 -34.59
CA SER D 617 -67.23 -0.47 -34.92
C SER D 617 -66.42 -0.07 -33.69
N ALA D 618 -65.23 -0.67 -33.57
CA ALA D 618 -64.25 -0.31 -32.56
C ALA D 618 -62.90 -0.85 -33.01
N LEU D 619 -61.88 0.00 -32.97
CA LEU D 619 -60.56 -0.36 -33.50
C LEU D 619 -59.71 -0.89 -32.36
N MET D 620 -59.59 -2.23 -32.28
CA MET D 620 -58.82 -2.89 -31.24
C MET D 620 -57.40 -3.14 -31.73
N PRO D 621 -56.45 -3.39 -30.81
CA PRO D 621 -55.06 -3.59 -31.25
C PRO D 621 -54.83 -4.84 -32.08
N SER D 622 -55.61 -5.91 -31.87
CA SER D 622 -55.42 -7.17 -32.58
C SER D 622 -53.98 -7.66 -32.48
N GLU D 623 -53.42 -7.59 -31.27
CA GLU D 623 -52.03 -7.97 -31.05
C GLU D 623 -51.73 -9.38 -31.53
N THR D 624 -52.59 -10.34 -31.17
CA THR D 624 -52.37 -11.74 -31.49
C THR D 624 -53.10 -12.15 -32.77
N SER D 625 -54.37 -11.76 -32.90
CA SER D 625 -55.20 -12.26 -33.99
C SER D 625 -54.71 -11.81 -35.36
N SER D 626 -54.11 -10.62 -35.44
CA SER D 626 -53.66 -10.12 -36.74
C SER D 626 -52.50 -10.94 -37.27
N GLN D 627 -51.74 -11.59 -36.39
CA GLN D 627 -50.60 -12.38 -36.83
C GLN D 627 -51.00 -13.58 -37.68
N ILE D 628 -52.26 -14.01 -37.59
CA ILE D 628 -52.72 -15.16 -38.38
C ILE D 628 -52.63 -14.84 -39.86
N SER D 629 -53.08 -13.66 -40.26
CA SER D 629 -52.98 -13.24 -41.65
C SER D 629 -51.65 -12.55 -41.95
N ASN D 630 -50.70 -12.61 -41.03
CA ASN D 630 -49.39 -11.95 -41.16
C ASN D 630 -49.53 -10.48 -41.52
N ALA D 631 -50.59 -9.85 -41.02
CA ALA D 631 -50.89 -8.45 -41.28
C ALA D 631 -50.20 -7.56 -40.25
N THR D 632 -50.09 -6.28 -40.58
CA THR D 632 -49.62 -5.31 -39.60
C THR D 632 -50.74 -5.06 -38.60
N ASN D 633 -50.44 -5.22 -37.31
CA ASN D 633 -51.48 -5.26 -36.28
C ASN D 633 -52.28 -3.97 -36.23
N GLY D 634 -53.58 -4.08 -36.46
CA GLY D 634 -54.49 -2.95 -36.30
C GLY D 634 -54.09 -1.74 -37.12
N ILE D 635 -54.21 -0.56 -36.50
CA ILE D 635 -53.85 0.68 -37.15
C ILE D 635 -52.44 1.13 -36.84
N GLU D 636 -51.69 0.33 -36.09
CA GLU D 636 -50.33 0.72 -35.70
C GLU D 636 -49.36 0.44 -36.84
N PRO D 637 -48.37 1.31 -37.04
CA PRO D 637 -47.30 1.00 -37.99
C PRO D 637 -46.34 -0.02 -37.39
N PRO D 638 -45.86 -0.97 -38.19
CA PRO D 638 -44.96 -2.00 -37.66
C PRO D 638 -43.65 -1.39 -37.16
N ARG D 639 -43.09 -2.02 -36.13
CA ARG D 639 -41.84 -1.52 -35.55
C ARG D 639 -40.68 -1.66 -36.53
N GLY D 640 -40.67 -2.71 -37.34
CA GLY D 640 -39.63 -2.87 -38.35
C GLY D 640 -40.12 -3.75 -39.47
N TYR D 641 -39.29 -3.83 -40.52
CA TYR D 641 -39.60 -4.72 -41.64
C TYR D 641 -39.73 -6.16 -41.18
N VAL D 642 -38.88 -6.57 -40.24
CA VAL D 642 -39.01 -7.83 -39.53
C VAL D 642 -39.23 -7.47 -38.06
N SER D 643 -40.46 -7.63 -37.58
CA SER D 643 -40.80 -7.29 -36.22
C SER D 643 -40.65 -8.50 -35.30
N ILE D 644 -40.20 -8.24 -34.08
CA ILE D 644 -40.04 -9.29 -33.07
C ILE D 644 -41.27 -9.27 -32.17
N LYS D 645 -42.00 -10.39 -32.14
CA LYS D 645 -43.19 -10.50 -31.32
C LYS D 645 -43.06 -11.69 -30.37
N ALA D 646 -43.83 -11.63 -29.28
CA ALA D 646 -43.71 -12.59 -28.19
C ALA D 646 -44.53 -13.85 -28.45
N SER D 647 -44.11 -14.93 -27.81
CA SER D 647 -44.79 -16.22 -27.95
C SER D 647 -44.51 -17.07 -26.71
N LYS D 648 -45.35 -18.10 -26.52
CA LYS D 648 -45.18 -19.00 -25.39
C LYS D 648 -43.92 -19.85 -25.53
N ASP D 649 -43.54 -20.23 -26.75
CA ASP D 649 -42.29 -20.94 -26.96
C ASP D 649 -41.10 -20.00 -26.84
N GLY D 650 -41.06 -18.98 -27.69
CA GLY D 650 -39.97 -18.02 -27.69
C GLY D 650 -40.29 -16.75 -28.45
N ILE D 651 -39.40 -16.37 -29.35
CA ILE D 651 -39.55 -15.16 -30.15
C ILE D 651 -40.02 -15.54 -31.54
N LEU D 652 -40.76 -14.64 -32.17
CA LEU D 652 -41.27 -14.82 -33.52
C LEU D 652 -40.82 -13.66 -34.38
N ARG D 653 -40.42 -13.96 -35.61
CA ARG D 653 -40.05 -12.96 -36.59
C ARG D 653 -41.19 -12.85 -37.60
N GLN D 654 -41.71 -11.64 -37.79
CA GLN D 654 -42.82 -11.39 -38.70
C GLN D 654 -42.39 -10.38 -39.74
N VAL D 655 -42.40 -10.78 -41.01
CA VAL D 655 -42.08 -9.87 -42.09
C VAL D 655 -43.33 -9.08 -42.45
N VAL D 656 -43.16 -7.79 -42.76
CA VAL D 656 -44.29 -6.98 -43.20
C VAL D 656 -44.81 -7.56 -44.51
N PRO D 657 -46.12 -7.50 -44.77
CA PRO D 657 -46.64 -8.07 -46.02
C PRO D 657 -46.09 -7.33 -47.23
N ASP D 658 -45.74 -8.10 -48.27
CA ASP D 658 -45.24 -7.55 -49.53
C ASP D 658 -43.97 -6.73 -49.31
N TYR D 659 -43.04 -7.31 -48.54
CA TYR D 659 -41.80 -6.60 -48.22
C TYR D 659 -40.99 -6.31 -49.48
N GLU D 660 -40.83 -7.32 -50.34
CA GLU D 660 -39.94 -7.19 -51.49
C GLU D 660 -40.34 -6.02 -52.38
N HIS D 661 -41.63 -5.78 -52.54
CA HIS D 661 -42.11 -4.74 -53.43
C HIS D 661 -42.47 -3.43 -52.73
N LEU D 662 -42.52 -3.39 -51.39
CA LEU D 662 -43.01 -2.20 -50.72
C LEU D 662 -42.19 -1.75 -49.53
N HIS D 663 -40.94 -2.19 -49.37
CA HIS D 663 -40.20 -1.76 -48.19
C HIS D 663 -39.95 -0.26 -48.18
N ASP D 664 -40.05 0.42 -49.33
CA ASP D 664 -39.88 1.87 -49.35
C ASP D 664 -41.17 2.60 -48.98
N ALA D 665 -42.32 2.01 -49.29
CA ALA D 665 -43.58 2.70 -49.05
C ALA D 665 -43.95 2.71 -47.58
N TYR D 666 -43.47 1.72 -46.81
CA TYR D 666 -43.75 1.68 -45.39
C TYR D 666 -43.10 2.85 -44.66
N GLU D 667 -43.76 3.32 -43.60
CA GLU D 667 -43.18 4.26 -42.66
C GLU D 667 -43.14 3.55 -41.31
N LEU D 668 -41.95 3.13 -40.89
CA LEU D 668 -41.81 2.36 -39.67
C LEU D 668 -42.16 3.23 -38.46
N LEU D 669 -42.37 2.55 -37.32
CA LEU D 669 -42.87 3.22 -36.13
C LEU D 669 -41.94 4.35 -35.70
N TRP D 670 -40.64 4.10 -35.68
CA TRP D 670 -39.68 5.08 -35.21
C TRP D 670 -39.14 5.98 -36.31
N GLU D 671 -39.62 5.81 -37.54
CA GLU D 671 -39.33 6.75 -38.61
C GLU D 671 -40.26 7.95 -38.59
N MET D 672 -41.21 7.98 -37.67
CA MET D 672 -42.16 9.10 -37.57
C MET D 672 -41.53 10.22 -36.76
N PRO D 673 -41.63 11.47 -37.22
CA PRO D 673 -41.07 12.59 -36.44
C PRO D 673 -41.80 12.78 -35.12
N GLY D 674 -43.12 12.75 -35.16
CA GLY D 674 -43.92 12.93 -33.97
C GLY D 674 -45.23 12.16 -34.00
N ASN D 675 -46.18 12.57 -33.15
CA ASN D 675 -47.47 11.90 -33.03
C ASN D 675 -48.60 12.66 -33.72
N ASP D 676 -48.35 13.87 -34.22
CA ASP D 676 -49.42 14.70 -34.74
C ASP D 676 -50.06 14.06 -35.98
N GLY D 677 -49.24 13.50 -36.87
CA GLY D 677 -49.79 12.86 -38.06
C GLY D 677 -50.63 11.63 -37.72
N TYR D 678 -50.16 10.83 -36.75
CA TYR D 678 -50.90 9.64 -36.34
C TYR D 678 -52.20 10.03 -35.64
N LEU D 679 -52.13 10.91 -34.64
CA LEU D 679 -53.31 11.30 -33.88
C LEU D 679 -54.37 11.94 -34.78
N GLN D 680 -53.95 12.61 -35.86
CA GLN D 680 -54.93 13.16 -36.80
C GLN D 680 -55.68 12.03 -37.51
N LEU D 681 -54.98 10.97 -37.90
CA LEU D 681 -55.66 9.84 -38.51
C LEU D 681 -56.59 9.16 -37.51
N VAL D 682 -56.16 9.05 -36.25
CA VAL D 682 -57.03 8.49 -35.22
C VAL D 682 -58.26 9.34 -35.05
N GLY D 683 -58.09 10.67 -35.01
CA GLY D 683 -59.24 11.55 -34.90
C GLY D 683 -60.20 11.43 -36.07
N ILE D 684 -59.66 11.22 -37.27
CA ILE D 684 -60.51 11.03 -38.43
C ILE D 684 -61.28 9.71 -38.34
N MET D 685 -60.59 8.64 -37.94
CA MET D 685 -61.28 7.37 -37.75
C MET D 685 -62.40 7.50 -36.73
N GLN D 686 -62.14 8.20 -35.62
CA GLN D 686 -63.12 8.31 -34.55
C GLN D 686 -64.41 9.00 -34.99
N LYS D 687 -64.35 9.78 -36.07
CA LYS D 687 -65.56 10.39 -36.61
C LYS D 687 -66.61 9.35 -36.93
N PHE D 688 -66.19 8.15 -37.35
CA PHE D 688 -67.12 7.11 -37.76
C PHE D 688 -67.20 5.95 -36.78
N ILE D 689 -66.16 5.71 -35.98
CA ILE D 689 -66.15 4.57 -35.08
C ILE D 689 -67.17 4.78 -33.96
N ASP D 690 -67.99 3.76 -33.72
CA ASP D 690 -68.99 3.84 -32.65
C ASP D 690 -68.33 4.01 -31.29
N GLN D 691 -67.38 3.13 -30.95
CA GLN D 691 -66.75 3.16 -29.63
C GLN D 691 -65.45 3.93 -29.70
N SER D 692 -64.36 3.30 -29.27
CA SER D 692 -63.12 4.03 -29.27
C SER D 692 -62.03 3.28 -30.03
N ILE D 693 -60.79 3.80 -29.96
CA ILE D 693 -59.65 3.27 -30.69
C ILE D 693 -58.48 3.17 -29.73
N SER D 694 -57.76 2.05 -29.80
CA SER D 694 -56.57 1.81 -28.98
C SER D 694 -55.38 2.61 -29.52
N ALA D 695 -55.52 3.93 -29.45
CA ALA D 695 -54.52 4.83 -30.00
C ALA D 695 -53.26 4.83 -29.14
N ASN D 696 -52.11 4.72 -29.80
CA ASN D 696 -50.80 4.72 -29.14
C ASN D 696 -50.11 6.06 -29.36
N THR D 697 -49.38 6.52 -28.35
CA THR D 697 -48.45 7.64 -28.50
C THR D 697 -47.04 7.09 -28.33
N ASN D 698 -46.13 7.50 -29.21
CA ASN D 698 -44.78 6.96 -29.25
C ASN D 698 -43.78 8.09 -29.13
N TYR D 699 -42.66 7.81 -28.46
CA TYR D 699 -41.64 8.84 -28.24
C TYR D 699 -40.26 8.22 -28.33
N ASP D 700 -39.37 8.90 -29.06
CA ASP D 700 -37.97 8.52 -29.21
C ASP D 700 -37.11 9.50 -28.43
N PRO D 701 -36.54 9.10 -27.28
CA PRO D 701 -35.76 10.07 -26.48
C PRO D 701 -34.62 10.70 -27.24
N SER D 702 -34.01 9.97 -28.19
CA SER D 702 -32.90 10.50 -28.95
C SER D 702 -33.29 11.66 -29.87
N ARG D 703 -34.56 11.77 -30.22
CA ARG D 703 -35.02 12.88 -31.07
C ARG D 703 -35.15 14.20 -30.33
N PHE D 704 -34.80 14.25 -29.04
CA PHE D 704 -34.98 15.47 -28.26
C PHE D 704 -33.66 15.95 -27.68
N PRO D 705 -33.50 17.25 -27.47
CA PRO D 705 -32.26 17.76 -26.87
C PRO D 705 -32.04 17.15 -25.49
N SER D 706 -30.76 16.87 -25.20
CA SER D 706 -30.30 16.22 -23.98
C SER D 706 -30.85 14.79 -23.82
N GLY D 707 -31.45 14.24 -24.88
CA GLY D 707 -31.92 12.87 -24.84
C GLY D 707 -33.05 12.57 -23.87
N LYS D 708 -33.79 13.59 -23.44
CA LYS D 708 -34.89 13.42 -22.51
C LYS D 708 -36.17 13.97 -23.14
N VAL D 709 -37.27 13.26 -22.95
CA VAL D 709 -38.55 13.62 -23.56
C VAL D 709 -39.22 14.70 -22.73
N PRO D 710 -39.52 15.86 -23.31
CA PRO D 710 -40.03 16.97 -22.50
C PRO D 710 -41.49 16.76 -22.10
N MET D 711 -41.81 17.21 -20.88
CA MET D 711 -43.20 17.19 -20.43
C MET D 711 -44.07 18.10 -21.27
N GLN D 712 -43.48 19.15 -21.85
CA GLN D 712 -44.23 20.04 -22.74
C GLN D 712 -44.80 19.29 -23.94
N GLN D 713 -44.00 18.39 -24.52
CA GLN D 713 -44.45 17.67 -25.70
C GLN D 713 -45.47 16.59 -25.34
N LEU D 714 -45.27 15.92 -24.19
CA LEU D 714 -46.25 14.95 -23.73
C LEU D 714 -47.62 15.60 -23.55
N LEU D 715 -47.65 16.82 -23.00
CA LEU D 715 -48.91 17.51 -22.78
C LEU D 715 -49.47 18.10 -24.08
N LYS D 716 -48.60 18.61 -24.97
CA LYS D 716 -49.08 19.15 -26.23
C LYS D 716 -49.75 18.06 -27.06
N ASP D 717 -49.15 16.88 -27.11
CA ASP D 717 -49.77 15.76 -27.82
C ASP D 717 -51.07 15.35 -27.14
N LEU D 718 -51.10 15.37 -25.81
CA LEU D 718 -52.34 15.04 -25.09
C LEU D 718 -53.43 16.04 -25.41
N LEU D 719 -53.08 17.33 -25.53
CA LEU D 719 -54.06 18.34 -25.91
C LEU D 719 -54.45 18.22 -27.37
N THR D 720 -53.49 17.89 -28.25
CA THR D 720 -53.80 17.70 -29.66
C THR D 720 -54.78 16.54 -29.86
N ALA D 721 -54.62 15.47 -29.07
CA ALA D 721 -55.56 14.36 -29.16
C ALA D 721 -56.97 14.77 -28.77
N TYR D 722 -57.10 15.61 -27.75
CA TYR D 722 -58.43 16.06 -27.33
C TYR D 722 -59.05 16.99 -28.36
N LYS D 723 -58.24 17.83 -29.02
CA LYS D 723 -58.77 18.77 -30.00
C LYS D 723 -59.49 18.06 -31.14
N PHE D 724 -59.03 16.88 -31.52
CA PHE D 724 -59.59 16.15 -32.65
C PHE D 724 -60.51 15.03 -32.21
N GLY D 725 -60.99 15.06 -30.97
CA GLY D 725 -62.01 14.14 -30.55
C GLY D 725 -61.55 12.75 -30.22
N VAL D 726 -60.25 12.55 -29.99
CA VAL D 726 -59.78 11.23 -29.59
C VAL D 726 -60.39 10.87 -28.24
N LYS D 727 -61.04 9.71 -28.17
CA LYS D 727 -61.74 9.33 -26.95
C LYS D 727 -60.78 8.79 -25.90
N THR D 728 -59.91 7.86 -26.30
CA THR D 728 -59.02 7.19 -25.37
C THR D 728 -57.59 7.14 -25.92
N LEU D 729 -56.65 6.94 -25.01
CA LEU D 729 -55.24 6.76 -25.33
C LEU D 729 -54.75 5.46 -24.69
N TYR D 730 -54.14 4.60 -25.50
CA TYR D 730 -53.65 3.31 -25.03
C TYR D 730 -52.20 3.40 -24.59
N TYR D 731 -51.35 2.51 -25.11
CA TYR D 731 -49.94 2.45 -24.72
C TYR D 731 -49.23 3.77 -25.00
N GLN D 732 -48.17 4.03 -24.23
CA GLN D 732 -47.19 5.07 -24.57
C GLN D 732 -45.84 4.37 -24.77
N ASN D 733 -45.48 4.15 -26.03
CA ASN D 733 -44.23 3.46 -26.36
C ASN D 733 -43.05 4.42 -26.32
N THR D 734 -42.00 4.01 -25.63
CA THR D 734 -40.75 4.77 -25.54
C THR D 734 -39.63 3.90 -26.07
N ARG D 735 -38.85 4.43 -27.02
CA ARG D 735 -37.85 3.64 -27.72
C ARG D 735 -36.69 3.27 -26.79
N ASP D 736 -36.00 2.20 -27.16
CA ASP D 736 -34.82 1.69 -26.43
C ASP D 736 -35.14 1.36 -24.97
N ALA E 1 -6.28 22.54 81.59
CA ALA E 1 -5.57 23.37 80.61
C ALA E 1 -5.25 22.57 79.35
N TYR E 2 -5.61 23.13 78.19
CA TYR E 2 -5.34 22.48 76.92
C TYR E 2 -3.88 22.59 76.55
N THR E 3 -3.33 21.52 75.98
CA THR E 3 -1.96 21.50 75.50
C THR E 3 -1.93 20.98 74.07
N THR E 4 -1.16 21.65 73.22
CA THR E 4 -1.07 21.24 71.82
C THR E 4 -0.25 19.97 71.65
N PHE E 5 0.66 19.69 72.58
CA PHE E 5 1.40 18.42 72.60
C PHE E 5 1.53 18.00 74.06
N SER E 6 0.64 17.11 74.49
CA SER E 6 0.65 16.64 75.87
C SER E 6 1.95 15.89 76.16
N GLN E 7 2.50 16.14 77.35
CA GLN E 7 3.82 15.61 77.70
C GLN E 7 3.77 14.11 77.98
N THR E 8 2.62 13.60 78.43
CA THR E 8 2.53 12.21 78.85
C THR E 8 2.56 11.25 77.67
N LYS E 9 3.31 10.17 77.82
CA LYS E 9 3.26 9.07 76.85
C LYS E 9 2.08 8.17 77.24
N ASN E 10 0.94 8.39 76.62
CA ASN E 10 -0.27 7.68 76.96
C ASN E 10 -0.66 6.72 75.84
N ASP E 11 -1.23 5.58 76.23
CA ASP E 11 -1.76 4.63 75.26
C ASP E 11 -3.03 5.22 74.66
N GLN E 12 -2.92 5.72 73.43
CA GLN E 12 -4.04 6.38 72.77
C GLN E 12 -5.21 5.45 72.53
N LEU E 13 -4.98 4.13 72.51
CA LEU E 13 -6.06 3.19 72.24
C LEU E 13 -7.05 3.10 73.40
N LYS E 14 -6.65 3.48 74.61
CA LYS E 14 -7.50 3.37 75.79
C LYS E 14 -8.20 4.68 76.13
N GLU E 15 -7.81 5.78 75.50
CA GLU E 15 -8.44 7.07 75.72
C GLU E 15 -9.88 7.05 75.23
N PRO E 16 -10.72 7.94 75.74
CA PRO E 16 -12.06 8.12 75.19
C PRO E 16 -12.00 9.00 73.94
N MET E 17 -13.15 9.15 73.29
CA MET E 17 -13.22 10.04 72.12
C MET E 17 -12.96 11.48 72.52
N PHE E 18 -13.59 11.91 73.61
CA PHE E 18 -13.50 13.28 74.08
C PHE E 18 -13.07 13.31 75.54
N PHE E 19 -12.60 14.48 75.97
CA PHE E 19 -12.31 14.82 77.36
C PHE E 19 -11.14 14.04 77.94
N GLY E 20 -10.52 13.15 77.18
CA GLY E 20 -9.32 12.47 77.62
C GLY E 20 -8.11 13.36 77.49
N GLN E 21 -6.94 12.74 77.43
CA GLN E 21 -5.70 13.49 77.27
C GLN E 21 -5.60 14.06 75.87
N PRO E 22 -5.29 15.35 75.71
CA PRO E 22 -5.11 15.90 74.36
C PRO E 22 -4.10 15.09 73.57
N VAL E 23 -4.45 14.82 72.31
CA VAL E 23 -3.60 13.99 71.46
C VAL E 23 -2.22 14.61 71.35
N ASN E 24 -1.19 13.78 71.49
CA ASN E 24 0.18 14.23 71.29
C ASN E 24 0.68 13.81 69.91
N VAL E 25 1.07 12.54 69.76
CA VAL E 25 1.61 12.05 68.50
C VAL E 25 0.45 11.67 67.57
N ALA E 26 0.55 12.08 66.31
CA ALA E 26 -0.46 11.79 65.30
C ALA E 26 -0.02 10.57 64.49
N ARG E 27 -0.57 9.41 64.84
CA ARG E 27 -0.30 8.16 64.14
C ARG E 27 -1.61 7.59 63.60
N TYR E 28 -1.51 6.87 62.48
CA TYR E 28 -2.69 6.31 61.81
C TYR E 28 -2.51 4.84 61.48
N ASP E 29 -1.52 4.17 62.08
CA ASP E 29 -1.32 2.74 61.88
C ASP E 29 -2.26 1.89 62.71
N GLN E 30 -2.94 2.47 63.68
CA GLN E 30 -3.87 1.76 64.55
C GLN E 30 -4.97 2.72 64.95
N GLN E 31 -6.13 2.17 65.28
CA GLN E 31 -7.26 2.98 65.71
C GLN E 31 -7.99 2.28 66.84
N LYS E 32 -8.57 3.09 67.74
CA LYS E 32 -9.54 2.55 68.67
C LYS E 32 -10.85 2.24 67.95
N TYR E 33 -11.44 3.25 67.34
CA TYR E 33 -12.59 3.08 66.46
C TYR E 33 -12.11 3.38 65.04
N ASP E 34 -12.09 2.35 64.20
CA ASP E 34 -11.58 2.47 62.85
C ASP E 34 -12.54 3.15 61.88
N ILE E 35 -13.73 3.53 62.35
CA ILE E 35 -14.69 4.20 61.47
C ILE E 35 -14.12 5.53 60.98
N PHE E 36 -13.38 6.25 61.84
CA PHE E 36 -12.88 7.56 61.45
C PHE E 36 -11.72 7.47 60.47
N GLU E 37 -10.89 6.43 60.58
CA GLU E 37 -9.85 6.23 59.57
C GLU E 37 -10.45 5.95 58.21
N LYS E 38 -11.56 5.21 58.17
CA LYS E 38 -12.25 4.96 56.91
C LYS E 38 -12.87 6.25 56.37
N LEU E 39 -13.35 7.11 57.26
CA LEU E 39 -13.96 8.36 56.82
C LEU E 39 -12.91 9.31 56.24
N ILE E 40 -11.71 9.34 56.83
CA ILE E 40 -10.64 10.18 56.28
C ILE E 40 -10.26 9.70 54.88
N GLU E 41 -9.95 8.41 54.75
CA GLU E 41 -9.53 7.87 53.45
C GLU E 41 -10.63 8.03 52.40
N LYS E 42 -11.89 7.87 52.80
CA LYS E 42 -12.98 8.02 51.84
C LYS E 42 -13.16 9.49 51.47
N GLN E 43 -13.04 10.39 52.45
CA GLN E 43 -13.14 11.81 52.16
C GLN E 43 -11.93 12.30 51.36
N LEU E 44 -10.74 11.77 51.66
CA LEU E 44 -9.55 12.16 50.91
C LEU E 44 -9.66 11.77 49.44
N SER E 45 -10.35 10.66 49.15
CA SER E 45 -10.50 10.20 47.77
C SER E 45 -11.52 11.01 47.00
N PHE E 46 -12.49 11.63 47.66
CA PHE E 46 -13.51 12.40 46.98
C PHE E 46 -13.04 13.82 46.64
N PHE E 47 -11.78 14.16 46.94
CA PHE E 47 -11.30 15.53 46.82
C PHE E 47 -11.58 16.10 45.45
N TRP E 48 -12.31 17.21 45.41
CA TRP E 48 -12.65 17.89 44.16
C TRP E 48 -12.47 19.39 44.35
N ARG E 49 -12.26 20.08 43.23
CA ARG E 49 -12.19 21.53 43.29
C ARG E 49 -13.38 22.14 42.55
N PRO E 50 -13.90 23.28 43.01
CA PRO E 50 -15.10 23.84 42.37
C PRO E 50 -14.86 24.30 40.96
N GLU E 51 -13.68 24.85 40.66
CA GLU E 51 -13.42 25.43 39.35
C GLU E 51 -13.44 24.39 38.24
N GLU E 52 -13.26 23.11 38.56
CA GLU E 52 -13.25 22.07 37.54
C GLU E 52 -14.66 21.70 37.05
N VAL E 53 -15.70 22.43 37.47
CA VAL E 53 -17.06 22.16 37.04
C VAL E 53 -17.52 23.33 36.17
N ASP E 54 -18.16 23.01 35.04
CA ASP E 54 -18.64 24.02 34.11
C ASP E 54 -19.94 24.62 34.62
N VAL E 55 -19.92 25.92 34.91
CA VAL E 55 -21.08 26.65 35.37
C VAL E 55 -21.42 27.83 34.46
N SER E 56 -20.80 27.89 33.28
CA SER E 56 -21.01 29.04 32.39
C SER E 56 -22.44 29.09 31.86
N ARG E 57 -23.05 27.92 31.62
CA ARG E 57 -24.42 27.89 31.11
C ARG E 57 -25.44 28.33 32.16
N ASP E 58 -25.06 28.38 33.43
CA ASP E 58 -26.02 28.63 34.49
C ASP E 58 -26.46 30.09 34.57
N ARG E 59 -25.61 31.03 34.17
CA ARG E 59 -26.02 32.43 34.18
C ARG E 59 -27.20 32.66 33.24
N ILE E 60 -27.15 32.06 32.05
CA ILE E 60 -28.24 32.21 31.09
C ILE E 60 -29.50 31.52 31.60
N ASP E 61 -29.36 30.30 32.14
CA ASP E 61 -30.50 29.60 32.70
C ASP E 61 -31.11 30.40 33.86
N TYR E 62 -30.25 31.00 34.70
CA TYR E 62 -30.74 31.72 35.87
C TYR E 62 -31.53 32.96 35.48
N GLN E 63 -30.97 33.81 34.63
CA GLN E 63 -31.67 35.02 34.23
C GLN E 63 -32.92 34.72 33.42
N ALA E 64 -32.99 33.55 32.78
CA ALA E 64 -34.18 33.14 32.06
C ALA E 64 -35.25 32.56 32.98
N LEU E 65 -34.92 32.28 34.23
CA LEU E 65 -35.88 31.75 35.18
C LEU E 65 -36.98 32.78 35.44
N PRO E 66 -38.17 32.33 35.84
CA PRO E 66 -39.16 33.27 36.36
C PRO E 66 -38.65 33.97 37.60
N GLU E 67 -39.32 35.05 37.99
CA GLU E 67 -38.84 35.84 39.12
C GLU E 67 -39.01 35.09 40.43
N HIS E 68 -40.05 34.27 40.57
CA HIS E 68 -40.21 33.46 41.77
C HIS E 68 -39.30 32.24 41.77
N GLU E 69 -38.86 31.78 40.60
CA GLU E 69 -37.88 30.70 40.53
C GLU E 69 -36.47 31.21 40.76
N LYS E 70 -36.17 32.45 40.36
CA LYS E 70 -34.95 33.10 40.80
C LYS E 70 -34.89 33.17 42.31
N HIS E 71 -36.02 33.45 42.95
CA HIS E 71 -36.09 33.55 44.40
C HIS E 71 -35.84 32.20 45.07
N ILE E 72 -36.49 31.14 44.58
CA ILE E 72 -36.31 29.82 45.16
C ILE E 72 -34.83 29.43 45.13
N PHE E 73 -34.19 29.59 43.98
CA PHE E 73 -32.80 29.18 43.83
C PHE E 73 -31.88 30.03 44.70
N ILE E 74 -31.98 31.35 44.59
CA ILE E 74 -31.04 32.24 45.27
C ILE E 74 -31.26 32.23 46.79
N SER E 75 -32.47 31.92 47.24
CA SER E 75 -32.69 31.80 48.69
C SER E 75 -32.08 30.50 49.21
N ASN E 76 -32.24 29.41 48.46
CA ASN E 76 -31.66 28.13 48.83
C ASN E 76 -30.13 28.16 48.79
N LEU E 77 -29.54 29.06 47.99
CA LEU E 77 -28.09 29.17 47.93
C LEU E 77 -27.54 29.97 49.11
N LYS E 78 -28.24 31.04 49.52
CA LYS E 78 -27.82 31.82 50.68
C LYS E 78 -27.87 30.98 51.95
N TYR E 79 -28.91 30.14 52.09
CA TYR E 79 -28.97 29.24 53.24
C TYR E 79 -27.82 28.24 53.20
N GLN E 80 -27.51 27.70 52.01
CA GLN E 80 -26.40 26.78 51.88
C GLN E 80 -25.08 27.43 52.28
N THR E 81 -24.81 28.64 51.76
CA THR E 81 -23.57 29.33 52.10
C THR E 81 -23.45 29.55 53.60
N LEU E 82 -24.55 29.88 54.26
CA LEU E 82 -24.51 30.12 55.70
C LEU E 82 -24.19 28.84 56.46
N LEU E 83 -24.87 27.74 56.13
CA LEU E 83 -24.67 26.50 56.86
C LEU E 83 -23.23 26.02 56.77
N ASP E 84 -22.68 25.97 55.55
CA ASP E 84 -21.30 25.56 55.39
C ASP E 84 -20.31 26.64 55.79
N SER E 85 -20.76 27.88 55.99
CA SER E 85 -19.90 28.88 56.63
C SER E 85 -19.69 28.54 58.10
N ILE E 86 -20.77 28.22 58.80
CA ILE E 86 -20.66 27.71 60.17
C ILE E 86 -19.89 26.39 60.18
N GLN E 87 -20.26 25.46 59.29
CA GLN E 87 -19.65 24.14 59.27
C GLN E 87 -18.19 24.15 58.83
N GLY E 88 -17.73 25.21 58.18
CA GLY E 88 -16.33 25.28 57.82
C GLY E 88 -15.42 25.41 59.02
N ARG E 89 -15.77 26.32 59.93
CA ARG E 89 -14.93 26.65 61.09
C ARG E 89 -15.31 25.93 62.36
N SER E 90 -16.60 25.58 62.53
CA SER E 90 -17.08 25.19 63.86
C SER E 90 -16.50 23.88 64.37
N PRO E 91 -16.48 22.78 63.61
CA PRO E 91 -15.90 21.54 64.15
C PRO E 91 -14.45 21.68 64.59
N ASN E 92 -13.68 22.59 63.97
CA ASN E 92 -12.31 22.79 64.39
C ASN E 92 -12.23 23.49 65.75
N VAL E 93 -13.03 24.53 65.94
CA VAL E 93 -12.98 25.28 67.19
C VAL E 93 -13.68 24.52 68.31
N ALA E 94 -14.81 23.88 68.00
CA ALA E 94 -15.66 23.28 69.02
C ALA E 94 -15.25 21.87 69.42
N LEU E 95 -14.61 21.12 68.52
CA LEU E 95 -14.32 19.72 68.79
C LEU E 95 -12.84 19.42 69.02
N LEU E 96 -11.94 20.13 68.35
CA LEU E 96 -10.51 19.83 68.50
C LEU E 96 -9.98 19.93 69.93
N PRO E 97 -10.32 20.94 70.73
CA PRO E 97 -9.78 20.97 72.11
C PRO E 97 -10.31 19.83 72.98
N LEU E 98 -11.40 19.17 72.58
CA LEU E 98 -12.00 18.11 73.38
C LEU E 98 -11.58 16.71 72.94
N ILE E 99 -11.13 16.53 71.70
CA ILE E 99 -10.85 15.20 71.17
C ILE E 99 -9.57 14.67 71.81
N SER E 100 -9.54 13.36 72.08
CA SER E 100 -8.43 12.73 72.77
C SER E 100 -7.86 11.52 72.06
N ILE E 101 -8.32 11.21 70.85
CA ILE E 101 -7.74 10.12 70.04
C ILE E 101 -7.35 10.68 68.68
N PRO E 102 -6.27 10.18 68.05
CA PRO E 102 -5.80 10.85 66.83
C PRO E 102 -6.72 10.69 65.63
N GLU E 103 -7.36 9.53 65.46
CA GLU E 103 -8.18 9.31 64.27
C GLU E 103 -9.39 10.24 64.25
N LEU E 104 -9.97 10.52 65.42
CA LEU E 104 -11.09 11.43 65.47
C LEU E 104 -10.63 12.88 65.30
N GLU E 105 -9.44 13.21 65.79
CA GLU E 105 -8.90 14.56 65.61
C GLU E 105 -8.69 14.87 64.14
N THR E 106 -7.98 13.98 63.43
CA THR E 106 -7.71 14.22 62.02
C THR E 106 -8.97 14.19 61.18
N TRP E 107 -9.92 13.32 61.52
CA TRP E 107 -11.18 13.29 60.77
C TRP E 107 -11.93 14.60 60.91
N VAL E 108 -11.98 15.16 62.11
CA VAL E 108 -12.68 16.43 62.31
C VAL E 108 -12.01 17.54 61.51
N GLU E 109 -10.68 17.53 61.45
CA GLU E 109 -9.99 18.53 60.64
C GLU E 109 -10.20 18.27 59.16
N THR E 110 -10.25 17.00 58.74
CA THR E 110 -10.58 16.67 57.36
C THR E 110 -12.05 17.00 57.06
N TRP E 111 -12.94 16.66 57.98
CA TRP E 111 -14.35 17.07 57.88
C TRP E 111 -14.46 18.58 57.69
N ALA E 112 -13.76 19.35 58.54
CA ALA E 112 -13.83 20.80 58.45
C ALA E 112 -13.28 21.29 57.12
N PHE E 113 -12.15 20.72 56.67
CA PHE E 113 -11.54 21.16 55.41
C PHE E 113 -12.48 20.96 54.23
N SER E 114 -13.10 19.77 54.15
CA SER E 114 -14.01 19.50 53.04
C SER E 114 -15.16 20.49 53.00
N GLU E 115 -15.49 21.07 54.16
CA GLU E 115 -16.55 22.09 54.19
C GLU E 115 -16.06 23.41 53.60
N THR E 116 -14.77 23.73 53.75
CA THR E 116 -14.26 24.97 53.16
C THR E 116 -14.27 24.90 51.64
N ILE E 117 -14.09 23.70 51.06
CA ILE E 117 -14.23 23.55 49.62
C ILE E 117 -15.66 23.87 49.20
N HIS E 118 -16.64 23.49 50.02
CA HIS E 118 -18.02 23.86 49.74
C HIS E 118 -18.20 25.36 49.75
N SER E 119 -17.66 26.04 50.76
CA SER E 119 -17.75 27.49 50.85
C SER E 119 -17.14 28.16 49.63
N ARG E 120 -16.03 27.60 49.12
CA ARG E 120 -15.43 28.16 47.92
C ARG E 120 -16.28 27.90 46.69
N SER E 121 -16.98 26.77 46.65
CA SER E 121 -17.83 26.49 45.49
C SER E 121 -19.06 27.38 45.45
N TYR E 122 -19.58 27.77 46.61
CA TYR E 122 -20.69 28.70 46.63
C TYR E 122 -20.28 30.07 46.10
N THR E 123 -19.06 30.51 46.45
CA THR E 123 -18.54 31.73 45.85
C THR E 123 -18.40 31.58 44.34
N HIS E 124 -18.05 30.38 43.88
CA HIS E 124 -17.93 30.13 42.45
C HIS E 124 -19.28 30.24 41.75
N ILE E 125 -20.31 29.60 42.30
CA ILE E 125 -21.64 29.64 41.68
C ILE E 125 -22.20 31.05 41.70
N ILE E 126 -22.14 31.72 42.86
CA ILE E 126 -22.72 33.06 42.99
C ILE E 126 -22.06 34.01 41.99
N ARG E 127 -20.73 34.01 41.95
CA ARG E 127 -20.01 34.91 41.06
C ARG E 127 -20.25 34.62 39.58
N ASN E 128 -20.94 33.52 39.26
CA ASN E 128 -21.16 33.13 37.87
C ASN E 128 -22.64 33.12 37.49
N ILE E 129 -23.54 33.62 38.35
CA ILE E 129 -24.95 33.65 38.00
C ILE E 129 -25.53 35.05 38.23
N VAL E 130 -24.98 35.79 39.18
CA VAL E 130 -25.44 37.14 39.48
C VAL E 130 -24.37 38.14 39.02
N ASN E 131 -24.77 39.41 38.93
CA ASN E 131 -23.88 40.45 38.43
C ASN E 131 -23.02 41.06 39.52
N ASP E 132 -23.57 41.28 40.72
CA ASP E 132 -22.81 41.79 41.86
C ASP E 132 -22.91 40.80 43.00
N PRO E 133 -21.88 40.00 43.26
CA PRO E 133 -21.95 39.01 44.36
C PRO E 133 -22.15 39.63 45.74
N SER E 134 -21.72 40.88 45.94
CA SER E 134 -21.88 41.50 47.25
C SER E 134 -23.35 41.56 47.67
N VAL E 135 -24.26 41.71 46.71
CA VAL E 135 -25.68 41.73 47.01
C VAL E 135 -26.12 40.42 47.64
N VAL E 136 -25.60 39.31 47.12
CA VAL E 136 -25.98 37.99 47.64
C VAL E 136 -25.33 37.75 49.00
N PHE E 137 -24.04 38.06 49.13
CA PHE E 137 -23.31 37.77 50.36
C PHE E 137 -23.83 38.62 51.52
N ASP E 138 -24.03 39.92 51.29
CA ASP E 138 -24.50 40.80 52.36
C ASP E 138 -25.91 40.44 52.81
N ASP E 139 -26.71 39.81 51.95
CA ASP E 139 -28.06 39.44 52.34
C ASP E 139 -28.07 38.25 53.29
N ILE E 140 -26.99 37.47 53.33
CA ILE E 140 -26.96 36.29 54.18
C ILE E 140 -26.99 36.69 55.65
N VAL E 141 -26.30 37.78 55.99
CA VAL E 141 -26.18 38.17 57.40
C VAL E 141 -27.41 38.94 57.87
N THR E 142 -28.02 39.74 57.01
CA THR E 142 -29.13 40.60 57.40
C THR E 142 -30.51 39.96 57.18
N ASN E 143 -30.60 38.93 56.35
CA ASN E 143 -31.90 38.33 56.05
C ASN E 143 -32.57 37.83 57.33
N GLU E 144 -33.80 38.27 57.55
CA GLU E 144 -34.51 37.89 58.76
C GLU E 144 -34.87 36.41 58.75
N GLN E 145 -35.31 35.90 57.60
CA GLN E 145 -35.69 34.51 57.50
C GLN E 145 -34.50 33.57 57.60
N ILE E 146 -33.28 34.07 57.40
CA ILE E 146 -32.07 33.27 57.50
C ILE E 146 -31.48 33.34 58.90
N GLN E 147 -31.23 34.55 59.38
CA GLN E 147 -30.57 34.73 60.68
C GLN E 147 -31.36 34.09 61.81
N LYS E 148 -32.65 33.83 61.61
CA LYS E 148 -33.44 33.12 62.61
C LYS E 148 -32.87 31.73 62.87
N ARG E 149 -32.72 30.93 61.81
CA ARG E 149 -32.14 29.61 61.96
C ARG E 149 -30.64 29.67 62.21
N ALA E 150 -29.97 30.75 61.80
CA ALA E 150 -28.53 30.87 61.95
C ALA E 150 -28.13 30.94 63.42
N GLU E 151 -28.77 31.81 64.20
CA GLU E 151 -28.37 31.96 65.60
C GLU E 151 -28.78 30.74 66.42
N GLY E 152 -29.85 30.04 66.03
CA GLY E 152 -30.20 28.82 66.71
C GLY E 152 -29.17 27.74 66.54
N ILE E 153 -28.62 27.61 65.33
CA ILE E 153 -27.61 26.59 65.04
C ILE E 153 -26.29 26.95 65.73
N SER E 154 -25.83 28.19 65.56
CA SER E 154 -24.56 28.62 66.12
C SER E 154 -24.55 28.61 67.64
N SER E 155 -25.71 28.71 68.28
CA SER E 155 -25.78 28.73 69.74
C SER E 155 -25.22 27.44 70.34
N TYR E 156 -25.58 26.29 69.78
CA TYR E 156 -25.06 25.03 70.27
C TYR E 156 -23.53 25.00 70.18
N TYR E 157 -22.98 25.55 69.11
CA TYR E 157 -21.52 25.65 68.99
C TYR E 157 -20.96 26.66 69.99
N ASP E 158 -21.53 27.87 70.01
CA ASP E 158 -21.03 28.93 70.89
C ASP E 158 -21.07 28.49 72.36
N GLU E 159 -22.15 27.83 72.78
CA GLU E 159 -22.24 27.40 74.17
C GLU E 159 -21.19 26.34 74.49
N LEU E 160 -20.95 25.41 73.57
CA LEU E 160 -19.94 24.37 73.83
C LEU E 160 -18.54 24.95 73.83
N ILE E 161 -18.25 25.91 72.95
CA ILE E 161 -16.93 26.53 72.94
C ILE E 161 -16.70 27.30 74.24
N GLU E 162 -17.74 27.97 74.73
CA GLU E 162 -17.59 28.76 75.96
C GLU E 162 -17.35 27.85 77.16
N MET E 163 -18.20 26.84 77.35
CA MET E 163 -18.01 25.89 78.43
C MET E 163 -16.65 25.19 78.33
N THR E 164 -16.17 24.96 77.11
CA THR E 164 -14.85 24.33 76.94
C THR E 164 -13.73 25.23 77.45
N SER E 165 -13.83 26.54 77.19
CA SER E 165 -12.80 27.46 77.67
C SER E 165 -12.77 27.51 79.19
N TYR E 166 -13.93 27.55 79.84
CA TYR E 166 -13.96 27.49 81.30
C TYR E 166 -13.36 26.19 81.82
N TRP E 167 -13.69 25.07 81.18
CA TRP E 167 -13.19 23.78 81.64
C TRP E 167 -11.67 23.69 81.51
N HIS E 168 -11.09 24.40 80.53
CA HIS E 168 -9.64 24.39 80.40
C HIS E 168 -8.97 25.41 81.32
N LEU E 169 -9.55 26.60 81.47
CA LEU E 169 -8.91 27.64 82.26
C LEU E 169 -9.01 27.35 83.75
N LEU E 170 -10.16 26.86 84.22
CA LEU E 170 -10.41 26.68 85.64
C LEU E 170 -10.46 25.24 86.10
N GLY E 171 -10.79 24.30 85.22
CA GLY E 171 -11.04 22.93 85.64
C GLY E 171 -12.41 22.79 86.27
N GLU E 172 -12.74 21.57 86.68
CA GLU E 172 -14.04 21.30 87.25
C GLU E 172 -14.10 21.82 88.69
N GLY E 173 -15.25 22.40 89.04
CA GLY E 173 -15.46 22.93 90.37
C GLY E 173 -16.26 24.23 90.38
N THR E 174 -16.52 24.77 91.57
CA THR E 174 -17.25 26.04 91.71
C THR E 174 -16.24 27.17 91.91
N HIS E 175 -16.30 28.16 91.02
CA HIS E 175 -15.39 29.30 90.99
C HIS E 175 -16.17 30.60 91.08
N THR E 176 -15.44 31.69 91.35
CA THR E 176 -16.01 33.03 91.37
C THR E 176 -15.19 33.90 90.42
N VAL E 177 -15.88 34.52 89.47
CA VAL E 177 -15.24 35.33 88.43
C VAL E 177 -15.83 36.74 88.51
N ASN E 178 -15.04 37.68 89.03
CA ASN E 178 -15.46 39.07 89.23
C ASN E 178 -16.76 39.13 90.04
N GLY E 179 -16.73 38.49 91.21
CA GLY E 179 -17.88 38.48 92.10
C GLY E 179 -18.88 37.37 91.81
N LYS E 180 -19.44 37.37 90.59
CA LYS E 180 -20.42 36.37 90.22
C LYS E 180 -19.79 34.98 90.18
N THR E 181 -20.45 34.01 90.82
CA THR E 181 -19.93 32.66 90.92
C THR E 181 -20.26 31.85 89.66
N VAL E 182 -19.28 31.07 89.19
CA VAL E 182 -19.38 30.32 87.94
C VAL E 182 -19.02 28.86 88.22
N THR E 183 -19.96 27.94 87.94
CA THR E 183 -19.76 26.52 88.19
C THR E 183 -19.38 25.80 86.90
N VAL E 184 -18.28 25.05 86.95
CA VAL E 184 -17.78 24.28 85.83
C VAL E 184 -18.01 22.79 86.12
N SER E 185 -18.99 22.20 85.44
CA SER E 185 -19.33 20.79 85.62
C SER E 185 -18.91 20.01 84.38
N LEU E 186 -18.05 19.00 84.56
CA LEU E 186 -17.69 18.13 83.45
C LEU E 186 -18.89 17.35 82.93
N ARG E 187 -19.77 16.91 83.83
CA ARG E 187 -20.97 16.21 83.41
C ARG E 187 -21.88 17.12 82.59
N GLU E 188 -21.87 18.42 82.90
CA GLU E 188 -22.61 19.39 82.08
C GLU E 188 -21.87 19.73 80.79
N LEU E 189 -20.54 19.59 80.78
CA LEU E 189 -19.79 19.75 79.53
C LEU E 189 -20.01 18.55 78.62
N LYS E 190 -19.98 17.35 79.18
CA LYS E 190 -20.33 16.15 78.41
C LYS E 190 -21.75 16.25 77.87
N LYS E 191 -22.61 17.01 78.55
CA LYS E 191 -23.97 17.20 78.09
C LYS E 191 -24.06 18.22 76.95
N LYS E 192 -23.22 19.26 76.99
CA LYS E 192 -23.24 20.27 75.93
C LYS E 192 -22.59 19.74 74.66
N LEU E 193 -21.62 18.85 74.78
CA LEU E 193 -21.04 18.21 73.60
C LEU E 193 -22.07 17.31 72.92
N TYR E 194 -22.72 16.44 73.70
CA TYR E 194 -23.69 15.50 73.14
C TYR E 194 -24.86 16.23 72.49
N LEU E 195 -25.38 17.29 73.13
CA LEU E 195 -26.46 18.06 72.54
C LEU E 195 -26.01 18.76 71.26
N CYS E 196 -24.77 19.26 71.25
CA CYS E 196 -24.25 19.93 70.05
C CYS E 196 -24.13 18.96 68.88
N LEU E 197 -23.54 17.78 69.12
CA LEU E 197 -23.41 16.78 68.07
C LEU E 197 -24.77 16.39 67.51
N MET E 198 -25.79 16.33 68.35
CA MET E 198 -27.14 16.06 67.87
C MET E 198 -27.61 17.16 66.92
N SER E 199 -27.30 18.42 67.23
CA SER E 199 -27.67 19.51 66.34
C SER E 199 -26.95 19.41 65.00
N VAL E 200 -25.67 19.05 65.02
CA VAL E 200 -24.90 18.94 63.79
C VAL E 200 -25.43 17.82 62.91
N ASN E 201 -25.87 16.71 63.53
CA ASN E 201 -26.50 15.65 62.77
C ASN E 201 -27.75 16.16 62.06
N ALA E 202 -28.54 16.99 62.73
CA ALA E 202 -29.73 17.57 62.10
C ALA E 202 -29.36 18.51 60.96
N LEU E 203 -28.25 19.25 61.08
CA LEU E 203 -27.85 20.13 59.98
C LEU E 203 -27.46 19.33 58.75
N GLU E 204 -26.56 18.37 58.93
CA GLU E 204 -25.94 17.70 57.80
C GLU E 204 -26.77 16.56 57.25
N ALA E 205 -27.67 15.99 58.06
CA ALA E 205 -28.47 14.86 57.62
C ALA E 205 -29.93 15.20 57.35
N ILE E 206 -30.40 16.37 57.77
CA ILE E 206 -31.78 16.78 57.52
C ILE E 206 -31.81 18.13 56.80
N ARG E 207 -31.20 19.15 57.41
CA ARG E 207 -31.28 20.51 56.89
C ARG E 207 -30.71 20.60 55.48
N PHE E 208 -29.51 20.03 55.27
CA PHE E 208 -28.86 20.12 53.96
C PHE E 208 -29.59 19.28 52.91
N TYR E 209 -30.14 18.13 53.30
CA TYR E 209 -30.81 17.29 52.33
C TYR E 209 -32.13 17.89 51.86
N VAL E 210 -32.75 18.76 52.67
CA VAL E 210 -33.87 19.55 52.19
C VAL E 210 -33.40 20.51 51.10
N SER E 211 -32.20 21.06 51.27
CA SER E 211 -31.64 21.95 50.26
C SER E 211 -31.24 21.21 49.00
N PHE E 212 -30.77 19.97 49.15
CA PHE E 212 -30.41 19.16 47.98
C PHE E 212 -31.62 18.97 47.06
N ALA E 213 -32.80 18.78 47.64
CA ALA E 213 -34.02 18.64 46.85
C ALA E 213 -34.24 19.85 45.96
N CYS E 214 -33.96 21.06 46.47
CA CYS E 214 -34.17 22.26 45.68
C CYS E 214 -33.18 22.33 44.52
N SER E 215 -31.90 22.14 44.80
CA SER E 215 -30.87 22.23 43.75
C SER E 215 -31.08 21.16 42.68
N PHE E 216 -31.42 19.94 43.10
CA PHE E 216 -31.60 18.84 42.16
C PHE E 216 -32.93 18.89 41.44
N ALA E 217 -33.93 19.59 41.98
CA ALA E 217 -35.18 19.77 41.27
C ALA E 217 -35.01 20.62 40.02
N PHE E 218 -34.12 21.61 40.06
CA PHE E 218 -33.83 22.40 38.86
C PHE E 218 -33.15 21.56 37.79
N ALA E 219 -32.34 20.59 38.20
CA ALA E 219 -31.62 19.77 37.22
C ALA E 219 -32.55 18.78 36.53
N GLU E 220 -33.59 18.32 37.23
CA GLU E 220 -34.57 17.44 36.60
C GLU E 220 -35.32 18.16 35.48
N ARG E 221 -35.36 19.49 35.51
CA ARG E 221 -35.85 20.30 34.41
C ARG E 221 -34.72 20.79 33.52
N GLU E 222 -33.53 20.21 33.65
CA GLU E 222 -32.36 20.55 32.83
C GLU E 222 -31.99 22.02 32.95
N LEU E 223 -32.12 22.57 34.15
CA LEU E 223 -31.72 23.94 34.44
C LEU E 223 -30.76 23.97 35.64
N MET E 224 -29.87 24.97 35.63
CA MET E 224 -28.88 25.15 36.68
C MET E 224 -28.02 23.91 36.87
N GLU E 225 -27.63 23.29 35.75
CA GLU E 225 -26.93 22.01 35.80
C GLU E 225 -25.48 22.15 36.25
N GLY E 226 -24.87 23.32 36.06
CA GLY E 226 -23.55 23.55 36.62
C GLY E 226 -23.57 23.62 38.14
N ASN E 227 -24.60 24.29 38.68
CA ASN E 227 -24.84 24.23 40.11
C ASN E 227 -25.11 22.79 40.57
N ALA E 228 -25.99 22.09 39.85
CA ALA E 228 -26.38 20.74 40.25
C ALA E 228 -25.20 19.79 40.30
N LYS E 229 -24.21 19.97 39.42
CA LYS E 229 -23.02 19.11 39.46
C LYS E 229 -22.25 19.33 40.77
N ILE E 230 -22.19 20.58 41.25
CA ILE E 230 -21.44 20.88 42.46
C ILE E 230 -22.18 20.35 43.69
N ILE E 231 -23.50 20.56 43.75
CA ILE E 231 -24.29 20.05 44.86
C ILE E 231 -24.22 18.53 44.92
N ARG E 232 -24.08 17.88 43.75
CA ARG E 232 -23.90 16.44 43.71
C ARG E 232 -22.61 16.03 44.40
N LEU E 233 -21.52 16.77 44.15
CA LEU E 233 -20.26 16.50 44.84
C LEU E 233 -20.36 16.81 46.33
N ILE E 234 -21.04 17.90 46.68
CA ILE E 234 -21.22 18.25 48.09
C ILE E 234 -22.01 17.18 48.82
N ALA E 235 -23.09 16.70 48.20
CA ALA E 235 -23.92 15.68 48.82
C ALA E 235 -23.15 14.40 49.09
N ARG E 236 -22.18 14.06 48.23
CA ARG E 236 -21.38 12.87 48.46
C ARG E 236 -20.53 13.03 49.71
N ASP E 237 -19.95 14.22 49.90
CA ASP E 237 -19.24 14.51 51.15
C ASP E 237 -20.20 14.54 52.33
N GLU E 238 -21.38 15.17 52.13
CA GLU E 238 -22.32 15.33 53.22
C GLU E 238 -22.78 13.99 53.78
N ALA E 239 -22.82 12.95 52.94
CA ALA E 239 -23.15 11.62 53.44
C ALA E 239 -22.05 11.09 54.34
N LEU E 240 -20.80 11.40 54.04
CA LEU E 240 -19.71 11.03 54.93
C LEU E 240 -19.80 11.79 56.25
N HIS E 241 -20.14 13.08 56.17
CA HIS E 241 -20.20 13.90 57.38
C HIS E 241 -21.21 13.37 58.38
N LEU E 242 -22.45 13.15 57.93
CA LEU E 242 -23.49 12.66 58.83
C LEU E 242 -23.17 11.26 59.34
N THR E 243 -22.45 10.46 58.56
CA THR E 243 -21.99 9.17 59.06
C THR E 243 -21.04 9.36 60.22
N GLY E 244 -20.19 10.38 60.15
CA GLY E 244 -19.28 10.68 61.26
C GLY E 244 -20.01 11.03 62.53
N THR E 245 -20.94 11.99 62.46
CA THR E 245 -21.68 12.40 63.64
C THR E 245 -22.56 11.29 64.18
N GLN E 246 -23.10 10.45 63.29
CA GLN E 246 -23.89 9.31 63.74
C GLN E 246 -23.05 8.36 64.58
N HIS E 247 -21.84 8.03 64.11
CA HIS E 247 -20.99 7.12 64.87
C HIS E 247 -20.56 7.75 66.19
N MET E 248 -20.25 9.04 66.19
CA MET E 248 -19.95 9.73 67.44
C MET E 248 -21.12 9.65 68.40
N LEU E 249 -22.32 10.04 67.92
CA LEU E 249 -23.49 10.04 68.78
C LEU E 249 -23.82 8.63 69.29
N ASN E 250 -23.72 7.62 68.42
CA ASN E 250 -24.05 6.26 68.84
C ASN E 250 -22.99 5.66 69.74
N LEU E 251 -21.71 6.00 69.54
CA LEU E 251 -20.67 5.52 70.44
C LEU E 251 -20.82 6.14 71.82
N LEU E 252 -21.24 7.40 71.88
CA LEU E 252 -21.51 8.04 73.17
C LEU E 252 -22.75 7.46 73.82
N ARG E 253 -23.82 7.25 73.04
CA ARG E 253 -25.08 6.79 73.59
C ARG E 253 -24.98 5.36 74.12
N SER E 254 -24.27 4.48 73.40
CA SER E 254 -24.14 3.09 73.84
C SER E 254 -23.20 2.92 75.02
N GLY E 255 -22.46 3.96 75.41
CA GLY E 255 -21.57 3.91 76.55
C GLY E 255 -20.31 3.07 76.40
N ALA E 256 -20.03 2.56 75.19
CA ALA E 256 -18.79 1.81 74.99
C ALA E 256 -17.57 2.65 75.27
N ASP E 257 -17.62 3.95 74.95
CA ASP E 257 -16.48 4.85 75.11
C ASP E 257 -16.42 5.45 76.51
N ASP E 258 -17.56 5.87 77.06
CA ASP E 258 -17.60 6.49 78.37
C ASP E 258 -18.89 6.08 79.08
N PRO E 259 -18.80 5.27 80.14
CA PRO E 259 -20.04 4.85 80.84
C PRO E 259 -20.87 6.00 81.37
N GLU E 260 -20.22 7.06 81.86
CA GLU E 260 -20.95 8.25 82.30
C GLU E 260 -21.75 8.86 81.15
N MET E 261 -21.26 8.73 79.92
CA MET E 261 -21.92 9.36 78.78
C MET E 261 -23.22 8.65 78.41
N ALA E 262 -23.28 7.33 78.58
CA ALA E 262 -24.50 6.58 78.29
C ALA E 262 -25.68 7.10 79.11
N GLU E 263 -25.42 7.47 80.37
CA GLU E 263 -26.46 8.03 81.21
C GLU E 263 -26.84 9.44 80.78
N ILE E 264 -25.84 10.30 80.55
CA ILE E 264 -26.11 11.67 80.11
C ILE E 264 -26.92 11.66 78.83
N ALA E 265 -26.64 10.70 77.93
CA ALA E 265 -27.42 10.58 76.71
C ALA E 265 -28.89 10.32 77.01
N GLU E 266 -29.18 9.63 78.12
CA GLU E 266 -30.56 9.35 78.48
C GLU E 266 -31.25 10.60 79.01
N GLU E 267 -30.52 11.44 79.75
CA GLU E 267 -31.08 12.69 80.26
C GLU E 267 -31.43 13.68 79.16
N CYS E 268 -30.79 13.57 78.00
CA CYS E 268 -31.04 14.45 76.87
C CYS E 268 -31.98 13.87 75.83
N LYS E 269 -32.32 12.59 75.96
CA LYS E 269 -33.09 11.90 74.93
C LYS E 269 -34.33 12.69 74.53
N GLN E 270 -35.00 13.30 75.51
CA GLN E 270 -36.15 14.14 75.20
C GLN E 270 -35.72 15.49 74.63
N GLU E 271 -34.64 16.07 75.15
CA GLU E 271 -34.14 17.33 74.60
C GLU E 271 -33.66 17.15 73.17
N CYS E 272 -33.03 16.00 72.88
CA CYS E 272 -32.56 15.74 71.52
C CYS E 272 -33.74 15.56 70.56
N TYR E 273 -34.77 14.84 71.00
CA TYR E 273 -35.97 14.68 70.17
C TYR E 273 -36.59 16.03 69.83
N ASP E 274 -36.79 16.89 70.84
CA ASP E 274 -37.32 18.22 70.60
C ASP E 274 -36.38 19.05 69.74
N LEU E 275 -35.08 18.81 69.86
CA LEU E 275 -34.10 19.50 69.03
C LEU E 275 -34.32 19.17 67.56
N PHE E 276 -34.47 17.88 67.24
CA PHE E 276 -34.70 17.45 65.87
C PHE E 276 -36.07 17.91 65.36
N VAL E 277 -37.10 17.76 66.17
CA VAL E 277 -38.44 18.17 65.75
C VAL E 277 -38.47 19.65 65.40
N GLN E 278 -37.83 20.48 66.24
CA GLN E 278 -37.74 21.91 65.96
C GLN E 278 -36.97 22.19 64.67
N ALA E 279 -35.85 21.48 64.48
CA ALA E 279 -35.09 21.64 63.24
C ALA E 279 -35.93 21.28 62.02
N ALA E 280 -36.64 20.15 62.10
CA ALA E 280 -37.49 19.72 60.99
C ALA E 280 -38.57 20.75 60.70
N GLN E 281 -39.10 21.40 61.75
CA GLN E 281 -40.18 22.37 61.54
C GLN E 281 -39.64 23.65 60.92
N GLN E 282 -38.42 24.06 61.29
CA GLN E 282 -37.86 25.27 60.70
C GLN E 282 -37.67 25.10 59.19
N GLU E 283 -37.32 23.91 58.74
CA GLU E 283 -37.14 23.69 57.31
C GLU E 283 -38.49 23.67 56.60
N LYS E 284 -39.52 23.13 57.25
CA LYS E 284 -40.87 23.22 56.70
C LYS E 284 -41.32 24.67 56.61
N ASP E 285 -41.01 25.47 57.64
CA ASP E 285 -41.25 26.91 57.55
C ASP E 285 -40.35 27.56 56.50
N TRP E 286 -39.11 27.08 56.39
CA TRP E 286 -38.23 27.58 55.33
C TRP E 286 -38.81 27.27 53.95
N ALA E 287 -39.46 26.11 53.81
CA ALA E 287 -40.13 25.79 52.55
C ALA E 287 -41.27 26.77 52.28
N ASP E 288 -41.99 27.16 53.33
CA ASP E 288 -43.08 28.13 53.18
C ASP E 288 -42.58 29.48 52.66
N TYR E 289 -41.35 29.85 53.01
CA TYR E 289 -40.80 31.11 52.53
C TYR E 289 -40.34 31.01 51.08
N LEU E 290 -39.87 29.84 50.65
CA LEU E 290 -39.41 29.67 49.28
C LEU E 290 -40.56 29.79 48.30
N PHE E 291 -41.71 29.19 48.61
CA PHE E 291 -42.84 29.10 47.70
C PHE E 291 -43.95 30.09 48.03
N ARG E 292 -43.66 31.14 48.79
CA ARG E 292 -44.69 32.12 49.09
C ARG E 292 -45.07 32.96 47.88
N ASP E 293 -44.20 33.02 46.88
CA ASP E 293 -44.46 33.77 45.66
C ASP E 293 -44.69 32.88 44.44
N GLY E 294 -44.89 31.58 44.66
CA GLY E 294 -45.15 30.65 43.57
C GLY E 294 -44.32 29.39 43.64
N SER E 295 -44.71 28.37 42.89
CA SER E 295 -44.02 27.09 42.87
C SER E 295 -43.43 26.85 41.48
N MET E 296 -42.93 25.64 41.27
CA MET E 296 -42.35 25.25 39.99
C MET E 296 -42.69 23.79 39.72
N ILE E 297 -42.42 23.35 38.49
CA ILE E 297 -42.71 21.99 38.08
C ILE E 297 -41.88 21.03 38.92
N GLY E 298 -42.56 20.22 39.74
CA GLY E 298 -41.91 19.17 40.51
C GLY E 298 -41.59 19.49 41.95
N LEU E 299 -41.84 20.72 42.41
CA LEU E 299 -41.50 21.07 43.79
C LEU E 299 -42.37 22.23 44.26
N ASN E 300 -43.02 22.05 45.40
CA ASN E 300 -43.77 23.10 46.05
C ASN E 300 -43.63 22.91 47.56
N LYS E 301 -44.37 23.72 48.33
CA LYS E 301 -44.32 23.61 49.78
C LYS E 301 -44.79 22.22 50.24
N ASP E 302 -45.87 21.72 49.65
CA ASP E 302 -46.43 20.43 50.07
C ASP E 302 -45.44 19.30 49.83
N ILE E 303 -44.78 19.30 48.67
CA ILE E 303 -43.86 18.22 48.33
C ILE E 303 -42.63 18.26 49.22
N LEU E 304 -42.03 19.45 49.37
CA LEU E 304 -40.79 19.58 50.13
C LEU E 304 -41.00 19.25 51.61
N CYS E 305 -42.12 19.66 52.18
CA CYS E 305 -42.39 19.37 53.58
C CYS E 305 -42.56 17.86 53.82
N GLN E 306 -43.09 17.13 52.84
CA GLN E 306 -43.20 15.68 52.96
C GLN E 306 -41.82 15.04 53.00
N TYR E 307 -40.88 15.59 52.22
CA TYR E 307 -39.51 15.09 52.26
C TYR E 307 -38.84 15.41 53.59
N VAL E 308 -39.20 16.55 54.21
CA VAL E 308 -38.69 16.86 55.54
C VAL E 308 -39.09 15.78 56.52
N GLU E 309 -40.36 15.39 56.49
CA GLU E 309 -40.84 14.35 57.38
C GLU E 309 -40.24 12.99 57.03
N TYR E 310 -40.04 12.73 55.74
CA TYR E 310 -39.46 11.45 55.31
C TYR E 310 -38.02 11.30 55.81
N ILE E 311 -37.18 12.29 55.55
CA ILE E 311 -35.76 12.16 55.88
C ILE E 311 -35.53 12.29 57.38
N THR E 312 -36.41 12.99 58.10
CA THR E 312 -36.25 13.14 59.54
C THR E 312 -36.40 11.80 60.26
N ASN E 313 -37.43 11.03 59.87
CA ASN E 313 -37.63 9.71 60.49
C ASN E 313 -36.39 8.84 60.34
N ILE E 314 -35.77 8.85 59.15
CA ILE E 314 -34.61 8.01 58.90
C ILE E 314 -33.43 8.42 59.78
N ARG E 315 -33.14 9.72 59.81
CA ARG E 315 -31.98 10.20 60.56
C ARG E 315 -32.14 9.95 62.05
N MET E 316 -33.34 10.24 62.59
CA MET E 316 -33.56 10.09 64.02
C MET E 316 -33.51 8.61 64.44
N GLN E 317 -33.99 7.71 63.57
CA GLN E 317 -33.86 6.29 63.90
C GLN E 317 -32.39 5.87 63.97
N ALA E 318 -31.55 6.47 63.13
CA ALA E 318 -30.13 6.11 63.09
C ALA E 318 -29.41 6.45 64.39
N VAL E 319 -29.97 7.33 65.22
CA VAL E 319 -29.34 7.72 66.47
C VAL E 319 -30.20 7.33 67.68
N GLY E 320 -31.15 6.41 67.47
CA GLY E 320 -31.94 5.88 68.58
C GLY E 320 -32.97 6.81 69.16
N LEU E 321 -33.58 7.66 68.33
CA LEU E 321 -34.65 8.56 68.75
C LEU E 321 -35.98 8.10 68.17
N ASP E 322 -37.05 8.49 68.85
CA ASP E 322 -38.39 8.13 68.40
C ASP E 322 -38.77 8.90 67.14
N LEU E 323 -39.56 8.25 66.29
CA LEU E 323 -39.95 8.84 65.02
C LEU E 323 -41.02 9.90 65.25
N PRO E 324 -40.80 11.16 64.84
CA PRO E 324 -41.76 12.23 65.15
C PRO E 324 -42.89 12.36 64.14
N PHE E 325 -42.73 11.78 62.95
CA PHE E 325 -43.69 11.92 61.88
C PHE E 325 -44.27 10.56 61.50
N GLN E 326 -45.36 10.61 60.74
CA GLN E 326 -46.00 9.41 60.23
C GLN E 326 -45.06 8.67 59.27
N THR E 327 -45.25 7.37 59.15
CA THR E 327 -44.50 6.61 58.17
C THR E 327 -44.85 7.07 56.77
N ARG E 328 -43.84 7.19 55.91
CA ARG E 328 -44.05 7.74 54.58
C ARG E 328 -42.98 7.20 53.62
N SER E 329 -43.41 6.96 52.38
CA SER E 329 -42.48 6.63 51.30
C SER E 329 -41.83 7.89 50.76
N ASN E 330 -40.68 7.72 50.11
CA ASN E 330 -39.90 8.83 49.58
C ASN E 330 -40.74 9.64 48.60
N PRO E 331 -41.06 10.90 48.92
CA PRO E 331 -41.89 11.70 48.00
C PRO E 331 -41.15 12.17 46.76
N ILE E 332 -39.83 12.19 46.77
CA ILE E 332 -39.06 12.57 45.59
C ILE E 332 -38.05 11.47 45.28
N PRO E 333 -38.48 10.32 44.76
CA PRO E 333 -37.55 9.22 44.51
C PRO E 333 -36.47 9.58 43.51
N TRP E 334 -36.68 10.60 42.68
CA TRP E 334 -35.68 10.98 41.70
C TRP E 334 -34.41 11.51 42.36
N ILE E 335 -34.46 11.89 43.64
CA ILE E 335 -33.28 12.43 44.29
C ILE E 335 -32.25 11.34 44.55
N ASN E 336 -32.66 10.07 44.54
CA ASN E 336 -31.71 8.99 44.80
C ASN E 336 -30.64 8.91 43.74
N THR E 337 -30.98 9.28 42.50
CA THR E 337 -30.01 9.28 41.41
C THR E 337 -28.94 10.36 41.60
N TRP E 338 -29.14 11.28 42.54
CA TRP E 338 -28.18 12.34 42.83
C TRP E 338 -27.34 12.08 44.07
N LEU E 339 -27.78 11.17 44.94
CA LEU E 339 -27.09 10.91 46.20
C LEU E 339 -26.22 9.66 46.10
N SER E 363 -32.15 -28.39 12.79
CA SER E 363 -30.88 -29.04 13.07
C SER E 363 -30.94 -30.54 12.80
N GLU E 364 -30.03 -31.27 13.45
CA GLU E 364 -29.92 -32.71 13.23
C GLU E 364 -31.05 -33.44 13.96
N VAL E 365 -31.56 -34.51 13.34
CA VAL E 365 -32.68 -35.27 13.87
C VAL E 365 -32.30 -36.74 13.95
N ASP E 366 -32.74 -37.40 15.02
CA ASP E 366 -32.50 -38.82 15.24
C ASP E 366 -33.84 -39.54 15.35
N THR E 367 -34.13 -40.38 14.36
CA THR E 367 -35.41 -41.09 14.34
C THR E 367 -35.49 -42.13 15.44
N ASP E 368 -34.37 -42.78 15.76
CA ASP E 368 -34.36 -43.81 16.80
C ASP E 368 -34.80 -43.26 18.15
N ASP E 369 -34.31 -42.07 18.51
CA ASP E 369 -34.71 -41.46 19.78
C ASP E 369 -36.18 -41.09 19.80
N LEU E 370 -36.69 -40.56 18.67
CA LEU E 370 -38.11 -40.23 18.58
C LEU E 370 -38.99 -41.47 18.52
N SER E 371 -38.50 -42.56 17.92
CA SER E 371 -39.27 -43.81 17.84
C SER E 371 -39.64 -44.34 19.21
N ASN E 372 -38.85 -44.02 20.25
CA ASN E 372 -39.16 -44.43 21.62
C ASN E 372 -40.29 -43.57 22.20
N PHE E 373 -41.47 -43.72 21.60
CA PHE E 373 -42.66 -42.98 22.02
C PHE E 373 -43.91 -43.83 21.87
N ALA F 1 7.68 -37.38 -74.84
CA ALA F 1 6.85 -36.20 -74.71
C ALA F 1 6.63 -35.87 -73.23
N TYR F 2 6.87 -34.62 -72.86
CA TYR F 2 6.69 -34.22 -71.47
C TYR F 2 5.21 -34.13 -71.14
N THR F 3 4.86 -34.60 -69.95
CA THR F 3 3.50 -34.51 -69.45
C THR F 3 3.53 -33.93 -68.05
N THR F 4 2.60 -33.01 -67.78
CA THR F 4 2.53 -32.38 -66.47
C THR F 4 2.03 -33.33 -65.39
N PHE F 5 1.28 -34.36 -65.76
CA PHE F 5 0.86 -35.39 -64.81
C PHE F 5 0.93 -36.75 -65.49
N SER F 6 2.04 -37.45 -65.29
CA SER F 6 2.23 -38.76 -65.91
C SER F 6 1.22 -39.78 -65.35
N GLN F 7 0.64 -40.57 -66.26
CA GLN F 7 -0.41 -41.52 -65.89
C GLN F 7 0.12 -42.75 -65.17
N THR F 8 1.37 -43.14 -65.43
CA THR F 8 1.89 -44.38 -64.88
C THR F 8 2.13 -44.24 -63.38
N LYS F 9 1.75 -45.27 -62.62
CA LYS F 9 2.05 -45.32 -61.19
C LYS F 9 3.45 -45.86 -60.98
N ASN F 10 4.40 -44.96 -60.71
CA ASN F 10 5.80 -45.32 -60.51
C ASN F 10 6.15 -45.15 -59.03
N ASP F 11 7.00 -46.04 -58.53
CA ASP F 11 7.56 -45.88 -57.19
C ASP F 11 8.59 -44.76 -57.26
N GLN F 12 8.22 -43.58 -56.77
CA GLN F 12 9.08 -42.41 -56.90
C GLN F 12 10.42 -42.60 -56.20
N LEU F 13 10.51 -43.52 -55.24
CA LEU F 13 11.77 -43.74 -54.54
C LEU F 13 12.82 -44.43 -55.41
N LYS F 14 12.40 -45.14 -56.46
CA LYS F 14 13.33 -45.83 -57.33
C LYS F 14 13.67 -45.05 -58.60
N GLU F 15 12.97 -43.95 -58.86
CA GLU F 15 13.30 -43.12 -60.01
C GLU F 15 14.66 -42.46 -59.83
N PRO F 16 15.30 -42.07 -60.91
CA PRO F 16 16.52 -41.26 -60.81
C PRO F 16 16.17 -39.79 -60.59
N MET F 17 17.23 -39.00 -60.37
CA MET F 17 17.03 -37.55 -60.25
C MET F 17 16.52 -36.95 -61.54
N PHE F 18 17.12 -37.33 -62.66
CA PHE F 18 16.76 -36.77 -63.96
C PHE F 18 16.45 -37.89 -64.95
N PHE F 19 15.72 -37.50 -66.00
CA PHE F 19 15.43 -38.28 -67.20
C PHE F 19 14.53 -39.49 -66.96
N GLY F 20 14.08 -39.71 -65.72
CA GLY F 20 13.13 -40.77 -65.44
C GLY F 20 11.71 -40.34 -65.82
N GLN F 21 10.75 -41.02 -65.20
CA GLN F 21 9.35 -40.68 -65.47
C GLN F 21 9.01 -39.34 -64.85
N PRO F 22 8.36 -38.44 -65.60
CA PRO F 22 7.95 -37.15 -65.04
C PRO F 22 7.14 -37.30 -63.76
N VAL F 23 7.46 -36.47 -62.76
CA VAL F 23 6.78 -36.53 -61.48
C VAL F 23 5.29 -36.32 -61.68
N ASN F 24 4.48 -37.17 -61.03
CA ASN F 24 3.03 -37.02 -61.07
C ASN F 24 2.55 -36.40 -59.77
N VAL F 25 2.39 -37.21 -58.72
CA VAL F 25 1.90 -36.73 -57.44
C VAL F 25 3.05 -36.14 -56.64
N ALA F 26 2.83 -34.97 -56.05
CA ALA F 26 3.83 -34.25 -55.25
C ALA F 26 3.61 -34.59 -53.78
N ARG F 27 4.41 -35.52 -53.27
CA ARG F 27 4.35 -35.93 -51.88
C ARG F 27 5.69 -35.62 -51.21
N TYR F 28 5.63 -35.33 -49.90
CA TYR F 28 6.81 -34.91 -49.16
C TYR F 28 6.96 -35.70 -47.86
N ASP F 29 6.28 -36.84 -47.75
CA ASP F 29 6.42 -37.72 -46.60
C ASP F 29 7.61 -38.66 -46.71
N GLN F 30 8.21 -38.79 -47.89
CA GLN F 30 9.35 -39.68 -48.10
C GLN F 30 10.23 -39.08 -49.18
N GLN F 31 11.51 -39.45 -49.17
CA GLN F 31 12.44 -38.97 -50.18
C GLN F 31 13.40 -40.08 -50.59
N LYS F 32 13.81 -40.05 -51.86
CA LYS F 32 14.95 -40.86 -52.27
C LYS F 32 16.24 -40.25 -51.76
N TYR F 33 16.53 -39.01 -52.15
CA TYR F 33 17.64 -38.25 -51.60
C TYR F 33 17.05 -37.15 -50.75
N ASP F 34 17.22 -37.26 -49.43
CA ASP F 34 16.63 -36.32 -48.49
C ASP F 34 17.40 -35.02 -48.35
N ILE F 35 18.52 -34.88 -49.06
CA ILE F 35 19.25 -33.61 -49.00
C ILE F 35 18.37 -32.48 -49.54
N PHE F 36 17.58 -32.77 -50.58
CA PHE F 36 16.76 -31.73 -51.18
C PHE F 36 15.57 -31.38 -50.30
N GLU F 37 15.03 -32.35 -49.55
CA GLU F 37 13.96 -32.03 -48.61
C GLU F 37 14.45 -31.09 -47.51
N LYS F 38 15.69 -31.29 -47.05
CA LYS F 38 16.28 -30.38 -46.06
C LYS F 38 16.50 -29.00 -46.65
N LEU F 39 16.94 -28.94 -47.91
CA LEU F 39 17.16 -27.65 -48.56
C LEU F 39 15.86 -26.87 -48.69
N ILE F 40 14.76 -27.56 -48.97
CA ILE F 40 13.46 -26.91 -49.03
C ILE F 40 13.10 -26.35 -47.65
N GLU F 41 13.19 -27.20 -46.63
CA GLU F 41 12.83 -26.76 -45.27
C GLU F 41 13.68 -25.58 -44.83
N LYS F 42 14.97 -25.62 -45.17
CA LYS F 42 15.86 -24.54 -44.76
C LYS F 42 15.61 -23.27 -45.57
N GLN F 43 15.35 -23.41 -46.86
CA GLN F 43 15.04 -22.22 -47.66
C GLN F 43 13.71 -21.61 -47.24
N LEU F 44 12.72 -22.46 -46.93
CA LEU F 44 11.42 -21.95 -46.48
C LEU F 44 11.55 -21.21 -45.15
N SER F 45 12.49 -21.63 -44.31
CA SER F 45 12.70 -20.98 -43.02
C SER F 45 13.43 -19.66 -43.15
N PHE F 46 14.22 -19.49 -44.22
CA PHE F 46 14.97 -18.27 -44.48
C PHE F 46 14.14 -17.20 -45.17
N PHE F 47 12.86 -17.43 -45.40
CA PHE F 47 12.05 -16.54 -46.22
C PHE F 47 12.16 -15.10 -45.74
N TRP F 48 12.64 -14.22 -46.62
CA TRP F 48 12.77 -12.81 -46.31
C TRP F 48 12.26 -11.98 -47.48
N ARG F 49 11.82 -10.77 -47.18
CA ARG F 49 11.39 -9.80 -48.17
C ARG F 49 12.33 -8.62 -48.19
N PRO F 50 12.58 -8.01 -49.36
CA PRO F 50 13.55 -6.91 -49.40
C PRO F 50 13.09 -5.68 -48.64
N GLU F 51 11.80 -5.36 -48.69
CA GLU F 51 11.29 -4.14 -48.07
C GLU F 51 11.43 -4.15 -46.55
N GLU F 52 11.59 -5.31 -45.93
CA GLU F 52 11.74 -5.38 -44.49
C GLU F 52 13.13 -4.97 -44.02
N VAL F 53 13.99 -4.51 -44.92
CA VAL F 53 15.33 -4.04 -44.58
C VAL F 53 15.40 -2.54 -44.87
N ASP F 54 15.95 -1.78 -43.92
CA ASP F 54 16.09 -0.35 -44.09
C ASP F 54 17.31 -0.05 -44.95
N VAL F 55 17.09 0.55 -46.11
CA VAL F 55 18.17 0.92 -47.02
C VAL F 55 18.19 2.43 -47.28
N SER F 56 17.41 3.20 -46.53
CA SER F 56 17.34 4.64 -46.76
C SER F 56 18.64 5.33 -46.39
N ARG F 57 19.35 4.85 -45.37
CA ARG F 57 20.61 5.48 -45.02
C ARG F 57 21.69 5.25 -46.06
N ASP F 58 21.49 4.30 -46.99
CA ASP F 58 22.55 3.94 -47.92
C ASP F 58 22.78 5.00 -48.96
N ARG F 59 21.75 5.77 -49.30
CA ARG F 59 21.90 6.83 -50.29
C ARG F 59 22.93 7.86 -49.87
N ILE F 60 22.95 8.20 -48.57
CA ILE F 60 23.92 9.17 -48.07
C ILE F 60 25.34 8.63 -48.24
N ASP F 61 25.52 7.36 -47.86
CA ASP F 61 26.84 6.73 -47.99
C ASP F 61 27.28 6.66 -49.44
N TYR F 62 26.34 6.38 -50.36
CA TYR F 62 26.69 6.23 -51.77
C TYR F 62 27.16 7.56 -52.36
N GLN F 63 26.39 8.63 -52.14
CA GLN F 63 26.74 9.92 -52.72
C GLN F 63 28.04 10.48 -52.16
N ALA F 64 28.43 10.08 -50.95
CA ALA F 64 29.69 10.51 -50.35
C ALA F 64 30.89 9.71 -50.83
N LEU F 65 30.66 8.62 -51.56
CA LEU F 65 31.75 7.79 -52.07
C LEU F 65 32.61 8.57 -53.05
N PRO F 66 33.86 8.18 -53.21
CA PRO F 66 34.67 8.69 -54.33
C PRO F 66 34.04 8.29 -55.66
N GLU F 67 34.50 8.95 -56.72
CA GLU F 67 33.87 8.74 -58.03
C GLU F 67 34.14 7.33 -58.54
N HIS F 68 35.35 6.81 -58.33
CA HIS F 68 35.66 5.47 -58.79
C HIS F 68 35.05 4.39 -57.91
N GLU F 69 34.73 4.70 -56.65
CA GLU F 69 34.08 3.73 -55.78
C GLU F 69 32.58 3.63 -56.03
N LYS F 70 31.93 4.72 -56.45
CA LYS F 70 30.59 4.59 -56.98
C LYS F 70 30.56 3.59 -58.13
N HIS F 71 31.59 3.64 -58.99
CA HIS F 71 31.68 2.71 -60.12
C HIS F 71 31.89 1.28 -59.64
N ILE F 72 32.81 1.08 -58.69
CA ILE F 72 33.06 -0.25 -58.15
C ILE F 72 31.76 -0.84 -57.60
N PHE F 73 31.04 -0.05 -56.78
CA PHE F 73 29.81 -0.54 -56.18
C PHE F 73 28.75 -0.79 -57.24
N ILE F 74 28.51 0.19 -58.12
CA ILE F 74 27.41 0.08 -59.07
C ILE F 74 27.68 -0.97 -60.15
N SER F 75 28.95 -1.28 -60.45
CA SER F 75 29.23 -2.33 -61.41
C SER F 75 28.94 -3.70 -60.82
N ASN F 76 29.32 -3.89 -59.56
CA ASN F 76 29.03 -5.15 -58.87
C ASN F 76 27.53 -5.35 -58.69
N LEU F 77 26.76 -4.26 -58.67
CA LEU F 77 25.32 -4.35 -58.54
C LEU F 77 24.67 -4.70 -59.87
N LYS F 78 25.17 -4.12 -60.98
CA LYS F 78 24.66 -4.48 -62.30
C LYS F 78 24.94 -5.94 -62.59
N TYR F 79 26.15 -6.40 -62.26
CA TYR F 79 26.50 -7.80 -62.48
C TYR F 79 25.66 -8.72 -61.62
N GLN F 80 25.44 -8.35 -60.35
CA GLN F 80 24.58 -9.14 -59.48
C GLN F 80 23.17 -9.26 -60.04
N THR F 81 22.61 -8.12 -60.49
CA THR F 81 21.27 -8.14 -61.06
C THR F 81 21.18 -9.08 -62.25
N LEU F 82 22.21 -9.10 -63.09
CA LEU F 82 22.20 -9.95 -64.26
C LEU F 82 22.24 -11.43 -63.89
N LEU F 83 23.15 -11.82 -62.99
CA LEU F 83 23.29 -13.22 -62.64
C LEU F 83 22.01 -13.76 -62.03
N ASP F 84 21.46 -13.05 -61.04
CA ASP F 84 20.23 -13.51 -60.42
C ASP F 84 19.01 -13.27 -61.30
N SER F 85 19.13 -12.47 -62.37
CA SER F 85 18.06 -12.44 -63.37
C SER F 85 18.00 -13.76 -64.13
N ILE F 86 19.17 -14.23 -64.59
CA ILE F 86 19.26 -15.54 -65.22
C ILE F 86 18.82 -16.62 -64.24
N GLN F 87 19.31 -16.56 -63.00
CA GLN F 87 18.98 -17.58 -62.01
C GLN F 87 17.51 -17.56 -61.59
N GLY F 88 16.79 -16.48 -61.87
CA GLY F 88 15.38 -16.45 -61.52
C GLY F 88 14.56 -17.43 -62.34
N ARG F 89 14.79 -17.45 -63.66
CA ARG F 89 14.00 -18.25 -64.59
C ARG F 89 14.67 -19.57 -64.96
N SER F 90 16.00 -19.63 -64.98
CA SER F 90 16.67 -20.73 -65.66
C SER F 90 16.47 -22.07 -64.96
N PRO F 91 16.68 -22.21 -63.64
CA PRO F 91 16.46 -23.54 -63.03
C PRO F 91 15.07 -24.10 -63.26
N ASN F 92 14.06 -23.23 -63.35
CA ASN F 92 12.71 -23.72 -63.65
C ASN F 92 12.61 -24.18 -65.09
N VAL F 93 13.14 -23.40 -66.03
CA VAL F 93 13.00 -23.71 -67.44
C VAL F 93 13.88 -24.88 -67.83
N ALA F 94 15.10 -24.94 -67.27
CA ALA F 94 16.08 -25.92 -67.70
C ALA F 94 15.97 -27.26 -67.00
N LEU F 95 15.46 -27.29 -65.77
CA LEU F 95 15.50 -28.51 -64.97
C LEU F 95 14.14 -29.16 -64.75
N LEU F 96 13.07 -28.40 -64.63
CA LEU F 96 11.77 -29.00 -64.33
C LEU F 96 11.34 -30.07 -65.33
N PRO F 97 11.52 -29.91 -66.65
CA PRO F 97 11.10 -30.99 -67.56
C PRO F 97 11.93 -32.25 -67.44
N LEU F 98 13.11 -32.19 -66.82
CA LEU F 98 13.99 -33.36 -66.71
C LEU F 98 13.86 -34.08 -65.38
N ILE F 99 13.36 -33.41 -64.34
CA ILE F 99 13.36 -33.99 -63.00
C ILE F 99 12.32 -35.10 -62.92
N SER F 100 12.67 -36.17 -62.18
CA SER F 100 11.81 -37.34 -62.07
C SER F 100 11.55 -37.78 -60.64
N ILE F 101 11.98 -37.02 -59.64
CA ILE F 101 11.64 -37.29 -58.24
C ILE F 101 11.03 -36.02 -57.64
N PRO F 102 10.04 -36.15 -56.75
CA PRO F 102 9.30 -34.95 -56.33
C PRO F 102 10.12 -33.99 -55.48
N GLU F 103 11.01 -34.50 -54.62
CA GLU F 103 11.74 -33.60 -53.74
C GLU F 103 12.68 -32.70 -54.53
N LEU F 104 13.30 -33.22 -55.59
CA LEU F 104 14.18 -32.39 -56.41
C LEU F 104 13.39 -31.44 -57.28
N GLU F 105 12.20 -31.85 -57.72
CA GLU F 105 11.35 -30.93 -58.48
C GLU F 105 10.96 -29.73 -57.63
N THR F 106 10.44 -29.98 -56.42
CA THR F 106 9.99 -28.88 -55.57
C THR F 106 11.15 -28.01 -55.12
N TRP F 107 12.33 -28.61 -54.90
CA TRP F 107 13.48 -27.79 -54.52
C TRP F 107 13.85 -26.82 -55.64
N VAL F 108 13.86 -27.29 -56.88
CA VAL F 108 14.22 -26.42 -58.00
C VAL F 108 13.25 -25.26 -58.12
N GLU F 109 11.97 -25.51 -57.85
CA GLU F 109 10.97 -24.44 -57.88
C GLU F 109 11.15 -23.48 -56.71
N THR F 110 11.49 -24.01 -55.52
CA THR F 110 11.79 -23.14 -54.38
C THR F 110 13.08 -22.38 -54.61
N TRP F 111 14.11 -23.07 -55.10
CA TRP F 111 15.37 -22.44 -55.49
C TRP F 111 15.13 -21.26 -56.44
N ALA F 112 14.34 -21.51 -57.50
CA ALA F 112 14.09 -20.45 -58.48
C ALA F 112 13.33 -19.29 -57.85
N PHE F 113 12.30 -19.59 -57.05
CA PHE F 113 11.51 -18.55 -56.42
C PHE F 113 12.38 -17.66 -55.53
N SER F 114 13.21 -18.28 -54.70
CA SER F 114 14.09 -17.51 -53.82
C SER F 114 15.02 -16.61 -54.61
N GLU F 115 15.32 -16.98 -55.86
CA GLU F 115 16.14 -16.11 -56.69
C GLU F 115 15.37 -14.87 -57.15
N THR F 116 14.05 -15.01 -57.35
CA THR F 116 13.26 -13.85 -57.74
C THR F 116 13.21 -12.82 -56.61
N ILE F 117 13.26 -13.28 -55.35
CA ILE F 117 13.37 -12.37 -54.22
C ILE F 117 14.67 -11.60 -54.29
N HIS F 118 15.75 -12.25 -54.72
CA HIS F 118 17.01 -11.54 -54.92
C HIS F 118 16.87 -10.47 -56.00
N SER F 119 16.26 -10.84 -57.13
CA SER F 119 16.07 -9.87 -58.20
C SER F 119 15.23 -8.69 -57.73
N ARG F 120 14.22 -8.96 -56.90
CA ARG F 120 13.39 -7.88 -56.37
C ARG F 120 14.17 -7.01 -55.40
N SER F 121 15.10 -7.60 -54.65
CA SER F 121 15.89 -6.81 -53.71
C SER F 121 16.91 -5.93 -54.42
N TYR F 122 17.41 -6.37 -55.58
CA TYR F 122 18.31 -5.51 -56.34
C TYR F 122 17.57 -4.28 -56.84
N THR F 123 16.32 -4.45 -57.26
CA THR F 123 15.49 -3.29 -57.58
C THR F 123 15.28 -2.42 -56.36
N HIS F 124 15.18 -3.04 -55.18
CA HIS F 124 15.03 -2.28 -53.94
C HIS F 124 16.27 -1.45 -53.65
N ILE F 125 17.46 -2.08 -53.71
CA ILE F 125 18.70 -1.38 -53.44
C ILE F 125 18.91 -0.25 -54.45
N ILE F 126 18.74 -0.56 -55.73
CA ILE F 126 18.96 0.43 -56.79
C ILE F 126 18.04 1.62 -56.59
N ARG F 127 16.76 1.36 -56.30
CA ARG F 127 15.79 2.42 -56.14
C ARG F 127 16.11 3.33 -54.95
N ASN F 128 17.05 2.95 -54.08
CA ASN F 128 17.34 3.70 -52.86
C ASN F 128 18.76 4.24 -52.79
N ILE F 129 19.56 4.14 -53.85
CA ILE F 129 20.92 4.67 -53.82
C ILE F 129 21.16 5.56 -55.02
N VAL F 130 20.49 5.29 -56.14
CA VAL F 130 20.63 6.12 -57.33
C VAL F 130 19.34 6.91 -57.52
N ASN F 131 19.44 7.95 -58.35
CA ASN F 131 18.31 8.85 -58.55
C ASN F 131 17.39 8.36 -59.67
N ASP F 132 17.95 7.80 -60.74
CA ASP F 132 17.19 7.22 -61.83
C ASP F 132 17.59 5.76 -61.96
N PRO F 133 16.76 4.82 -61.48
CA PRO F 133 17.11 3.40 -61.60
C PRO F 133 17.28 2.95 -63.04
N SER F 134 16.63 3.64 -63.98
CA SER F 134 16.73 3.29 -65.39
C SER F 134 18.17 3.35 -65.88
N VAL F 135 18.97 4.25 -65.32
CA VAL F 135 20.37 4.36 -65.73
C VAL F 135 21.11 3.06 -65.44
N VAL F 136 20.83 2.44 -64.29
CA VAL F 136 21.52 1.21 -63.92
C VAL F 136 21.00 0.04 -64.75
N PHE F 137 19.68 -0.08 -64.87
CA PHE F 137 19.08 -1.24 -65.53
C PHE F 137 19.39 -1.28 -67.02
N ASP F 138 19.27 -0.14 -67.70
CA ASP F 138 19.46 -0.12 -69.16
C ASP F 138 20.90 -0.48 -69.54
N ASP F 139 21.86 -0.23 -68.65
CA ASP F 139 23.25 -0.57 -68.91
C ASP F 139 23.54 -2.06 -68.75
N ILE F 140 22.67 -2.82 -68.08
CA ILE F 140 22.99 -4.22 -67.78
C ILE F 140 23.09 -5.05 -69.04
N VAL F 141 22.22 -4.81 -70.02
CA VAL F 141 22.16 -5.70 -71.18
C VAL F 141 23.27 -5.39 -72.20
N THR F 142 23.67 -4.12 -72.31
CA THR F 142 24.65 -3.68 -73.28
C THR F 142 26.07 -3.69 -72.75
N ASN F 143 26.24 -3.75 -71.43
CA ASN F 143 27.56 -3.63 -70.82
C ASN F 143 28.52 -4.68 -71.37
N GLU F 144 29.68 -4.22 -71.85
CA GLU F 144 30.64 -5.10 -72.50
C GLU F 144 31.26 -6.09 -71.51
N GLN F 145 31.72 -5.59 -70.36
CA GLN F 145 32.36 -6.47 -69.37
C GLN F 145 31.39 -7.47 -68.77
N ILE F 146 30.08 -7.24 -68.89
CA ILE F 146 29.08 -8.16 -68.38
C ILE F 146 28.59 -9.11 -69.47
N GLN F 147 28.15 -8.56 -70.61
CA GLN F 147 27.51 -9.36 -71.65
C GLN F 147 28.42 -10.47 -72.18
N LYS F 148 29.74 -10.36 -72.01
CA LYS F 148 30.61 -11.47 -72.37
C LYS F 148 30.29 -12.69 -71.52
N ARG F 149 30.34 -12.55 -70.20
CA ARG F 149 30.00 -13.65 -69.31
C ARG F 149 28.51 -13.93 -69.28
N ALA F 150 27.68 -12.94 -69.62
CA ALA F 150 26.24 -13.18 -69.61
C ALA F 150 25.85 -14.20 -70.68
N GLU F 151 26.35 -14.00 -71.91
CA GLU F 151 26.00 -14.93 -72.99
C GLU F 151 26.70 -16.28 -72.80
N GLY F 152 27.88 -16.29 -72.16
CA GLY F 152 28.52 -17.55 -71.86
C GLY F 152 27.77 -18.38 -70.85
N ILE F 153 27.25 -17.74 -69.80
CA ILE F 153 26.52 -18.45 -68.75
C ILE F 153 25.20 -18.97 -69.30
N SER F 154 24.45 -18.10 -69.98
CA SER F 154 23.15 -18.49 -70.51
C SER F 154 23.24 -19.58 -71.57
N SER F 155 24.40 -19.72 -72.23
CA SER F 155 24.55 -20.72 -73.28
C SER F 155 24.37 -22.13 -72.74
N TYR F 156 25.01 -22.45 -71.61
CA TYR F 156 24.86 -23.79 -71.04
C TYR F 156 23.40 -24.08 -70.74
N TYR F 157 22.67 -23.07 -70.25
CA TYR F 157 21.24 -23.24 -70.03
C TYR F 157 20.49 -23.38 -71.35
N ASP F 158 20.75 -22.47 -72.30
CA ASP F 158 20.04 -22.48 -73.58
C ASP F 158 20.24 -23.81 -74.30
N GLU F 159 21.48 -24.31 -74.33
CA GLU F 159 21.75 -25.57 -75.03
C GLU F 159 21.04 -26.74 -74.37
N LEU F 160 20.99 -26.76 -73.05
CA LEU F 160 20.30 -27.85 -72.37
C LEU F 160 18.80 -27.80 -72.64
N ILE F 161 18.22 -26.59 -72.69
CA ILE F 161 16.81 -26.45 -72.97
C ILE F 161 16.48 -26.94 -74.37
N GLU F 162 17.36 -26.64 -75.33
CA GLU F 162 17.11 -27.00 -76.72
C GLU F 162 17.14 -28.51 -76.90
N MET F 163 18.23 -29.16 -76.47
CA MET F 163 18.32 -30.62 -76.55
C MET F 163 17.17 -31.29 -75.82
N THR F 164 16.70 -30.69 -74.72
CA THR F 164 15.57 -31.27 -74.01
C THR F 164 14.32 -31.25 -74.87
N SER F 165 14.10 -30.16 -75.62
CA SER F 165 12.93 -30.08 -76.49
C SER F 165 12.97 -31.14 -77.59
N TYR F 166 14.14 -31.31 -78.23
CA TYR F 166 14.27 -32.36 -79.23
C TYR F 166 14.03 -33.73 -78.61
N TRP F 167 14.57 -33.97 -77.42
CA TRP F 167 14.41 -35.27 -76.77
C TRP F 167 12.96 -35.53 -76.42
N HIS F 168 12.19 -34.48 -76.12
CA HIS F 168 10.77 -34.65 -75.82
C HIS F 168 9.95 -34.73 -77.10
N LEU F 169 10.29 -33.92 -78.11
CA LEU F 169 9.50 -33.93 -79.33
C LEU F 169 9.78 -35.14 -80.20
N LEU F 170 11.04 -35.56 -80.32
CA LEU F 170 11.41 -36.62 -81.23
C LEU F 170 11.78 -37.92 -80.56
N GLY F 171 12.25 -37.89 -79.32
CA GLY F 171 12.77 -39.08 -78.70
C GLY F 171 14.17 -39.37 -79.20
N GLU F 172 14.77 -40.41 -78.64
CA GLU F 172 16.12 -40.78 -79.00
C GLU F 172 16.16 -41.48 -80.34
N GLY F 173 17.19 -41.17 -81.12
CA GLY F 173 17.38 -41.75 -82.44
C GLY F 173 17.93 -40.75 -83.44
N THR F 174 18.16 -41.18 -84.67
CA THR F 174 18.62 -40.31 -85.74
C THR F 174 17.40 -39.83 -86.52
N HIS F 175 17.22 -38.51 -86.59
CA HIS F 175 16.04 -37.93 -87.20
C HIS F 175 16.44 -37.00 -88.33
N THR F 176 15.45 -36.68 -89.15
CA THR F 176 15.62 -35.73 -90.25
C THR F 176 14.58 -34.62 -90.08
N VAL F 177 15.07 -33.39 -90.01
CA VAL F 177 14.22 -32.22 -89.79
C VAL F 177 14.49 -31.26 -90.93
N ASN F 178 13.54 -31.19 -91.87
CA ASN F 178 13.64 -30.34 -93.06
C ASN F 178 14.94 -30.62 -93.81
N GLY F 179 15.15 -31.89 -94.15
CA GLY F 179 16.35 -32.26 -94.90
C GLY F 179 17.58 -32.51 -94.05
N LYS F 180 17.93 -31.56 -93.19
CA LYS F 180 19.10 -31.70 -92.34
C LYS F 180 18.90 -32.81 -91.32
N THR F 181 19.93 -33.62 -91.12
CA THR F 181 19.87 -34.73 -90.18
C THR F 181 20.14 -34.26 -88.77
N VAL F 182 19.34 -34.74 -87.82
CA VAL F 182 19.42 -34.34 -86.42
C VAL F 182 19.49 -35.60 -85.57
N THR F 183 20.56 -35.76 -84.80
CA THR F 183 20.75 -36.91 -83.95
C THR F 183 20.39 -36.53 -82.51
N VAL F 184 19.48 -37.28 -81.90
CA VAL F 184 19.07 -37.04 -80.53
C VAL F 184 19.63 -38.18 -79.67
N SER F 185 20.67 -37.89 -78.89
CA SER F 185 21.30 -38.85 -78.01
C SER F 185 20.97 -38.50 -76.56
N LEU F 186 20.38 -39.46 -75.84
CA LEU F 186 20.15 -39.26 -74.42
C LEU F 186 21.46 -39.10 -73.67
N ARG F 187 22.50 -39.83 -74.10
CA ARG F 187 23.81 -39.70 -73.50
C ARG F 187 24.38 -38.30 -73.71
N GLU F 188 24.07 -37.67 -74.85
CA GLU F 188 24.51 -36.29 -75.08
C GLU F 188 23.67 -35.30 -74.29
N LEU F 189 22.42 -35.66 -73.98
CA LEU F 189 21.59 -34.81 -73.12
C LEU F 189 22.08 -34.89 -71.68
N LYS F 190 22.38 -36.10 -71.19
CA LYS F 190 22.95 -36.26 -69.86
C LYS F 190 24.27 -35.53 -69.73
N LYS F 191 24.99 -35.36 -70.84
CA LYS F 191 26.25 -34.64 -70.82
C LYS F 191 26.04 -33.13 -70.78
N LYS F 192 25.00 -32.62 -71.44
CA LYS F 192 24.72 -31.19 -71.40
C LYS F 192 24.12 -30.77 -70.07
N LEU F 193 23.40 -31.67 -69.40
CA LEU F 193 22.92 -31.39 -68.05
C LEU F 193 24.07 -31.28 -67.07
N TYR F 194 24.98 -32.26 -67.08
CA TYR F 194 26.10 -32.25 -66.16
C TYR F 194 26.97 -31.02 -66.35
N LEU F 195 27.22 -30.64 -67.60
CA LEU F 195 28.00 -29.44 -67.88
C LEU F 195 27.27 -28.20 -67.40
N CYS F 196 25.95 -28.15 -67.57
CA CYS F 196 25.20 -27.00 -67.12
C CYS F 196 25.27 -26.86 -65.61
N LEU F 197 25.01 -27.95 -64.88
CA LEU F 197 25.08 -27.91 -63.43
C LEU F 197 26.46 -27.50 -62.96
N MET F 198 27.51 -27.93 -63.66
CA MET F 198 28.86 -27.48 -63.34
C MET F 198 28.99 -25.98 -63.54
N SER F 199 28.43 -25.47 -64.65
CA SER F 199 28.49 -24.03 -64.89
C SER F 199 27.68 -23.27 -63.85
N VAL F 200 26.53 -23.81 -63.46
CA VAL F 200 25.71 -23.17 -62.43
C VAL F 200 26.43 -23.20 -61.08
N ASN F 201 27.11 -24.31 -60.78
CA ASN F 201 27.86 -24.40 -59.53
C ASN F 201 28.97 -23.36 -59.48
N ALA F 202 29.70 -23.19 -60.59
CA ALA F 202 30.70 -22.13 -60.63
C ALA F 202 30.04 -20.75 -60.58
N LEU F 203 28.85 -20.61 -61.18
CA LEU F 203 28.14 -19.34 -61.17
C LEU F 203 27.76 -18.93 -59.75
N GLU F 204 27.18 -19.85 -58.99
CA GLU F 204 26.69 -19.54 -57.66
C GLU F 204 27.72 -19.69 -56.55
N ALA F 205 28.78 -20.48 -56.76
CA ALA F 205 29.74 -20.70 -55.70
C ALA F 205 31.05 -19.94 -55.89
N ILE F 206 31.31 -19.38 -57.07
CA ILE F 206 32.53 -18.60 -57.29
C ILE F 206 32.18 -17.19 -57.73
N ARG F 207 31.38 -17.08 -58.81
CA ARG F 207 31.09 -15.77 -59.38
C ARG F 207 30.41 -14.85 -58.36
N PHE F 208 29.38 -15.36 -57.67
CA PHE F 208 28.67 -14.53 -56.70
C PHE F 208 29.52 -14.22 -55.48
N TYR F 209 30.34 -15.17 -55.04
CA TYR F 209 31.12 -14.95 -53.83
C TYR F 209 32.25 -13.95 -54.07
N VAL F 210 32.72 -13.83 -55.31
CA VAL F 210 33.59 -12.72 -55.63
C VAL F 210 32.81 -11.41 -55.51
N SER F 211 31.53 -11.44 -55.89
CA SER F 211 30.70 -10.25 -55.75
C SER F 211 30.41 -9.99 -54.27
N PHE F 212 30.25 -11.04 -53.48
CA PHE F 212 30.02 -10.86 -52.05
C PHE F 212 31.18 -10.10 -51.41
N ALA F 213 32.41 -10.38 -51.84
CA ALA F 213 33.57 -9.68 -51.31
C ALA F 213 33.44 -8.17 -51.50
N CYS F 214 32.95 -7.75 -52.68
CA CYS F 214 32.83 -6.32 -52.95
C CYS F 214 31.76 -5.68 -52.07
N SER F 215 30.58 -6.31 -51.99
CA SER F 215 29.49 -5.74 -51.20
C SER F 215 29.86 -5.63 -49.73
N PHE F 216 30.50 -6.67 -49.18
CA PHE F 216 30.84 -6.71 -47.76
C PHE F 216 32.10 -5.93 -47.43
N ALA F 217 32.96 -5.66 -48.41
CA ALA F 217 34.12 -4.81 -48.14
C ALA F 217 33.67 -3.38 -47.82
N PHE F 218 32.60 -2.92 -48.48
CA PHE F 218 32.03 -1.63 -48.11
C PHE F 218 31.40 -1.68 -46.73
N ALA F 219 30.87 -2.84 -46.33
CA ALA F 219 30.19 -2.93 -45.05
C ALA F 219 31.19 -2.91 -43.89
N GLU F 220 32.39 -3.46 -44.11
CA GLU F 220 33.41 -3.38 -43.08
C GLU F 220 33.83 -1.96 -42.81
N ARG F 221 33.58 -1.05 -43.75
CA ARG F 221 33.79 0.37 -43.53
C ARG F 221 32.52 1.06 -43.06
N GLU F 222 31.52 0.29 -42.66
CA GLU F 222 30.24 0.83 -42.16
C GLU F 222 29.59 1.73 -43.21
N LEU F 223 29.69 1.32 -44.46
CA LEU F 223 29.09 2.00 -45.60
C LEU F 223 28.18 1.04 -46.33
N MET F 224 27.10 1.58 -46.90
CA MET F 224 26.13 0.79 -47.64
C MET F 224 25.58 -0.34 -46.78
N GLU F 225 25.28 -0.05 -45.52
CA GLU F 225 24.92 -1.12 -44.59
C GLU F 225 23.54 -1.68 -44.82
N GLY F 226 22.63 -0.92 -45.42
CA GLY F 226 21.35 -1.49 -45.81
C GLY F 226 21.52 -2.49 -46.93
N ASN F 227 22.38 -2.19 -47.90
CA ASN F 227 22.75 -3.16 -48.91
C ASN F 227 23.35 -4.40 -48.28
N ALA F 228 24.27 -4.22 -47.34
CA ALA F 228 24.96 -5.36 -46.73
C ALA F 228 23.99 -6.32 -46.04
N LYS F 229 22.93 -5.80 -45.42
CA LYS F 229 21.96 -6.69 -44.79
C LYS F 229 21.25 -7.55 -45.82
N ILE F 230 20.94 -6.98 -46.99
CA ILE F 230 20.27 -7.74 -48.04
C ILE F 230 21.23 -8.73 -48.68
N ILE F 231 22.46 -8.29 -48.98
CA ILE F 231 23.46 -9.18 -49.55
C ILE F 231 23.77 -10.31 -48.57
N ARG F 232 23.73 -10.02 -47.27
CA ARG F 232 23.94 -11.06 -46.27
C ARG F 232 22.81 -12.08 -46.31
N LEU F 233 21.58 -11.61 -46.47
CA LEU F 233 20.45 -12.52 -46.63
C LEU F 233 20.59 -13.33 -47.92
N ILE F 234 21.03 -12.67 -48.99
CA ILE F 234 21.25 -13.35 -50.26
C ILE F 234 22.34 -14.41 -50.11
N ALA F 235 23.43 -14.05 -49.42
CA ALA F 235 24.53 -15.00 -49.23
C ALA F 235 24.08 -16.23 -48.46
N ARG F 236 23.13 -16.07 -47.54
CA ARG F 236 22.63 -17.22 -46.81
C ARG F 236 21.86 -18.17 -47.72
N ASP F 237 21.05 -17.62 -48.63
CA ASP F 237 20.41 -18.46 -49.62
C ASP F 237 21.43 -19.07 -50.58
N GLU F 238 22.41 -18.26 -51.00
CA GLU F 238 23.39 -18.73 -51.98
C GLU F 238 24.17 -19.92 -51.46
N ALA F 239 24.32 -20.04 -50.14
CA ALA F 239 24.96 -21.22 -49.58
C ALA F 239 24.08 -22.46 -49.76
N LEU F 240 22.77 -22.28 -49.63
CA LEU F 240 21.86 -23.40 -49.89
C LEU F 240 21.86 -23.78 -51.36
N HIS F 241 21.91 -22.78 -52.25
CA HIS F 241 21.85 -23.05 -53.68
C HIS F 241 23.02 -23.91 -54.14
N LEU F 242 24.25 -23.48 -53.83
CA LEU F 242 25.42 -24.23 -54.29
C LEU F 242 25.51 -25.60 -53.63
N THR F 243 24.99 -25.74 -52.42
CA THR F 243 24.91 -27.06 -51.81
C THR F 243 24.01 -27.99 -52.61
N GLY F 244 22.89 -27.46 -53.12
CA GLY F 244 22.02 -28.27 -53.95
C GLY F 244 22.72 -28.76 -55.19
N THR F 245 23.40 -27.85 -55.90
CA THR F 245 24.11 -28.24 -57.12
C THR F 245 25.27 -29.15 -56.82
N GLN F 246 25.91 -29.00 -55.65
CA GLN F 246 27.00 -29.90 -55.27
C GLN F 246 26.49 -31.33 -55.10
N HIS F 247 25.39 -31.50 -54.37
CA HIS F 247 24.82 -32.84 -54.17
C HIS F 247 24.34 -33.45 -55.48
N MET F 248 23.72 -32.64 -56.35
CA MET F 248 23.34 -33.13 -57.67
C MET F 248 24.56 -33.62 -58.44
N LEU F 249 25.59 -32.79 -58.52
CA LEU F 249 26.78 -33.16 -59.27
C LEU F 249 27.45 -34.40 -58.70
N ASN F 250 27.55 -34.49 -57.37
CA ASN F 250 28.23 -35.63 -56.77
C ASN F 250 27.42 -36.91 -56.90
N LEU F 251 26.09 -36.80 -56.82
CA LEU F 251 25.24 -37.98 -57.04
C LEU F 251 25.32 -38.45 -58.48
N LEU F 252 25.44 -37.53 -59.43
CA LEU F 252 25.61 -37.91 -60.82
C LEU F 252 27.00 -38.50 -61.06
N ARG F 253 28.03 -37.87 -60.48
CA ARG F 253 29.41 -38.30 -60.69
C ARG F 253 29.67 -39.66 -60.07
N SER F 254 29.14 -39.89 -58.87
CA SER F 254 29.34 -41.16 -58.16
C SER F 254 28.51 -42.30 -58.75
N GLY F 255 27.61 -42.00 -59.69
CA GLY F 255 26.81 -43.04 -60.31
C GLY F 255 25.75 -43.66 -59.43
N ALA F 256 25.49 -43.09 -58.25
CA ALA F 256 24.45 -43.63 -57.37
C ALA F 256 23.10 -43.61 -58.06
N ASP F 257 22.85 -42.56 -58.84
CA ASP F 257 21.56 -42.35 -59.47
C ASP F 257 21.45 -43.04 -60.82
N ASP F 258 22.51 -43.01 -61.61
CA ASP F 258 22.52 -43.56 -62.97
C ASP F 258 23.89 -44.16 -63.28
N PRO F 259 23.98 -45.48 -63.45
CA PRO F 259 25.29 -46.10 -63.72
C PRO F 259 25.96 -45.51 -64.96
N GLU F 260 25.16 -45.23 -65.99
CA GLU F 260 25.69 -44.60 -67.20
C GLU F 260 26.33 -43.25 -66.87
N MET F 261 25.74 -42.52 -65.92
CA MET F 261 26.17 -41.15 -65.65
C MET F 261 27.58 -41.09 -65.05
N ALA F 262 27.95 -42.07 -64.24
CA ALA F 262 29.29 -42.08 -63.67
C ALA F 262 30.35 -42.08 -64.75
N GLU F 263 30.12 -42.84 -65.82
CA GLU F 263 31.05 -42.85 -66.95
C GLU F 263 31.03 -41.52 -67.69
N ILE F 264 29.84 -40.95 -67.91
CA ILE F 264 29.72 -39.67 -68.60
C ILE F 264 30.40 -38.56 -67.81
N ALA F 265 30.28 -38.59 -66.49
CA ALA F 265 30.94 -37.57 -65.68
C ALA F 265 32.44 -37.57 -65.87
N GLU F 266 33.04 -38.74 -66.12
CA GLU F 266 34.48 -38.80 -66.35
C GLU F 266 34.87 -38.22 -67.70
N GLU F 267 34.03 -38.43 -68.71
CA GLU F 267 34.31 -37.88 -70.03
C GLU F 267 34.30 -36.36 -70.03
N CYS F 268 33.65 -35.74 -69.05
CA CYS F 268 33.55 -34.29 -68.97
C CYS F 268 34.56 -33.66 -68.02
N LYS F 269 35.29 -34.46 -67.24
CA LYS F 269 36.15 -33.91 -66.21
C LYS F 269 37.08 -32.82 -66.74
N GLN F 270 37.61 -33.00 -67.95
CA GLN F 270 38.49 -31.98 -68.51
C GLN F 270 37.72 -30.75 -68.95
N GLU F 271 36.56 -30.95 -69.58
CA GLU F 271 35.73 -29.82 -69.98
C GLU F 271 35.25 -29.04 -68.75
N CYS F 272 34.89 -29.74 -67.67
CA CYS F 272 34.44 -29.08 -66.46
C CYS F 272 35.57 -28.31 -65.80
N TYR F 273 36.77 -28.89 -65.77
CA TYR F 273 37.93 -28.18 -65.24
C TYR F 273 38.15 -26.87 -65.99
N ASP F 274 38.17 -26.93 -67.32
CA ASP F 274 38.32 -25.72 -68.12
C ASP F 274 37.17 -24.76 -67.89
N LEU F 275 35.97 -25.29 -67.61
CA LEU F 275 34.82 -24.46 -67.33
C LEU F 275 35.05 -23.61 -66.09
N PHE F 276 35.53 -24.24 -65.00
CA PHE F 276 35.79 -23.51 -63.77
C PHE F 276 36.96 -22.55 -63.93
N VAL F 277 38.04 -23.02 -64.57
CA VAL F 277 39.21 -22.17 -64.76
C VAL F 277 38.85 -20.92 -65.55
N GLN F 278 38.05 -21.08 -66.60
CA GLN F 278 37.62 -19.94 -67.38
C GLN F 278 36.80 -18.97 -66.53
N ALA F 279 35.88 -19.50 -65.71
CA ALA F 279 35.08 -18.66 -64.82
C ALA F 279 35.98 -17.87 -63.87
N ALA F 280 36.96 -18.55 -63.26
CA ALA F 280 37.88 -17.86 -62.36
C ALA F 280 38.69 -16.79 -63.09
N GLN F 281 39.14 -17.09 -64.31
CA GLN F 281 39.86 -16.09 -65.09
C GLN F 281 38.95 -14.93 -65.46
N GLN F 282 37.70 -15.23 -65.83
CA GLN F 282 36.76 -14.17 -66.18
C GLN F 282 36.52 -13.23 -65.01
N GLU F 283 36.46 -13.75 -63.78
CA GLU F 283 36.24 -12.90 -62.62
C GLU F 283 37.48 -12.09 -62.27
N LYS F 284 38.67 -12.67 -62.42
CA LYS F 284 39.89 -11.90 -62.21
C LYS F 284 40.00 -10.76 -63.21
N ASP F 285 39.62 -10.99 -64.48
CA ASP F 285 39.55 -9.90 -65.43
C ASP F 285 38.49 -8.89 -65.01
N TRP F 286 37.34 -9.38 -64.54
CA TRP F 286 36.32 -8.48 -64.01
C TRP F 286 36.85 -7.66 -62.85
N ALA F 287 37.68 -8.26 -62.00
CA ALA F 287 38.30 -7.52 -60.92
C ALA F 287 39.23 -6.46 -61.47
N ASP F 288 39.97 -6.78 -62.53
CA ASP F 288 40.88 -5.82 -63.14
C ASP F 288 40.13 -4.60 -63.66
N TYR F 289 38.88 -4.79 -64.09
CA TYR F 289 38.05 -3.68 -64.55
C TYR F 289 37.51 -2.84 -63.41
N LEU F 290 37.21 -3.47 -62.27
CA LEU F 290 36.63 -2.73 -61.15
C LEU F 290 37.60 -1.70 -60.60
N PHE F 291 38.88 -2.04 -60.50
CA PHE F 291 39.87 -1.18 -59.87
C PHE F 291 40.72 -0.42 -60.86
N ARG F 292 40.25 -0.26 -62.10
CA ARG F 292 41.03 0.43 -63.13
C ARG F 292 41.27 1.89 -62.76
N ASP F 293 40.36 2.50 -62.00
CA ASP F 293 40.44 3.91 -61.66
C ASP F 293 40.79 4.13 -60.19
N GLY F 294 41.22 3.08 -59.49
CA GLY F 294 41.59 3.16 -58.10
C GLY F 294 40.98 2.04 -57.29
N SER F 295 41.51 1.89 -56.08
CA SER F 295 41.10 0.85 -55.16
C SER F 295 40.46 1.49 -53.93
N MET F 296 40.23 0.68 -52.91
CA MET F 296 39.62 1.16 -51.67
C MET F 296 40.25 0.42 -50.50
N ILE F 297 39.96 0.92 -49.29
CA ILE F 297 40.49 0.32 -48.08
C ILE F 297 40.01 -1.11 -47.96
N GLY F 298 40.93 -2.06 -48.08
CA GLY F 298 40.61 -3.45 -47.89
C GLY F 298 40.36 -4.23 -49.17
N LEU F 299 40.44 -3.59 -50.33
CA LEU F 299 40.15 -4.32 -51.57
C LEU F 299 40.83 -3.67 -52.75
N ASN F 300 41.60 -4.46 -53.49
CA ASN F 300 42.22 -4.03 -54.74
C ASN F 300 42.26 -5.22 -55.68
N LYS F 301 42.93 -5.07 -56.82
CA LYS F 301 43.00 -6.18 -57.78
C LYS F 301 43.66 -7.40 -57.17
N ASP F 302 44.77 -7.20 -56.45
CA ASP F 302 45.48 -8.34 -55.85
C ASP F 302 44.58 -9.08 -54.87
N ILE F 303 43.99 -8.34 -53.93
CA ILE F 303 43.20 -8.96 -52.87
C ILE F 303 42.05 -9.76 -53.46
N LEU F 304 41.30 -9.15 -54.38
CA LEU F 304 40.14 -9.83 -54.95
C LEU F 304 40.57 -11.02 -55.81
N CYS F 305 41.65 -10.87 -56.58
CA CYS F 305 42.12 -11.99 -57.39
C CYS F 305 42.62 -13.14 -56.52
N GLN F 306 43.19 -12.82 -55.36
CA GLN F 306 43.58 -13.88 -54.43
C GLN F 306 42.37 -14.61 -53.89
N TYR F 307 41.28 -13.89 -53.62
CA TYR F 307 40.06 -14.55 -53.18
C TYR F 307 39.45 -15.39 -54.30
N VAL F 308 39.61 -14.96 -55.55
CA VAL F 308 39.14 -15.77 -56.68
C VAL F 308 39.84 -17.12 -56.68
N GLU F 309 41.17 -17.11 -56.54
CA GLU F 309 41.90 -18.37 -56.49
C GLU F 309 41.57 -19.16 -55.23
N TYR F 310 41.39 -18.47 -54.12
CA TYR F 310 41.09 -19.14 -52.86
C TYR F 310 39.76 -19.87 -52.92
N ILE F 311 38.71 -19.17 -53.33
CA ILE F 311 37.37 -19.76 -53.31
C ILE F 311 37.21 -20.78 -54.43
N THR F 312 37.96 -20.64 -55.53
CA THR F 312 37.84 -21.57 -56.64
C THR F 312 38.35 -22.95 -56.25
N ASN F 313 39.53 -23.02 -55.62
CA ASN F 313 40.06 -24.30 -55.15
C ASN F 313 39.08 -24.99 -54.22
N ILE F 314 38.43 -24.21 -53.35
CA ILE F 314 37.47 -24.79 -52.41
C ILE F 314 36.30 -25.40 -53.15
N ARG F 315 35.73 -24.63 -54.10
CA ARG F 315 34.56 -25.11 -54.82
C ARG F 315 34.89 -26.32 -55.69
N MET F 316 36.00 -26.26 -56.43
CA MET F 316 36.34 -27.35 -57.32
C MET F 316 36.65 -28.63 -56.56
N GLN F 317 37.28 -28.49 -55.39
CA GLN F 317 37.54 -29.65 -54.54
C GLN F 317 36.24 -30.33 -54.12
N ALA F 318 35.20 -29.53 -53.86
CA ALA F 318 33.92 -30.08 -53.39
C ALA F 318 33.23 -30.95 -54.42
N VAL F 319 33.59 -30.81 -55.70
CA VAL F 319 32.96 -31.58 -56.76
C VAL F 319 33.96 -32.50 -57.47
N GLY F 320 35.12 -32.74 -56.84
CA GLY F 320 36.08 -33.69 -57.37
C GLY F 320 36.84 -33.26 -58.60
N LEU F 321 37.16 -31.97 -58.72
CA LEU F 321 37.97 -31.47 -59.81
C LEU F 321 39.35 -31.08 -59.27
N ASP F 322 40.36 -31.15 -60.15
CA ASP F 322 41.71 -30.83 -59.71
C ASP F 322 41.85 -29.34 -59.43
N LEU F 323 42.66 -29.02 -58.44
CA LEU F 323 42.83 -27.63 -58.04
C LEU F 323 43.69 -26.88 -59.05
N PRO F 324 43.20 -25.80 -59.64
CA PRO F 324 43.97 -25.11 -60.67
C PRO F 324 44.95 -24.09 -60.13
N PHE F 325 44.79 -23.69 -58.87
CA PHE F 325 45.63 -22.66 -58.28
C PHE F 325 46.43 -23.22 -57.11
N GLN F 326 47.45 -22.46 -56.73
CA GLN F 326 48.28 -22.80 -55.59
C GLN F 326 47.48 -22.73 -54.30
N THR F 327 47.91 -23.50 -53.31
CA THR F 327 47.27 -23.43 -52.00
C THR F 327 47.48 -22.04 -51.39
N ARG F 328 46.44 -21.53 -50.75
CA ARG F 328 46.48 -20.17 -50.24
C ARG F 328 45.57 -20.05 -49.04
N SER F 329 45.97 -19.25 -48.06
CA SER F 329 45.11 -18.89 -46.96
C SER F 329 44.12 -17.82 -47.39
N ASN F 330 43.00 -17.73 -46.67
CA ASN F 330 41.94 -16.79 -47.00
C ASN F 330 42.47 -15.36 -46.99
N PRO F 331 42.47 -14.68 -48.16
CA PRO F 331 42.99 -13.31 -48.19
C PRO F 331 42.06 -12.29 -47.57
N ILE F 332 40.77 -12.61 -47.42
CA ILE F 332 39.82 -11.71 -46.76
C ILE F 332 39.10 -12.46 -45.66
N PRO F 333 39.76 -12.75 -44.53
CA PRO F 333 39.12 -13.55 -43.48
C PRO F 333 37.89 -12.89 -42.88
N TRP F 334 37.75 -11.57 -43.00
CA TRP F 334 36.60 -10.87 -42.44
C TRP F 334 35.29 -11.25 -43.13
N ILE F 335 35.34 -11.85 -44.31
CA ILE F 335 34.11 -12.18 -45.04
C ILE F 335 33.34 -13.32 -44.39
N ASN F 336 33.99 -14.14 -43.56
CA ASN F 336 33.32 -15.28 -42.94
C ASN F 336 32.21 -14.84 -41.99
N THR F 337 32.36 -13.67 -41.38
CA THR F 337 31.32 -13.15 -40.51
C THR F 337 30.06 -12.81 -41.27
N TRP F 338 30.12 -12.75 -42.59
CA TRP F 338 28.96 -12.42 -43.41
C TRP F 338 28.36 -13.64 -44.11
N LEU F 339 29.12 -14.73 -44.22
CA LEU F 339 28.66 -15.89 -44.96
C LEU F 339 28.10 -17.00 -44.07
N VAL F 340 28.52 -17.05 -42.80
CA VAL F 340 27.99 -18.02 -41.86
C VAL F 340 27.44 -17.28 -40.66
N SER F 341 26.52 -17.93 -39.95
CA SER F 341 25.89 -17.31 -38.78
C SER F 341 26.87 -17.14 -37.63
N GLN F 360 36.29 -17.68 -1.52
CA GLN F 360 37.43 -17.18 -0.75
C GLN F 360 38.40 -18.31 -0.39
N ILE F 361 38.64 -18.51 0.90
CA ILE F 361 39.64 -19.46 1.38
C ILE F 361 39.01 -20.38 2.41
N ASP F 362 39.09 -21.69 2.19
CA ASP F 362 38.73 -22.68 3.19
C ASP F 362 39.78 -22.64 4.29
N SER F 363 39.49 -21.93 5.37
CA SER F 363 40.47 -21.64 6.40
C SER F 363 40.77 -22.81 7.33
N GLU F 364 40.09 -23.94 7.18
CA GLU F 364 40.30 -25.05 8.11
C GLU F 364 41.69 -25.65 7.93
N VAL F 365 42.32 -26.00 9.04
CA VAL F 365 43.68 -26.52 9.07
C VAL F 365 43.71 -27.80 9.90
N ASP F 366 44.57 -28.73 9.48
CA ASP F 366 44.77 -30.00 10.19
C ASP F 366 46.25 -30.13 10.52
N THR F 367 46.60 -29.89 11.79
CA THR F 367 48.00 -29.91 12.19
C THR F 367 48.57 -31.33 12.14
N ASP F 368 47.76 -32.33 12.47
CA ASP F 368 48.23 -33.71 12.45
C ASP F 368 48.69 -34.11 11.05
N ASP F 369 47.93 -33.73 10.02
CA ASP F 369 48.35 -34.04 8.66
C ASP F 369 49.62 -33.27 8.32
N LEU F 370 49.72 -32.01 8.76
CA LEU F 370 50.95 -31.26 8.54
C LEU F 370 52.09 -31.80 9.39
N SER F 371 51.79 -32.29 10.59
CA SER F 371 52.84 -32.87 11.43
C SER F 371 53.51 -34.06 10.76
N ASN F 372 52.80 -34.74 9.85
CA ASN F 372 53.38 -35.83 9.07
C ASN F 372 54.28 -35.25 7.97
N PHE F 373 55.38 -34.65 8.42
CA PHE F 373 56.29 -33.92 7.56
C PHE F 373 57.66 -33.92 8.21
N GLN F 374 58.69 -33.72 7.38
CA GLN F 374 60.05 -33.56 7.87
C GLN F 374 60.75 -32.52 7.00
N LEU F 375 61.07 -31.37 7.59
CA LEU F 375 61.67 -30.26 6.87
C LEU F 375 63.14 -30.52 6.55
N ALA G 1 14.24 -20.11 -81.06
CA ALA G 1 14.97 -20.76 -79.97
C ALA G 1 14.89 -19.94 -78.69
N TYR G 2 14.53 -20.60 -77.59
CA TYR G 2 14.43 -19.91 -76.31
C TYR G 2 15.81 -19.62 -75.76
N THR G 3 15.96 -18.44 -75.15
CA THR G 3 17.19 -18.05 -74.50
C THR G 3 16.91 -17.56 -73.08
N THR G 4 17.73 -17.99 -72.13
CA THR G 4 17.53 -17.57 -70.74
C THR G 4 17.92 -16.12 -70.51
N PHE G 5 18.78 -15.56 -71.35
CA PHE G 5 19.08 -14.12 -71.30
C PHE G 5 19.22 -13.59 -72.72
N SER G 6 18.12 -13.02 -73.23
CA SER G 6 18.10 -12.48 -74.58
C SER G 6 19.05 -11.31 -74.73
N GLN G 7 19.78 -11.29 -75.87
CA GLN G 7 20.83 -10.30 -76.10
C GLN G 7 20.28 -8.90 -76.38
N THR G 8 19.07 -8.80 -76.92
CA THR G 8 18.53 -7.52 -77.34
C THR G 8 18.16 -6.64 -76.16
N LYS G 9 18.55 -5.37 -76.21
CA LYS G 9 18.13 -4.36 -75.23
C LYS G 9 16.77 -3.82 -75.67
N ASN G 10 15.70 -4.37 -75.12
CA ASN G 10 14.35 -4.00 -75.53
C ASN G 10 13.62 -3.24 -74.43
N ASP G 11 12.77 -2.29 -74.84
CA ASP G 11 11.89 -1.61 -73.91
C ASP G 11 10.81 -2.58 -73.46
N GLN G 12 10.97 -3.13 -72.26
CA GLN G 12 10.06 -4.16 -71.77
C GLN G 12 8.64 -3.64 -71.62
N LEU G 13 8.46 -2.33 -71.49
CA LEU G 13 7.13 -1.78 -71.31
C LEU G 13 6.29 -1.90 -72.58
N LYS G 14 6.93 -2.06 -73.74
CA LYS G 14 6.23 -2.16 -75.01
C LYS G 14 6.05 -3.60 -75.49
N GLU G 15 6.72 -4.56 -74.86
CA GLU G 15 6.54 -5.96 -75.22
C GLU G 15 5.13 -6.44 -74.84
N PRO G 16 4.65 -7.49 -75.49
CA PRO G 16 3.39 -8.10 -75.07
C PRO G 16 3.59 -8.99 -73.86
N MET G 17 2.48 -9.50 -73.33
CA MET G 17 2.57 -10.43 -72.21
C MET G 17 3.30 -11.70 -72.61
N PHE G 18 2.93 -12.26 -73.76
CA PHE G 18 3.51 -13.51 -74.21
C PHE G 18 4.05 -13.35 -75.62
N PHE G 19 4.92 -14.29 -76.01
CA PHE G 19 5.43 -14.49 -77.36
C PHE G 19 6.33 -13.35 -77.83
N GLY G 20 6.58 -12.34 -77.00
CA GLY G 20 7.52 -11.30 -77.34
C GLY G 20 8.94 -11.79 -77.11
N GLN G 21 9.85 -10.84 -76.92
CA GLN G 21 11.24 -11.20 -76.67
C GLN G 21 11.36 -11.82 -75.27
N PRO G 22 12.03 -12.96 -75.13
CA PRO G 22 12.23 -13.55 -73.80
C PRO G 22 12.85 -12.53 -72.85
N VAL G 23 12.30 -12.46 -71.63
CA VAL G 23 12.76 -11.49 -70.65
C VAL G 23 14.26 -11.66 -70.40
N ASN G 24 14.98 -10.54 -70.39
CA ASN G 24 16.40 -10.56 -70.03
C ASN G 24 16.60 -10.09 -68.60
N VAL G 25 16.60 -8.78 -68.40
CA VAL G 25 16.88 -8.20 -67.09
C VAL G 25 15.60 -8.20 -66.28
N ALA G 26 15.70 -8.63 -65.01
CA ALA G 26 14.57 -8.69 -64.08
C ALA G 26 14.58 -7.43 -63.23
N ARG G 27 13.76 -6.45 -63.61
CA ARG G 27 13.60 -5.21 -62.88
C ARG G 27 12.16 -5.07 -62.42
N TYR G 28 11.96 -4.39 -61.29
CA TYR G 28 10.63 -4.23 -60.71
C TYR G 28 10.35 -2.79 -60.33
N ASP G 29 11.13 -1.85 -60.86
CA ASP G 29 10.87 -0.43 -60.62
C ASP G 29 9.76 0.11 -61.52
N GLN G 30 9.36 -0.66 -62.53
CA GLN G 30 8.33 -0.26 -63.47
C GLN G 30 7.60 -1.51 -63.94
N GLN G 31 6.35 -1.31 -64.39
CA GLN G 31 5.55 -2.40 -64.91
C GLN G 31 4.76 -1.91 -66.12
N LYS G 32 4.52 -2.83 -67.06
CA LYS G 32 3.52 -2.57 -68.08
C LYS G 32 2.11 -2.69 -67.50
N TYR G 33 1.80 -3.86 -66.96
CA TYR G 33 0.57 -4.08 -66.20
C TYR G 33 0.95 -4.26 -64.73
N ASP G 34 0.55 -3.29 -63.89
CA ASP G 34 0.92 -3.34 -62.48
C ASP G 34 0.07 -4.31 -61.68
N ILE G 35 -0.90 -4.97 -62.32
CA ILE G 35 -1.71 -5.97 -61.62
C ILE G 35 -0.83 -7.11 -61.13
N PHE G 36 0.13 -7.52 -61.95
CA PHE G 36 0.98 -8.66 -61.59
C PHE G 36 1.98 -8.29 -60.51
N GLU G 37 2.46 -7.04 -60.52
CA GLU G 37 3.33 -6.57 -59.45
C GLU G 37 2.60 -6.55 -58.11
N LYS G 38 1.32 -6.17 -58.13
CA LYS G 38 0.54 -6.20 -56.90
C LYS G 38 0.27 -7.63 -56.44
N LEU G 39 0.00 -8.54 -57.38
CA LEU G 39 -0.23 -9.93 -57.01
C LEU G 39 1.01 -10.53 -56.36
N ILE G 40 2.20 -10.18 -56.86
CA ILE G 40 3.44 -10.66 -56.24
C ILE G 40 3.55 -10.12 -54.82
N GLU G 41 3.41 -8.80 -54.65
CA GLU G 41 3.54 -8.20 -53.34
C GLU G 41 2.53 -8.80 -52.37
N LYS G 42 1.31 -9.07 -52.86
CA LYS G 42 0.29 -9.62 -51.98
C LYS G 42 0.53 -11.10 -51.67
N GLN G 43 1.00 -11.87 -52.66
CA GLN G 43 1.28 -13.28 -52.38
C GLN G 43 2.46 -13.42 -51.42
N LEU G 44 3.47 -12.56 -51.57
CA LEU G 44 4.61 -12.59 -50.67
C LEU G 44 4.19 -12.25 -49.24
N SER G 45 3.18 -11.40 -49.08
CA SER G 45 2.72 -11.04 -47.74
C SER G 45 1.89 -12.14 -47.11
N PHE G 46 1.26 -13.00 -47.91
CA PHE G 46 0.46 -14.09 -47.37
C PHE G 46 1.29 -15.32 -47.01
N PHE G 47 2.62 -15.25 -47.14
CA PHE G 47 3.47 -16.42 -46.98
C PHE G 47 3.20 -17.12 -45.66
N TRP G 48 2.82 -18.40 -45.74
CA TRP G 48 2.53 -19.21 -44.56
C TRP G 48 3.14 -20.60 -44.74
N ARG G 49 3.42 -21.24 -43.61
CA ARG G 49 3.90 -22.61 -43.62
C ARG G 49 2.90 -23.55 -42.97
N PRO G 50 2.78 -24.78 -43.45
CA PRO G 50 1.75 -25.68 -42.90
C PRO G 50 2.01 -26.09 -41.47
N GLU G 51 3.28 -26.31 -41.09
CA GLU G 51 3.56 -26.83 -39.76
C GLU G 51 3.20 -25.84 -38.65
N GLU G 52 3.12 -24.55 -38.97
CA GLU G 52 2.77 -23.55 -37.98
C GLU G 52 1.28 -23.55 -37.66
N VAL G 53 0.54 -24.53 -38.17
CA VAL G 53 -0.89 -24.68 -37.90
C VAL G 53 -1.07 -25.94 -37.06
N ASP G 54 -1.88 -25.84 -36.01
CA ASP G 54 -2.16 -26.97 -35.15
C ASP G 54 -3.21 -27.87 -35.81
N VAL G 55 -2.80 -29.10 -36.14
CA VAL G 55 -3.67 -30.08 -36.77
C VAL G 55 -3.81 -31.34 -35.92
N SER G 56 -3.32 -31.30 -34.68
CA SER G 56 -3.29 -32.50 -33.85
C SER G 56 -4.69 -33.00 -33.50
N ARG G 57 -5.65 -32.10 -33.33
CA ARG G 57 -7.01 -32.53 -33.02
C ARG G 57 -7.68 -33.22 -34.20
N ASP G 58 -7.12 -33.10 -35.41
CA ASP G 58 -7.80 -33.61 -36.60
C ASP G 58 -7.73 -35.13 -36.70
N ARG G 59 -6.67 -35.76 -36.17
CA ARG G 59 -6.60 -37.21 -36.21
C ARG G 59 -7.75 -37.84 -35.42
N ILE G 60 -8.07 -37.26 -34.26
CA ILE G 60 -9.15 -37.79 -33.43
C ILE G 60 -10.50 -37.59 -34.11
N ASP G 61 -10.75 -36.40 -34.65
CA ASP G 61 -12.01 -36.15 -35.34
C ASP G 61 -12.17 -37.07 -36.54
N TYR G 62 -11.09 -37.29 -37.30
CA TYR G 62 -11.18 -38.11 -38.49
C TYR G 62 -11.52 -39.55 -38.14
N GLN G 63 -10.79 -40.13 -37.19
CA GLN G 63 -11.05 -41.52 -36.81
C GLN G 63 -12.41 -41.69 -36.18
N ALA G 64 -12.98 -40.62 -35.61
CA ALA G 64 -14.33 -40.66 -35.05
C ALA G 64 -15.41 -40.48 -36.10
N LEU G 65 -15.07 -40.09 -37.32
CA LEU G 65 -16.06 -39.88 -38.37
C LEU G 65 -16.74 -41.19 -38.75
N PRO G 66 -17.97 -41.10 -39.27
CA PRO G 66 -18.56 -42.27 -39.93
C PRO G 66 -17.72 -42.67 -41.13
N GLU G 67 -17.89 -43.92 -41.56
CA GLU G 67 -17.07 -44.41 -42.66
C GLU G 67 -17.31 -43.62 -43.95
N HIS G 68 -18.59 -43.30 -44.22
CA HIS G 68 -18.88 -42.55 -45.44
C HIS G 68 -18.40 -41.10 -45.36
N GLU G 69 -18.26 -40.55 -44.15
CA GLU G 69 -17.69 -39.22 -44.02
C GLU G 69 -16.17 -39.25 -44.11
N LYS G 70 -15.55 -40.34 -43.65
CA LYS G 70 -14.15 -40.58 -43.97
C LYS G 70 -13.94 -40.59 -45.47
N HIS G 71 -14.89 -41.17 -46.22
CA HIS G 71 -14.78 -41.21 -47.66
C HIS G 71 -14.85 -39.81 -48.26
N ILE G 72 -15.84 -39.02 -47.83
CA ILE G 72 -15.99 -37.66 -48.34
C ILE G 72 -14.71 -36.85 -48.09
N PHE G 73 -14.22 -36.87 -46.85
CA PHE G 73 -13.07 -36.04 -46.51
C PHE G 73 -11.82 -36.48 -47.26
N ILE G 74 -11.49 -37.78 -47.19
CA ILE G 74 -10.23 -38.23 -47.77
C ILE G 74 -10.27 -38.21 -49.29
N SER G 75 -11.47 -38.32 -49.90
CA SER G 75 -11.55 -38.20 -51.34
C SER G 75 -11.36 -36.75 -51.78
N ASN G 76 -11.96 -35.81 -51.05
CA ASN G 76 -11.76 -34.40 -51.35
C ASN G 76 -10.32 -33.99 -51.12
N LEU G 77 -9.61 -34.70 -50.25
CA LEU G 77 -8.21 -34.41 -49.99
C LEU G 77 -7.32 -34.96 -51.09
N LYS G 78 -7.62 -36.17 -51.56
CA LYS G 78 -6.85 -36.74 -52.66
C LYS G 78 -7.02 -35.91 -53.93
N TYR G 79 -8.24 -35.45 -54.21
CA TYR G 79 -8.47 -34.62 -55.38
C TYR G 79 -7.72 -33.31 -55.25
N GLN G 80 -7.74 -32.72 -54.05
CA GLN G 80 -6.98 -31.49 -53.81
C GLN G 80 -5.48 -31.70 -54.05
N THR G 81 -4.94 -32.80 -53.52
CA THR G 81 -3.52 -33.09 -53.71
C THR G 81 -3.19 -33.22 -55.20
N LEU G 82 -4.09 -33.82 -55.96
CA LEU G 82 -3.85 -34.02 -57.39
C LEU G 82 -3.82 -32.70 -58.14
N LEU G 83 -4.81 -31.84 -57.90
CA LEU G 83 -4.91 -30.58 -58.63
C LEU G 83 -3.71 -29.68 -58.37
N ASP G 84 -3.36 -29.47 -57.11
CA ASP G 84 -2.22 -28.63 -56.79
C ASP G 84 -0.89 -29.34 -57.03
N SER G 85 -0.90 -30.65 -57.28
CA SER G 85 0.32 -31.30 -57.79
C SER G 85 0.61 -30.86 -59.22
N ILE G 86 -0.42 -30.85 -60.06
CA ILE G 86 -0.31 -30.28 -61.40
C ILE G 86 0.07 -28.81 -61.32
N GLN G 87 -0.61 -28.05 -60.46
CA GLN G 87 -0.41 -26.61 -60.37
C GLN G 87 0.96 -26.23 -59.82
N GLY G 88 1.68 -27.15 -59.18
CA GLY G 88 3.00 -26.81 -58.67
C GLY G 88 3.98 -26.56 -59.79
N ARG G 89 4.01 -27.44 -60.78
CA ARG G 89 4.98 -27.41 -61.87
C ARG G 89 4.46 -26.75 -63.14
N SER G 90 3.15 -26.83 -63.39
CA SER G 90 2.64 -26.51 -64.73
C SER G 90 2.80 -25.04 -65.09
N PRO G 91 2.42 -24.06 -64.26
CA PRO G 91 2.62 -22.67 -64.67
C PRO G 91 4.08 -22.35 -64.95
N ASN G 92 5.01 -23.01 -64.26
CA ASN G 92 6.42 -22.79 -64.55
C ASN G 92 6.83 -23.41 -65.87
N VAL G 93 6.37 -24.63 -66.16
CA VAL G 93 6.79 -25.31 -67.38
C VAL G 93 6.10 -24.72 -68.61
N ALA G 94 4.81 -24.42 -68.51
CA ALA G 94 4.02 -24.06 -69.68
C ALA G 94 4.08 -22.58 -70.03
N LEU G 95 4.35 -21.70 -69.05
CA LEU G 95 4.27 -20.27 -69.27
C LEU G 95 5.59 -19.55 -69.31
N LEU G 96 6.58 -20.00 -68.53
CA LEU G 96 7.85 -19.29 -68.45
C LEU G 96 8.56 -19.12 -69.79
N PRO G 97 8.59 -20.12 -70.69
CA PRO G 97 9.22 -19.87 -72.00
C PRO G 97 8.46 -18.89 -72.88
N LEU G 98 7.19 -18.61 -72.57
CA LEU G 98 6.39 -17.73 -73.41
C LEU G 98 6.32 -16.29 -72.92
N ILE G 99 6.54 -16.05 -71.63
CA ILE G 99 6.34 -14.73 -71.07
C ILE G 99 7.42 -13.78 -71.55
N SER G 100 7.04 -12.52 -71.81
CA SER G 100 7.96 -11.54 -72.36
C SER G 100 8.03 -10.24 -71.57
N ILE G 101 7.35 -10.14 -70.43
CA ILE G 101 7.52 -8.97 -69.56
C ILE G 101 7.90 -9.46 -68.17
N PRO G 102 8.75 -8.74 -67.43
CA PRO G 102 9.29 -9.31 -66.19
C PRO G 102 8.28 -9.47 -65.07
N GLU G 103 7.31 -8.56 -64.94
CA GLU G 103 6.37 -8.66 -63.84
C GLU G 103 5.51 -9.91 -63.96
N LEU G 104 5.14 -10.29 -65.20
CA LEU G 104 4.35 -11.51 -65.38
C LEU G 104 5.20 -12.75 -65.19
N GLU G 105 6.49 -12.69 -65.56
CA GLU G 105 7.37 -13.83 -65.34
C GLU G 105 7.51 -14.13 -63.84
N THR G 106 7.83 -13.10 -63.05
CA THR G 106 8.03 -13.30 -61.62
C THR G 106 6.74 -13.74 -60.94
N TRP G 107 5.59 -13.22 -61.39
CA TRP G 107 4.33 -13.66 -60.80
C TRP G 107 4.09 -15.14 -61.05
N VAL G 108 4.38 -15.63 -62.25
CA VAL G 108 4.15 -17.04 -62.55
C VAL G 108 5.02 -17.92 -61.67
N GLU G 109 6.26 -17.50 -61.40
CA GLU G 109 7.11 -18.29 -60.51
C GLU G 109 6.64 -18.16 -59.05
N THR G 110 6.18 -16.98 -58.65
CA THR G 110 5.61 -16.83 -57.31
C THR G 110 4.32 -17.62 -57.18
N TRP G 111 3.44 -17.51 -58.18
CA TRP G 111 2.23 -18.34 -58.25
C TRP G 111 2.55 -19.81 -58.09
N ALA G 112 3.51 -20.30 -58.88
CA ALA G 112 3.87 -21.72 -58.80
C ALA G 112 4.43 -22.07 -57.43
N PHE G 113 5.31 -21.22 -56.90
CA PHE G 113 5.94 -21.50 -55.62
C PHE G 113 4.90 -21.65 -54.51
N SER G 114 3.94 -20.73 -54.45
CA SER G 114 2.90 -20.84 -53.44
C SER G 114 2.10 -22.12 -53.59
N GLU G 115 2.06 -22.70 -54.80
CA GLU G 115 1.38 -23.97 -54.98
C GLU G 115 2.15 -25.12 -54.34
N THR G 116 3.49 -25.05 -54.32
CA THR G 116 4.24 -26.12 -53.67
C THR G 116 4.00 -26.12 -52.17
N ILE G 117 3.76 -24.94 -51.60
CA ILE G 117 3.38 -24.87 -50.19
C ILE G 117 2.06 -25.59 -49.97
N HIS G 118 1.13 -25.45 -50.93
CA HIS G 118 -0.12 -26.20 -50.86
C HIS G 118 0.15 -27.70 -50.91
N SER G 119 1.00 -28.13 -51.85
CA SER G 119 1.34 -29.54 -51.96
C SER G 119 1.93 -30.07 -50.66
N ARG G 120 2.79 -29.26 -50.02
CA ARG G 120 3.38 -29.68 -48.75
C ARG G 120 2.36 -29.69 -47.63
N SER G 121 1.38 -28.79 -47.67
CA SER G 121 0.36 -28.76 -46.63
C SER G 121 -0.56 -29.96 -46.73
N TYR G 122 -0.80 -30.47 -47.94
CA TYR G 122 -1.60 -31.67 -48.09
C TYR G 122 -0.89 -32.87 -47.48
N THR G 123 0.43 -32.97 -47.69
CA THR G 123 1.20 -34.02 -47.05
C THR G 123 1.16 -33.86 -45.53
N HIS G 124 1.17 -32.61 -45.05
CA HIS G 124 1.11 -32.36 -43.62
C HIS G 124 -0.21 -32.86 -43.03
N ILE G 125 -1.33 -32.50 -43.67
CA ILE G 125 -2.64 -32.94 -43.18
C ILE G 125 -2.74 -34.46 -43.25
N ILE G 126 -2.37 -35.04 -44.38
CA ILE G 126 -2.48 -36.50 -44.56
C ILE G 126 -1.67 -37.23 -43.52
N ARG G 127 -0.41 -36.84 -43.34
CA ARG G 127 0.46 -37.52 -42.38
C ARG G 127 0.02 -37.35 -40.93
N ASN G 128 -1.00 -36.54 -40.67
CA ASN G 128 -1.46 -36.30 -39.31
C ASN G 128 -2.88 -36.77 -39.05
N ILE G 129 -3.50 -37.49 -39.99
CA ILE G 129 -4.86 -37.98 -39.76
C ILE G 129 -4.92 -39.48 -40.05
N VAL G 130 -4.07 -39.96 -40.95
CA VAL G 130 -4.04 -41.37 -41.29
C VAL G 130 -2.77 -41.99 -40.71
N ASN G 131 -2.76 -43.32 -40.67
CA ASN G 131 -1.64 -44.04 -40.07
C ASN G 131 -0.53 -44.33 -41.08
N ASP G 132 -0.89 -44.65 -42.32
CA ASP G 132 0.08 -44.83 -43.38
C ASP G 132 -0.24 -43.88 -44.53
N PRO G 133 0.50 -42.78 -44.68
CA PRO G 133 0.24 -41.87 -45.80
C PRO G 133 0.41 -42.53 -47.16
N SER G 134 1.23 -43.58 -47.25
CA SER G 134 1.44 -44.25 -48.52
C SER G 134 0.13 -44.78 -49.09
N VAL G 135 -0.79 -45.21 -48.23
CA VAL G 135 -2.09 -45.69 -48.70
C VAL G 135 -2.85 -44.56 -49.38
N VAL G 136 -2.75 -43.35 -48.83
CA VAL G 136 -3.50 -42.22 -49.40
C VAL G 136 -2.86 -41.77 -50.71
N PHE G 137 -1.53 -41.62 -50.73
CA PHE G 137 -0.86 -41.09 -51.91
C PHE G 137 -0.90 -42.07 -53.08
N ASP G 138 -0.65 -43.36 -52.82
CA ASP G 138 -0.63 -44.33 -53.91
C ASP G 138 -2.00 -44.46 -54.56
N ASP G 139 -3.07 -44.17 -53.82
CA ASP G 139 -4.41 -44.25 -54.40
C ASP G 139 -4.70 -43.10 -55.35
N ILE G 140 -3.95 -41.99 -55.26
CA ILE G 140 -4.25 -40.84 -56.12
C ILE G 140 -4.03 -41.20 -57.58
N VAL G 141 -2.96 -41.96 -57.86
CA VAL G 141 -2.62 -42.29 -59.23
C VAL G 141 -3.40 -43.50 -59.73
N THR G 142 -3.72 -44.45 -58.84
CA THR G 142 -4.36 -45.69 -59.26
C THR G 142 -5.88 -45.64 -59.23
N ASN G 143 -6.48 -44.80 -58.39
CA ASN G 143 -7.93 -44.73 -58.29
C ASN G 143 -8.49 -44.26 -59.63
N GLU G 144 -9.40 -45.06 -60.20
CA GLU G 144 -9.92 -44.71 -61.53
C GLU G 144 -10.87 -43.52 -61.46
N GLN G 145 -11.49 -43.30 -60.30
CA GLN G 145 -12.42 -42.19 -60.15
C GLN G 145 -11.70 -40.85 -60.07
N ILE G 146 -10.41 -40.85 -59.75
CA ILE G 146 -9.64 -39.63 -59.59
C ILE G 146 -8.84 -39.28 -60.85
N GLN G 147 -7.97 -40.20 -61.28
CA GLN G 147 -7.03 -39.93 -62.37
C GLN G 147 -7.73 -39.59 -63.68
N LYS G 148 -9.00 -39.94 -63.82
CA LYS G 148 -9.75 -39.55 -65.01
C LYS G 148 -9.77 -38.03 -65.17
N ARG G 149 -10.12 -37.31 -64.10
CA ARG G 149 -10.17 -35.84 -64.15
C ARG G 149 -8.79 -35.23 -64.31
N ALA G 150 -7.73 -35.97 -63.95
CA ALA G 150 -6.38 -35.45 -64.05
C ALA G 150 -5.99 -35.17 -65.50
N GLU G 151 -6.26 -36.14 -66.39
CA GLU G 151 -5.82 -36.01 -67.77
C GLU G 151 -6.57 -34.91 -68.53
N GLY G 152 -7.78 -34.58 -68.10
CA GLY G 152 -8.47 -33.46 -68.73
C GLY G 152 -7.76 -32.14 -68.50
N ILE G 153 -7.31 -31.90 -67.27
CA ILE G 153 -6.62 -30.64 -66.96
C ILE G 153 -5.21 -30.62 -67.55
N SER G 154 -4.46 -31.71 -67.36
CA SER G 154 -3.08 -31.77 -67.84
C SER G 154 -2.95 -31.70 -69.35
N SER G 155 -4.00 -32.06 -70.10
CA SER G 155 -3.92 -32.05 -71.55
C SER G 155 -3.69 -30.64 -72.09
N TYR G 156 -4.45 -29.67 -71.61
CA TYR G 156 -4.28 -28.29 -72.04
C TYR G 156 -2.87 -27.80 -71.77
N TYR G 157 -2.29 -28.21 -70.64
CA TYR G 157 -0.90 -27.87 -70.35
C TYR G 157 0.05 -28.57 -71.31
N ASP G 158 -0.10 -29.90 -71.47
CA ASP G 158 0.82 -30.68 -72.29
C ASP G 158 0.83 -30.21 -73.74
N GLU G 159 -0.34 -29.93 -74.31
CA GLU G 159 -0.40 -29.50 -75.70
C GLU G 159 0.28 -28.13 -75.89
N LEU G 160 0.11 -27.23 -74.93
CA LEU G 160 0.76 -25.94 -75.04
C LEU G 160 2.28 -26.07 -74.93
N ILE G 161 2.75 -26.98 -74.07
CA ILE G 161 4.18 -27.23 -73.93
C ILE G 161 4.76 -27.81 -75.22
N GLU G 162 4.02 -28.69 -75.88
CA GLU G 162 4.52 -29.33 -77.09
C GLU G 162 4.64 -28.33 -78.23
N MET G 163 3.56 -27.62 -78.54
CA MET G 163 3.60 -26.59 -79.59
C MET G 163 4.66 -25.54 -79.31
N THR G 164 4.90 -25.24 -78.03
CA THR G 164 5.93 -24.27 -77.68
C THR G 164 7.32 -24.75 -78.08
N SER G 165 7.60 -26.04 -77.87
CA SER G 165 8.89 -26.59 -78.24
C SER G 165 9.10 -26.55 -79.75
N TYR G 166 8.07 -26.91 -80.53
CA TYR G 166 8.17 -26.80 -81.98
C TYR G 166 8.40 -25.36 -82.41
N TRP G 167 7.68 -24.42 -81.79
CA TRP G 167 7.83 -23.02 -82.16
C TRP G 167 9.22 -22.48 -81.82
N HIS G 168 9.87 -23.05 -80.80
CA HIS G 168 11.23 -22.63 -80.49
C HIS G 168 12.26 -23.35 -81.36
N LEU G 169 12.06 -24.65 -81.60
CA LEU G 169 13.06 -25.41 -82.35
C LEU G 169 13.02 -25.11 -83.84
N LEU G 170 11.82 -24.97 -84.40
CA LEU G 170 11.67 -24.84 -85.84
C LEU G 170 11.27 -23.44 -86.30
N GLY G 171 10.65 -22.67 -85.42
CA GLY G 171 10.10 -21.41 -85.84
C GLY G 171 8.78 -21.61 -86.57
N GLU G 172 8.17 -20.50 -86.93
CA GLU G 172 6.87 -20.53 -87.58
C GLU G 172 7.03 -20.93 -89.04
N GLY G 173 6.10 -21.75 -89.52
CA GLY G 173 6.15 -22.20 -90.90
C GLY G 173 5.74 -23.65 -91.08
N THR G 174 5.76 -24.12 -92.33
CA THR G 174 5.44 -25.51 -92.65
C THR G 174 6.75 -26.28 -92.76
N HIS G 175 6.89 -27.31 -91.93
CA HIS G 175 8.10 -28.09 -91.83
C HIS G 175 7.79 -29.56 -92.08
N THR G 176 8.85 -30.33 -92.32
CA THR G 176 8.76 -31.78 -92.45
C THR G 176 9.72 -32.39 -91.44
N VAL G 177 9.17 -33.23 -90.56
CA VAL G 177 9.93 -33.83 -89.46
C VAL G 177 9.81 -35.33 -89.59
N ASN G 178 10.90 -35.98 -90.02
CA ASN G 178 10.92 -37.42 -90.31
C ASN G 178 9.82 -37.80 -91.29
N GLY G 179 9.85 -37.13 -92.43
CA GLY G 179 8.89 -37.39 -93.49
C GLY G 179 7.59 -36.64 -93.34
N LYS G 180 6.85 -36.93 -92.28
CA LYS G 180 5.56 -36.28 -92.08
C LYS G 180 5.73 -34.77 -91.96
N THR G 181 4.73 -34.03 -92.45
CA THR G 181 4.77 -32.58 -92.46
C THR G 181 4.23 -32.02 -91.15
N VAL G 182 4.90 -31.00 -90.63
CA VAL G 182 4.55 -30.38 -89.35
C VAL G 182 4.43 -28.88 -89.55
N THR G 183 3.24 -28.32 -89.32
CA THR G 183 2.99 -26.90 -89.47
C THR G 183 3.01 -26.22 -88.11
N VAL G 184 3.82 -25.18 -87.98
CA VAL G 184 3.95 -24.41 -86.75
C VAL G 184 3.29 -23.06 -87.00
N SER G 185 2.11 -22.86 -86.43
CA SER G 185 1.38 -21.60 -86.56
C SER G 185 1.41 -20.85 -85.23
N LEU G 186 1.95 -19.64 -85.24
CA LEU G 186 1.94 -18.82 -84.04
C LEU G 186 0.50 -18.49 -83.63
N ARG G 187 -0.38 -18.29 -84.61
CA ARG G 187 -1.79 -18.05 -84.29
C ARG G 187 -2.42 -19.27 -83.64
N GLU G 188 -1.98 -20.48 -84.01
CA GLU G 188 -2.48 -21.67 -83.34
C GLU G 188 -1.81 -21.87 -81.98
N LEU G 189 -0.60 -21.34 -81.81
CA LEU G 189 0.05 -21.35 -80.50
C LEU G 189 -0.61 -20.35 -79.56
N LYS G 190 -0.88 -19.14 -80.04
CA LYS G 190 -1.63 -18.17 -79.24
C LYS G 190 -3.00 -18.72 -78.89
N LYS G 191 -3.52 -19.60 -79.73
CA LYS G 191 -4.82 -20.22 -79.48
C LYS G 191 -4.71 -21.31 -78.43
N LYS G 192 -3.59 -22.03 -78.40
CA LYS G 192 -3.37 -23.05 -77.37
C LYS G 192 -3.03 -22.43 -76.03
N LEU G 193 -2.37 -21.26 -76.03
CA LEU G 193 -2.12 -20.55 -74.78
C LEU G 193 -3.43 -20.05 -74.17
N TYR G 194 -4.24 -19.38 -74.98
CA TYR G 194 -5.51 -18.83 -74.48
C TYR G 194 -6.42 -19.94 -73.96
N LEU G 195 -6.48 -21.06 -74.67
CA LEU G 195 -7.29 -22.17 -74.20
C LEU G 195 -6.76 -22.72 -72.89
N CYS G 196 -5.43 -22.79 -72.75
CA CYS G 196 -4.83 -23.31 -71.53
C CYS G 196 -5.18 -22.42 -70.34
N LEU G 197 -5.00 -21.10 -70.48
CA LEU G 197 -5.32 -20.19 -69.39
C LEU G 197 -6.80 -20.30 -69.01
N MET G 198 -7.68 -20.51 -69.99
CA MET G 198 -9.09 -20.71 -69.68
C MET G 198 -9.29 -21.97 -68.84
N SER G 199 -8.59 -23.05 -69.17
CA SER G 199 -8.72 -24.28 -68.40
C SER G 199 -8.22 -24.08 -66.97
N VAL G 200 -7.12 -23.36 -66.80
CA VAL G 200 -6.58 -23.11 -65.47
C VAL G 200 -7.52 -22.23 -64.66
N ASN G 201 -8.15 -21.25 -65.31
CA ASN G 201 -9.11 -20.39 -64.61
C ASN G 201 -10.29 -21.20 -64.07
N ALA G 202 -10.81 -22.12 -64.88
CA ALA G 202 -11.87 -23.00 -64.39
C ALA G 202 -11.37 -23.93 -63.30
N LEU G 203 -10.11 -24.36 -63.38
CA LEU G 203 -9.53 -25.22 -62.36
C LEU G 203 -9.46 -24.51 -61.01
N GLU G 204 -8.89 -23.31 -60.99
CA GLU G 204 -8.63 -22.62 -59.74
C GLU G 204 -9.83 -21.84 -59.20
N ALA G 205 -10.77 -21.47 -60.06
CA ALA G 205 -11.91 -20.67 -59.62
C ALA G 205 -13.21 -21.45 -59.50
N ILE G 206 -13.29 -22.66 -60.05
CA ILE G 206 -14.48 -23.47 -59.95
C ILE G 206 -14.15 -24.79 -59.26
N ARG G 207 -13.19 -25.53 -59.81
CA ARG G 207 -12.89 -26.86 -59.30
C ARG G 207 -12.46 -26.82 -57.84
N PHE G 208 -11.53 -25.92 -57.51
CA PHE G 208 -11.03 -25.86 -56.13
C PHE G 208 -12.08 -25.33 -55.18
N TYR G 209 -12.90 -24.37 -55.64
CA TYR G 209 -13.90 -23.82 -54.73
C TYR G 209 -14.99 -24.82 -54.42
N VAL G 210 -15.24 -25.77 -55.33
CA VAL G 210 -16.11 -26.88 -54.99
C VAL G 210 -15.49 -27.71 -53.88
N SER G 211 -14.17 -27.87 -53.92
CA SER G 211 -13.47 -28.59 -52.87
C SER G 211 -13.48 -27.83 -51.55
N PHE G 212 -13.40 -26.49 -51.61
CA PHE G 212 -13.44 -25.68 -50.41
C PHE G 212 -14.72 -25.90 -49.63
N ALA G 213 -15.85 -26.04 -50.33
CA ALA G 213 -17.12 -26.29 -49.66
C ALA G 213 -17.06 -27.54 -48.80
N CYS G 214 -16.39 -28.59 -49.28
CA CYS G 214 -16.31 -29.84 -48.52
C CYS G 214 -15.47 -29.65 -47.25
N SER G 215 -14.29 -29.05 -47.37
CA SER G 215 -13.44 -28.87 -46.21
C SER G 215 -14.12 -27.99 -45.17
N PHE G 216 -14.78 -26.92 -45.62
CA PHE G 216 -15.42 -26.00 -44.70
C PHE G 216 -16.74 -26.51 -44.16
N ALA G 217 -17.38 -27.46 -44.85
CA ALA G 217 -18.59 -28.05 -44.31
C ALA G 217 -18.30 -28.86 -43.05
N PHE G 218 -17.12 -29.48 -42.98
CA PHE G 218 -16.72 -30.13 -41.74
C PHE G 218 -16.43 -29.11 -40.65
N ALA G 219 -15.95 -27.93 -41.03
CA ALA G 219 -15.61 -26.91 -40.05
C ALA G 219 -16.85 -26.22 -39.47
N GLU G 220 -17.92 -26.11 -40.27
CA GLU G 220 -19.15 -25.55 -39.74
C GLU G 220 -19.75 -26.42 -38.63
N ARG G 221 -19.40 -27.70 -38.61
CA ARG G 221 -19.75 -28.60 -37.52
C ARG G 221 -18.61 -28.75 -36.51
N GLU G 222 -17.64 -27.83 -36.52
CA GLU G 222 -16.52 -27.84 -35.58
C GLU G 222 -15.75 -29.15 -35.63
N LEU G 223 -15.58 -29.69 -36.83
CA LEU G 223 -14.81 -30.90 -37.06
C LEU G 223 -13.73 -30.63 -38.10
N MET G 224 -12.59 -31.33 -37.97
CA MET G 224 -11.46 -31.17 -38.88
C MET G 224 -11.05 -29.71 -38.99
N GLU G 225 -11.01 -29.03 -37.84
CA GLU G 225 -10.77 -27.59 -37.84
C GLU G 225 -9.31 -27.25 -38.12
N GLY G 226 -8.38 -28.18 -37.85
CA GLY G 226 -7.01 -27.96 -38.25
C GLY G 226 -6.85 -28.01 -39.76
N ASN G 227 -7.53 -28.96 -40.40
CA ASN G 227 -7.60 -28.95 -41.86
C ASN G 227 -8.21 -27.65 -42.37
N ALA G 228 -9.34 -27.23 -41.76
CA ALA G 228 -10.02 -26.03 -42.22
C ALA G 228 -9.13 -24.81 -42.10
N LYS G 229 -8.27 -24.75 -41.07
CA LYS G 229 -7.37 -23.62 -40.94
C LYS G 229 -6.40 -23.55 -42.11
N ILE G 230 -5.92 -24.71 -42.57
CA ILE G 230 -5.00 -24.72 -43.70
C ILE G 230 -5.73 -24.42 -44.99
N ILE G 231 -6.88 -25.07 -45.20
CA ILE G 231 -7.66 -24.84 -46.42
C ILE G 231 -8.06 -23.38 -46.55
N ARG G 232 -8.32 -22.70 -45.42
CA ARG G 232 -8.65 -21.29 -45.49
C ARG G 232 -7.47 -20.46 -45.99
N LEU G 233 -6.25 -20.81 -45.55
CA LEU G 233 -5.06 -20.14 -46.08
C LEU G 233 -4.88 -20.45 -47.56
N ILE G 234 -5.13 -21.70 -47.95
CA ILE G 234 -5.01 -22.07 -49.36
C ILE G 234 -6.01 -21.30 -50.20
N ALA G 235 -7.24 -21.18 -49.70
CA ALA G 235 -8.25 -20.42 -50.43
C ALA G 235 -7.86 -18.96 -50.57
N ARG G 236 -7.14 -18.41 -49.59
CA ARG G 236 -6.71 -17.02 -49.70
C ARG G 236 -5.71 -16.85 -50.83
N ASP G 237 -4.80 -17.82 -51.00
CA ASP G 237 -3.91 -17.80 -52.16
C ASP G 237 -4.70 -18.01 -53.45
N GLU G 238 -5.64 -18.96 -53.44
CA GLU G 238 -6.37 -19.32 -54.64
C GLU G 238 -7.16 -18.13 -55.18
N ALA G 239 -7.54 -17.20 -54.31
CA ALA G 239 -8.21 -15.98 -54.76
C ALA G 239 -7.26 -15.09 -55.54
N LEU G 240 -5.99 -15.04 -55.13
CA LEU G 240 -5.00 -14.30 -55.91
C LEU G 240 -4.73 -15.01 -57.24
N HIS G 241 -4.65 -16.33 -57.21
CA HIS G 241 -4.32 -17.09 -58.42
C HIS G 241 -5.35 -16.87 -59.51
N LEU G 242 -6.63 -17.07 -59.20
CA LEU G 242 -7.66 -16.92 -60.22
C LEU G 242 -7.75 -15.48 -60.71
N THR G 243 -7.41 -14.52 -59.86
CA THR G 243 -7.35 -13.14 -60.32
C THR G 243 -6.28 -12.95 -61.38
N GLY G 244 -5.14 -13.63 -61.24
CA GLY G 244 -4.11 -13.55 -62.25
C GLY G 244 -4.58 -14.06 -63.60
N THR G 245 -5.17 -15.26 -63.63
CA THR G 245 -5.62 -15.81 -64.90
C THR G 245 -6.76 -15.00 -65.49
N GLN G 246 -7.61 -14.41 -64.65
CA GLN G 246 -8.66 -13.53 -65.16
C GLN G 246 -8.07 -12.32 -65.87
N HIS G 247 -7.09 -11.67 -65.25
CA HIS G 247 -6.48 -10.49 -65.84
C HIS G 247 -5.74 -10.83 -67.12
N MET G 248 -5.02 -11.95 -67.15
CA MET G 248 -4.39 -12.39 -68.39
C MET G 248 -5.43 -12.60 -69.47
N LEU G 249 -6.48 -13.37 -69.17
CA LEU G 249 -7.50 -13.67 -70.17
C LEU G 249 -8.18 -12.40 -70.67
N ASN G 250 -8.51 -11.48 -69.77
CA ASN G 250 -9.22 -10.28 -70.19
C ASN G 250 -8.32 -9.33 -70.96
N LEU G 251 -7.04 -9.26 -70.62
CA LEU G 251 -6.12 -8.43 -71.39
C LEU G 251 -5.89 -9.00 -72.78
N LEU G 252 -5.87 -10.33 -72.89
CA LEU G 252 -5.74 -10.96 -74.20
C LEU G 252 -7.00 -10.78 -75.02
N ARG G 253 -8.17 -10.98 -74.39
CA ARG G 253 -9.44 -10.96 -75.10
C ARG G 253 -9.76 -9.57 -75.64
N SER G 254 -9.48 -8.52 -74.87
CA SER G 254 -9.75 -7.16 -75.32
C SER G 254 -8.77 -6.67 -76.37
N GLY G 255 -7.70 -7.41 -76.62
CA GLY G 255 -6.73 -6.96 -77.60
C GLY G 255 -5.91 -5.75 -77.18
N ALA G 256 -6.04 -5.31 -75.93
CA ALA G 256 -5.22 -4.21 -75.45
C ALA G 256 -3.75 -4.55 -75.52
N ASP G 257 -3.41 -5.82 -75.25
CA ASP G 257 -2.03 -6.28 -75.23
C ASP G 257 -1.55 -6.73 -76.60
N ASP G 258 -2.38 -7.45 -77.33
CA ASP G 258 -2.04 -7.99 -78.62
C ASP G 258 -3.28 -7.97 -79.51
N PRO G 259 -3.34 -7.09 -80.51
CA PRO G 259 -4.55 -7.03 -81.35
C PRO G 259 -4.88 -8.33 -82.04
N GLU G 260 -3.86 -9.06 -82.50
CA GLU G 260 -4.09 -10.37 -83.09
C GLU G 260 -4.83 -11.30 -82.13
N MET G 261 -4.58 -11.14 -80.82
CA MET G 261 -5.20 -12.02 -79.85
C MET G 261 -6.69 -11.77 -79.70
N ALA G 262 -7.14 -10.52 -79.88
CA ALA G 262 -8.57 -10.23 -79.82
C ALA G 262 -9.32 -11.04 -80.88
N GLU G 263 -8.73 -11.17 -82.07
CA GLU G 263 -9.32 -12.02 -83.11
C GLU G 263 -9.36 -13.47 -82.65
N ILE G 264 -8.23 -13.99 -82.17
CA ILE G 264 -8.11 -15.39 -81.79
C ILE G 264 -9.04 -15.73 -80.63
N ALA G 265 -9.17 -14.81 -79.68
CA ALA G 265 -10.05 -15.04 -78.54
C ALA G 265 -11.48 -15.27 -78.98
N GLU G 266 -11.90 -14.65 -80.09
CA GLU G 266 -13.26 -14.85 -80.58
C GLU G 266 -13.43 -16.23 -81.19
N GLU G 267 -12.39 -16.72 -81.89
CA GLU G 267 -12.46 -18.05 -82.49
C GLU G 267 -12.51 -19.16 -81.43
N CYS G 268 -12.08 -18.87 -80.21
CA CYS G 268 -12.12 -19.86 -79.14
C CYS G 268 -13.34 -19.71 -78.23
N LYS G 269 -14.11 -18.63 -78.40
CA LYS G 269 -15.20 -18.33 -77.48
C LYS G 269 -16.11 -19.53 -77.27
N GLN G 270 -16.37 -20.29 -78.33
CA GLN G 270 -17.20 -21.47 -78.20
C GLN G 270 -16.45 -22.60 -77.49
N GLU G 271 -15.16 -22.79 -77.81
CA GLU G 271 -14.37 -23.79 -77.13
C GLU G 271 -14.25 -23.47 -75.64
N CYS G 272 -14.09 -22.19 -75.31
CA CYS G 272 -13.97 -21.78 -73.91
C CYS G 272 -15.27 -22.01 -73.15
N TYR G 273 -16.40 -21.66 -73.77
CA TYR G 273 -17.68 -21.94 -73.13
C TYR G 273 -17.84 -23.42 -72.85
N ASP G 274 -17.60 -24.27 -73.86
CA ASP G 274 -17.69 -25.71 -73.66
C ASP G 274 -16.64 -26.19 -72.66
N LEU G 275 -15.48 -25.54 -72.63
CA LEU G 275 -14.45 -25.89 -71.66
C LEU G 275 -14.91 -25.67 -70.23
N PHE G 276 -15.49 -24.50 -69.95
CA PHE G 276 -15.99 -24.22 -68.61
C PHE G 276 -17.20 -25.07 -68.26
N VAL G 277 -18.14 -25.23 -69.20
CA VAL G 277 -19.32 -26.05 -68.93
C VAL G 277 -18.90 -27.46 -68.60
N GLN G 278 -17.94 -28.00 -69.36
CA GLN G 278 -17.46 -29.36 -69.11
C GLN G 278 -16.87 -29.49 -67.70
N ALA G 279 -16.08 -28.50 -67.28
CA ALA G 279 -15.50 -28.52 -65.95
C ALA G 279 -16.58 -28.63 -64.88
N ALA G 280 -17.66 -27.85 -65.03
CA ALA G 280 -18.75 -27.93 -64.07
C ALA G 280 -19.36 -29.32 -64.06
N GLN G 281 -19.60 -29.91 -65.24
CA GLN G 281 -20.17 -31.25 -65.30
C GLN G 281 -19.23 -32.26 -64.65
N GLN G 282 -17.93 -32.11 -64.86
CA GLN G 282 -16.97 -33.03 -64.26
C GLN G 282 -16.99 -32.93 -62.74
N GLU G 283 -17.14 -31.71 -62.20
CA GLU G 283 -17.19 -31.54 -60.76
C GLU G 283 -18.50 -32.06 -60.20
N LYS G 284 -19.60 -31.86 -60.92
CA LYS G 284 -20.87 -32.48 -60.53
C LYS G 284 -20.75 -34.00 -60.55
N ASP G 285 -20.04 -34.53 -61.54
CA ASP G 285 -19.75 -35.96 -61.58
C ASP G 285 -18.91 -36.39 -60.39
N TRP G 286 -17.90 -35.58 -60.03
CA TRP G 286 -17.08 -35.88 -58.86
C TRP G 286 -17.92 -35.86 -57.58
N ALA G 287 -18.91 -34.98 -57.52
CA ALA G 287 -19.79 -34.93 -56.36
C ALA G 287 -20.54 -36.24 -56.19
N ASP G 288 -20.95 -36.86 -57.30
CA ASP G 288 -21.66 -38.13 -57.23
C ASP G 288 -20.80 -39.22 -56.58
N TYR G 289 -19.48 -39.14 -56.78
CA TYR G 289 -18.57 -40.10 -56.16
C TYR G 289 -18.35 -39.80 -54.69
N LEU G 290 -18.36 -38.53 -54.30
CA LEU G 290 -18.14 -38.17 -52.91
C LEU G 290 -19.27 -38.70 -52.04
N PHE G 291 -20.51 -38.58 -52.51
CA PHE G 291 -21.68 -38.97 -51.74
C PHE G 291 -22.25 -40.30 -52.21
N ARG G 292 -21.43 -41.10 -52.90
CA ARG G 292 -21.83 -42.43 -53.33
C ARG G 292 -22.25 -43.30 -52.15
N ASP G 293 -21.66 -43.07 -50.97
CA ASP G 293 -21.91 -43.90 -49.80
C ASP G 293 -22.66 -43.15 -48.71
N GLY G 294 -23.18 -41.96 -49.00
CA GLY G 294 -23.92 -41.18 -48.03
C GLY G 294 -23.48 -39.73 -48.00
N SER G 295 -24.31 -38.92 -47.34
CA SER G 295 -24.10 -37.48 -47.21
C SER G 295 -23.86 -37.12 -45.74
N MET G 296 -23.85 -35.82 -45.47
CA MET G 296 -23.65 -35.30 -44.12
C MET G 296 -24.50 -34.06 -43.92
N ILE G 297 -24.57 -33.59 -42.67
CA ILE G 297 -25.36 -32.41 -42.34
C ILE G 297 -24.79 -31.20 -43.09
N GLY G 298 -25.59 -30.63 -43.99
CA GLY G 298 -25.23 -29.42 -44.68
C GLY G 298 -24.64 -29.61 -46.06
N LEU G 299 -24.44 -30.84 -46.51
CA LEU G 299 -23.81 -31.07 -47.80
C LEU G 299 -24.25 -32.42 -48.33
N ASN G 300 -24.76 -32.44 -49.56
CA ASN G 300 -25.06 -33.68 -50.27
C ASN G 300 -24.79 -33.45 -51.75
N LYS G 301 -25.16 -34.42 -52.58
CA LYS G 301 -24.92 -34.30 -54.01
C LYS G 301 -25.65 -33.10 -54.60
N ASP G 302 -26.91 -32.89 -54.20
CA ASP G 302 -27.70 -31.79 -54.74
C ASP G 302 -27.10 -30.44 -54.32
N ILE G 303 -26.82 -30.28 -53.03
CA ILE G 303 -26.32 -29.00 -52.53
C ILE G 303 -25.02 -28.62 -53.25
N LEU G 304 -24.08 -29.57 -53.32
CA LEU G 304 -22.78 -29.27 -53.92
C LEU G 304 -22.92 -28.98 -55.41
N CYS G 305 -23.80 -29.72 -56.11
CA CYS G 305 -24.01 -29.43 -57.52
C CYS G 305 -24.62 -28.06 -57.74
N GLN G 306 -25.48 -27.61 -56.83
CA GLN G 306 -26.02 -26.26 -56.94
C GLN G 306 -24.92 -25.22 -56.80
N TYR G 307 -23.97 -25.46 -55.88
CA TYR G 307 -22.84 -24.54 -55.74
C TYR G 307 -21.93 -24.57 -56.95
N VAL G 308 -21.82 -25.72 -57.63
CA VAL G 308 -21.04 -25.79 -58.86
C VAL G 308 -21.63 -24.85 -59.90
N GLU G 309 -22.95 -24.93 -60.10
CA GLU G 309 -23.61 -24.06 -61.08
C GLU G 309 -23.60 -22.61 -60.62
N TYR G 310 -23.71 -22.37 -59.31
CA TYR G 310 -23.68 -21.01 -58.79
C TYR G 310 -22.33 -20.35 -59.05
N ILE G 311 -21.24 -21.04 -58.71
CA ILE G 311 -19.91 -20.47 -58.84
C ILE G 311 -19.46 -20.43 -60.31
N THR G 312 -19.98 -21.33 -61.14
CA THR G 312 -19.58 -21.36 -62.55
C THR G 312 -20.06 -20.11 -63.27
N ASN G 313 -21.33 -19.74 -63.06
CA ASN G 313 -21.85 -18.53 -63.69
C ASN G 313 -21.02 -17.31 -63.34
N ILE G 314 -20.59 -17.20 -62.08
CA ILE G 314 -19.80 -16.04 -61.65
C ILE G 314 -18.48 -16.01 -62.39
N ARG G 315 -17.78 -17.14 -62.43
CA ARG G 315 -16.46 -17.17 -63.06
C ARG G 315 -16.55 -16.93 -64.56
N MET G 316 -17.50 -17.57 -65.23
CA MET G 316 -17.60 -17.42 -66.68
C MET G 316 -17.98 -16.00 -67.07
N GLN G 317 -18.85 -15.36 -66.27
CA GLN G 317 -19.19 -13.97 -66.54
C GLN G 317 -17.98 -13.06 -66.39
N ALA G 318 -17.08 -13.38 -65.45
CA ALA G 318 -15.90 -12.55 -65.20
C ALA G 318 -14.93 -12.54 -66.38
N VAL G 319 -15.01 -13.52 -67.28
CA VAL G 319 -14.14 -13.59 -68.44
C VAL G 319 -14.93 -13.47 -69.75
N GLY G 320 -16.15 -12.94 -69.66
CA GLY G 320 -16.93 -12.66 -70.85
C GLY G 320 -17.50 -13.89 -71.53
N LEU G 321 -17.88 -14.91 -70.75
CA LEU G 321 -18.51 -16.10 -71.30
C LEU G 321 -19.98 -16.13 -70.90
N ASP G 322 -20.80 -16.77 -71.74
CA ASP G 322 -22.22 -16.84 -71.49
C ASP G 322 -22.53 -17.76 -70.31
N LEU G 323 -23.56 -17.41 -69.55
CA LEU G 323 -23.92 -18.19 -68.37
C LEU G 323 -24.61 -19.48 -68.79
N PRO G 324 -24.09 -20.64 -68.44
CA PRO G 324 -24.68 -21.89 -68.91
C PRO G 324 -25.79 -22.44 -68.02
N PHE G 325 -25.89 -21.96 -66.79
CA PHE G 325 -26.87 -22.49 -65.84
C PHE G 325 -27.87 -21.41 -65.45
N GLN G 326 -28.97 -21.84 -64.84
CA GLN G 326 -29.98 -20.89 -64.39
C GLN G 326 -29.44 -20.00 -63.28
N THR G 327 -30.01 -18.81 -63.17
CA THR G 327 -29.66 -17.93 -62.06
C THR G 327 -30.09 -18.55 -60.75
N ARG G 328 -29.26 -18.40 -59.72
CA ARG G 328 -29.52 -19.05 -58.45
C ARG G 328 -28.88 -18.24 -57.33
N SER G 329 -29.54 -18.20 -56.19
CA SER G 329 -28.90 -17.62 -55.02
C SER G 329 -27.93 -18.63 -54.43
N ASN G 330 -26.97 -18.12 -53.67
CA ASN G 330 -25.92 -18.93 -53.08
C ASN G 330 -26.50 -20.03 -52.21
N PRO G 331 -26.33 -21.30 -52.59
CA PRO G 331 -26.89 -22.39 -51.80
C PRO G 331 -26.15 -22.66 -50.51
N ILE G 332 -24.91 -22.21 -50.38
CA ILE G 332 -24.16 -22.37 -49.14
C ILE G 332 -23.61 -21.01 -48.71
N PRO G 333 -24.46 -20.10 -48.21
CA PRO G 333 -23.98 -18.75 -47.84
C PRO G 333 -22.93 -18.77 -46.75
N TRP G 334 -22.86 -19.83 -45.94
CA TRP G 334 -21.87 -19.90 -44.87
C TRP G 334 -20.44 -19.95 -45.40
N ILE G 335 -20.25 -20.27 -46.68
CA ILE G 335 -18.90 -20.37 -47.22
C ILE G 335 -18.23 -19.02 -47.39
N ASN G 336 -19.01 -17.93 -47.48
CA ASN G 336 -18.42 -16.62 -47.70
C ASN G 336 -17.59 -16.17 -46.50
N THR G 337 -17.97 -16.59 -45.29
CA THR G 337 -17.20 -16.24 -44.09
C THR G 337 -15.83 -16.90 -44.08
N TRP G 338 -15.59 -17.86 -44.97
CA TRP G 338 -14.30 -18.54 -45.07
C TRP G 338 -13.44 -18.07 -46.23
N LEU G 339 -14.03 -17.41 -47.23
CA LEU G 339 -13.30 -17.03 -48.44
C LEU G 339 -12.90 -15.56 -48.45
N VAL G 340 -12.86 -14.92 -47.28
CA VAL G 340 -12.40 -13.54 -47.16
C VAL G 340 -11.94 -13.33 -45.73
N SER G 341 -11.19 -12.26 -45.50
CA SER G 341 -10.68 -11.93 -44.17
C SER G 341 -11.81 -11.60 -43.20
N GLN G 360 -35.95 10.44 -17.28
CA GLN G 360 -35.63 10.69 -18.69
C GLN G 360 -36.60 11.70 -19.29
N ILE G 361 -37.20 12.54 -18.45
CA ILE G 361 -38.22 13.49 -18.86
C ILE G 361 -37.81 14.89 -18.43
N ASP G 362 -37.74 15.81 -19.39
CA ASP G 362 -37.55 17.23 -19.11
C ASP G 362 -38.81 17.77 -18.44
N SER G 363 -38.73 18.03 -17.13
CA SER G 363 -39.90 18.33 -16.33
C SER G 363 -40.43 19.76 -16.51
N GLU G 364 -39.82 20.56 -17.38
CA GLU G 364 -40.22 21.95 -17.51
C GLU G 364 -41.45 22.09 -18.40
N VAL G 365 -42.36 22.97 -17.99
CA VAL G 365 -43.63 23.21 -18.69
C VAL G 365 -43.79 24.71 -18.88
N ASP G 366 -44.47 25.08 -19.97
CA ASP G 366 -44.72 26.48 -20.30
C ASP G 366 -46.22 26.68 -20.38
N THR G 367 -46.81 27.25 -19.32
CA THR G 367 -48.25 27.51 -19.32
C THR G 367 -48.63 28.49 -20.40
N ASP G 368 -47.77 29.48 -20.68
CA ASP G 368 -48.05 30.45 -21.73
C ASP G 368 -48.20 29.78 -23.09
N ASP G 369 -47.34 28.80 -23.38
CA ASP G 369 -47.48 28.04 -24.62
C ASP G 369 -48.78 27.24 -24.63
N LEU G 370 -49.15 26.68 -23.47
CA LEU G 370 -50.41 25.95 -23.38
C LEU G 370 -51.61 26.89 -23.48
N SER G 371 -51.50 28.10 -22.91
CA SER G 371 -52.59 29.06 -23.04
C SER G 371 -52.84 29.44 -24.49
N ASN G 372 -51.78 29.42 -25.31
CA ASN G 372 -51.90 29.63 -26.76
C ASN G 372 -52.39 28.35 -27.45
N PHE G 373 -53.58 27.93 -27.06
CA PHE G 373 -54.16 26.70 -27.58
C PHE G 373 -55.66 26.84 -27.62
N GLN G 374 -56.30 26.02 -28.46
CA GLN G 374 -57.76 26.00 -28.60
C GLN G 374 -58.22 24.55 -28.61
N LEU G 375 -58.91 24.14 -27.55
CA LEU G 375 -59.41 22.77 -27.45
C LEU G 375 -60.59 22.52 -28.39
N ALA H 1 -16.48 37.48 73.65
CA ALA H 1 -16.99 36.12 73.52
C ALA H 1 -16.96 35.68 72.06
N TYR H 2 -16.40 34.51 71.80
CA TYR H 2 -16.32 33.98 70.45
C TYR H 2 -17.69 33.46 69.99
N THR H 3 -18.02 33.74 68.74
CA THR H 3 -19.25 33.26 68.11
C THR H 3 -18.92 32.66 66.75
N THR H 4 -19.54 31.51 66.45
CA THR H 4 -19.29 30.87 65.16
C THR H 4 -19.92 31.62 63.99
N PHE H 5 -20.97 32.40 64.24
CA PHE H 5 -21.54 33.26 63.19
C PHE H 5 -21.96 34.59 63.83
N SER H 6 -21.09 35.59 63.74
CA SER H 6 -21.36 36.90 64.30
C SER H 6 -22.54 37.56 63.59
N GLN H 7 -23.43 38.17 64.38
CA GLN H 7 -24.66 38.73 63.85
C GLN H 7 -24.43 40.01 63.04
N THR H 8 -23.37 40.75 63.35
CA THR H 8 -23.16 42.05 62.73
C THR H 8 -22.76 41.91 61.26
N LYS H 9 -23.37 42.74 60.41
CA LYS H 9 -22.98 42.85 59.01
C LYS H 9 -21.80 43.80 58.92
N ASN H 10 -20.59 43.27 58.87
CA ASN H 10 -19.37 44.07 58.86
C ASN H 10 -18.69 44.03 57.51
N ASP H 11 -18.08 45.15 57.15
CA ASP H 11 -17.26 45.24 55.94
C ASP H 11 -15.96 44.47 56.16
N GLN H 12 -15.89 43.27 55.59
CA GLN H 12 -14.75 42.40 55.80
C GLN H 12 -13.45 42.98 55.27
N LEU H 13 -13.53 43.90 54.30
CA LEU H 13 -12.32 44.49 53.73
C LEU H 13 -11.61 45.42 54.70
N LYS H 14 -12.32 45.96 55.69
CA LYS H 14 -11.73 46.87 56.65
C LYS H 14 -11.34 46.20 57.96
N GLU H 15 -11.73 44.94 58.17
CA GLU H 15 -11.34 44.21 59.36
C GLU H 15 -9.83 43.99 59.38
N PRO H 16 -9.25 43.81 60.55
CA PRO H 16 -7.84 43.44 60.65
C PRO H 16 -7.67 41.93 60.46
N MET H 17 -6.40 41.48 60.42
CA MET H 17 -6.14 40.05 60.32
C MET H 17 -6.63 39.32 61.56
N PHE H 18 -6.34 39.88 62.74
CA PHE H 18 -6.68 39.25 64.00
C PHE H 18 -7.46 40.21 64.89
N PHE H 19 -8.13 39.63 65.88
CA PHE H 19 -8.80 40.29 66.99
C PHE H 19 -10.01 41.13 66.60
N GLY H 20 -10.38 41.18 65.33
CA GLY H 20 -11.58 41.87 64.90
C GLY H 20 -12.82 41.05 65.17
N GLN H 21 -13.87 41.36 64.44
CA GLN H 21 -15.12 40.62 64.56
C GLN H 21 -14.97 39.20 64.02
N PRO H 22 -15.40 38.18 64.75
CA PRO H 22 -15.35 36.81 64.21
C PRO H 22 -16.05 36.70 62.86
N VAL H 23 -15.40 36.04 61.91
CA VAL H 23 -15.92 35.92 60.55
C VAL H 23 -17.31 35.28 60.57
N ASN H 24 -18.23 35.87 59.82
CA ASN H 24 -19.57 35.32 59.65
C ASN H 24 -19.70 34.61 58.31
N VAL H 25 -19.88 35.36 57.23
CA VAL H 25 -20.09 34.79 55.90
C VAL H 25 -18.74 34.45 55.29
N ALA H 26 -18.66 33.26 54.69
CA ALA H 26 -17.45 32.78 54.03
C ALA H 26 -17.55 33.07 52.53
N ARG H 27 -16.93 34.16 52.11
CA ARG H 27 -16.88 34.55 50.71
C ARG H 27 -15.44 34.64 50.25
N TYR H 28 -15.23 34.37 48.96
CA TYR H 28 -13.87 34.36 48.40
C TYR H 28 -13.80 35.15 47.09
N ASP H 29 -14.82 35.97 46.81
CA ASP H 29 -14.80 36.84 45.64
C ASP H 29 -14.01 38.11 45.88
N GLN H 30 -13.67 38.40 47.13
CA GLN H 30 -12.89 39.56 47.50
C GLN H 30 -12.04 39.20 48.70
N GLN H 31 -10.92 39.90 48.86
CA GLN H 31 -10.02 39.70 49.99
C GLN H 31 -9.49 41.04 50.44
N LYS H 32 -9.20 41.16 51.73
CA LYS H 32 -8.39 42.28 52.19
C LYS H 32 -6.95 42.10 51.74
N TYR H 33 -6.34 40.99 52.15
CA TYR H 33 -5.03 40.58 51.67
C TYR H 33 -5.23 39.35 50.77
N ASP H 34 -4.99 39.52 49.48
CA ASP H 34 -5.19 38.43 48.53
C ASP H 34 -4.06 37.42 48.52
N ILE H 35 -3.02 37.64 49.33
CA ILE H 35 -1.94 36.67 49.42
C ILE H 35 -2.46 35.34 49.96
N PHE H 36 -3.40 35.40 50.90
CA PHE H 36 -3.91 34.18 51.50
C PHE H 36 -4.84 33.44 50.54
N GLU H 37 -5.56 34.18 49.69
CA GLU H 37 -6.36 33.52 48.66
C GLU H 37 -5.47 32.77 47.67
N LYS H 38 -4.32 33.37 47.31
CA LYS H 38 -3.38 32.68 46.44
C LYS H 38 -2.84 31.42 47.11
N LEU H 39 -2.54 31.50 48.40
CA LEU H 39 -2.01 30.36 49.14
C LEU H 39 -3.03 29.22 49.18
N ILE H 40 -4.32 29.55 49.27
CA ILE H 40 -5.36 28.52 49.23
C ILE H 40 -5.36 27.82 47.87
N GLU H 41 -5.45 28.60 46.79
CA GLU H 41 -5.52 28.01 45.45
C GLU H 41 -4.28 27.19 45.13
N LYS H 42 -3.10 27.65 45.55
CA LYS H 42 -1.89 26.91 45.24
C LYS H 42 -1.80 25.63 46.05
N GLN H 43 -2.19 25.67 47.32
CA GLN H 43 -2.16 24.48 48.16
C GLN H 43 -3.20 23.46 47.69
N LEU H 44 -4.38 23.94 47.27
CA LEU H 44 -5.41 23.04 46.77
C LEU H 44 -4.97 22.34 45.49
N SER H 45 -4.13 23.00 44.68
CA SER H 45 -3.62 22.40 43.46
C SER H 45 -2.52 21.38 43.75
N PHE H 46 -1.82 21.54 44.87
CA PHE H 46 -0.77 20.61 45.27
C PHE H 46 -1.30 19.35 45.93
N PHE H 47 -2.63 19.19 46.00
CA PHE H 47 -3.21 18.09 46.77
C PHE H 47 -2.61 16.75 46.36
N TRP H 48 -2.01 16.08 47.33
CA TRP H 48 -1.40 14.77 47.09
C TRP H 48 -1.75 13.84 48.23
N ARG H 49 -1.75 12.55 47.94
CA ARG H 49 -1.97 11.53 48.93
C ARG H 49 -0.71 10.69 49.11
N PRO H 50 -0.42 10.24 50.33
CA PRO H 50 0.83 9.48 50.55
C PRO H 50 0.82 8.14 49.85
N GLU H 51 -0.33 7.47 49.79
CA GLU H 51 -0.41 6.13 49.23
C GLU H 51 -0.08 6.08 47.74
N GLU H 52 -0.20 7.21 47.03
CA GLU H 52 0.09 7.25 45.60
C GLU H 52 1.59 7.28 45.30
N VAL H 53 2.45 7.12 46.30
CA VAL H 53 3.89 7.11 46.12
C VAL H 53 4.41 5.72 46.43
N ASP H 54 5.28 5.20 45.56
CA ASP H 54 5.87 3.88 45.74
C ASP H 54 7.00 3.96 46.77
N VAL H 55 6.83 3.25 47.88
CA VAL H 55 7.82 3.20 48.95
C VAL H 55 8.30 1.78 49.21
N SER H 56 7.96 0.83 48.32
CA SER H 56 8.27 -0.57 48.57
C SER H 56 9.76 -0.84 48.59
N ARG H 57 10.54 -0.12 47.78
CA ARG H 57 11.98 -0.34 47.78
C ARG H 57 12.66 0.18 49.05
N ASP H 58 11.97 1.00 49.85
CA ASP H 58 12.62 1.66 50.98
C ASP H 58 12.91 0.71 52.13
N ARG H 59 12.08 -0.33 52.32
CA ARG H 59 12.36 -1.29 53.39
C ARG H 59 13.68 -2.01 53.14
N ILE H 60 13.92 -2.40 51.89
CA ILE H 60 15.17 -3.08 51.56
C ILE H 60 16.35 -2.12 51.72
N ASP H 61 16.20 -0.89 51.25
CA ASP H 61 17.25 0.11 51.40
C ASP H 61 17.52 0.40 52.88
N TYR H 62 16.46 0.46 53.69
CA TYR H 62 16.64 0.83 55.09
C TYR H 62 17.44 -0.23 55.85
N GLN H 63 17.05 -1.51 55.71
CA GLN H 63 17.78 -2.55 56.42
C GLN H 63 19.20 -2.70 55.92
N ALA H 64 19.48 -2.27 54.69
CA ALA H 64 20.83 -2.31 54.15
C ALA H 64 21.69 -1.14 54.60
N LEU H 65 21.10 -0.13 55.24
CA LEU H 65 21.87 1.01 55.69
C LEU H 65 22.87 0.58 56.77
N PRO H 66 23.97 1.32 56.93
CA PRO H 66 24.81 1.12 58.12
C PRO H 66 24.04 1.43 59.38
N GLU H 67 24.60 1.00 60.51
CA GLU H 67 23.88 1.14 61.77
C GLU H 67 23.66 2.60 62.13
N HIS H 68 24.69 3.43 61.95
CA HIS H 68 24.56 4.85 62.26
C HIS H 68 23.73 5.61 61.24
N GLU H 69 23.62 5.08 60.01
CA GLU H 69 22.73 5.70 59.03
C GLU H 69 21.28 5.31 59.26
N LYS H 70 21.03 4.09 59.76
CA LYS H 70 19.73 3.79 60.32
C LYS H 70 19.37 4.77 61.43
N HIS H 71 20.37 5.14 62.24
CA HIS H 71 20.14 6.10 63.31
C HIS H 71 19.80 7.47 62.75
N ILE H 72 20.58 7.95 61.77
CA ILE H 72 20.31 9.26 61.17
C ILE H 72 18.92 9.32 60.59
N PHE H 73 18.55 8.30 59.79
CA PHE H 73 17.27 8.33 59.11
C PHE H 73 16.12 8.24 60.11
N ILE H 74 16.15 7.23 60.98
CA ILE H 74 15.01 6.99 61.85
C ILE H 74 14.87 8.09 62.90
N SER H 75 15.96 8.77 63.27
CA SER H 75 15.84 9.89 64.19
C SER H 75 15.22 11.10 63.51
N ASN H 76 15.62 11.37 62.27
CA ASN H 76 15.02 12.47 61.54
C ASN H 76 13.55 12.22 61.24
N LEU H 77 13.13 10.95 61.21
CA LEU H 77 11.74 10.64 60.95
C LEU H 77 10.89 10.84 62.20
N LYS H 78 11.42 10.48 63.37
CA LYS H 78 10.69 10.73 64.61
C LYS H 78 10.50 12.22 64.85
N TYR H 79 11.55 13.02 64.61
CA TYR H 79 11.45 14.46 64.76
C TYR H 79 10.45 15.05 63.76
N GLN H 80 10.49 14.55 62.52
CA GLN H 80 9.54 14.98 61.50
C GLN H 80 8.11 14.67 61.94
N THR H 81 7.87 13.45 62.42
CA THR H 81 6.54 13.06 62.87
C THR H 81 6.05 13.96 64.00
N LEU H 82 6.94 14.32 64.93
CA LEU H 82 6.54 15.13 66.07
C LEU H 82 6.13 16.52 65.64
N LEU H 83 6.96 17.18 64.83
CA LEU H 83 6.71 18.57 64.46
C LEU H 83 5.37 18.72 63.73
N ASP H 84 5.13 17.89 62.72
CA ASP H 84 3.88 17.98 62.00
C ASP H 84 2.70 17.41 62.78
N SER H 85 2.95 16.69 63.87
CA SER H 85 1.86 16.34 64.78
C SER H 85 1.33 17.59 65.47
N ILE H 86 2.23 18.40 65.99
CA ILE H 86 1.86 19.71 66.55
C ILE H 86 1.20 20.56 65.47
N GLN H 87 1.83 20.63 64.29
CA GLN H 87 1.35 21.50 63.21
C GLN H 87 0.02 21.05 62.63
N GLY H 88 -0.37 19.79 62.86
CA GLY H 88 -1.66 19.35 62.36
C GLY H 88 -2.81 20.06 63.04
N ARG H 89 -2.77 20.15 64.37
CA ARG H 89 -3.86 20.70 65.17
C ARG H 89 -3.65 22.16 65.58
N SER H 90 -2.40 22.59 65.73
CA SER H 90 -2.13 23.86 66.42
C SER H 90 -2.63 25.08 65.66
N PRO H 91 -2.38 25.25 64.35
CA PRO H 91 -2.92 26.43 63.67
C PRO H 91 -4.44 26.54 63.76
N ASN H 92 -5.14 25.40 63.85
CA ASN H 92 -6.60 25.45 64.00
C ASN H 92 -6.99 25.93 65.38
N VAL H 93 -6.34 25.43 66.43
CA VAL H 93 -6.75 25.76 67.80
C VAL H 93 -6.30 27.17 68.16
N ALA H 94 -5.09 27.56 67.77
CA ALA H 94 -4.49 28.80 68.25
C ALA H 94 -4.87 30.02 67.42
N LEU H 95 -5.20 29.84 66.14
CA LEU H 95 -5.42 30.98 65.25
C LEU H 95 -6.87 31.17 64.85
N LEU H 96 -7.64 30.10 64.69
CA LEU H 96 -9.02 30.26 64.22
C LEU H 96 -9.87 31.16 65.11
N PRO H 97 -9.79 31.11 66.46
CA PRO H 97 -10.61 32.02 67.27
C PRO H 97 -10.22 33.49 67.15
N LEU H 98 -9.03 33.82 66.64
CA LEU H 98 -8.57 35.20 66.57
C LEU H 98 -8.78 35.85 65.21
N ILE H 99 -8.89 35.07 64.13
CA ILE H 99 -8.90 35.62 62.78
C ILE H 99 -10.21 36.35 62.53
N SER H 100 -10.14 37.46 61.78
CA SER H 100 -11.29 38.31 61.52
C SER H 100 -11.53 38.59 60.05
N ILE H 101 -10.78 37.94 59.14
CA ILE H 101 -11.04 38.05 57.71
C ILE H 101 -11.21 36.65 57.13
N PRO H 102 -12.09 36.45 56.14
CA PRO H 102 -12.39 35.07 55.71
C PRO H 102 -11.24 34.38 54.99
N GLU H 103 -10.48 35.12 54.18
CA GLU H 103 -9.41 34.48 53.42
C GLU H 103 -8.32 33.92 54.33
N LEU H 104 -8.03 34.61 55.44
CA LEU H 104 -7.04 34.11 56.37
C LEU H 104 -7.58 32.95 57.20
N GLU H 105 -8.89 32.94 57.48
CA GLU H 105 -9.49 31.82 58.18
C GLU H 105 -9.39 30.53 57.38
N THR H 106 -9.83 30.56 56.11
CA THR H 106 -9.82 29.36 55.28
C THR H 106 -8.39 28.91 54.97
N TRP H 107 -7.46 29.86 54.79
CA TRP H 107 -6.08 29.45 54.56
C TRP H 107 -5.51 28.67 55.74
N VAL H 108 -5.80 29.12 56.96
CA VAL H 108 -5.30 28.44 58.14
C VAL H 108 -5.87 27.02 58.22
N GLU H 109 -7.14 26.86 57.84
CA GLU H 109 -7.73 25.52 57.84
C GLU H 109 -7.13 24.66 56.74
N THR H 110 -6.86 25.26 55.58
CA THR H 110 -6.17 24.52 54.51
C THR H 110 -4.75 24.22 54.92
N TRP H 111 -4.05 25.19 55.50
CA TRP H 111 -2.73 24.97 56.07
C TRP H 111 -2.74 23.78 57.02
N ALA H 112 -3.68 23.77 57.97
CA ALA H 112 -3.74 22.68 58.93
C ALA H 112 -4.06 21.36 58.25
N PHE H 113 -5.03 21.34 57.34
CA PHE H 113 -5.42 20.09 56.69
C PHE H 113 -4.24 19.46 55.95
N SER H 114 -3.52 20.27 55.18
CA SER H 114 -2.36 19.76 54.45
C SER H 114 -1.30 19.20 55.39
N GLU H 115 -1.26 19.68 56.63
CA GLU H 115 -0.32 19.14 57.61
C GLU H 115 -0.72 17.74 58.06
N THR H 116 -2.02 17.47 58.11
CA THR H 116 -2.46 16.13 58.48
C THR H 116 -2.07 15.11 57.41
N ILE H 117 -2.03 15.53 56.15
CA ILE H 117 -1.54 14.65 55.09
C ILE H 117 -0.07 14.32 55.33
N HIS H 118 0.71 15.29 55.84
CA HIS H 118 2.09 15.03 56.19
C HIS H 118 2.20 13.98 57.29
N SER H 119 1.42 14.15 58.36
CA SER H 119 1.44 13.16 59.45
C SER H 119 0.99 11.80 58.94
N ARG H 120 0.02 11.77 58.03
CA ARG H 120 -0.43 10.50 57.46
C ARG H 120 0.65 9.89 56.58
N SER H 121 1.45 10.72 55.90
CA SER H 121 2.52 10.19 55.09
C SER H 121 3.66 9.65 55.94
N TYR H 122 3.89 10.25 57.11
CA TYR H 122 4.90 9.71 58.02
C TYR H 122 4.50 8.34 58.54
N THR H 123 3.21 8.14 58.83
CA THR H 123 2.74 6.81 59.16
C THR H 123 2.95 5.85 58.00
N HIS H 124 2.78 6.35 56.77
CA HIS H 124 2.98 5.53 55.59
C HIS H 124 4.44 5.08 55.48
N ILE H 125 5.37 6.02 55.64
CA ILE H 125 6.79 5.68 55.55
C ILE H 125 7.20 4.74 56.68
N ILE H 126 6.83 5.07 57.92
CA ILE H 126 7.24 4.29 59.08
C ILE H 126 6.73 2.86 58.98
N ARG H 127 5.44 2.70 58.66
CA ARG H 127 4.86 1.36 58.58
C ARG H 127 5.44 0.54 57.43
N ASN H 128 6.27 1.14 56.57
CA ASN H 128 6.81 0.46 55.40
C ASN H 128 8.32 0.30 55.44
N ILE H 129 8.97 0.58 56.57
CA ILE H 129 10.42 0.40 56.66
C ILE H 129 10.78 -0.46 57.86
N VAL H 130 9.98 -0.40 58.91
CA VAL H 130 10.19 -1.21 60.11
C VAL H 130 9.10 -2.26 60.19
N ASN H 131 9.33 -3.26 61.04
CA ASN H 131 8.40 -4.37 61.21
C ASN H 131 7.31 -4.05 62.22
N ASP H 132 7.65 -3.33 63.28
CA ASP H 132 6.69 -2.90 64.29
C ASP H 132 6.68 -1.37 64.36
N PRO H 133 5.70 -0.70 63.76
CA PRO H 133 5.65 0.76 63.80
C PRO H 133 5.57 1.33 65.21
N SER H 134 5.04 0.57 66.17
CA SER H 134 4.94 1.05 67.55
C SER H 134 6.30 1.40 68.11
N VAL H 135 7.36 0.72 67.67
CA VAL H 135 8.71 1.00 68.19
C VAL H 135 9.11 2.44 67.89
N VAL H 136 8.79 2.93 66.69
CA VAL H 136 9.16 4.29 66.31
C VAL H 136 8.27 5.32 66.99
N PHE H 137 6.95 5.08 66.98
CA PHE H 137 6.02 6.06 67.51
C PHE H 137 6.18 6.25 69.00
N ASP H 138 6.33 5.14 69.75
CA ASP H 138 6.39 5.24 71.20
C ASP H 138 7.63 6.00 71.65
N ASP H 139 8.68 6.01 70.85
CA ASP H 139 9.90 6.73 71.20
C ASP H 139 9.77 8.24 71.01
N ILE H 140 8.77 8.71 70.26
CA ILE H 140 8.67 10.13 69.95
C ILE H 140 8.38 10.96 71.20
N VAL H 141 7.53 10.46 72.09
CA VAL H 141 7.10 11.29 73.22
C VAL H 141 8.13 11.33 74.33
N THR H 142 8.88 10.25 74.53
CA THR H 142 9.84 10.16 75.62
C THR H 142 11.25 10.61 75.23
N ASN H 143 11.55 10.68 73.93
CA ASN H 143 12.89 10.98 73.46
C ASN H 143 13.40 12.31 74.01
N GLU H 144 14.59 12.27 74.62
CA GLU H 144 15.15 13.45 75.28
C GLU H 144 15.49 14.55 74.28
N GLN H 145 16.24 14.21 73.22
CA GLN H 145 16.65 15.21 72.25
C GLN H 145 15.47 15.85 71.52
N ILE H 146 14.30 15.24 71.58
CA ILE H 146 13.12 15.78 70.92
C ILE H 146 12.25 16.60 71.87
N GLN H 147 11.86 15.99 73.00
CA GLN H 147 10.88 16.61 73.89
C GLN H 147 11.33 17.95 74.46
N LYS H 148 12.63 18.23 74.48
CA LYS H 148 13.08 19.56 74.91
C LYS H 148 12.52 20.64 73.99
N ARG H 149 12.74 20.49 72.68
CA ARG H 149 12.19 21.41 71.70
C ARG H 149 10.69 21.24 71.52
N ALA H 150 10.16 20.05 71.81
CA ALA H 150 8.72 19.82 71.64
C ALA H 150 7.93 20.70 72.60
N GLU H 151 8.34 20.72 73.87
CA GLU H 151 7.64 21.55 74.85
C GLU H 151 7.92 23.03 74.61
N GLY H 152 9.08 23.36 74.07
CA GLY H 152 9.37 24.73 73.72
C GLY H 152 8.48 25.26 72.60
N ILE H 153 8.26 24.44 71.57
CA ILE H 153 7.42 24.86 70.46
C ILE H 153 5.96 24.93 70.89
N SER H 154 5.48 23.89 71.55
CA SER H 154 4.07 23.85 71.96
C SER H 154 3.74 24.93 72.97
N SER H 155 4.74 25.41 73.72
CA SER H 155 4.47 26.45 74.72
C SER H 155 3.94 27.72 74.07
N TYR H 156 4.57 28.15 72.98
CA TYR H 156 4.10 29.34 72.27
C TYR H 156 2.65 29.17 71.83
N TYR H 157 2.29 27.96 71.41
CA TYR H 157 0.90 27.67 71.06
C TYR H 157 0.01 27.68 72.30
N ASP H 158 0.40 26.94 73.33
CA ASP H 158 -0.44 26.80 74.52
C ASP H 158 -0.74 28.15 75.17
N GLU H 159 0.27 29.01 75.30
CA GLU H 159 0.07 30.29 75.98
C GLU H 159 -0.88 31.19 75.20
N LEU H 160 -0.78 31.20 73.87
CA LEU H 160 -1.67 32.03 73.06
C LEU H 160 -3.11 31.52 73.15
N ILE H 161 -3.29 30.20 73.24
CA ILE H 161 -4.62 29.64 73.39
C ILE H 161 -5.21 30.06 74.73
N GLU H 162 -4.38 30.10 75.78
CA GLU H 162 -4.88 30.43 77.12
C GLU H 162 -5.33 31.88 77.20
N MET H 163 -4.45 32.83 76.83
CA MET H 163 -4.84 34.23 76.82
C MET H 163 -6.06 34.47 75.94
N THR H 164 -6.19 33.71 74.85
CA THR H 164 -7.35 33.84 73.97
C THR H 164 -8.62 33.47 74.71
N SER H 165 -8.58 32.40 75.52
CA SER H 165 -9.76 31.99 76.27
C SER H 165 -10.16 33.05 77.29
N TYR H 166 -9.17 33.61 78.01
CA TYR H 166 -9.45 34.70 78.93
C TYR H 166 -9.99 35.92 78.19
N TRP H 167 -9.41 36.24 77.03
CA TRP H 167 -9.84 37.40 76.27
C TRP H 167 -11.26 37.24 75.74
N HIS H 168 -11.69 36.00 75.49
CA HIS H 168 -13.06 35.79 75.03
C HIS H 168 -14.05 35.78 76.19
N LEU H 169 -13.66 35.17 77.31
CA LEU H 169 -14.58 35.02 78.45
C LEU H 169 -14.76 36.32 79.22
N LEU H 170 -13.68 37.09 79.41
CA LEU H 170 -13.72 38.26 80.27
C LEU H 170 -13.66 39.59 79.54
N GLY H 171 -13.09 39.64 78.34
CA GLY H 171 -12.84 40.90 77.69
C GLY H 171 -11.63 41.59 78.29
N GLU H 172 -11.28 42.73 77.71
CA GLU H 172 -10.10 43.47 78.15
C GLU H 172 -10.38 44.21 79.46
N GLY H 173 -9.40 44.21 80.35
CA GLY H 173 -9.54 44.87 81.63
C GLY H 173 -8.88 44.09 82.75
N THR H 174 -8.95 44.60 83.98
CA THR H 174 -8.41 43.92 85.14
C THR H 174 -9.52 43.15 85.83
N HIS H 175 -9.34 41.84 85.97
CA HIS H 175 -10.36 40.95 86.51
C HIS H 175 -9.80 40.20 87.71
N THR H 176 -10.70 39.62 88.50
CA THR H 176 -10.32 38.78 89.64
C THR H 176 -11.02 37.43 89.50
N VAL H 177 -10.24 36.36 89.51
CA VAL H 177 -10.74 35.00 89.34
C VAL H 177 -10.28 34.17 90.52
N ASN H 178 -11.20 33.82 91.41
CA ASN H 178 -10.90 33.05 92.60
C ASN H 178 -9.79 33.70 93.45
N GLY H 179 -10.03 34.96 93.79
CA GLY H 179 -9.10 35.70 94.64
C GLY H 179 -7.98 36.35 93.86
N LYS H 180 -7.15 35.53 93.20
CA LYS H 180 -6.03 36.06 92.44
C LYS H 180 -6.53 36.96 91.31
N THR H 181 -5.93 38.14 91.19
CA THR H 181 -6.27 39.07 90.14
C THR H 181 -5.67 38.60 88.82
N VAL H 182 -6.46 38.70 87.74
CA VAL H 182 -6.07 38.24 86.42
C VAL H 182 -6.30 39.38 85.44
N THR H 183 -5.24 39.82 84.77
CA THR H 183 -5.31 40.92 83.82
C THR H 183 -5.42 40.37 82.40
N VAL H 184 -6.45 40.81 81.68
CA VAL H 184 -6.66 40.44 80.30
C VAL H 184 -6.35 41.69 79.48
N SER H 185 -5.18 41.71 78.86
CA SER H 185 -4.74 42.84 78.05
C SER H 185 -4.72 42.42 76.59
N LEU H 186 -5.44 43.15 75.75
CA LEU H 186 -5.37 42.91 74.31
C LEU H 186 -3.96 43.15 73.81
N ARG H 187 -3.28 44.16 74.38
CA ARG H 187 -1.89 44.43 74.00
C ARG H 187 -0.98 43.28 74.39
N GLU H 188 -1.28 42.58 75.49
CA GLU H 188 -0.52 41.41 75.87
C GLU H 188 -0.89 40.19 75.02
N LEU H 189 -2.12 40.15 74.50
CA LEU H 189 -2.50 39.09 73.59
C LEU H 189 -1.88 39.31 72.20
N LYS H 190 -1.89 40.55 71.72
CA LYS H 190 -1.22 40.85 70.46
C LYS H 190 0.26 40.52 70.52
N LYS H 191 0.86 40.54 71.71
CA LYS H 191 2.26 40.19 71.84
C LYS H 191 2.47 38.68 71.80
N LYS H 192 1.53 37.92 72.37
CA LYS H 192 1.65 36.46 72.35
C LYS H 192 1.33 35.89 70.98
N LEU H 193 0.45 36.55 70.22
CA LEU H 193 0.18 36.13 68.85
C LEU H 193 1.42 36.33 67.97
N TYR H 194 2.00 37.52 68.02
CA TYR H 194 3.18 37.82 67.20
C TYR H 194 4.35 36.91 67.55
N LEU H 195 4.57 36.66 68.84
CA LEU H 195 5.65 35.75 69.25
C LEU H 195 5.39 34.33 68.77
N CYS H 196 4.12 33.89 68.79
CA CYS H 196 3.80 32.55 68.32
C CYS H 196 4.10 32.41 66.83
N LEU H 197 3.61 33.35 66.02
CA LEU H 197 3.86 33.29 64.58
C LEU H 197 5.35 33.29 64.28
N MET H 198 6.14 34.03 65.06
CA MET H 198 7.59 33.99 64.90
C MET H 198 8.15 32.60 65.19
N SER H 199 7.64 31.94 66.24
CA SER H 199 8.10 30.58 66.55
C SER H 199 7.67 29.60 65.48
N VAL H 200 6.43 29.73 64.97
CA VAL H 200 5.95 28.85 63.93
C VAL H 200 6.73 29.07 62.64
N ASN H 201 7.07 30.34 62.35
CA ASN H 201 7.89 30.64 61.18
C ASN H 201 9.25 29.97 61.27
N ALA H 202 9.89 30.04 62.44
CA ALA H 202 11.16 29.36 62.60
C ALA H 202 11.00 27.84 62.52
N LEU H 203 9.88 27.33 63.01
CA LEU H 203 9.63 25.89 62.95
C LEU H 203 9.56 25.39 61.51
N GLU H 204 8.73 26.04 60.70
CA GLU H 204 8.48 25.58 59.35
C GLU H 204 9.55 26.04 58.35
N ALA H 205 10.28 27.11 58.65
CA ALA H 205 11.24 27.65 57.70
C ALA H 205 12.69 27.32 58.06
N ILE H 206 12.96 26.83 59.27
CA ILE H 206 14.33 26.47 59.62
C ILE H 206 14.38 25.01 60.08
N ARG H 207 13.57 24.66 61.07
CA ARG H 207 13.64 23.32 61.66
C ARG H 207 13.36 22.23 60.64
N PHE H 208 12.29 22.39 59.86
CA PHE H 208 11.94 21.35 58.88
C PHE H 208 12.97 21.29 57.75
N TYR H 209 13.51 22.43 57.35
CA TYR H 209 14.45 22.45 56.24
C TYR H 209 15.78 21.82 56.62
N VAL H 210 16.14 21.84 57.91
CA VAL H 210 17.27 21.04 58.36
C VAL H 210 16.94 19.56 58.22
N SER H 211 15.69 19.18 58.45
CA SER H 211 15.28 17.80 58.27
C SER H 211 15.23 17.41 56.80
N PHE H 212 14.79 18.34 55.93
CA PHE H 212 14.72 18.05 54.50
C PHE H 212 16.09 17.68 53.95
N ALA H 213 17.14 18.39 54.41
CA ALA H 213 18.49 18.07 53.97
C ALA H 213 18.85 16.62 54.29
N CYS H 214 18.46 16.12 55.46
CA CYS H 214 18.77 14.76 55.83
C CYS H 214 18.02 13.77 54.95
N SER H 215 16.72 13.99 54.74
CA SER H 215 15.95 13.08 53.91
C SER H 215 16.49 13.06 52.48
N PHE H 216 16.82 14.23 51.95
CA PHE H 216 17.28 14.34 50.57
C PHE H 216 18.73 13.94 50.39
N ALA H 217 19.53 13.96 51.45
CA ALA H 217 20.91 13.48 51.33
C ALA H 217 20.96 11.99 51.05
N PHE H 218 20.01 11.22 51.58
CA PHE H 218 19.93 9.82 51.23
C PHE H 218 19.52 9.62 49.78
N ALA H 219 18.71 10.54 49.24
CA ALA H 219 18.25 10.39 47.86
C ALA H 219 19.35 10.75 46.87
N GLU H 220 20.23 11.68 47.22
CA GLU H 220 21.37 11.99 46.35
C GLU H 220 22.28 10.79 46.19
N ARG H 221 22.23 9.85 47.13
CA ARG H 221 22.88 8.55 47.01
C ARG H 221 21.93 7.48 46.48
N GLU H 222 20.78 7.89 45.94
CA GLU H 222 19.79 7.00 45.36
C GLU H 222 19.31 5.95 46.37
N LEU H 223 19.15 6.38 47.62
CA LEU H 223 18.64 5.53 48.69
C LEU H 223 17.43 6.20 49.33
N MET H 224 16.50 5.37 49.84
CA MET H 224 15.29 5.85 50.49
C MET H 224 14.52 6.79 49.57
N GLU H 225 14.42 6.42 48.30
CA GLU H 225 13.83 7.31 47.31
C GLU H 225 12.32 7.41 47.45
N GLY H 226 11.68 6.41 48.04
CA GLY H 226 10.26 6.54 48.34
C GLY H 226 9.99 7.55 49.44
N ASN H 227 10.83 7.56 50.48
CA ASN H 227 10.75 8.64 51.47
C ASN H 227 11.00 9.98 50.80
N ALA H 228 12.05 10.08 49.99
CA ALA H 228 12.40 11.34 49.35
C ALA H 228 11.28 11.87 48.47
N LYS H 229 10.57 10.97 47.79
CA LYS H 229 9.45 11.41 46.95
C LYS H 229 8.39 12.07 47.80
N ILE H 230 8.16 11.53 49.00
CA ILE H 230 7.15 12.08 49.90
C ILE H 230 7.66 13.37 50.54
N ILE H 231 8.92 13.36 51.00
CA ILE H 231 9.50 14.58 51.58
C ILE H 231 9.54 15.70 50.56
N ARG H 232 9.73 15.36 49.27
CA ARG H 232 9.70 16.37 48.21
C ARG H 232 8.32 17.01 48.11
N LEU H 233 7.26 16.21 48.21
CA LEU H 233 5.91 16.74 48.22
C LEU H 233 5.66 17.58 49.47
N ILE H 234 6.16 17.13 50.61
CA ILE H 234 5.99 17.88 51.86
C ILE H 234 6.68 19.23 51.77
N ALA H 235 7.92 19.25 51.25
CA ALA H 235 8.68 20.49 51.13
C ALA H 235 7.97 21.49 50.23
N ARG H 236 7.24 21.01 49.23
CA ARG H 236 6.50 21.92 48.35
C ARG H 236 5.38 22.60 49.12
N ASP H 237 4.68 21.87 49.99
CA ASP H 237 3.69 22.48 50.86
C ASP H 237 4.36 23.41 51.87
N GLU H 238 5.47 22.97 52.46
CA GLU H 238 6.13 23.75 53.50
C GLU H 238 6.57 25.12 53.00
N ALA H 239 6.84 25.24 51.69
CA ALA H 239 7.18 26.54 51.14
C ALA H 239 5.98 27.48 51.14
N LEU H 240 4.78 26.94 50.91
CA LEU H 240 3.58 27.77 51.02
C LEU H 240 3.34 28.18 52.46
N HIS H 241 3.57 27.26 53.41
CA HIS H 241 3.30 27.54 54.81
C HIS H 241 4.13 28.71 55.30
N LEU H 242 5.45 28.65 55.12
CA LEU H 242 6.32 29.71 55.63
C LEU H 242 6.07 31.03 54.90
N THR H 243 5.60 30.97 53.65
CA THR H 243 5.17 32.20 53.00
C THR H 243 3.98 32.82 53.73
N GLY H 244 3.06 31.98 54.20
CA GLY H 244 1.91 32.50 54.94
C GLY H 244 2.31 33.19 56.22
N THR H 245 3.12 32.53 57.05
CA THR H 245 3.51 33.14 58.32
C THR H 245 4.38 34.37 58.13
N GLN H 246 5.20 34.40 57.07
CA GLN H 246 5.99 35.59 56.79
C GLN H 246 5.11 36.79 56.50
N HIS H 247 4.09 36.60 55.65
CA HIS H 247 3.20 37.71 55.31
C HIS H 247 2.41 38.18 56.53
N MET H 248 1.96 37.25 57.37
CA MET H 248 1.29 37.63 58.61
C MET H 248 2.21 38.48 59.48
N LEU H 249 3.42 37.98 59.73
CA LEU H 249 4.37 38.71 60.58
C LEU H 249 4.70 40.08 60.00
N ASN H 250 4.92 40.15 58.68
CA ASN H 250 5.32 41.42 58.08
C ASN H 250 4.16 42.41 58.01
N LEU H 251 2.93 41.93 57.83
CA LEU H 251 1.79 42.84 57.86
C LEU H 251 1.58 43.42 59.25
N LEU H 252 1.84 42.61 60.28
CA LEU H 252 1.77 43.10 61.66
C LEU H 252 2.92 44.05 61.95
N ARG H 253 4.13 43.70 61.53
CA ARG H 253 5.31 44.47 61.87
C ARG H 253 5.29 45.85 61.22
N SER H 254 4.87 45.93 59.96
CA SER H 254 4.80 47.22 59.27
C SER H 254 3.62 48.06 59.74
N GLY H 255 2.72 47.50 60.53
CA GLY H 255 1.58 48.23 61.03
C GLY H 255 0.51 48.54 60.02
N ALA H 256 0.59 47.99 58.80
CA ALA H 256 -0.45 48.23 57.82
C ALA H 256 -1.81 47.73 58.31
N ASP H 257 -1.82 46.63 59.07
CA ASP H 257 -3.06 46.04 59.55
C ASP H 257 -3.50 46.64 60.88
N ASP H 258 -2.56 46.89 61.78
CA ASP H 258 -2.85 47.42 63.11
C ASP H 258 -1.75 48.39 63.53
N PRO H 259 -2.03 49.69 63.61
CA PRO H 259 -0.99 50.65 63.98
C PRO H 259 -0.37 50.34 65.34
N GLU H 260 -1.18 49.88 66.29
CA GLU H 260 -0.65 49.48 67.59
C GLU H 260 0.36 48.35 67.45
N MET H 261 0.15 47.45 66.49
CA MET H 261 1.00 46.28 66.37
C MET H 261 2.42 46.64 65.97
N ALA H 262 2.61 47.68 65.16
CA ALA H 262 3.95 48.10 64.78
C ALA H 262 4.79 48.42 66.02
N GLU H 263 4.18 49.04 67.03
CA GLU H 263 4.87 49.27 68.29
C GLU H 263 5.18 47.95 69.00
N ILE H 264 4.20 47.03 69.01
CA ILE H 264 4.36 45.77 69.72
C ILE H 264 5.46 44.92 69.08
N ALA H 265 5.53 44.94 67.75
CA ALA H 265 6.56 44.18 67.06
C ALA H 265 7.96 44.66 67.44
N GLU H 266 8.11 45.95 67.74
CA GLU H 266 9.41 46.48 68.12
C GLU H 266 9.79 46.06 69.53
N GLU H 267 8.80 45.94 70.43
CA GLU H 267 9.07 45.48 71.78
C GLU H 267 9.53 44.02 71.81
N CYS H 268 9.21 43.25 70.77
CA CYS H 268 9.60 41.86 70.67
C CYS H 268 10.85 41.64 69.86
N LYS H 269 11.34 42.70 69.20
CA LYS H 269 12.45 42.57 68.24
C LYS H 269 13.63 41.81 68.84
N GLN H 270 13.97 42.07 70.10
CA GLN H 270 15.06 41.34 70.71
C GLN H 270 14.63 39.92 71.10
N GLU H 271 13.40 39.78 71.62
CA GLU H 271 12.91 38.45 71.97
C GLU H 271 12.79 37.56 70.74
N CYS H 272 12.35 38.10 69.62
CA CYS H 272 12.25 37.32 68.40
C CYS H 272 13.63 36.92 67.89
N TYR H 273 14.60 37.83 67.95
CA TYR H 273 15.96 37.49 67.56
C TYR H 273 16.49 36.35 68.42
N ASP H 274 16.36 36.47 69.75
CA ASP H 274 16.76 35.38 70.64
C ASP H 274 15.92 34.13 70.40
N LEU H 275 14.66 34.31 69.99
CA LEU H 275 13.80 33.17 69.68
C LEU H 275 14.37 32.36 68.51
N PHE H 276 14.73 33.05 67.42
CA PHE H 276 15.27 32.37 66.25
C PHE H 276 16.64 31.78 66.53
N VAL H 277 17.51 32.54 67.20
CA VAL H 277 18.86 32.05 67.51
C VAL H 277 18.77 30.78 68.34
N GLN H 278 17.82 30.73 69.28
CA GLN H 278 17.61 29.52 70.07
C GLN H 278 17.25 28.34 69.17
N ALA H 279 16.35 28.56 68.21
CA ALA H 279 15.97 27.49 67.29
C ALA H 279 17.16 26.98 66.49
N ALA H 280 17.96 27.90 65.95
CA ALA H 280 19.13 27.49 65.17
C ALA H 280 20.13 26.71 66.03
N GLN H 281 20.41 27.20 67.24
CA GLN H 281 21.37 26.52 68.10
C GLN H 281 20.85 25.15 68.56
N GLN H 282 19.54 25.04 68.76
CA GLN H 282 18.96 23.74 69.11
C GLN H 282 19.12 22.75 67.97
N GLU H 283 19.01 23.22 66.72
CA GLU H 283 19.16 22.31 65.59
C GLU H 283 20.61 21.88 65.40
N LYS H 284 21.56 22.78 65.68
CA LYS H 284 22.96 22.38 65.64
C LYS H 284 23.25 21.30 66.67
N ASP H 285 22.64 21.39 67.85
CA ASP H 285 22.76 20.32 68.83
C ASP H 285 22.14 19.03 68.31
N TRP H 286 20.99 19.13 67.65
CA TRP H 286 20.34 17.95 67.08
C TRP H 286 21.24 17.29 66.04
N ALA H 287 21.96 18.10 65.27
CA ALA H 287 22.91 17.55 64.31
C ALA H 287 24.03 16.78 65.00
N ASP H 288 24.52 17.29 66.13
CA ASP H 288 25.56 16.58 66.87
C ASP H 288 25.08 15.22 67.32
N TYR H 289 23.79 15.08 67.59
CA TYR H 289 23.23 13.79 67.95
C TYR H 289 23.04 12.89 66.74
N LEU H 290 22.70 13.47 65.59
CA LEU H 290 22.47 12.66 64.39
C LEU H 290 23.74 11.97 63.92
N PHE H 291 24.86 12.69 63.91
CA PHE H 291 26.12 12.16 63.38
C PHE H 291 27.08 11.73 64.47
N ARG H 292 26.57 11.54 65.70
CA ARG H 292 27.43 11.13 66.81
C ARG H 292 28.06 9.77 66.57
N ASP H 293 27.38 8.89 65.84
CA ASP H 293 27.89 7.55 65.56
C ASP H 293 28.53 7.44 64.19
N GLY H 294 28.76 8.56 63.51
CA GLY H 294 29.37 8.55 62.20
C GLY H 294 28.61 9.43 61.22
N SER H 295 29.27 9.69 60.09
CA SER H 295 28.72 10.54 59.04
C SER H 295 28.46 9.70 57.80
N MET H 296 28.11 10.38 56.71
CA MET H 296 27.83 9.72 55.43
C MET H 296 28.32 10.62 54.31
N ILE H 297 28.39 10.05 53.11
CA ILE H 297 28.83 10.80 51.93
C ILE H 297 27.85 11.93 51.68
N GLY H 298 28.33 13.16 51.84
CA GLY H 298 27.53 14.34 51.55
C GLY H 298 26.90 15.01 52.76
N LEU H 299 27.04 14.46 53.97
CA LEU H 299 26.42 15.07 55.12
C LEU H 299 27.15 14.66 56.39
N ASN H 300 27.53 15.67 57.19
CA ASN H 300 28.09 15.46 58.52
C ASN H 300 27.62 16.61 59.41
N LYS H 301 28.17 16.69 60.62
CA LYS H 301 27.77 17.74 61.55
C LYS H 301 28.08 19.13 60.99
N ASP H 302 29.29 19.32 60.45
CA ASP H 302 29.69 20.63 59.96
C ASP H 302 28.84 21.06 58.78
N ILE H 303 28.71 20.18 57.78
CA ILE H 303 27.91 20.50 56.61
C ILE H 303 26.49 20.87 57.01
N LEU H 304 25.87 20.06 57.87
CA LEU H 304 24.49 20.33 58.28
C LEU H 304 24.41 21.60 59.12
N CYS H 305 25.39 21.81 60.01
CA CYS H 305 25.40 23.02 60.82
C CYS H 305 25.60 24.27 59.97
N GLN H 306 26.38 24.16 58.89
CA GLN H 306 26.53 25.29 57.98
C GLN H 306 25.21 25.62 57.29
N TYR H 307 24.43 24.59 56.95
CA TYR H 307 23.10 24.85 56.37
C TYR H 307 22.16 25.45 57.41
N VAL H 308 22.32 25.07 58.69
CA VAL H 308 21.53 25.69 59.73
C VAL H 308 21.77 27.19 59.77
N GLU H 309 23.05 27.59 59.74
CA GLU H 309 23.37 29.01 59.72
C GLU H 309 22.94 29.66 58.42
N TYR H 310 23.07 28.93 57.30
CA TYR H 310 22.70 29.47 56.00
C TYR H 310 21.19 29.73 55.94
N ILE H 311 20.39 28.73 56.31
CA ILE H 311 18.94 28.89 56.18
C ILE H 311 18.40 29.86 57.23
N THR H 312 19.09 29.98 58.36
CA THR H 312 18.61 30.88 59.42
C THR H 312 18.72 32.34 58.98
N ASN H 313 19.87 32.72 58.42
CA ASN H 313 20.05 34.10 57.94
C ASN H 313 18.98 34.48 56.92
N ILE H 314 18.62 33.55 56.03
CA ILE H 314 17.62 33.85 55.01
C ILE H 314 16.27 34.11 55.66
N ARG H 315 15.86 33.23 56.58
CA ARG H 315 14.55 33.35 57.19
C ARG H 315 14.43 34.61 58.05
N MET H 316 15.46 34.89 58.86
CA MET H 316 15.39 36.03 59.76
C MET H 316 15.35 37.35 58.98
N GLN H 317 16.07 37.43 57.86
CA GLN H 317 16.00 38.63 57.03
C GLN H 317 14.59 38.82 56.47
N ALA H 318 13.90 37.73 56.14
CA ALA H 318 12.57 37.84 55.54
C ALA H 318 11.54 38.40 56.51
N VAL H 319 11.82 38.39 57.81
CA VAL H 319 10.90 38.91 58.81
C VAL H 319 11.48 40.10 59.56
N GLY H 320 12.51 40.72 58.99
CA GLY H 320 13.06 41.95 59.53
C GLY H 320 13.86 41.77 60.80
N LEU H 321 14.55 40.64 60.97
CA LEU H 321 15.41 40.42 62.11
C LEU H 321 16.86 40.46 61.67
N ASP H 322 17.74 40.82 62.61
CA ASP H 322 19.16 40.93 62.30
C ASP H 322 19.77 39.56 62.05
N LEU H 323 20.75 39.52 61.16
CA LEU H 323 21.39 38.26 60.80
C LEU H 323 22.33 37.81 61.91
N PRO H 324 22.14 36.62 62.49
CA PRO H 324 22.97 36.21 63.63
C PRO H 324 24.28 35.55 63.22
N PHE H 325 24.38 35.09 61.98
CA PHE H 325 25.56 34.37 61.52
C PHE H 325 26.23 35.13 60.39
N GLN H 326 27.48 34.74 60.10
CA GLN H 326 28.22 35.34 59.01
C GLN H 326 27.57 35.03 57.68
N THR H 327 27.81 35.91 56.70
CA THR H 327 27.34 35.62 55.35
C THR H 327 28.03 34.37 54.82
N ARG H 328 27.26 33.54 54.12
CA ARG H 328 27.77 32.25 53.68
C ARG H 328 27.02 31.82 52.43
N SER H 329 27.74 31.14 51.53
CA SER H 329 27.12 30.50 50.39
C SER H 329 26.48 29.19 50.82
N ASN H 330 25.49 28.75 50.03
CA ASN H 330 24.76 27.52 50.34
C ASN H 330 25.69 26.33 50.41
N PRO H 331 25.85 25.70 51.59
CA PRO H 331 26.76 24.56 51.69
C PRO H 331 26.22 23.30 51.05
N ILE H 332 24.92 23.20 50.82
CA ILE H 332 24.36 22.01 50.15
C ILE H 332 23.52 22.45 48.95
N PRO H 333 24.14 22.89 47.86
CA PRO H 333 23.37 23.37 46.71
C PRO H 333 22.50 22.29 46.08
N TRP H 334 22.83 21.02 46.27
CA TRP H 334 22.05 19.95 45.67
C TRP H 334 20.63 19.90 46.21
N ILE H 335 20.36 20.53 47.35
CA ILE H 335 19.02 20.47 47.92
C ILE H 335 18.03 21.28 47.10
N ASN H 336 18.51 22.23 46.31
CA ASN H 336 17.61 23.05 45.51
C ASN H 336 16.89 22.24 44.45
N THR H 337 17.53 21.18 43.95
CA THR H 337 16.90 20.33 42.95
C THR H 337 15.68 19.59 43.50
N TRP H 338 15.48 19.60 44.82
CA TRP H 338 14.34 18.96 45.46
C TRP H 338 13.26 19.95 45.89
N LEU H 339 13.62 21.23 46.01
CA LEU H 339 12.74 22.28 46.51
C LEU H 339 12.20 23.07 45.31
N VAL H 340 11.03 22.65 44.82
CA VAL H 340 10.39 23.32 43.69
C VAL H 340 9.75 24.62 44.16
N ILE H 361 28.79 28.78 2.33
CA ILE H 361 29.33 30.12 2.13
C ILE H 361 28.85 30.71 0.80
N ASP H 362 28.36 31.96 0.84
CA ASP H 362 27.85 32.63 -0.34
C ASP H 362 29.02 32.96 -1.28
N SER H 363 29.07 32.29 -2.43
CA SER H 363 30.22 32.38 -3.33
C SER H 363 30.14 33.55 -4.29
N GLU H 364 29.12 34.40 -4.19
CA GLU H 364 29.03 35.55 -5.09
C GLU H 364 30.10 36.59 -4.75
N VAL H 365 30.70 37.17 -5.79
CA VAL H 365 31.81 38.11 -5.66
C VAL H 365 31.50 39.36 -6.49
N ASP H 366 31.85 40.52 -5.93
CA ASP H 366 31.63 41.80 -6.60
C ASP H 366 32.96 42.55 -6.67
N THR H 367 33.59 42.55 -7.85
CA THR H 367 34.89 43.19 -8.00
C THR H 367 34.78 44.70 -7.85
N ASP H 368 33.70 45.30 -8.36
CA ASP H 368 33.52 46.74 -8.26
C ASP H 368 33.48 47.18 -6.81
N ASP H 369 32.79 46.42 -5.95
CA ASP H 369 32.75 46.73 -4.53
C ASP H 369 34.12 46.61 -3.89
N LEU H 370 34.88 45.57 -4.26
CA LEU H 370 36.23 45.43 -3.73
C LEU H 370 37.19 46.47 -4.30
N SER H 371 36.99 46.86 -5.57
CA SER H 371 37.84 47.88 -6.17
C SER H 371 37.75 49.20 -5.41
N ASN H 372 36.62 49.46 -4.74
CA ASN H 372 36.47 50.64 -3.90
C ASN H 372 37.24 50.45 -2.59
N PHE H 373 38.56 50.38 -2.72
CA PHE H 373 39.45 50.11 -1.60
C PHE H 373 40.81 50.72 -1.90
N GLN H 374 41.57 50.95 -0.84
CA GLN H 374 42.92 51.49 -0.93
C GLN H 374 43.82 50.66 -0.05
N LEU H 375 44.69 49.85 -0.66
CA LEU H 375 45.59 48.96 0.07
C LEU H 375 46.67 49.71 0.87
N1 UDP I . 62.45 -4.05 -11.08
C2 UDP I . 61.96 -2.76 -10.75
N3 UDP I . 60.71 -2.41 -11.07
C4 UDP I . 59.90 -3.27 -11.70
C5 UDP I . 60.36 -4.55 -12.03
C6 UDP I . 61.66 -4.92 -11.70
O2 UDP I . 62.69 -1.94 -10.16
O4 UDP I . 58.73 -2.92 -11.99
C1' UDP I . 63.83 -4.41 -10.70
C2' UDP I . 63.82 -5.09 -9.34
O2' UDP I . 64.89 -4.58 -8.55
C3' UDP I . 64.08 -6.55 -9.65
C4' UDP I . 64.86 -6.51 -10.95
O4' UDP I . 64.39 -5.35 -11.63
O3' UDP I . 64.81 -7.17 -8.60
C5' UDP I . 64.63 -7.76 -11.78
O5' UDP I . 63.37 -7.58 -12.42
PA UDP I . 63.14 -8.05 -13.93
O1A UDP I . 61.82 -8.78 -13.95
O2A UDP I . 64.41 -8.71 -14.44
O3A UDP I . 62.92 -6.63 -14.66
PB UDP I . 63.48 -6.25 -16.14
O1B UDP I . 63.32 -7.53 -16.93
O2B UDP I . 62.56 -5.14 -16.56
O3B UDP I . 64.91 -5.82 -15.93
PG DTP J . 58.80 9.97 -45.87
O1G DTP J . 59.82 9.58 -44.82
O2G DTP J . 59.09 11.28 -46.56
O3G DTP J . 58.43 8.86 -46.82
PB DTP J . 55.98 10.06 -45.60
O1B DTP J . 55.21 11.33 -45.34
O2B DTP J . 56.02 9.50 -47.00
O3B DTP J . 57.47 10.24 -45.01
PA DTP J . 55.81 7.38 -44.70
O1A DTP J . 56.59 7.00 -43.46
O2A DTP J . 56.36 7.08 -46.07
O3A DTP J . 55.40 8.94 -44.60
O5' DTP J . 54.34 6.72 -44.62
C5' DTP J . 53.76 6.31 -43.38
C4' DTP J . 52.41 5.75 -43.76
O4' DTP J . 51.69 6.75 -44.49
C3' DTP J . 52.61 4.57 -44.69
O3' DTP J . 52.09 3.38 -44.11
C2' DTP J . 51.81 4.87 -45.95
C1' DTP J . 51.06 6.16 -45.63
N9 DTP J . 51.08 7.08 -46.80
C8 DTP J . 52.15 7.45 -47.52
N7 DTP J . 51.79 8.29 -48.53
C5 DTP J . 50.45 8.46 -48.46
C6 DTP J . 49.42 9.21 -49.21
N6 DTP J . 49.75 9.98 -50.26
N1 DTP J . 48.13 9.10 -48.78
C2 DTP J . 47.78 8.35 -47.73
N3 DTP J . 48.67 7.64 -47.01
C4 DTP J . 49.99 7.65 -47.31
MG MG K . 56.94 7.86 -47.92
PG DTP L . 56.93 8.75 -51.06
O1G DTP L . 57.69 8.44 -49.79
O2G DTP L . 57.83 9.16 -52.21
O3G DTP L . 55.68 9.56 -50.86
PB DTP L . 56.10 6.11 -50.51
O1B DTP L . 55.73 6.70 -49.16
O2B DTP L . 55.15 5.14 -51.18
O3B DTP L . 56.40 7.30 -51.57
PA DTP L . 58.44 5.35 -49.09
O1A DTP L . 57.68 5.91 -47.91
O2A DTP L . 59.80 5.89 -49.48
O3A DTP L . 57.55 5.42 -50.44
O5' DTP L . 58.56 3.76 -48.87
C5' DTP L . 58.59 2.87 -49.98
C4' DTP L . 57.73 1.67 -49.61
O4' DTP L . 58.26 0.46 -50.18
C3' DTP L . 57.71 1.48 -48.10
O3' DTP L . 56.37 1.17 -47.70
C2' DTP L . 58.54 0.24 -47.85
C1' DTP L . 58.50 -0.51 -49.16
N9 DTP L . 59.78 -1.21 -49.48
C8 DTP L . 60.02 -1.77 -50.67
N7 DTP L . 61.24 -2.35 -50.71
C5 DTP L . 61.82 -2.17 -49.50
C6 DTP L . 63.12 -2.53 -48.88
N6 DTP L . 64.05 -3.23 -49.58
N1 DTP L . 63.33 -2.16 -47.59
C2 DTP L . 62.41 -1.48 -46.89
N3 DTP L . 61.21 -1.11 -47.39
C4 DTP L . 60.85 -1.42 -48.68
PG DTP M . 67.63 5.12 22.33
O1G DTP M . 68.38 4.73 23.57
O2G DTP M . 66.12 4.99 22.48
O3G DTP M . 68.17 4.48 21.06
PB DTP M . 68.25 7.51 20.86
O1B DTP M . 68.15 9.00 21.13
O2B DTP M . 69.56 6.99 20.33
O3B DTP M . 67.87 6.72 22.22
PA DTP M . 67.17 6.69 18.32
O1A DTP M . 68.07 5.48 18.26
O2A DTP M . 67.46 7.92 17.51
O3A DTP M . 67.02 7.08 19.88
O5' DTP M . 65.70 6.13 17.94
C5' DTP M . 65.22 4.97 18.62
C4' DTP M . 63.98 4.44 17.91
O4' DTP M . 62.82 5.14 18.34
C3' DTP M . 64.10 4.63 16.41
O3' DTP M . 63.62 3.45 15.78
C2' DTP M . 63.19 5.80 16.08
C1' DTP M . 62.28 5.94 17.29
N9 DTP M . 62.22 7.31 17.82
C8 DTP M . 63.26 8.06 18.24
N7 DTP M . 62.85 9.26 18.70
C5 DTP M . 61.51 9.32 18.57
C6 DTP M . 60.45 10.30 18.86
N6 DTP M . 60.74 11.51 19.38
N1 DTP M . 59.17 9.94 18.57
C2 DTP M . 58.87 8.75 18.05
N3 DTP M . 59.79 7.80 17.77
C4 DTP M . 61.10 8.02 17.99
MG MG N . 69.60 5.01 19.62
N1 UDP O . 53.68 24.32 18.73
C2 UDP O . 53.76 22.99 18.29
N3 UDP O . 52.70 22.17 18.40
C4 UDP O . 51.56 22.60 18.93
C5 UDP O . 51.45 23.91 19.37
C6 UDP O . 52.54 24.77 19.26
O2 UDP O . 54.83 22.57 17.79
O4 UDP O . 50.58 21.82 19.04
C1' UDP O . 54.84 25.21 18.59
C2' UDP O . 54.84 25.80 17.19
O2' UDP O . 56.16 25.69 16.64
C3' UDP O . 54.49 27.26 17.38
C4' UDP O . 54.87 27.55 18.81
O4' UDP O . 54.78 26.31 19.52
O3' UDP O . 55.23 28.07 16.47
C5' UDP O . 53.92 28.56 19.43
O5' UDP O . 52.75 27.84 19.81
PA UDP O . 52.15 28.00 21.28
O1A UDP O . 50.66 27.85 21.14
O2A UDP O . 52.77 29.22 21.94
O3A UDP O . 52.73 26.67 22.00
PB UDP O . 52.98 26.57 23.59
O1B UDP O . 52.47 25.19 23.92
O2B UDP O . 54.47 26.77 23.74
O3B UDP O . 52.15 27.67 24.19
PG DTP P . 49.73 8.28 52.52
O1G DTP P . 48.87 8.96 53.54
O2G DTP P . 50.36 9.21 51.51
O3G DTP P . 50.68 7.27 53.14
PB DTP P . 47.15 7.20 51.87
O1B DTP P . 46.73 7.72 53.22
O2B DTP P . 46.83 5.76 51.57
O3B DTP P . 48.73 7.42 51.59
PA DTP P . 46.18 9.66 50.69
O1A DTP P . 46.44 10.26 52.06
O2A DTP P . 46.82 10.31 49.48
O3A DTP P . 46.50 8.08 50.67
O5' DTP P . 44.59 9.63 50.48
C5' DTP P . 44.00 10.06 49.25
C4' DTP P . 42.49 9.92 49.41
O4' DTP P . 42.15 8.75 50.13
C3' DTP P . 41.93 11.09 50.18
O3' DTP P . 40.98 11.77 49.34
C2' DTP P . 41.22 10.52 51.39
C1' DTP P . 41.12 9.03 51.09
N9 DTP P . 41.27 8.18 52.29
C8 DTP P . 42.38 8.01 53.03
N7 DTP P . 42.16 7.14 54.05
C5 DTP P . 40.88 6.73 53.96
C6 DTP P . 39.98 5.82 54.73
N6 DTP P . 40.42 5.14 55.82
N1 DTP P . 38.71 5.69 54.29
C2 DTP P . 38.25 6.35 53.22
N3 DTP P . 39.00 7.20 52.49
C4 DTP P . 40.30 7.43 52.81
MG MG Q . 46.94 9.64 53.99
PG DTP R . 46.55 9.12 57.25
O1G DTP R . 46.18 7.89 58.05
O2G DTP R . 47.34 10.15 58.04
O3G DTP R . 47.12 8.80 55.90
PB DTP R . 44.91 11.01 55.86
O1B DTP R . 43.58 11.66 56.20
O2B DTP R . 45.08 10.49 54.46
O3B DTP R . 45.12 9.83 56.94
PA DTP R . 47.47 12.42 55.56
O1A DTP R . 48.37 13.00 56.64
O2A DTP R . 48.00 11.28 54.74
O3A DTP R . 46.06 12.07 56.30
O5' DTP R . 47.12 13.61 54.54
C5' DTP R . 47.24 14.95 54.99
C4' DTP R . 45.84 15.45 55.31
O4' DTP R . 45.91 16.65 56.08
C3' DTP R . 45.04 15.75 54.07
O3' DTP R . 43.76 15.16 54.26
C2' DTP R . 44.89 17.25 54.03
C1' DTP R . 45.11 17.67 55.48
N9 DTP R . 45.86 18.94 55.62
C8 DTP R . 45.43 20.01 56.32
N7 DTP R . 46.33 21.02 56.28
C5 DTP R . 47.38 20.60 55.55
C6 DTP R . 48.68 21.17 55.11
N6 DTP R . 49.03 22.42 55.47
N1 DTP R . 49.49 20.40 54.35
C2 DTP R . 49.14 19.14 53.99
N3 DTP R . 47.97 18.56 54.34
C4 DTP R . 47.07 19.22 55.11
PG DTP S . 68.27 19.39 -12.89
O1G DTP S . 67.97 19.95 -11.51
O2G DTP S . 67.05 19.24 -13.77
O3G DTP S . 69.44 20.06 -13.55
PB DTP S . 69.35 17.34 -11.25
O1B DTP S . 69.84 15.92 -11.47
O2B DTP S . 70.31 18.34 -10.64
O3B DTP S . 68.80 17.89 -12.67
PA DTP S . 67.76 17.63 -8.87
O1A DTP S . 68.30 16.53 -7.99
O2A DTP S . 68.20 19.06 -8.68
O3A DTP S . 67.96 17.26 -10.43
O5' DTP S . 66.15 17.64 -8.78
C5' DTP S . 65.43 18.63 -9.52
C4' DTP S . 63.94 18.38 -9.37
O4' DTP S . 63.57 17.22 -10.11
C3' DTP S . 63.56 18.14 -7.93
O3' DTP S . 62.38 18.91 -7.65
C2' DTP S . 63.22 16.65 -7.83
C1' DTP S . 62.93 16.26 -9.27
N9 DTP S . 63.41 14.91 -9.67
C8 DTP S . 64.70 14.52 -9.78
N7 DTP S . 64.77 13.23 -10.19
C5 DTP S . 63.52 12.77 -10.34
C6 DTP S . 62.87 11.50 -10.75
N6 DTP S . 63.60 10.41 -11.08
N1 DTP S . 61.52 11.46 -10.78
C2 DTP S . 60.77 12.53 -10.45
N3 DTP S . 61.29 13.71 -10.07
C4 DTP S . 62.63 13.89 -10.00
MG MG T . 69.43 20.14 -10.01
N1 UDP U . -59.71 -12.12 17.26
C2 UDP U . -59.48 -11.27 16.15
N3 UDP U . -58.46 -10.39 16.18
C4 UDP U . -57.66 -10.31 17.25
C5 UDP U . -57.87 -11.13 18.35
C6 UDP U . -58.91 -12.04 18.32
O2 UDP U . -60.21 -11.34 15.14
O4 UDP U . -56.71 -9.48 17.28
C1' UDP U . -60.81 -13.08 17.24
C2' UDP U . -60.30 -14.39 16.68
O2' UDP U . -61.19 -14.84 15.65
C3' UDP U . -60.31 -15.38 17.84
C4' UDP U . -61.18 -14.72 18.91
O4' UDP U . -61.25 -13.33 18.58
O3' UDP U . -60.87 -16.63 17.43
C5' UDP U . -60.59 -14.92 20.31
O5' UDP U . -59.59 -13.94 20.55
PA UDP U . -59.44 -13.25 21.99
O1A UDP U . -60.63 -13.64 22.83
O2A UDP U . -58.03 -13.50 22.46
O3A UDP U . -59.51 -11.69 21.58
PB UDP U . -60.30 -10.58 22.42
O1B UDP U . -60.54 -11.16 23.80
O2B UDP U . -59.34 -9.42 22.41
O3B UDP U . -61.56 -10.36 21.62
PG DTP V . -63.43 21.90 32.33
O1G DTP V . -63.09 22.24 33.76
O2G DTP V . -63.74 20.44 32.09
O3G DTP V . -64.43 22.87 31.73
PB DTP V . -60.61 22.48 32.12
O1B DTP V . -60.70 22.91 33.56
O2B DTP V . -59.92 23.42 31.15
O3B DTP V . -62.07 22.14 31.50
PA DTP V . -59.40 20.10 33.18
O1A DTP V . -59.91 20.66 34.50
O2A DTP V . -59.74 18.67 32.80
O3A DTP V . -59.89 21.05 31.96
O5' DTP V . -57.82 20.30 33.13
C5' DTP V . -56.97 19.27 32.64
C4' DTP V . -55.55 19.59 33.06
O4' DTP V . -55.26 20.96 32.82
C3' DTP V . -55.40 19.36 34.54
O3' DTP V . -54.42 18.35 34.75
C2' DTP V . -54.92 20.67 35.14
C1' DTP V . -54.55 21.51 33.93
N9 DTP V . -54.88 22.95 34.10
C8 DTP V . -56.09 23.49 34.26
N7 DTP V . -56.02 24.84 34.36
C5 DTP V . -54.72 25.19 34.25
C6 DTP V . -53.93 26.45 34.28
N6 DTP V . -54.53 27.66 34.44
N1 DTP V . -52.59 26.36 34.14
C2 DTP V . -51.97 25.18 33.98
N3 DTP V . -52.62 24.00 33.96
C4 DTP V . -53.97 23.93 34.08
MG MG W . -61.56 21.79 35.11
PG DTP X . -61.20 24.74 37.01
O1G DTP X . -62.24 25.33 37.93
O2G DTP X . -60.31 25.73 36.30
O3G DTP X . -61.73 23.65 36.09
PB DTP X . -59.49 22.58 37.54
O1B DTP X . -58.04 22.62 38.00
O2B DTP X . -59.77 22.32 36.07
O3B DTP X . -60.24 23.93 38.01
PA DTP X . -61.86 21.20 38.31
O1A DTP X . -62.51 21.64 39.60
O2A DTP X . -62.42 21.71 37.01
O3A DTP X . -60.27 21.47 38.42
O5' DTP X . -61.89 19.58 38.24
C5' DTP X . -62.11 18.86 39.44
C4' DTP X . -60.88 18.98 40.35
O4' DTP X . -61.24 18.64 41.68
C3' DTP X . -59.77 18.05 39.91
O3' DTP X . -58.56 18.81 39.82
C2' DTP X . -59.62 17.03 41.02
C1' DTP X . -60.41 17.60 42.19
N9 DTP X . -61.29 16.58 42.82
C8 DTP X . -61.28 16.26 44.12
N7 DTP X . -62.19 15.29 44.40
C5 DTP X . -62.81 14.98 43.24
C6 DTP X . -63.88 14.04 42.83
N6 DTP X . -64.49 13.22 43.71
N1 DTP X . -64.24 14.03 41.51
C2 DTP X . -63.64 14.84 40.61
N3 DTP X . -62.67 15.72 40.92
C4 DTP X . -62.21 15.84 42.20
PG DTP Y . -64.22 -29.16 -13.25
O1G DTP Y . -64.67 -29.12 -11.81
O2G DTP Y . -62.75 -29.45 -13.40
O3G DTP Y . -65.10 -29.97 -14.15
PB DTP Y . -65.55 -26.58 -13.53
O1B DTP Y . -66.68 -27.16 -12.72
O2B DTP Y . -65.91 -25.96 -14.86
O3B DTP Y . -64.38 -27.66 -13.85
PA DTP Y . -64.61 -25.26 -11.14
O1A DTP Y . -64.97 -26.53 -10.40
O2A DTP Y . -65.28 -23.95 -10.81
O3A DTP Y . -64.69 -25.47 -12.74
O5' DTP Y . -63.03 -25.08 -10.94
C5' DTP Y . -62.27 -26.17 -10.43
C4' DTP Y . -60.93 -25.68 -9.91
O4' DTP Y . -60.15 -25.21 -11.01
C3' DTP Y . -61.11 -24.52 -8.95
O3' DTP Y . -60.28 -24.72 -7.80
C2' DTP Y . -60.64 -23.29 -9.71
C1' DTP Y . -59.82 -23.84 -10.86
N9 DTP Y . -60.10 -23.18 -12.16
C8 DTP Y . -61.20 -23.35 -12.92
N7 DTP Y . -61.12 -22.62 -14.06
C5 DTP Y . -59.93 -21.98 -14.04
C6 DTP Y . -59.20 -21.05 -14.93
N6 DTP Y . -59.74 -20.63 -16.11
N1 DTP Y . -57.97 -20.62 -14.53
C2 DTP Y . -57.43 -21.02 -13.38
N3 DTP Y . -58.04 -21.86 -12.51
C4 DTP Y . -59.26 -22.36 -12.79
MG MG Z . -66.27 -28.10 -10.90
N1 UDP AA . -57.41 -9.12 -24.64
C2 UDP AA . -57.14 -9.79 -23.42
N3 UDP AA . -55.88 -10.06 -23.06
C4 UDP AA . -54.86 -9.71 -23.85
C5 UDP AA . -55.09 -9.05 -25.05
C6 UDP AA . -56.40 -8.75 -25.43
O2 UDP AA . -58.09 -10.12 -22.68
O4 UDP AA . -53.69 -9.97 -23.50
C1' UDP AA . -58.79 -8.82 -25.03
C2' UDP AA . -59.17 -7.49 -24.39
O2' UDP AA . -60.41 -7.62 -23.70
C3' UDP AA . -59.31 -6.52 -25.54
C4' UDP AA . -59.51 -7.40 -26.76
O4' UDP AA . -58.91 -8.67 -26.44
O3' UDP AA . -60.42 -5.64 -25.35
C5' UDP AA . -58.84 -6.81 -28.00
O5' UDP AA . -57.48 -7.22 -27.98
PA UDP AA . -56.76 -7.72 -29.32
O1A UDP AA . -57.75 -7.69 -30.47
O2A UDP AA . -55.46 -6.96 -29.42
O3A UDP AA . -56.39 -9.24 -28.90
PB UDP AA . -56.65 -10.52 -29.86
O1B UDP AA . -56.23 -11.67 -28.96
O2B UDP AA . -58.11 -10.50 -30.20
O3B UDP AA . -55.72 -10.29 -31.03
PG DTP BA . -44.35 -40.70 -39.76
O1G DTP BA . -45.65 -40.31 -39.10
O2G DTP BA . -44.29 -42.13 -40.27
O3G DTP BA . -43.84 -39.69 -40.76
PB DTP BA . -41.79 -40.10 -38.70
O1B DTP BA . -41.02 -40.61 -37.51
O2B DTP BA . -41.27 -40.40 -40.08
O3B DTP BA . -43.30 -40.62 -38.53
PA DTP BA . -41.63 -37.39 -39.60
O1A DTP BA . -42.55 -36.21 -39.38
O2A DTP BA . -41.56 -38.04 -40.96
O3A DTP BA . -41.99 -38.51 -38.50
O5' DTP BA . -40.13 -36.98 -39.16
C5' DTP BA . -39.84 -35.68 -38.67
C4' DTP BA . -38.38 -35.34 -38.96
O4' DTP BA . -37.53 -36.45 -38.65
C3' DTP BA . -38.18 -35.02 -40.43
O3' DTP BA . -37.71 -33.67 -40.56
C2' DTP BA . -37.12 -35.96 -40.95
C1' DTP BA . -36.58 -36.65 -39.70
N9 DTP BA . -36.37 -38.10 -39.94
C8 DTP BA . -37.24 -38.98 -40.43
N7 DTP BA . -36.68 -40.22 -40.51
C5 DTP BA . -35.42 -40.12 -40.07
C6 DTP BA . -34.25 -41.04 -39.90
N6 DTP BA . -34.34 -42.35 -40.21
N1 DTP BA . -33.11 -40.51 -39.41
C2 DTP BA . -32.99 -39.21 -39.10
N3 DTP BA . -34.01 -38.33 -39.23
C4 DTP BA . -35.21 -38.71 -39.71
MG MG CA . -42.09 -39.83 -41.92
PG DTP DA . -40.74 -42.67 -43.18
O1G DTP DA . -41.02 -41.63 -42.12
O2G DTP DA . -41.99 -43.19 -43.89
O3G DTP DA . -39.77 -43.76 -42.78
PB DTP DA . -40.22 -40.31 -44.63
O1B DTP DA . -40.54 -39.65 -43.31
O2B DTP DA . -39.08 -39.78 -45.45
O3B DTP DA . -39.97 -41.88 -44.37
PA DTP DA . -42.94 -39.62 -45.17
O1A DTP DA . -43.21 -39.76 -43.68
O2A DTP DA . -43.98 -40.09 -46.17
O3A DTP DA . -41.56 -40.36 -45.56
O5' DTP DA . -42.67 -38.07 -45.47
C5' DTP DA . -43.13 -37.54 -46.72
C4' DTP DA . -42.02 -36.74 -47.38
O4' DTP DA . -42.43 -36.35 -48.69
C3' DTP DA . -41.71 -35.48 -46.60
O3' DTP DA . -40.29 -35.45 -46.38
C2' DTP DA . -42.08 -34.32 -47.51
C1' DTP DA . -42.20 -34.95 -48.89
N9 DTP DA . -43.33 -34.38 -49.67
C8 DTP DA . -43.25 -34.03 -50.97
N7 DTP DA . -44.43 -33.54 -51.43
C5 DTP DA . -45.29 -33.56 -50.41
C6 DTP DA . -46.72 -33.18 -50.22
N6 DTP DA . -47.45 -32.67 -51.23
N1 DTP DA . -47.26 -33.37 -48.99
C2 DTP DA . -46.54 -33.88 -47.98
N3 DTP DA . -45.25 -34.25 -48.07
C4 DTP DA . -44.57 -34.11 -49.25
PG DTP EA . -72.67 3.52 4.46
O1G DTP EA . -73.86 4.22 5.07
O2G DTP EA . -71.36 4.18 4.79
O3G DTP EA . -72.86 3.20 2.99
PB DTP EA . -72.98 0.63 4.71
O1B DTP EA . -73.09 -0.29 5.91
O2B DTP EA . -74.16 0.66 3.76
O3B DTP EA . -72.65 2.11 5.28
PA DTP EA . -71.40 -0.20 2.42
O1A DTP EA . -71.54 -1.70 2.36
O2A DTP EA . -72.22 0.69 1.53
O3A DTP EA . -71.58 0.30 3.96
O5' DTP EA . -69.88 0.24 2.13
C5' DTP EA . -69.58 1.63 2.05
C4' DTP EA . -68.10 1.85 1.73
O4' DTP EA . -67.33 1.67 2.90
C3' DTP EA . -67.58 0.88 0.69
O3' DTP EA . -66.72 1.60 -0.20
C2' DTP EA . -66.76 -0.14 1.46
C1' DTP EA . -66.38 0.61 2.72
N9 DTP EA . -66.41 -0.21 3.95
C8 DTP EA . -67.48 -0.84 4.49
N7 DTP EA . -67.14 -1.48 5.63
C5 DTP EA . -65.83 -1.27 5.84
C6 DTP EA . -64.83 -1.66 6.87
N6 DTP EA . -65.17 -2.43 7.93
N1 DTP EA . -63.56 -1.21 6.70
C2 DTP EA . -63.20 -0.45 5.66
N3 DTP EA . -64.06 -0.05 4.70
C4 DTP EA . -65.35 -0.43 4.73
MG MG FA . -73.98 1.75 1.97
FE1 FEO GA . -21.04 21.23 53.54
FE2 FEO GA . -21.15 18.90 55.71
O FEO GA . -20.95 19.48 54.00
FE1 FEO HA . 20.62 -15.22 -56.00
FE2 FEO HA . 21.61 -18.26 -56.10
O FEO HA . 20.76 -16.88 -55.29
FE1 FEO IA . -3.29 -24.42 -54.85
FE2 FEO IA . -3.88 -22.19 -57.03
O FEO IA . -3.18 -22.71 -55.45
FE1 FEO JA . 4.22 19.65 57.59
FE2 FEO JA . 4.13 22.82 57.38
O FEO JA . 3.69 21.18 56.76
#